data_7P79
#
_entry.id   7P79
#
_cell.length_a   1.00
_cell.length_b   1.00
_cell.length_c   1.00
_cell.angle_alpha   90.00
_cell.angle_beta   90.00
_cell.angle_gamma   90.00
#
_symmetry.space_group_name_H-M   'P 1'
#
loop_
_entity.id
_entity.type
_entity.pdbx_description
1 polymer 'Spike glycoprotein'
2 polymer sybody#15
3 branched beta-D-mannopyranose-(1-4)-2-acetamido-2-deoxy-beta-D-glucopyranose-(1-4)-2-acetamido-2-deoxy-beta-D-glucopyranose
4 branched 2-acetamido-2-deoxy-beta-D-glucopyranose-(1-4)-2-acetamido-2-deoxy-beta-D-glucopyranose
5 branched beta-D-mannopyranose-(1-4)-2-acetamido-2-deoxy-beta-D-glucopyranose
6 branched 2-acetamido-2-deoxy-beta-D-glucopyranose-(1-4)-2-acetamido-2-deoxy-beta-D-glucopyranose-(5-4)-2-acetamido-2-deoxy-beta-D-glucopyranose
7 non-polymer 2-acetamido-2-deoxy-beta-D-glucopyranose
#
loop_
_entity_poly.entity_id
_entity_poly.type
_entity_poly.pdbx_seq_one_letter_code
_entity_poly.pdbx_strand_id
1 'polypeptide(L)'
;MFVFLVLLPLVSSQCVNLTTRTQLPPAYTNSFTRGVYYPDKVFRSSVLHSTQDLFLPFFSNVTWFHAIHVSGTNGTKRFD
NPVLPFNDGVYFASTEKSNIIRGWIFGTTLDSKTQSLLIVNNATNVVIKVCEFQFCNDPFLGVYYHKNNKSWMESEFRVY
SSANNCTFEYVSQPFLMDLEGKQGNFKNLREFVFKNIDGYFKIYSKHTPINLVRDLPQGFSALEPLVDLPIGINITRFQT
LLALHRSYLTPGDSSSGWTAGAAAYYVGYLQPRTFLLKYNENGTITDAVDCALDPLSETKCTLKSFTVEKGIYQTSNFRV
QPTESIVRFPNITNLCPFGEVFNATRFASVYAWNRKRISNCVADYSVLYNSASFSTFKCYGVSPTKLNDLCFTNVYADSF
VIRGDEVRQIAPGQTGKIADYNYKLPDDFTGCVIAWNSNNLDSKVGGNYNYLYRLFRKSNLKPFERDISTEIYQAGSTPC
NGVEGFNCYFPLQSYGFQPTNGVGYQPYRVVVLSFELLHAPATVCGPKKSTNLVKNKCVNFNFNGLTGTGVLTESNKKFL
PFQQFGRDIADTTDAVRDPQTLEILDITPCSFGGVSVITPGTNTSNQVAVLYQDVNCTEVPVAIHADQLTPTWRVYSTGS
NVFQTRAGCLIGAEHVNNSYECDIPIGAGICASYQTQTNSPGSASSVASQSIIAYTMSLGAENSVAYSNNSIAIPTNFTI
SVTTEILPVSMTKTSVDCTMYICGDSTECSNLLLQYGSFCTQLNRALTGIAVEQDKNTQEVFAQVKQIYKTPPIKDFGGF
NFSQILPDPSKPSKRSFIEDLLFNKVTLADAGFIKQYGDCLGDIAARDLICAQKFNGLTVLPPLLTDEMIAQYTSALLAG
TITSGWTFGAGAALQIPFAMQMAYRFNGIGVTQNVLYENQKLIANQFNSAIGKIQDSLSSTASALGKLQDVVNQNAQALN
TLVKQLSSNFGAISSVLNDILSRLDPPEAEVQIDRLITGRLQSLQTYVTQQLIRAAEIRASANLAATKMSECVLGQSKRV
DFCGKGYHLMSFPQSAPHGVVFLHVTYVPAQEKNFTTAPAICHDGKAHFPREGVFVSNGTHWFVTQRNFYEPQIITTDNT
FVSGNCDVVIGIVNNTVYDPLQPELDSFKEELDKYFKNHTSPDVDLGDISGINASVVNIQKEIDRLNEVAKNLNESLIDL
QELGKYEQGSGYIPEAPRDGQAYVRKDGEWVLLSTFLGRSLEVLFQGPGHHHHHHHHSAWSHPQFEKGGGSGGGGSGGSA
WSHPQFEK
;
C,E,A
2 'polypeptide(L)'
;QVQLVESGGGLVQAGGSLRLSCAASGFPVKNFEMEWYRKAPGKEREWVAAIQSGGVETYYADSVKGRFTISRDNAKNTVY
LQMNSLKPEDTAVYYCFVYVGRSYIGQGTQVTVS
;
B,D,H
#
# COMPACT_ATOMS: atom_id res chain seq x y z
N PRO A 26 23.98 -52.59 17.47
CA PRO A 26 24.99 -52.69 16.41
C PRO A 26 24.38 -52.69 15.01
N ALA A 27 25.24 -52.89 14.00
CA ALA A 27 24.90 -53.10 12.58
C ALA A 27 24.13 -51.91 12.00
N TYR A 28 24.83 -50.78 11.91
CA TYR A 28 24.26 -49.55 11.39
C TYR A 28 24.91 -49.19 10.06
N THR A 29 24.12 -49.26 8.99
CA THR A 29 24.58 -48.88 7.66
C THR A 29 23.68 -47.78 7.12
N ASN A 30 24.14 -47.15 6.04
CA ASN A 30 23.57 -45.92 5.51
C ASN A 30 22.33 -46.21 4.67
N SER A 31 21.73 -45.13 4.14
CA SER A 31 20.61 -45.22 3.21
C SER A 31 21.04 -44.59 1.88
N PHE A 32 21.38 -45.43 0.90
CA PHE A 32 21.84 -44.98 -0.41
C PHE A 32 20.64 -44.78 -1.32
N THR A 33 20.22 -43.50 -1.41
CA THR A 33 19.23 -42.95 -2.36
C THR A 33 17.89 -43.68 -2.30
N ARG A 34 17.51 -44.02 -1.07
CA ARG A 34 16.36 -44.89 -0.84
C ARG A 34 15.44 -44.18 0.14
N GLY A 35 14.14 -44.29 -0.08
CA GLY A 35 13.18 -43.82 0.90
C GLY A 35 12.35 -42.58 0.59
N VAL A 36 11.85 -42.47 -0.64
CA VAL A 36 10.91 -41.41 -1.02
C VAL A 36 9.64 -42.09 -1.51
N TYR A 37 8.48 -41.51 -1.19
CA TYR A 37 7.17 -42.04 -1.52
C TYR A 37 6.40 -41.05 -2.40
N TYR A 38 5.18 -41.44 -2.77
CA TYR A 38 4.25 -40.58 -3.51
C TYR A 38 3.34 -39.81 -2.54
N PRO A 39 3.35 -38.48 -2.53
CA PRO A 39 2.71 -37.76 -1.42
C PRO A 39 1.22 -37.54 -1.55
N ASP A 40 0.66 -37.41 -2.74
CA ASP A 40 -0.71 -36.90 -2.88
C ASP A 40 -1.39 -37.57 -4.07
N LYS A 41 -2.52 -37.00 -4.51
CA LYS A 41 -3.46 -37.66 -5.41
C LYS A 41 -3.82 -36.84 -6.65
N VAL A 42 -3.01 -35.88 -7.04
CA VAL A 42 -3.31 -35.06 -8.21
C VAL A 42 -2.25 -35.27 -9.27
N PHE A 43 -2.69 -35.59 -10.49
CA PHE A 43 -1.78 -36.04 -11.54
C PHE A 43 -0.99 -34.87 -12.10
N ARG A 44 0.34 -35.02 -12.10
CA ARG A 44 1.26 -34.01 -12.59
C ARG A 44 2.11 -34.67 -13.67
N SER A 45 2.33 -33.97 -14.78
CA SER A 45 3.13 -34.53 -15.85
C SER A 45 4.25 -33.57 -16.21
N SER A 46 5.50 -34.05 -16.07
CA SER A 46 6.74 -33.43 -16.54
C SER A 46 6.95 -32.03 -15.94
N VAL A 47 6.63 -31.93 -14.65
CA VAL A 47 6.74 -30.68 -13.91
C VAL A 47 7.50 -30.96 -12.61
N LEU A 48 8.37 -30.04 -12.23
CA LEU A 48 9.05 -30.11 -10.95
C LEU A 48 8.24 -29.28 -9.96
N HIS A 49 7.84 -29.90 -8.85
CA HIS A 49 6.91 -29.28 -7.92
C HIS A 49 7.35 -29.49 -6.48
N SER A 50 7.14 -28.46 -5.66
CA SER A 50 7.76 -28.32 -4.34
C SER A 50 6.79 -28.73 -3.24
N THR A 51 7.33 -29.28 -2.14
CA THR A 51 6.52 -29.76 -1.03
C THR A 51 7.32 -29.75 0.27
N GLN A 52 6.64 -30.12 1.37
CA GLN A 52 7.28 -30.34 2.67
C GLN A 52 6.55 -31.46 3.41
N ASP A 53 7.26 -32.54 3.72
CA ASP A 53 6.71 -33.65 4.49
C ASP A 53 7.85 -34.38 5.19
N LEU A 54 7.56 -35.52 5.83
CA LEU A 54 8.52 -36.27 6.64
C LEU A 54 9.40 -37.14 5.76
N PHE A 55 10.61 -36.66 5.48
CA PHE A 55 11.51 -37.23 4.48
C PHE A 55 12.82 -37.66 5.12
N LEU A 56 13.39 -38.76 4.62
CA LEU A 56 14.63 -39.32 5.12
C LEU A 56 15.81 -38.50 4.60
N PRO A 57 16.90 -38.34 5.35
CA PRO A 57 18.14 -37.84 4.75
C PRO A 57 18.77 -38.89 3.85
N PHE A 58 19.44 -38.43 2.80
CA PHE A 58 20.35 -39.31 2.08
C PHE A 58 21.56 -39.62 2.94
N PHE A 59 22.07 -40.85 2.79
CA PHE A 59 23.15 -41.48 3.57
C PHE A 59 22.86 -41.53 5.07
N SER A 60 21.58 -41.61 5.44
CA SER A 60 21.22 -41.68 6.85
C SER A 60 21.31 -43.11 7.34
N ASN A 61 21.72 -43.27 8.60
CA ASN A 61 22.09 -44.58 9.14
C ASN A 61 20.85 -45.31 9.66
N VAL A 62 20.74 -46.59 9.29
CA VAL A 62 19.62 -47.45 9.70
C VAL A 62 20.19 -48.79 10.17
N THR A 63 19.36 -49.54 10.88
CA THR A 63 19.81 -50.72 11.63
C THR A 63 19.49 -52.02 10.92
N TRP A 64 20.20 -53.08 11.30
CA TRP A 64 20.02 -54.43 10.79
C TRP A 64 19.80 -55.38 11.97
N PHE A 65 18.89 -56.35 11.83
CA PHE A 65 18.82 -57.49 12.73
C PHE A 65 18.50 -58.75 11.93
N HIS A 66 18.95 -59.88 12.45
CA HIS A 66 18.76 -61.17 11.80
C HIS A 66 17.43 -61.81 12.21
N PHE A 79 15.32 -65.58 16.47
CA PHE A 79 16.74 -65.48 16.80
C PHE A 79 17.04 -64.09 17.37
N ASP A 80 16.53 -63.06 16.69
CA ASP A 80 16.77 -61.66 17.06
C ASP A 80 15.47 -60.89 16.95
N ASN A 81 15.00 -60.34 18.08
CA ASN A 81 13.72 -59.64 18.08
C ASN A 81 13.75 -58.42 19.00
N PRO A 82 14.14 -57.25 18.51
CA PRO A 82 14.11 -56.04 19.33
C PRO A 82 12.80 -55.27 19.16
N VAL A 83 12.62 -54.25 19.99
CA VAL A 83 11.48 -53.35 19.91
C VAL A 83 12.03 -51.92 19.88
N LEU A 84 11.67 -51.19 18.83
CA LEU A 84 12.12 -49.82 18.56
C LEU A 84 10.97 -48.86 18.78
N PRO A 85 11.26 -47.62 19.20
CA PRO A 85 10.22 -46.59 19.27
C PRO A 85 9.82 -46.12 17.88
N PHE A 86 8.69 -45.40 17.83
CA PHE A 86 8.01 -45.10 16.57
C PHE A 86 8.74 -44.02 15.77
N ASN A 87 9.00 -42.87 16.42
CA ASN A 87 9.59 -41.65 15.84
C ASN A 87 8.79 -41.13 14.64
N ASP A 88 7.46 -41.21 14.77
CA ASP A 88 6.43 -40.63 13.89
C ASP A 88 6.52 -41.08 12.44
N GLY A 89 6.76 -42.34 12.17
CA GLY A 89 6.78 -42.86 10.81
C GLY A 89 7.90 -43.84 10.63
N VAL A 90 7.59 -44.96 9.97
CA VAL A 90 8.52 -46.07 9.84
C VAL A 90 8.72 -46.34 8.36
N TYR A 91 9.95 -46.18 7.89
CA TYR A 91 10.37 -46.80 6.65
C TYR A 91 10.87 -48.21 6.99
N PHE A 92 10.61 -49.16 6.11
CA PHE A 92 11.08 -50.53 6.29
C PHE A 92 11.48 -51.11 4.94
N ALA A 93 12.49 -51.97 4.93
CA ALA A 93 12.73 -52.89 3.84
C ALA A 93 13.23 -54.22 4.41
N SER A 94 13.09 -55.29 3.63
CA SER A 94 13.43 -56.61 4.16
C SER A 94 13.88 -57.54 3.05
N THR A 95 14.95 -58.30 3.32
CA THR A 95 15.55 -59.23 2.37
C THR A 95 15.26 -60.65 2.78
N GLU A 96 14.70 -61.44 1.86
CA GLU A 96 14.41 -62.83 2.21
C GLU A 96 14.83 -63.76 1.09
N LYS A 97 15.15 -65.00 1.47
CA LYS A 97 15.21 -66.12 0.55
C LYS A 97 14.05 -67.10 0.75
N SER A 98 13.83 -67.56 1.97
CA SER A 98 12.70 -68.43 2.28
C SER A 98 11.71 -67.70 3.17
N ASN A 99 10.57 -68.33 3.39
CA ASN A 99 9.46 -67.71 4.10
C ASN A 99 9.71 -67.63 5.59
N ILE A 100 10.21 -66.48 6.06
CA ILE A 100 10.51 -66.30 7.48
C ILE A 100 9.63 -65.24 8.12
N ILE A 101 9.78 -63.97 7.71
CA ILE A 101 9.12 -62.85 8.39
C ILE A 101 7.68 -62.74 7.89
N ARG A 102 6.72 -62.75 8.81
CA ARG A 102 5.32 -62.73 8.42
C ARG A 102 4.65 -61.37 8.58
N GLY A 103 4.47 -60.92 9.80
CA GLY A 103 3.52 -59.87 10.09
C GLY A 103 3.96 -59.10 11.29
N TRP A 104 3.12 -58.18 11.74
CA TRP A 104 3.57 -57.20 12.71
C TRP A 104 2.45 -56.86 13.69
N ILE A 105 2.85 -56.42 14.87
CA ILE A 105 1.93 -55.87 15.86
C ILE A 105 2.22 -54.37 15.92
N PHE A 106 1.21 -53.57 16.24
CA PHE A 106 1.35 -52.14 16.40
C PHE A 106 0.51 -51.69 17.58
N GLY A 107 0.83 -50.53 18.14
CA GLY A 107 0.06 -50.03 19.25
C GLY A 107 0.93 -49.21 20.18
N THR A 108 0.50 -49.17 21.44
CA THR A 108 1.10 -48.29 22.43
C THR A 108 1.83 -49.04 23.54
N THR A 109 1.15 -49.99 24.20
CA THR A 109 1.66 -50.54 25.45
C THR A 109 2.02 -52.03 25.41
N LEU A 110 1.57 -52.78 24.39
CA LEU A 110 1.68 -54.26 24.29
C LEU A 110 1.09 -54.93 25.54
N ASP A 111 -0.09 -54.47 25.93
CA ASP A 111 -0.76 -54.84 27.16
C ASP A 111 -2.25 -54.60 26.91
N SER A 112 -3.12 -55.07 27.82
CA SER A 112 -4.55 -55.01 27.61
C SER A 112 -5.19 -53.73 28.13
N LYS A 113 -4.49 -52.59 28.05
CA LYS A 113 -5.08 -51.32 28.47
C LYS A 113 -5.34 -50.35 27.33
N THR A 114 -4.51 -50.34 26.28
CA THR A 114 -4.58 -49.34 25.23
C THR A 114 -4.76 -50.02 23.88
N GLN A 115 -5.34 -49.27 22.93
CA GLN A 115 -5.72 -49.84 21.65
C GLN A 115 -4.50 -50.13 20.78
N SER A 116 -4.56 -51.27 20.10
CA SER A 116 -3.43 -51.84 19.39
C SER A 116 -3.88 -52.35 18.03
N LEU A 117 -3.04 -52.18 17.02
CA LEU A 117 -3.31 -52.57 15.65
C LEU A 117 -2.56 -53.86 15.34
N LEU A 118 -3.10 -54.66 14.41
CA LEU A 118 -2.50 -55.94 14.10
C LEU A 118 -2.59 -56.23 12.61
N ILE A 119 -1.49 -56.75 12.05
CA ILE A 119 -1.46 -57.29 10.69
C ILE A 119 -0.69 -58.62 10.70
N VAL A 120 -1.32 -59.66 10.17
CA VAL A 120 -0.65 -60.94 10.01
C VAL A 120 -0.77 -61.39 8.57
N ASN A 121 0.39 -61.53 7.92
CA ASN A 121 0.51 -62.18 6.63
C ASN A 121 0.60 -63.68 6.83
N ASN A 122 -0.36 -64.40 6.27
CA ASN A 122 -0.37 -65.85 6.38
C ASN A 122 -0.70 -66.43 5.01
N ALA A 123 -1.01 -67.72 4.98
CA ALA A 123 -0.89 -68.64 3.85
C ALA A 123 -1.64 -68.23 2.59
N THR A 124 -2.89 -67.79 2.73
CA THR A 124 -3.66 -67.46 1.54
C THR A 124 -4.31 -66.08 1.58
N ASN A 125 -4.18 -65.34 2.67
CA ASN A 125 -4.70 -63.98 2.74
C ASN A 125 -3.83 -63.16 3.69
N VAL A 126 -4.33 -61.99 4.09
CA VAL A 126 -3.84 -61.23 5.23
C VAL A 126 -5.05 -60.79 6.05
N VAL A 127 -4.83 -60.49 7.32
CA VAL A 127 -5.87 -60.09 8.26
C VAL A 127 -5.43 -58.76 8.89
N ILE A 128 -6.29 -57.75 8.84
CA ILE A 128 -6.02 -56.44 9.40
C ILE A 128 -7.10 -56.14 10.43
N LYS A 129 -6.70 -55.78 11.64
CA LYS A 129 -7.68 -55.54 12.70
C LYS A 129 -7.14 -54.52 13.68
N VAL A 130 -8.05 -53.85 14.39
CA VAL A 130 -7.74 -53.09 15.59
C VAL A 130 -8.65 -53.56 16.72
N CYS A 131 -8.04 -53.98 17.83
CA CYS A 131 -8.72 -54.64 18.95
C CYS A 131 -7.95 -54.32 20.23
N GLU A 132 -8.16 -55.14 21.26
CA GLU A 132 -7.43 -55.09 22.51
C GLU A 132 -6.70 -56.41 22.72
N PHE A 133 -5.37 -56.37 22.81
CA PHE A 133 -4.56 -57.58 22.81
C PHE A 133 -3.53 -57.61 23.94
N GLN A 134 -2.90 -58.77 24.07
CA GLN A 134 -1.84 -59.05 25.02
C GLN A 134 -0.80 -59.90 24.30
N PHE A 135 0.21 -59.26 23.71
CA PHE A 135 1.31 -60.00 23.11
C PHE A 135 2.28 -60.49 24.18
N CYS A 136 2.87 -61.65 23.95
CA CYS A 136 3.70 -62.29 24.96
C CYS A 136 5.13 -61.76 24.90
N ASN A 137 6.01 -62.35 25.71
CA ASN A 137 7.41 -61.93 25.80
C ASN A 137 8.18 -62.25 24.53
N ASP A 138 7.90 -63.37 23.89
CA ASP A 138 8.56 -63.78 22.65
C ASP A 138 7.50 -64.07 21.58
N PRO A 139 7.01 -63.04 20.88
CA PRO A 139 6.01 -63.30 19.84
C PRO A 139 6.64 -63.77 18.56
N PHE A 140 6.26 -64.98 18.13
CA PHE A 140 6.77 -65.59 16.91
C PHE A 140 5.73 -66.60 16.41
N LEU A 141 5.80 -66.92 15.13
CA LEU A 141 4.97 -67.99 14.59
C LEU A 141 5.63 -69.29 15.01
N MET A 153 5.57 -78.87 12.24
CA MET A 153 6.69 -78.27 11.55
C MET A 153 6.22 -77.20 10.57
N GLU A 154 4.91 -77.16 10.33
CA GLU A 154 4.32 -76.23 9.37
C GLU A 154 3.53 -75.12 10.05
N SER A 155 3.28 -75.22 11.35
CA SER A 155 2.56 -74.16 12.05
C SER A 155 2.98 -74.14 13.52
N GLU A 156 2.92 -72.95 14.10
CA GLU A 156 3.24 -72.64 15.50
C GLU A 156 2.63 -71.28 15.79
N PHE A 157 2.03 -71.12 16.98
CA PHE A 157 1.28 -69.90 17.24
C PHE A 157 1.35 -69.57 18.74
N ARG A 158 2.29 -68.71 19.11
CA ARG A 158 2.35 -68.14 20.46
C ARG A 158 2.64 -66.64 20.37
N VAL A 159 1.79 -65.92 19.64
CA VAL A 159 1.96 -64.47 19.53
C VAL A 159 1.02 -63.69 20.45
N TYR A 160 -0.22 -64.15 20.67
CA TYR A 160 -1.10 -63.46 21.60
C TYR A 160 -1.96 -64.45 22.37
N SER A 161 -2.42 -64.02 23.55
CA SER A 161 -3.51 -64.68 24.27
C SER A 161 -4.42 -63.59 24.84
N SER A 162 -5.35 -63.12 24.00
CA SER A 162 -6.34 -62.07 24.29
C SER A 162 -7.30 -61.98 23.11
N ALA A 163 -8.60 -61.73 23.36
CA ALA A 163 -9.53 -61.64 22.24
C ALA A 163 -10.62 -60.58 22.44
N ASN A 164 -10.35 -59.55 23.25
CA ASN A 164 -11.42 -58.65 23.65
C ASN A 164 -11.44 -57.37 22.82
N ASN A 165 -12.64 -56.77 22.74
CA ASN A 165 -12.87 -55.34 22.41
C ASN A 165 -12.42 -54.96 21.00
N CYS A 166 -12.93 -55.68 20.00
CA CYS A 166 -12.56 -55.41 18.62
C CYS A 166 -13.43 -54.30 18.04
N THR A 167 -12.82 -53.45 17.20
CA THR A 167 -13.52 -52.31 16.62
C THR A 167 -13.60 -52.40 15.10
N PHE A 168 -12.50 -52.77 14.45
CA PHE A 168 -12.46 -52.84 12.99
C PHE A 168 -11.75 -54.11 12.58
N GLU A 169 -12.18 -54.69 11.44
CA GLU A 169 -11.53 -55.83 10.84
C GLU A 169 -11.64 -55.72 9.33
N TYR A 170 -10.64 -56.24 8.62
CA TYR A 170 -10.60 -56.16 7.17
C TYR A 170 -9.82 -57.34 6.63
N VAL A 171 -10.29 -57.90 5.50
CA VAL A 171 -9.68 -59.06 4.89
C VAL A 171 -9.18 -58.69 3.51
N SER A 172 -7.87 -58.92 3.28
CA SER A 172 -7.23 -58.57 2.01
C SER A 172 -6.34 -59.73 1.60
N GLN A 173 -5.52 -59.52 0.57
CA GLN A 173 -4.60 -60.54 0.07
C GLN A 173 -3.20 -59.96 -0.11
N PRO A 174 -2.14 -60.75 0.11
CA PRO A 174 -0.78 -60.21 -0.07
C PRO A 174 -0.35 -60.15 -1.53
N PHE A 186 20.01 -64.84 -1.64
CA PHE A 186 18.79 -64.11 -1.34
C PHE A 186 18.22 -63.51 -2.62
N LYS A 187 16.92 -63.70 -2.84
CA LYS A 187 16.36 -63.50 -4.17
C LYS A 187 15.30 -62.41 -4.23
N ASN A 188 14.53 -62.21 -3.17
CA ASN A 188 13.40 -61.31 -3.17
C ASN A 188 13.61 -60.21 -2.13
N LEU A 189 13.06 -59.02 -2.41
CA LEU A 189 13.33 -57.83 -1.63
C LEU A 189 12.09 -56.93 -1.62
N ARG A 190 11.44 -56.83 -0.46
CA ARG A 190 10.18 -56.11 -0.36
C ARG A 190 10.37 -54.89 0.52
N GLU A 191 9.67 -53.80 0.17
CA GLU A 191 9.81 -52.52 0.85
C GLU A 191 8.43 -52.08 1.33
N PHE A 192 8.39 -51.38 2.46
CA PHE A 192 7.13 -51.02 3.10
C PHE A 192 7.23 -49.60 3.64
N VAL A 193 6.08 -49.00 3.92
CA VAL A 193 5.98 -47.79 4.72
C VAL A 193 4.86 -47.98 5.73
N PHE A 194 5.17 -47.79 7.02
CA PHE A 194 4.14 -47.55 8.03
C PHE A 194 4.27 -46.13 8.55
N LYS A 195 3.18 -45.38 8.53
CA LYS A 195 3.15 -44.12 9.29
C LYS A 195 1.71 -43.84 9.67
N ASN A 196 1.54 -42.97 10.67
CA ASN A 196 0.23 -42.50 11.10
C ASN A 196 0.33 -41.00 11.33
N ILE A 197 -0.34 -40.23 10.48
CA ILE A 197 -0.41 -38.77 10.62
C ILE A 197 -1.86 -38.38 10.79
N ASP A 198 -2.15 -37.67 11.90
CA ASP A 198 -3.47 -37.12 12.26
C ASP A 198 -4.56 -38.20 12.33
N GLY A 199 -4.17 -39.37 12.82
CA GLY A 199 -5.07 -40.50 12.88
C GLY A 199 -5.32 -41.20 11.56
N TYR A 200 -4.40 -41.09 10.61
CA TYR A 200 -4.57 -41.72 9.31
C TYR A 200 -3.35 -42.56 8.96
N PHE A 201 -3.58 -43.87 8.88
CA PHE A 201 -2.51 -44.85 8.73
C PHE A 201 -2.42 -45.23 7.25
N LYS A 202 -1.26 -44.97 6.66
CA LYS A 202 -1.06 -45.00 5.22
C LYS A 202 0.09 -45.95 4.89
N ILE A 203 -0.14 -46.89 3.97
CA ILE A 203 0.86 -47.90 3.65
C ILE A 203 1.30 -47.73 2.20
N TYR A 204 2.62 -47.76 1.99
CA TYR A 204 3.25 -47.57 0.68
C TYR A 204 4.28 -48.68 0.49
N SER A 205 4.17 -49.39 -0.63
CA SER A 205 5.01 -50.58 -0.83
C SER A 205 5.30 -50.74 -2.30
N LYS A 206 6.47 -51.31 -2.60
CA LYS A 206 6.93 -51.78 -3.91
C LYS A 206 7.72 -53.06 -3.71
N HIS A 207 7.86 -53.82 -4.79
CA HIS A 207 8.52 -55.12 -4.79
C HIS A 207 9.65 -55.13 -5.80
N THR A 208 10.77 -55.77 -5.45
CA THR A 208 11.89 -55.89 -6.37
C THR A 208 12.66 -57.17 -6.10
N PRO A 209 13.30 -57.74 -7.14
CA PRO A 209 14.27 -58.82 -6.90
C PRO A 209 15.70 -58.31 -6.81
N ILE A 210 16.53 -58.97 -6.01
CA ILE A 210 17.96 -58.69 -5.96
C ILE A 210 18.71 -60.02 -5.90
N ASN A 211 19.99 -59.99 -6.24
CA ASN A 211 20.84 -61.15 -6.04
C ASN A 211 22.20 -60.69 -5.49
N LEU A 212 22.24 -60.54 -4.17
CA LEU A 212 23.40 -60.15 -3.38
C LEU A 212 23.07 -60.46 -1.92
N VAL A 213 24.09 -60.84 -1.16
CA VAL A 213 23.89 -61.41 0.17
C VAL A 213 24.52 -60.50 1.22
N ARG A 214 24.71 -59.22 0.90
CA ARG A 214 25.53 -58.35 1.74
C ARG A 214 24.72 -57.27 2.45
N ASP A 215 24.00 -56.42 1.73
CA ASP A 215 23.51 -55.18 2.31
C ASP A 215 22.27 -54.72 1.57
N LEU A 216 21.90 -53.46 1.78
CA LEU A 216 20.92 -52.79 0.93
C LEU A 216 21.50 -52.65 -0.47
N PRO A 217 20.82 -53.13 -1.51
CA PRO A 217 21.29 -52.90 -2.88
C PRO A 217 21.08 -51.45 -3.30
N GLN A 218 21.81 -51.08 -4.37
CA GLN A 218 21.73 -49.74 -4.92
C GLN A 218 20.40 -49.54 -5.65
N GLY A 219 20.06 -48.29 -5.91
CA GLY A 219 18.90 -47.96 -6.71
C GLY A 219 17.89 -47.07 -5.98
N PHE A 220 17.03 -46.46 -6.79
CA PHE A 220 15.97 -45.58 -6.32
C PHE A 220 14.62 -46.21 -6.60
N SER A 221 13.67 -45.99 -5.69
CA SER A 221 12.27 -46.30 -5.95
C SER A 221 11.41 -45.27 -5.25
N ALA A 222 10.34 -44.84 -5.92
CA ALA A 222 9.30 -44.01 -5.32
C ALA A 222 8.05 -44.85 -5.11
N LEU A 223 7.46 -44.74 -3.92
CA LEU A 223 6.47 -45.72 -3.47
C LEU A 223 5.08 -45.09 -3.48
N GLU A 224 4.13 -45.81 -4.08
CA GLU A 224 2.73 -45.51 -4.39
C GLU A 224 1.85 -45.81 -3.17
N PRO A 225 0.77 -45.07 -2.97
CA PRO A 225 -0.15 -45.40 -1.89
C PRO A 225 -1.02 -46.61 -2.21
N LEU A 226 -1.28 -47.39 -1.16
CA LEU A 226 -2.10 -48.59 -1.27
C LEU A 226 -3.39 -48.47 -0.47
N VAL A 227 -3.32 -48.33 0.84
CA VAL A 227 -4.49 -48.37 1.68
C VAL A 227 -4.46 -47.17 2.62
N ASP A 228 -5.62 -46.83 3.15
CA ASP A 228 -5.78 -45.73 4.09
C ASP A 228 -6.70 -46.21 5.20
N LEU A 229 -6.25 -46.08 6.45
CA LEU A 229 -7.09 -46.49 7.56
C LEU A 229 -7.21 -45.36 8.59
N PRO A 230 -8.44 -44.88 8.87
CA PRO A 230 -8.66 -43.89 9.94
C PRO A 230 -8.91 -44.52 11.30
N ILE A 231 -7.86 -45.12 11.88
CA ILE A 231 -8.00 -45.78 13.18
C ILE A 231 -8.10 -44.75 14.30
N GLY A 232 -7.21 -43.75 14.28
CA GLY A 232 -7.24 -42.69 15.27
C GLY A 232 -6.82 -43.07 16.68
N ILE A 233 -5.76 -43.88 16.81
CA ILE A 233 -5.14 -44.16 18.11
C ILE A 233 -3.73 -43.60 18.08
N ASN A 234 -3.08 -43.49 19.23
CA ASN A 234 -1.66 -43.17 19.23
C ASN A 234 -0.82 -44.44 19.35
N ILE A 235 0.44 -44.31 18.97
CA ILE A 235 1.27 -45.46 18.67
C ILE A 235 2.71 -45.10 18.98
N THR A 236 3.38 -45.97 19.75
CA THR A 236 4.79 -45.78 20.07
C THR A 236 5.67 -46.95 19.72
N ARG A 237 5.18 -48.19 19.76
CA ARG A 237 6.04 -49.36 19.63
C ARG A 237 5.43 -50.36 18.66
N PHE A 238 6.25 -51.35 18.31
CA PHE A 238 5.88 -52.44 17.41
C PHE A 238 6.80 -53.62 17.70
N GLN A 239 6.50 -54.78 17.12
CA GLN A 239 7.39 -55.93 17.16
C GLN A 239 7.06 -56.82 15.97
N THR A 240 8.09 -57.39 15.36
CA THR A 240 7.93 -58.13 14.12
C THR A 240 7.84 -59.63 14.37
N LEU A 241 7.29 -60.36 13.40
CA LEU A 241 7.08 -61.79 13.61
C LEU A 241 7.93 -62.61 12.65
N LEU A 242 8.61 -63.61 13.20
CA LEU A 242 9.39 -64.62 12.48
C LEU A 242 8.92 -66.01 12.89
N ALA A 243 9.46 -67.02 12.23
CA ALA A 243 9.13 -68.41 12.54
C ALA A 243 9.85 -68.87 13.80
N GLY A 261 17.79 -71.32 8.18
CA GLY A 261 18.83 -70.33 8.28
C GLY A 261 18.38 -69.03 8.93
N ALA A 262 18.70 -67.90 8.31
CA ALA A 262 18.34 -66.59 8.82
C ALA A 262 17.98 -65.66 7.67
N ALA A 263 17.11 -64.69 7.96
CA ALA A 263 16.69 -63.70 6.97
C ALA A 263 16.71 -62.32 7.62
N ALA A 264 17.12 -61.33 6.83
CA ALA A 264 17.48 -60.01 7.35
C ALA A 264 16.43 -58.96 6.98
N TYR A 265 16.47 -57.83 7.69
CA TYR A 265 15.40 -56.83 7.69
C TYR A 265 15.89 -55.47 8.16
N TYR A 266 15.52 -54.43 7.40
CA TYR A 266 16.02 -53.06 7.60
C TYR A 266 14.90 -52.21 8.18
N VAL A 267 15.23 -51.46 9.23
CA VAL A 267 14.26 -50.71 10.02
C VAL A 267 14.64 -49.24 9.94
N GLY A 268 13.64 -48.35 9.82
CA GLY A 268 13.92 -46.93 9.68
C GLY A 268 13.08 -46.07 10.58
N TYR A 269 13.26 -44.75 10.42
CA TYR A 269 12.66 -43.68 11.20
C TYR A 269 12.67 -42.39 10.40
N LEU A 270 11.76 -41.46 10.70
CA LEU A 270 11.54 -40.31 9.83
C LEU A 270 11.78 -38.97 10.53
N GLN A 271 12.09 -37.96 9.73
CA GLN A 271 12.37 -36.60 10.15
C GLN A 271 11.69 -35.64 9.17
N PRO A 272 11.31 -34.44 9.62
CA PRO A 272 10.80 -33.43 8.67
C PRO A 272 11.92 -32.77 7.87
N ARG A 273 11.79 -32.83 6.53
CA ARG A 273 12.77 -32.32 5.58
C ARG A 273 12.04 -31.62 4.43
N THR A 274 12.77 -31.35 3.35
CA THR A 274 12.22 -30.72 2.14
C THR A 274 12.91 -31.33 0.92
N PHE A 275 12.12 -31.89 0.01
CA PHE A 275 12.65 -32.52 -1.19
C PHE A 275 12.01 -31.90 -2.43
N LEU A 276 12.72 -32.02 -3.56
CA LEU A 276 12.18 -31.88 -4.92
C LEU A 276 12.36 -33.18 -5.68
N LEU A 277 11.37 -33.48 -6.54
CA LEU A 277 11.20 -34.79 -7.15
C LEU A 277 10.98 -34.61 -8.64
N LYS A 278 11.24 -35.67 -9.42
CA LYS A 278 11.14 -35.59 -10.87
C LYS A 278 9.90 -36.30 -11.36
N TYR A 279 9.12 -35.64 -12.22
CA TYR A 279 7.96 -36.21 -12.88
C TYR A 279 8.24 -36.50 -14.35
N ASN A 280 7.78 -37.65 -14.84
CA ASN A 280 7.91 -38.00 -16.24
C ASN A 280 6.58 -37.73 -16.96
N GLU A 281 6.45 -38.23 -18.20
CA GLU A 281 5.19 -38.12 -18.92
C GLU A 281 4.12 -39.04 -18.32
N ASN A 282 4.52 -40.21 -17.84
CA ASN A 282 3.57 -41.17 -17.29
C ASN A 282 3.22 -40.88 -15.83
N GLY A 283 3.80 -39.85 -15.23
CA GLY A 283 3.51 -39.51 -13.85
C GLY A 283 4.26 -40.30 -12.81
N THR A 284 5.10 -41.25 -13.22
CA THR A 284 5.90 -42.05 -12.31
C THR A 284 7.08 -41.21 -11.84
N ILE A 285 7.27 -41.13 -10.54
CA ILE A 285 8.34 -40.29 -10.03
C ILE A 285 9.66 -41.04 -10.14
N THR A 286 10.63 -40.45 -10.85
CA THR A 286 11.85 -41.16 -11.23
C THR A 286 13.09 -40.70 -10.48
N ASP A 287 13.12 -39.51 -9.90
CA ASP A 287 14.35 -39.01 -9.31
C ASP A 287 14.03 -38.06 -8.16
N ALA A 288 15.02 -37.86 -7.30
CA ALA A 288 14.86 -37.17 -6.02
C ALA A 288 16.10 -36.34 -5.71
N VAL A 289 15.86 -35.11 -5.24
CA VAL A 289 16.90 -34.26 -4.67
C VAL A 289 16.42 -33.70 -3.35
N ASP A 290 17.37 -33.29 -2.51
CA ASP A 290 17.11 -32.89 -1.12
C ASP A 290 17.67 -31.50 -0.88
N CYS A 291 17.05 -30.75 0.04
CA CYS A 291 17.50 -29.38 0.29
C CYS A 291 18.41 -29.23 1.51
N ALA A 292 18.99 -30.30 2.05
CA ALA A 292 19.96 -30.10 3.13
C ALA A 292 21.15 -31.05 3.07
N LEU A 293 21.28 -31.89 2.04
CA LEU A 293 22.45 -32.77 1.96
C LEU A 293 23.69 -32.01 1.52
N ASP A 294 23.53 -31.09 0.57
CA ASP A 294 24.63 -30.29 0.06
C ASP A 294 24.06 -29.00 -0.50
N PRO A 295 24.86 -27.93 -0.57
CA PRO A 295 24.35 -26.67 -1.16
C PRO A 295 24.14 -26.71 -2.67
N LEU A 296 24.79 -27.66 -3.36
CA LEU A 296 24.55 -27.89 -4.78
C LEU A 296 23.11 -28.29 -5.05
N SER A 297 22.59 -29.23 -4.26
CA SER A 297 21.20 -29.61 -4.41
C SER A 297 20.26 -28.60 -3.76
N GLU A 298 20.80 -27.72 -2.90
CA GLU A 298 20.01 -26.61 -2.37
C GLU A 298 19.68 -25.61 -3.47
N THR A 299 20.68 -25.25 -4.30
CA THR A 299 20.38 -24.41 -5.46
C THR A 299 19.63 -25.15 -6.55
N LYS A 300 19.80 -26.48 -6.63
CA LYS A 300 18.96 -27.29 -7.51
C LYS A 300 17.50 -27.24 -7.09
N CYS A 301 17.23 -27.23 -5.79
CA CYS A 301 15.83 -27.27 -5.38
C CYS A 301 15.23 -25.87 -5.35
N THR A 302 16.06 -24.84 -5.26
CA THR A 302 15.48 -23.50 -5.33
C THR A 302 15.32 -22.99 -6.76
N LEU A 303 16.22 -23.34 -7.68
CA LEU A 303 16.00 -22.94 -9.08
C LEU A 303 15.13 -23.91 -9.86
N LYS A 304 14.64 -24.98 -9.21
CA LYS A 304 13.87 -26.11 -9.75
C LYS A 304 14.45 -26.67 -11.05
N SER A 305 15.65 -27.24 -10.90
CA SER A 305 16.35 -27.91 -11.97
C SER A 305 17.17 -29.04 -11.37
N PHE A 306 17.59 -29.96 -12.21
CA PHE A 306 18.59 -30.93 -11.81
C PHE A 306 19.97 -30.57 -12.33
N THR A 307 20.03 -29.78 -13.38
CA THR A 307 21.31 -29.32 -13.89
C THR A 307 21.36 -27.81 -13.74
N VAL A 308 22.38 -27.34 -13.04
CA VAL A 308 22.65 -25.91 -12.89
C VAL A 308 23.98 -25.62 -13.55
N GLU A 309 24.13 -24.39 -14.03
CA GLU A 309 25.19 -24.03 -14.95
C GLU A 309 26.29 -23.24 -14.26
N LYS A 310 27.25 -22.79 -15.05
CA LYS A 310 28.36 -22.04 -14.50
C LYS A 310 27.89 -20.62 -14.20
N GLY A 311 27.63 -20.37 -12.92
CA GLY A 311 27.04 -19.12 -12.49
C GLY A 311 26.85 -19.12 -10.99
N ILE A 312 26.28 -18.03 -10.47
CA ILE A 312 26.08 -17.86 -9.04
C ILE A 312 24.65 -17.39 -8.80
N TYR A 313 24.02 -17.90 -7.74
CA TYR A 313 22.62 -17.65 -7.47
C TYR A 313 22.49 -17.43 -5.97
N GLN A 314 21.69 -16.47 -5.55
CA GLN A 314 21.54 -16.21 -4.12
C GLN A 314 20.24 -16.82 -3.63
N THR A 315 20.34 -17.63 -2.58
CA THR A 315 19.24 -18.49 -2.17
C THR A 315 18.68 -18.20 -0.78
N SER A 316 19.48 -17.82 0.21
CA SER A 316 18.99 -17.72 1.57
C SER A 316 19.72 -16.59 2.28
N ASN A 317 19.40 -16.43 3.57
CA ASN A 317 19.95 -15.43 4.47
C ASN A 317 20.23 -16.07 5.82
N PHE A 318 21.02 -15.39 6.65
CA PHE A 318 21.20 -15.90 8.01
C PHE A 318 21.36 -14.76 8.99
N ARG A 319 21.44 -15.14 10.26
CA ARG A 319 21.54 -14.26 11.41
C ARG A 319 21.94 -15.13 12.60
N VAL A 320 22.98 -14.73 13.33
CA VAL A 320 23.37 -15.53 14.48
C VAL A 320 22.42 -15.22 15.64
N GLN A 321 22.18 -16.22 16.49
CA GLN A 321 21.16 -16.12 17.50
C GLN A 321 21.78 -15.89 18.88
N PRO A 322 21.14 -15.07 19.72
CA PRO A 322 21.63 -14.91 21.09
C PRO A 322 21.30 -16.12 21.96
N THR A 323 22.16 -16.35 22.95
CA THR A 323 22.02 -17.48 23.86
C THR A 323 21.78 -17.03 25.29
N GLU A 324 22.56 -16.08 25.79
CA GLU A 324 22.49 -15.69 27.19
C GLU A 324 21.27 -14.84 27.50
N SER A 325 20.96 -13.88 26.61
CA SER A 325 19.77 -13.00 26.64
C SER A 325 19.68 -12.21 27.95
N ILE A 326 20.66 -11.33 28.16
CA ILE A 326 20.89 -10.67 29.44
C ILE A 326 19.82 -9.62 29.72
N VAL A 327 19.74 -9.21 30.99
CA VAL A 327 18.87 -8.13 31.44
C VAL A 327 19.70 -7.17 32.26
N ARG A 328 19.32 -5.89 32.28
CA ARG A 328 19.94 -4.92 33.16
C ARG A 328 18.89 -4.07 33.83
N PHE A 329 19.06 -3.84 35.11
CA PHE A 329 18.18 -3.11 36.01
C PHE A 329 19.05 -2.20 36.85
N PRO A 330 18.54 -1.04 37.27
CA PRO A 330 19.36 -0.13 38.10
C PRO A 330 19.59 -0.64 39.52
N ASN A 331 20.26 0.23 40.30
CA ASN A 331 20.68 0.03 41.70
C ASN A 331 19.55 0.24 42.70
N ILE A 332 18.40 0.62 42.15
CA ILE A 332 17.03 0.75 42.67
C ILE A 332 16.88 1.87 43.70
N THR A 333 17.83 2.01 44.66
CA THR A 333 18.19 3.16 45.50
C THR A 333 17.04 4.00 46.06
N ASN A 334 15.90 3.38 46.32
CA ASN A 334 14.70 4.12 46.68
C ASN A 334 14.42 4.07 48.16
N LEU A 335 14.52 2.87 48.75
CA LEU A 335 14.81 2.63 50.16
C LEU A 335 13.74 3.21 51.09
N CYS A 336 12.57 2.57 51.03
CA CYS A 336 11.37 2.73 51.85
C CYS A 336 11.68 2.81 53.34
N PRO A 337 10.87 3.50 54.16
CA PRO A 337 11.06 3.48 55.62
C PRO A 337 10.64 2.18 56.30
N PHE A 338 11.32 1.06 55.98
CA PHE A 338 10.98 -0.22 56.57
C PHE A 338 11.82 -0.55 57.80
N GLY A 339 12.97 0.09 57.95
CA GLY A 339 13.92 -0.30 59.00
C GLY A 339 13.46 0.03 60.39
N GLU A 340 12.61 1.05 60.51
CA GLU A 340 12.03 1.35 61.82
C GLU A 340 10.75 0.55 62.08
N VAL A 341 10.14 -0.03 61.03
CA VAL A 341 8.90 -0.78 61.24
C VAL A 341 9.27 -2.27 61.26
N PHE A 342 10.57 -2.55 61.22
CA PHE A 342 11.07 -3.82 61.71
C PHE A 342 12.05 -3.69 62.88
N ASN A 343 12.66 -2.52 63.10
CA ASN A 343 13.84 -2.42 63.95
C ASN A 343 13.71 -1.28 64.96
N ALA A 344 12.58 -1.22 65.65
CA ALA A 344 12.37 -0.33 66.78
C ALA A 344 11.76 -1.10 67.94
N THR A 345 11.86 -0.51 69.14
CA THR A 345 11.36 -1.13 70.36
C THR A 345 9.94 -0.70 70.71
N ARG A 346 9.34 0.22 69.94
CA ARG A 346 7.99 0.68 70.22
C ARG A 346 7.22 0.58 68.91
N PHE A 347 6.35 -0.42 68.80
CA PHE A 347 5.57 -0.60 67.59
C PHE A 347 4.13 -0.16 67.85
N ALA A 348 3.24 -0.41 66.90
CA ALA A 348 1.85 0.00 67.04
C ALA A 348 1.11 -0.92 67.99
N SER A 349 -0.05 -0.46 68.46
CA SER A 349 -0.90 -1.22 69.37
C SER A 349 -2.12 -1.74 68.60
N VAL A 350 -2.83 -2.69 69.20
CA VAL A 350 -3.93 -3.35 68.50
C VAL A 350 -5.16 -2.46 68.48
N TYR A 351 -5.24 -1.49 69.41
CA TYR A 351 -6.30 -0.51 69.31
C TYR A 351 -5.85 0.73 68.54
N ALA A 352 -4.55 0.88 68.32
CA ALA A 352 -4.00 2.09 67.73
C ALA A 352 -2.95 1.78 66.67
N TRP A 353 -3.21 0.79 65.81
CA TRP A 353 -2.37 0.62 64.64
C TRP A 353 -2.91 1.51 63.53
N ASN A 354 -2.10 2.48 63.12
CA ASN A 354 -2.46 3.31 61.99
C ASN A 354 -2.34 2.55 60.68
N ARG A 355 -3.24 2.85 59.73
CA ARG A 355 -3.16 2.27 58.40
C ARG A 355 -2.19 3.11 57.58
N LYS A 356 -0.90 2.80 57.75
CA LYS A 356 0.16 3.62 57.19
C LYS A 356 0.29 3.38 55.68
N ARG A 357 0.39 4.47 54.92
CA ARG A 357 0.55 4.42 53.48
C ARG A 357 1.98 4.80 53.15
N ILE A 358 2.80 3.80 52.83
CA ILE A 358 4.14 4.00 52.33
C ILE A 358 4.08 3.86 50.82
N SER A 359 4.54 4.88 50.11
CA SER A 359 4.39 4.94 48.67
C SER A 359 5.66 5.45 48.01
N ASN A 360 5.74 5.20 46.70
CA ASN A 360 6.73 5.76 45.76
C ASN A 360 8.16 5.35 46.13
N CYS A 361 8.29 4.13 46.63
CA CYS A 361 9.59 3.52 46.89
C CYS A 361 9.45 2.01 46.72
N VAL A 362 10.56 1.29 46.89
CA VAL A 362 10.58 -0.16 46.83
C VAL A 362 11.18 -0.68 48.13
N ALA A 363 10.43 -1.52 48.83
CA ALA A 363 10.88 -2.18 50.05
C ALA A 363 11.36 -3.58 49.67
N ASP A 364 12.54 -3.94 50.17
CA ASP A 364 13.09 -5.26 49.85
C ASP A 364 12.62 -6.31 50.85
N TYR A 365 12.26 -7.48 50.32
CA TYR A 365 11.82 -8.60 51.14
C TYR A 365 12.86 -9.71 51.24
N SER A 366 13.98 -9.61 50.51
CA SER A 366 14.91 -10.73 50.44
C SER A 366 15.76 -10.84 51.69
N VAL A 367 15.86 -9.75 52.48
CA VAL A 367 16.63 -9.79 53.71
C VAL A 367 15.85 -10.48 54.82
N LEU A 368 14.52 -10.64 54.63
CA LEU A 368 13.66 -11.25 55.64
C LEU A 368 13.92 -12.74 55.79
N TYR A 369 14.14 -13.43 54.67
CA TYR A 369 14.14 -14.89 54.68
C TYR A 369 15.45 -15.45 55.21
N ASN A 370 16.54 -14.70 55.12
CA ASN A 370 17.87 -15.20 55.43
C ASN A 370 18.37 -14.76 56.82
N SER A 371 17.50 -14.18 57.64
CA SER A 371 17.95 -13.74 58.96
C SER A 371 17.64 -14.74 60.06
N ALA A 372 17.02 -15.89 59.72
CA ALA A 372 16.95 -17.11 60.54
C ALA A 372 16.17 -16.92 61.85
N SER A 373 14.93 -16.43 61.76
CA SER A 373 14.06 -16.36 62.94
C SER A 373 12.57 -16.51 62.64
N PHE A 374 12.17 -16.88 61.42
CA PHE A 374 10.76 -17.04 61.08
C PHE A 374 10.20 -18.36 61.57
N SER A 375 9.04 -18.28 62.24
CA SER A 375 8.34 -19.47 62.72
C SER A 375 6.99 -19.65 62.05
N THR A 376 6.08 -18.69 62.23
CA THR A 376 4.74 -18.75 61.66
C THR A 376 4.56 -17.66 60.61
N PHE A 377 5.65 -17.37 59.91
CA PHE A 377 5.65 -16.48 58.75
C PHE A 377 4.92 -17.17 57.61
N LYS A 378 3.90 -16.51 57.08
CA LYS A 378 2.95 -17.13 56.17
C LYS A 378 2.53 -16.12 55.12
N CYS A 379 2.39 -16.58 53.88
CA CYS A 379 1.91 -15.72 52.79
C CYS A 379 0.73 -16.38 52.09
N TYR A 380 -0.45 -15.81 52.25
CA TYR A 380 -1.58 -16.26 51.46
C TYR A 380 -1.68 -15.43 50.19
N GLY A 381 -2.50 -15.90 49.26
CA GLY A 381 -2.60 -15.25 47.95
C GLY A 381 -1.49 -15.67 47.02
N VAL A 382 -0.27 -15.18 47.26
CA VAL A 382 0.89 -15.54 46.46
C VAL A 382 1.85 -16.30 47.38
N SER A 383 2.68 -17.15 46.79
CA SER A 383 3.67 -17.90 47.58
C SER A 383 4.77 -16.94 48.05
N PRO A 384 5.40 -17.22 49.21
CA PRO A 384 6.42 -16.28 49.72
C PRO A 384 7.71 -16.24 48.92
N THR A 385 7.97 -17.27 48.10
CA THR A 385 9.13 -17.24 47.20
C THR A 385 8.94 -16.23 46.08
N LYS A 386 7.77 -16.20 45.47
CA LYS A 386 7.46 -15.32 44.35
C LYS A 386 6.79 -14.02 44.83
N LEU A 387 7.04 -13.64 46.07
CA LEU A 387 6.57 -12.38 46.65
C LEU A 387 7.40 -11.20 46.16
N ASN A 388 8.69 -11.43 45.87
CA ASN A 388 9.59 -10.35 45.52
C ASN A 388 9.42 -9.89 44.08
N ASP A 389 9.39 -10.84 43.14
CA ASP A 389 9.53 -10.48 41.72
C ASP A 389 8.25 -9.88 41.16
N LEU A 390 7.09 -10.37 41.61
CA LEU A 390 5.81 -9.86 41.15
C LEU A 390 5.09 -9.24 42.34
N CYS A 391 4.40 -8.13 42.09
CA CYS A 391 3.80 -7.36 43.17
C CYS A 391 2.33 -7.08 42.86
N PHE A 392 1.56 -6.79 43.91
CA PHE A 392 0.18 -6.35 43.78
C PHE A 392 0.06 -4.99 44.43
N THR A 393 -1.00 -4.26 44.06
CA THR A 393 -1.20 -2.91 44.58
C THR A 393 -1.85 -2.93 45.96
N ASN A 394 -2.14 -1.73 46.47
CA ASN A 394 -2.78 -1.45 47.76
C ASN A 394 -1.95 -2.03 48.91
N VAL A 395 -0.78 -1.42 49.13
CA VAL A 395 0.36 -2.06 49.77
C VAL A 395 0.43 -1.42 51.15
N TYR A 396 -0.75 -1.22 51.75
CA TYR A 396 -0.84 -0.72 53.12
C TYR A 396 -0.30 -1.74 54.11
N ALA A 397 0.21 -1.25 55.24
CA ALA A 397 0.94 -2.08 56.19
C ALA A 397 0.34 -1.96 57.58
N ASP A 398 0.45 -3.05 58.34
CA ASP A 398 -0.04 -3.12 59.71
C ASP A 398 1.05 -3.68 60.59
N SER A 399 0.92 -3.45 61.90
CA SER A 399 1.93 -3.88 62.86
C SER A 399 1.34 -3.98 64.26
N PHE A 400 1.78 -5.01 64.99
CA PHE A 400 1.47 -5.27 66.40
C PHE A 400 2.47 -6.31 66.90
N VAL A 401 2.67 -6.35 68.22
CA VAL A 401 3.24 -7.51 68.89
C VAL A 401 2.09 -8.32 69.49
N ILE A 402 1.62 -9.32 68.73
CA ILE A 402 0.53 -10.17 69.20
C ILE A 402 1.07 -11.16 70.23
N ARG A 403 0.23 -11.50 71.21
CA ARG A 403 0.55 -12.58 72.14
C ARG A 403 0.50 -13.89 71.36
N GLY A 404 1.47 -14.77 71.62
CA GLY A 404 1.66 -15.95 70.80
C GLY A 404 0.86 -17.16 71.17
N ASP A 405 -0.18 -16.99 71.99
CA ASP A 405 -1.02 -18.11 72.42
C ASP A 405 -1.84 -18.71 71.29
N GLU A 406 -2.34 -17.88 70.37
CA GLU A 406 -3.32 -18.31 69.37
C GLU A 406 -2.98 -17.78 67.99
N VAL A 407 -1.72 -17.85 67.59
CA VAL A 407 -1.29 -17.32 66.31
C VAL A 407 -1.64 -18.29 65.18
N ARG A 408 -1.94 -19.54 65.53
CA ARG A 408 -2.45 -20.51 64.58
C ARG A 408 -3.92 -20.28 64.23
N GLN A 409 -4.64 -19.48 65.03
CA GLN A 409 -6.02 -19.15 64.76
C GLN A 409 -6.19 -18.09 63.68
N ILE A 410 -5.13 -17.37 63.32
CA ILE A 410 -5.20 -16.37 62.28
C ILE A 410 -5.13 -17.07 60.93
N ALA A 411 -6.29 -17.22 60.31
CA ALA A 411 -6.48 -17.92 59.04
C ALA A 411 -7.78 -17.42 58.45
N PRO A 412 -7.95 -17.49 57.12
CA PRO A 412 -9.26 -17.17 56.54
C PRO A 412 -10.30 -18.23 56.88
N GLY A 413 -11.48 -17.76 57.28
CA GLY A 413 -12.55 -18.64 57.70
C GLY A 413 -12.29 -19.36 59.01
N GLN A 414 -11.68 -18.67 59.98
CA GLN A 414 -11.35 -19.27 61.27
C GLN A 414 -11.48 -18.21 62.36
N THR A 415 -12.30 -18.47 63.36
CA THR A 415 -12.50 -17.55 64.48
C THR A 415 -11.62 -17.96 65.65
N GLY A 416 -11.81 -17.31 66.80
CA GLY A 416 -11.01 -17.59 67.96
C GLY A 416 -11.06 -16.50 69.02
N LYS A 417 -9.89 -16.05 69.47
CA LYS A 417 -9.80 -14.91 70.38
C LYS A 417 -9.13 -13.72 69.69
N ILE A 418 -8.05 -13.96 68.94
CA ILE A 418 -7.46 -12.92 68.12
C ILE A 418 -8.38 -12.57 66.94
N ALA A 419 -9.02 -13.58 66.37
CA ALA A 419 -9.76 -13.42 65.12
C ALA A 419 -11.14 -12.81 65.28
N ASP A 420 -11.61 -12.54 66.49
CA ASP A 420 -12.91 -11.88 66.67
C ASP A 420 -12.83 -10.60 67.49
N TYR A 421 -11.90 -10.52 68.43
CA TYR A 421 -11.80 -9.36 69.30
C TYR A 421 -10.51 -8.56 69.11
N ASN A 422 -9.56 -9.07 68.34
CA ASN A 422 -8.34 -8.31 68.05
C ASN A 422 -8.20 -7.99 66.57
N TYR A 423 -8.11 -8.99 65.69
CA TYR A 423 -7.84 -8.77 64.27
C TYR A 423 -8.19 -10.01 63.44
N LYS A 424 -8.93 -9.82 62.35
CA LYS A 424 -9.42 -10.92 61.52
C LYS A 424 -8.91 -10.76 60.09
N LEU A 425 -8.42 -11.88 59.51
CA LEU A 425 -8.13 -11.93 58.08
C LEU A 425 -9.43 -12.01 57.29
N PRO A 426 -9.55 -11.33 56.15
CA PRO A 426 -10.66 -11.60 55.25
C PRO A 426 -10.45 -12.92 54.51
N ASP A 427 -11.54 -13.44 53.95
CA ASP A 427 -11.46 -14.66 53.17
C ASP A 427 -10.78 -14.39 51.83
N ASP A 428 -10.06 -15.40 51.32
CA ASP A 428 -9.18 -15.34 50.15
C ASP A 428 -8.14 -14.22 50.30
N PHE A 429 -7.29 -14.40 51.31
CA PHE A 429 -6.36 -13.36 51.75
C PHE A 429 -5.23 -13.21 50.74
N THR A 430 -4.94 -11.96 50.37
CA THR A 430 -3.76 -11.60 49.58
C THR A 430 -2.84 -10.80 50.49
N GLY A 431 -1.61 -11.24 50.63
CA GLY A 431 -0.67 -10.58 51.51
C GLY A 431 -0.01 -11.59 52.43
N CYS A 432 0.80 -11.06 53.33
CA CYS A 432 1.52 -11.88 54.29
C CYS A 432 1.37 -11.33 55.70
N VAL A 433 1.19 -12.23 56.66
CA VAL A 433 1.41 -11.95 58.07
C VAL A 433 2.76 -12.57 58.43
N ILE A 434 3.74 -11.71 58.71
CA ILE A 434 5.11 -12.13 58.94
C ILE A 434 5.35 -12.12 60.44
N ALA A 435 5.68 -13.28 61.00
CA ALA A 435 5.85 -13.42 62.44
C ALA A 435 7.23 -13.99 62.75
N TRP A 436 7.88 -13.44 63.77
CA TRP A 436 9.21 -13.86 64.19
C TRP A 436 9.38 -13.42 65.65
N ASN A 437 10.45 -13.89 66.28
CA ASN A 437 10.68 -13.61 67.70
C ASN A 437 11.21 -12.20 67.90
N SER A 438 10.60 -11.48 68.82
CA SER A 438 11.08 -10.19 69.32
C SER A 438 11.19 -10.24 70.83
N ASN A 439 11.85 -11.29 71.35
CA ASN A 439 11.69 -11.63 72.76
C ASN A 439 12.67 -10.87 73.65
N ASN A 440 13.88 -10.59 73.16
CA ASN A 440 14.91 -10.02 74.02
C ASN A 440 14.75 -8.53 74.23
N LEU A 441 13.86 -7.87 73.48
CA LEU A 441 13.70 -6.43 73.54
C LEU A 441 12.32 -6.00 73.99
N ASP A 442 11.27 -6.75 73.68
CA ASP A 442 9.91 -6.40 74.10
C ASP A 442 9.53 -7.07 75.42
N SER A 443 10.42 -6.97 76.42
CA SER A 443 10.22 -7.62 77.71
C SER A 443 11.11 -6.92 78.73
N LYS A 444 10.50 -6.13 79.61
CA LYS A 444 11.26 -5.38 80.61
C LYS A 444 11.19 -6.09 81.97
N VAL A 445 11.69 -5.41 83.01
CA VAL A 445 11.68 -5.97 84.36
C VAL A 445 10.26 -5.98 84.92
N GLY A 446 9.85 -7.12 85.47
CA GLY A 446 8.54 -7.25 86.04
C GLY A 446 7.40 -7.38 85.06
N GLY A 447 7.69 -7.58 83.77
CA GLY A 447 6.64 -7.64 82.77
C GLY A 447 6.53 -6.39 81.92
N ASN A 448 6.45 -6.58 80.61
CA ASN A 448 6.31 -5.46 79.67
C ASN A 448 4.83 -5.09 79.58
N TYR A 449 4.39 -4.19 80.45
CA TYR A 449 3.01 -3.71 80.46
C TYR A 449 2.85 -2.39 79.71
N ASN A 450 3.15 -2.44 78.42
CA ASN A 450 3.14 -1.27 77.56
C ASN A 450 2.08 -1.34 76.48
N TYR A 451 1.75 -2.55 76.01
CA TYR A 451 0.76 -2.77 74.95
C TYR A 451 -0.49 -3.35 75.59
N LEU A 452 -1.50 -2.51 75.78
CA LEU A 452 -2.81 -2.94 76.26
C LEU A 452 -3.56 -3.59 75.09
N TYR A 453 -4.65 -4.29 75.36
CA TYR A 453 -5.33 -4.96 74.27
C TYR A 453 -6.81 -5.06 74.56
N ARG A 454 -7.62 -5.04 73.49
CA ARG A 454 -9.06 -5.12 73.56
C ARG A 454 -9.47 -6.57 73.80
N LEU A 455 -10.00 -6.86 74.98
CA LEU A 455 -10.43 -8.20 75.34
C LEU A 455 -11.93 -8.45 75.13
N PHE A 456 -12.76 -7.41 75.17
CA PHE A 456 -14.20 -7.59 75.12
C PHE A 456 -14.80 -6.62 74.11
N ARG A 457 -15.73 -7.10 73.29
CA ARG A 457 -16.39 -6.25 72.31
C ARG A 457 -17.81 -6.77 72.14
N LYS A 458 -18.74 -5.86 71.78
CA LYS A 458 -20.16 -6.20 71.69
C LYS A 458 -20.44 -7.14 70.52
N SER A 459 -19.85 -6.86 69.36
CA SER A 459 -20.11 -7.63 68.15
C SER A 459 -18.80 -8.17 67.59
N ASN A 460 -18.92 -9.02 66.57
CA ASN A 460 -17.74 -9.58 65.94
C ASN A 460 -17.07 -8.55 65.03
N LEU A 461 -15.75 -8.68 64.91
CA LEU A 461 -14.97 -7.69 64.16
C LEU A 461 -15.02 -7.97 62.67
N LYS A 462 -15.24 -6.91 61.89
CA LYS A 462 -15.02 -6.98 60.46
C LYS A 462 -13.52 -7.11 60.18
N PRO A 463 -13.12 -7.80 59.11
CA PRO A 463 -11.69 -7.86 58.76
C PRO A 463 -11.16 -6.51 58.28
N PHE A 464 -9.87 -6.27 58.59
CA PHE A 464 -9.11 -5.05 58.27
C PHE A 464 -9.77 -3.80 58.84
N GLU A 465 -10.22 -3.91 60.09
CA GLU A 465 -10.90 -2.81 60.78
C GLU A 465 -10.04 -2.34 61.93
N ARG A 466 -9.71 -1.04 61.94
CA ARG A 466 -8.95 -0.48 63.06
C ARG A 466 -9.95 -0.12 64.15
N ASP A 467 -10.00 -0.93 65.20
CA ASP A 467 -10.98 -0.75 66.27
C ASP A 467 -10.35 0.06 67.41
N ILE A 468 -11.03 1.12 67.82
CA ILE A 468 -10.60 1.94 68.95
C ILE A 468 -11.82 2.27 69.81
N SER A 469 -11.69 2.08 71.12
CA SER A 469 -12.76 2.42 72.06
C SER A 469 -12.14 2.68 73.44
N THR A 470 -12.85 3.49 74.21
CA THR A 470 -12.52 3.78 75.60
C THR A 470 -13.63 3.32 76.55
N GLU A 471 -14.87 3.34 76.05
CA GLU A 471 -16.03 2.82 76.76
C GLU A 471 -15.96 1.31 76.97
N ILE A 472 -16.69 0.82 77.96
CA ILE A 472 -16.47 -0.50 78.51
C ILE A 472 -17.58 -1.45 78.05
N TYR A 473 -17.40 -2.74 78.37
CA TYR A 473 -18.22 -3.82 77.82
C TYR A 473 -19.64 -3.83 78.38
N GLN A 474 -20.59 -4.19 77.53
CA GLN A 474 -21.99 -4.37 77.91
C GLN A 474 -22.41 -5.81 77.67
N ALA A 475 -22.86 -6.47 78.74
CA ALA A 475 -23.36 -7.83 78.65
C ALA A 475 -24.68 -8.07 79.38
N GLY A 476 -25.05 -7.23 80.35
CA GLY A 476 -26.25 -7.44 81.14
C GLY A 476 -27.31 -6.39 80.92
N SER A 477 -27.90 -5.90 82.02
CA SER A 477 -28.96 -4.91 81.93
C SER A 477 -28.68 -3.70 82.81
N THR A 478 -27.95 -3.90 83.90
CA THR A 478 -27.61 -2.78 84.78
C THR A 478 -26.47 -1.98 84.16
N PRO A 479 -26.63 -0.68 83.95
CA PRO A 479 -25.57 0.12 83.34
C PRO A 479 -24.48 0.46 84.36
N CYS A 480 -23.29 0.74 83.83
CA CYS A 480 -22.20 1.19 84.67
C CYS A 480 -22.23 2.71 84.78
N ASN A 481 -22.07 3.22 86.00
CA ASN A 481 -22.20 4.65 86.29
C ASN A 481 -20.86 5.35 86.32
N GLY A 482 -19.89 4.87 85.55
CA GLY A 482 -18.53 5.41 85.60
C GLY A 482 -17.65 4.73 86.63
N VAL A 483 -18.09 4.70 87.88
CA VAL A 483 -17.41 3.90 88.90
C VAL A 483 -17.71 2.43 88.63
N GLU A 484 -16.65 1.61 88.65
CA GLU A 484 -16.74 0.22 88.22
C GLU A 484 -17.55 -0.63 89.20
N GLY A 485 -18.49 -1.40 88.66
CA GLY A 485 -19.36 -2.23 89.47
C GLY A 485 -19.19 -3.72 89.25
N PHE A 486 -20.23 -4.49 89.52
CA PHE A 486 -20.17 -5.95 89.43
C PHE A 486 -20.20 -6.48 87.99
N ASN A 487 -20.80 -5.75 87.06
CA ASN A 487 -20.86 -6.20 85.66
C ASN A 487 -20.38 -5.10 84.73
N CYS A 488 -19.22 -4.51 85.03
CA CYS A 488 -18.66 -3.49 84.15
C CYS A 488 -17.75 -4.08 83.09
N TYR A 489 -16.89 -5.04 83.48
CA TYR A 489 -16.06 -5.90 82.61
C TYR A 489 -15.10 -5.07 81.74
N PHE A 490 -14.09 -4.50 82.41
CA PHE A 490 -13.12 -3.55 81.85
C PHE A 490 -12.35 -4.12 80.66
N PRO A 491 -12.36 -3.43 79.50
CA PRO A 491 -11.88 -4.05 78.26
C PRO A 491 -10.37 -4.00 78.06
N LEU A 492 -9.73 -2.91 78.51
CA LEU A 492 -8.30 -2.69 78.24
C LEU A 492 -7.50 -3.43 79.29
N GLN A 493 -7.38 -4.74 79.08
CA GLN A 493 -6.55 -5.58 79.95
C GLN A 493 -5.11 -5.54 79.42
N SER A 494 -4.17 -6.13 80.13
CA SER A 494 -2.76 -5.99 79.81
C SER A 494 -2.14 -7.34 79.49
N TYR A 495 -1.38 -7.40 78.40
CA TYR A 495 -0.51 -8.52 78.07
C TYR A 495 0.58 -8.67 79.11
N GLY A 496 0.73 -9.86 79.67
CA GLY A 496 1.82 -10.14 80.58
C GLY A 496 3.02 -10.69 79.84
N PHE A 497 4.01 -9.83 79.57
CA PHE A 497 5.20 -10.21 78.80
C PHE A 497 6.41 -10.04 79.71
N GLN A 498 6.75 -11.12 80.45
CA GLN A 498 7.83 -11.30 81.40
C GLN A 498 9.01 -12.02 80.75
N PRO A 499 10.25 -11.76 81.19
CA PRO A 499 11.40 -12.45 80.58
C PRO A 499 11.52 -13.94 80.92
N THR A 500 10.82 -14.42 81.95
CA THR A 500 10.82 -15.85 82.23
C THR A 500 9.66 -16.57 81.55
N ASN A 501 8.92 -15.88 80.68
CA ASN A 501 7.90 -16.54 79.87
C ASN A 501 8.54 -17.44 78.82
N GLY A 502 7.75 -18.36 78.31
CA GLY A 502 8.18 -19.23 77.22
C GLY A 502 8.06 -18.55 75.88
N VAL A 503 8.37 -19.33 74.84
CA VAL A 503 8.33 -18.80 73.47
C VAL A 503 6.88 -18.69 72.99
N GLY A 504 5.98 -19.46 73.59
CA GLY A 504 4.57 -19.29 73.28
C GLY A 504 3.96 -18.08 73.97
N TYR A 505 4.51 -17.69 75.11
CA TYR A 505 3.94 -16.59 75.88
C TYR A 505 4.58 -15.25 75.49
N GLN A 506 5.86 -15.26 75.14
CA GLN A 506 6.52 -14.06 74.65
C GLN A 506 5.99 -13.70 73.26
N PRO A 507 5.91 -12.40 72.93
CA PRO A 507 5.19 -12.01 71.70
C PRO A 507 5.94 -12.33 70.42
N TYR A 508 5.27 -13.05 69.53
CA TYR A 508 5.67 -13.10 68.13
C TYR A 508 5.26 -11.78 67.49
N ARG A 509 6.23 -11.05 66.98
CA ARG A 509 5.98 -9.73 66.41
C ARG A 509 5.42 -9.89 65.01
N VAL A 510 4.21 -9.37 64.77
CA VAL A 510 3.51 -9.59 63.50
C VAL A 510 3.45 -8.30 62.71
N VAL A 511 3.80 -8.39 61.42
CA VAL A 511 3.56 -7.31 60.49
C VAL A 511 2.71 -7.87 59.36
N VAL A 512 1.75 -7.06 58.91
CA VAL A 512 0.79 -7.46 57.91
C VAL A 512 1.03 -6.54 56.73
N LEU A 513 1.73 -7.03 55.71
CA LEU A 513 1.86 -6.32 54.45
C LEU A 513 0.62 -6.65 53.63
N SER A 514 -0.41 -5.84 53.77
CA SER A 514 -1.72 -6.10 53.20
C SER A 514 -1.70 -5.89 51.69
N PHE A 515 -2.52 -6.67 50.99
CA PHE A 515 -2.70 -6.55 49.55
C PHE A 515 -4.20 -6.54 49.28
N GLU A 516 -4.68 -5.54 48.57
CA GLU A 516 -6.02 -5.53 48.04
C GLU A 516 -5.97 -5.29 46.53
N LEU A 517 -7.13 -5.19 45.90
CA LEU A 517 -7.22 -4.98 44.45
C LEU A 517 -8.25 -3.87 44.21
N LEU A 518 -7.80 -2.62 44.23
CA LEU A 518 -8.67 -1.48 44.00
C LEU A 518 -8.02 -0.57 42.97
N HIS A 519 -8.80 0.36 42.41
CA HIS A 519 -8.31 1.27 41.38
C HIS A 519 -7.41 2.35 41.98
N ALA A 520 -6.15 1.96 42.18
CA ALA A 520 -5.07 2.80 42.67
C ALA A 520 -3.80 2.47 41.92
N PRO A 521 -2.91 3.46 41.70
CA PRO A 521 -1.63 3.16 41.04
C PRO A 521 -0.70 2.36 41.95
N ALA A 522 0.15 1.56 41.32
CA ALA A 522 1.11 0.76 42.08
C ALA A 522 2.26 1.62 42.58
N THR A 523 2.55 1.51 43.87
CA THR A 523 3.57 2.32 44.53
C THR A 523 4.74 1.52 45.04
N VAL A 524 4.51 0.48 45.84
CA VAL A 524 5.56 -0.28 46.49
C VAL A 524 5.50 -1.71 46.00
N CYS A 525 6.62 -2.21 45.47
CA CYS A 525 6.76 -3.60 45.07
C CYS A 525 8.00 -4.18 45.72
N GLY A 526 8.38 -5.37 45.26
CA GLY A 526 9.67 -5.91 45.59
C GLY A 526 10.70 -5.55 44.53
N PRO A 527 11.95 -5.93 44.73
CA PRO A 527 13.01 -5.52 43.81
C PRO A 527 13.03 -6.37 42.54
N LYS A 528 13.86 -5.95 41.59
CA LYS A 528 14.10 -6.67 40.34
C LYS A 528 15.58 -6.99 40.20
N LYS A 529 15.86 -8.25 39.89
CA LYS A 529 17.23 -8.70 39.72
C LYS A 529 17.73 -8.35 38.32
N SER A 530 19.05 -8.47 38.13
CA SER A 530 19.65 -8.29 36.81
C SER A 530 20.93 -9.11 36.75
N THR A 531 21.14 -9.80 35.62
CA THR A 531 22.29 -10.69 35.48
C THR A 531 23.51 -9.91 34.98
N ASN A 532 24.64 -10.60 34.89
CA ASN A 532 25.88 -10.01 34.41
C ASN A 532 25.83 -9.83 32.89
N LEU A 533 26.73 -8.99 32.38
CA LEU A 533 26.87 -8.76 30.96
C LEU A 533 28.16 -9.39 30.46
N VAL A 534 28.13 -9.91 29.25
CA VAL A 534 29.34 -10.26 28.53
C VAL A 534 29.52 -9.25 27.41
N LYS A 535 30.74 -9.16 26.91
CA LYS A 535 31.07 -8.26 25.82
C LYS A 535 31.55 -9.10 24.65
N ASN A 536 31.63 -8.43 23.48
CA ASN A 536 32.06 -9.00 22.19
C ASN A 536 31.25 -10.23 21.80
N LYS A 537 29.93 -10.16 21.94
CA LYS A 537 29.10 -11.31 21.64
C LYS A 537 27.73 -10.82 21.21
N CYS A 538 27.13 -11.52 20.24
CA CYS A 538 25.76 -11.23 19.83
C CYS A 538 24.82 -11.73 20.91
N VAL A 539 24.28 -10.80 21.70
CA VAL A 539 23.42 -11.17 22.80
C VAL A 539 22.23 -10.21 22.82
N ASN A 540 21.10 -10.71 23.29
CA ASN A 540 19.94 -9.86 23.51
C ASN A 540 20.08 -9.15 24.85
N PHE A 541 19.88 -7.85 24.83
CA PHE A 541 20.05 -7.03 26.03
C PHE A 541 18.71 -6.43 26.41
N ASN A 542 18.51 -6.23 27.70
CA ASN A 542 17.29 -5.60 28.21
C ASN A 542 17.73 -4.60 29.27
N PHE A 543 17.81 -3.33 28.89
CA PHE A 543 18.14 -2.28 29.84
C PHE A 543 16.87 -1.75 30.47
N ASN A 544 16.99 -0.65 31.23
CA ASN A 544 15.85 -0.10 31.95
C ASN A 544 14.84 0.64 31.07
N GLY A 545 14.10 -0.13 30.26
CA GLY A 545 13.09 0.42 29.40
C GLY A 545 13.29 0.05 27.94
N LEU A 546 14.53 -0.01 27.50
CA LEU A 546 14.85 -0.32 26.11
C LEU A 546 15.51 -1.68 26.00
N THR A 547 15.16 -2.40 24.93
CA THR A 547 15.79 -3.68 24.63
C THR A 547 16.14 -3.71 23.16
N GLY A 548 16.97 -4.69 22.80
CA GLY A 548 17.37 -4.87 21.42
C GLY A 548 18.39 -5.97 21.34
N THR A 549 18.82 -6.25 20.11
CA THR A 549 19.83 -7.27 19.88
C THR A 549 21.07 -6.59 19.31
N GLY A 550 22.24 -7.06 19.72
CA GLY A 550 23.46 -6.45 19.25
C GLY A 550 24.68 -7.05 19.93
N VAL A 551 25.81 -6.38 19.72
CA VAL A 551 27.09 -6.77 20.33
C VAL A 551 27.54 -5.65 21.24
N LEU A 552 27.71 -5.95 22.52
CA LEU A 552 28.07 -4.97 23.53
C LEU A 552 29.57 -4.74 23.48
N THR A 553 29.97 -3.56 23.00
CA THR A 553 31.38 -3.23 22.81
C THR A 553 31.76 -2.05 23.69
N GLU A 554 33.06 -1.97 24.00
CA GLU A 554 33.57 -0.82 24.71
C GLU A 554 33.57 0.40 23.79
N SER A 555 33.12 1.52 24.34
CA SER A 555 32.85 2.73 23.57
C SER A 555 34.12 3.52 23.31
N ASN A 556 34.04 4.43 22.35
CA ASN A 556 35.05 5.46 22.17
C ASN A 556 34.54 6.88 22.37
N LYS A 557 33.23 7.10 22.27
CA LYS A 557 32.65 8.40 22.58
C LYS A 557 32.34 8.49 24.06
N LYS A 558 31.90 9.67 24.51
CA LYS A 558 31.59 9.87 25.92
C LYS A 558 30.41 10.84 26.01
N PHE A 559 29.74 10.81 27.17
CA PHE A 559 28.47 11.47 27.38
C PHE A 559 28.53 12.45 28.56
N LEU A 560 27.59 13.39 28.57
CA LEU A 560 27.34 14.32 29.67
C LEU A 560 26.71 13.55 30.84
N PRO A 561 26.66 14.15 32.07
CA PRO A 561 26.02 13.42 33.17
C PRO A 561 24.50 13.26 33.13
N PHE A 562 23.79 13.64 32.06
CA PHE A 562 22.35 13.45 32.04
C PHE A 562 21.85 12.56 30.90
N GLN A 563 22.73 12.00 30.08
CA GLN A 563 22.23 11.00 29.13
C GLN A 563 22.18 9.62 29.78
N GLN A 564 21.53 8.70 29.08
CA GLN A 564 21.60 7.28 29.41
C GLN A 564 21.80 6.41 28.18
N PHE A 565 21.46 6.91 27.00
CA PHE A 565 21.69 6.16 25.77
C PHE A 565 22.06 7.16 24.67
N GLY A 566 22.28 6.65 23.48
CA GLY A 566 22.53 7.48 22.32
C GLY A 566 21.89 6.87 21.10
N ARG A 567 21.49 7.73 20.17
CA ARG A 567 20.83 7.33 18.95
C ARG A 567 21.59 7.99 17.79
N ASP A 568 21.75 7.27 16.68
CA ASP A 568 22.52 7.84 15.57
C ASP A 568 21.62 8.00 14.35
N ILE A 569 22.23 8.23 13.19
CA ILE A 569 21.53 8.57 11.94
C ILE A 569 20.46 7.55 11.53
N ALA A 570 19.30 8.07 11.10
CA ALA A 570 18.05 7.39 10.78
C ALA A 570 17.49 6.60 11.96
N ASP A 571 17.63 7.11 13.19
CA ASP A 571 16.84 6.74 14.38
C ASP A 571 17.05 5.28 14.81
N THR A 572 18.31 4.92 14.95
CA THR A 572 18.68 3.64 15.56
C THR A 572 19.52 3.93 16.79
N THR A 573 19.29 3.18 17.87
CA THR A 573 20.12 3.34 19.05
C THR A 573 21.49 2.74 18.77
N ASP A 574 22.54 3.43 19.21
CA ASP A 574 23.89 2.90 19.06
C ASP A 574 24.68 2.90 20.36
N ALA A 575 24.26 3.66 21.37
CA ALA A 575 24.97 3.74 22.62
C ALA A 575 23.99 3.51 23.75
N VAL A 576 24.53 3.04 24.86
CA VAL A 576 23.75 2.82 26.07
C VAL A 576 24.73 2.96 27.22
N ARG A 577 24.24 3.34 28.39
CA ARG A 577 25.06 3.49 29.58
C ARG A 577 24.40 2.67 30.68
N ASP A 578 25.14 1.72 31.28
CA ASP A 578 24.49 0.78 32.21
C ASP A 578 24.15 1.46 33.54
N PRO A 579 23.08 1.04 34.22
CA PRO A 579 22.70 1.73 35.47
C PRO A 579 23.24 1.09 36.74
N GLN A 580 24.25 0.23 36.66
CA GLN A 580 24.93 -0.26 37.87
C GLN A 580 26.41 0.09 37.93
N THR A 581 27.14 -0.09 36.83
CA THR A 581 28.56 0.21 36.81
C THR A 581 28.81 1.58 36.16
N LEU A 582 27.81 2.12 35.44
CA LEU A 582 27.71 3.51 34.99
C LEU A 582 28.83 3.88 34.01
N GLU A 583 29.04 3.01 33.04
CA GLU A 583 30.10 3.15 32.04
C GLU A 583 29.49 3.29 30.65
N ILE A 584 30.18 3.99 29.77
CA ILE A 584 29.68 4.31 28.44
C ILE A 584 29.93 3.10 27.53
N LEU A 585 28.90 2.65 26.81
CA LEU A 585 28.96 1.45 26.00
C LEU A 585 28.50 1.76 24.58
N ASP A 586 29.07 1.05 23.60
CA ASP A 586 28.66 1.12 22.20
C ASP A 586 28.17 -0.23 21.70
N ILE A 587 27.14 -0.23 20.86
CA ILE A 587 26.59 -1.45 20.31
C ILE A 587 26.88 -1.52 18.82
N THR A 588 26.96 -2.74 18.29
CA THR A 588 26.98 -3.10 16.88
C THR A 588 26.06 -4.29 16.70
N PRO A 589 25.34 -4.39 15.58
CA PRO A 589 24.44 -5.54 15.37
C PRO A 589 25.19 -6.84 15.11
N CYS A 590 24.44 -7.93 15.11
CA CYS A 590 25.03 -9.27 15.13
C CYS A 590 25.60 -9.68 13.78
N SER A 591 26.24 -10.85 13.76
CA SER A 591 26.66 -11.45 12.51
C SER A 591 25.45 -11.96 11.73
N PHE A 592 25.46 -11.70 10.43
CA PHE A 592 24.30 -11.92 9.57
C PHE A 592 24.76 -11.89 8.12
N GLY A 593 23.81 -12.12 7.21
CA GLY A 593 24.03 -11.80 5.82
C GLY A 593 23.25 -12.75 4.95
N GLY A 594 23.39 -12.56 3.64
CA GLY A 594 22.77 -13.43 2.66
C GLY A 594 23.78 -14.41 2.11
N VAL A 595 23.33 -15.52 1.55
CA VAL A 595 24.24 -16.55 1.08
C VAL A 595 24.05 -16.70 -0.42
N SER A 596 25.10 -17.16 -1.09
CA SER A 596 25.05 -17.57 -2.48
C SER A 596 25.91 -18.81 -2.64
N VAL A 597 25.65 -19.57 -3.70
CA VAL A 597 26.47 -20.73 -4.04
C VAL A 597 27.15 -20.48 -5.38
N ILE A 598 28.46 -20.55 -5.37
CA ILE A 598 29.27 -20.67 -6.58
C ILE A 598 29.15 -22.11 -7.05
N THR A 599 28.68 -22.29 -8.28
CA THR A 599 28.70 -23.61 -8.86
C THR A 599 29.40 -23.61 -10.22
N PRO A 600 30.22 -24.62 -10.50
CA PRO A 600 30.95 -24.66 -11.77
C PRO A 600 30.21 -25.34 -12.91
N GLY A 601 28.89 -25.51 -12.79
CA GLY A 601 28.17 -26.27 -13.77
C GLY A 601 27.96 -27.69 -13.27
N THR A 602 26.82 -28.27 -13.62
CA THR A 602 26.52 -29.62 -13.17
C THR A 602 27.33 -30.65 -13.94
N ASN A 603 27.44 -30.49 -15.27
CA ASN A 603 28.10 -31.49 -16.09
C ASN A 603 29.62 -31.47 -15.95
N THR A 604 30.19 -30.37 -15.46
CA THR A 604 31.63 -30.18 -15.55
C THR A 604 32.35 -30.68 -14.31
N SER A 605 32.04 -30.12 -13.15
CA SER A 605 32.70 -30.48 -11.92
C SER A 605 31.61 -30.73 -10.87
N ASN A 606 32.01 -31.32 -9.73
CA ASN A 606 31.04 -31.64 -8.69
C ASN A 606 31.23 -30.79 -7.44
N GLN A 607 32.46 -30.39 -7.11
CA GLN A 607 32.78 -29.62 -5.94
C GLN A 607 32.23 -28.20 -6.06
N VAL A 608 31.78 -27.66 -4.92
CA VAL A 608 31.02 -26.41 -4.89
C VAL A 608 31.64 -25.48 -3.86
N ALA A 609 31.34 -24.19 -4.02
CA ALA A 609 31.73 -23.18 -3.06
C ALA A 609 30.53 -22.33 -2.70
N VAL A 610 30.43 -21.96 -1.44
CA VAL A 610 29.27 -21.27 -0.89
C VAL A 610 29.72 -19.92 -0.37
N LEU A 611 29.02 -18.87 -0.75
CA LEU A 611 29.30 -17.52 -0.29
C LEU A 611 28.66 -17.30 1.06
N TYR A 612 29.48 -16.93 2.04
CA TYR A 612 29.00 -16.34 3.28
C TYR A 612 29.51 -14.91 3.27
N GLN A 613 28.60 -13.96 3.12
CA GLN A 613 29.00 -12.58 2.85
C GLN A 613 29.09 -11.77 4.13
N ASP A 614 29.94 -10.72 4.07
CA ASP A 614 30.28 -9.69 5.08
C ASP A 614 30.37 -10.19 6.53
N VAL A 615 31.07 -11.30 6.69
CA VAL A 615 31.30 -11.92 7.99
C VAL A 615 32.81 -12.15 8.13
N ASN A 616 33.34 -11.84 9.32
CA ASN A 616 34.66 -12.32 9.73
C ASN A 616 34.72 -13.85 9.56
N CYS A 617 35.63 -14.30 8.71
CA CYS A 617 35.73 -15.71 8.34
C CYS A 617 36.38 -16.56 9.42
N THR A 618 35.76 -16.63 10.60
CA THR A 618 36.12 -17.47 11.74
C THR A 618 34.91 -18.17 12.34
N GLU A 619 33.72 -17.59 12.23
CA GLU A 619 32.53 -18.09 12.88
C GLU A 619 31.58 -18.83 11.95
N VAL A 620 32.12 -19.50 10.92
CA VAL A 620 31.26 -20.21 9.96
C VAL A 620 30.55 -21.43 10.55
N PRO A 621 31.17 -22.32 11.35
CA PRO A 621 30.33 -23.31 12.05
C PRO A 621 29.54 -22.77 13.25
N VAL A 622 29.58 -21.46 13.53
CA VAL A 622 28.80 -20.85 14.59
C VAL A 622 27.63 -20.10 13.94
N ALA A 623 27.88 -19.48 12.79
CA ALA A 623 26.84 -18.75 12.06
C ALA A 623 25.81 -19.71 11.47
N ILE A 624 26.29 -20.82 10.90
CA ILE A 624 25.39 -21.90 10.54
C ILE A 624 25.46 -22.95 11.66
N HIS A 625 24.44 -23.77 11.79
CA HIS A 625 24.39 -24.81 12.82
C HIS A 625 25.01 -26.08 12.26
N ALA A 626 26.33 -26.03 12.05
CA ALA A 626 27.03 -27.09 11.34
C ALA A 626 27.22 -28.33 12.20
N ASP A 627 27.08 -28.19 13.51
CA ASP A 627 27.10 -29.35 14.39
C ASP A 627 25.73 -30.00 14.58
N GLN A 628 24.69 -29.50 13.90
CA GLN A 628 23.43 -30.23 13.77
C GLN A 628 23.24 -30.92 12.43
N LEU A 629 24.00 -30.53 11.41
CA LEU A 629 23.76 -31.00 10.05
C LEU A 629 24.43 -32.36 9.80
N THR A 630 24.56 -32.69 8.52
CA THR A 630 25.13 -33.95 8.08
C THR A 630 26.64 -33.98 8.35
N PRO A 631 27.25 -35.17 8.40
CA PRO A 631 28.73 -35.25 8.40
C PRO A 631 29.41 -34.69 7.15
N THR A 632 28.72 -34.58 6.02
CA THR A 632 29.27 -33.96 4.82
C THR A 632 29.44 -32.45 4.98
N TRP A 633 28.50 -31.77 5.65
CA TRP A 633 28.52 -30.30 5.77
C TRP A 633 29.63 -29.80 6.69
N ARG A 634 30.13 -30.67 7.57
CA ARG A 634 31.03 -30.25 8.64
C ARG A 634 32.44 -29.94 8.15
N VAL A 635 32.87 -30.53 7.03
CA VAL A 635 34.17 -30.19 6.45
C VAL A 635 34.09 -29.04 5.45
N TYR A 636 32.90 -28.46 5.26
CA TYR A 636 32.72 -27.28 4.44
C TYR A 636 32.35 -26.06 5.26
N SER A 637 32.56 -26.12 6.57
CA SER A 637 32.54 -24.94 7.42
C SER A 637 33.95 -24.57 7.89
N THR A 638 34.94 -25.42 7.62
CA THR A 638 36.31 -25.23 8.06
C THR A 638 37.20 -26.02 7.11
N GLY A 639 38.49 -25.99 7.38
CA GLY A 639 39.43 -26.81 6.64
C GLY A 639 40.68 -26.02 6.32
N SER A 640 41.44 -26.56 5.37
CA SER A 640 42.59 -25.83 4.84
C SER A 640 42.17 -24.75 3.86
N ASN A 641 41.01 -24.92 3.22
CA ASN A 641 40.55 -24.02 2.16
C ASN A 641 39.65 -22.92 2.75
N VAL A 642 40.17 -22.21 3.74
CA VAL A 642 39.40 -21.15 4.40
C VAL A 642 39.94 -19.83 3.92
N PHE A 643 39.10 -19.03 3.28
CA PHE A 643 39.53 -17.75 2.73
C PHE A 643 38.57 -16.65 3.12
N GLN A 644 39.13 -15.60 3.71
CA GLN A 644 38.45 -14.32 3.89
C GLN A 644 38.83 -13.44 2.71
N THR A 645 37.84 -12.95 2.01
CA THR A 645 38.06 -12.00 0.93
C THR A 645 37.59 -10.63 1.39
N ARG A 646 37.61 -9.70 0.44
CA ARG A 646 36.92 -8.44 0.68
C ARG A 646 35.42 -8.65 0.72
N ALA A 647 34.88 -9.46 -0.19
CA ALA A 647 33.46 -9.70 -0.34
C ALA A 647 32.82 -10.46 0.82
N GLY A 648 33.61 -11.13 1.63
CA GLY A 648 33.11 -11.86 2.77
C GLY A 648 34.02 -13.02 3.09
N CYS A 649 33.41 -14.16 3.38
CA CYS A 649 34.12 -15.39 3.65
C CYS A 649 33.81 -16.40 2.55
N LEU A 650 34.84 -17.01 2.01
CA LEU A 650 34.73 -18.07 1.01
C LEU A 650 35.23 -19.38 1.58
N ILE A 651 34.41 -20.42 1.48
CA ILE A 651 34.80 -21.78 1.78
C ILE A 651 34.79 -22.58 0.48
N GLY A 652 35.79 -23.43 0.30
CA GLY A 652 35.87 -24.32 -0.84
C GLY A 652 36.89 -23.94 -1.87
N ALA A 653 37.38 -22.71 -1.87
CA ALA A 653 38.30 -22.24 -2.89
C ALA A 653 39.62 -21.85 -2.24
N GLU A 654 40.68 -22.56 -2.61
CA GLU A 654 42.03 -22.23 -2.17
C GLU A 654 42.48 -20.97 -2.89
N HIS A 655 43.16 -20.07 -2.19
CA HIS A 655 43.70 -18.91 -2.86
C HIS A 655 45.12 -19.18 -3.32
N VAL A 656 45.38 -18.88 -4.59
CA VAL A 656 46.69 -19.08 -5.18
C VAL A 656 47.29 -17.73 -5.52
N ASN A 657 48.62 -17.65 -5.49
CA ASN A 657 49.31 -16.42 -5.84
C ASN A 657 49.26 -16.14 -7.33
N ASN A 658 49.01 -17.16 -8.15
CA ASN A 658 48.82 -16.95 -9.57
C ASN A 658 47.46 -16.29 -9.82
N SER A 659 47.33 -15.65 -10.98
CA SER A 659 46.13 -14.93 -11.34
C SER A 659 45.70 -15.40 -12.72
N TYR A 660 44.39 -15.41 -12.95
CA TYR A 660 43.81 -16.01 -14.13
C TYR A 660 42.72 -15.09 -14.67
N GLU A 661 42.09 -15.51 -15.76
CA GLU A 661 40.97 -14.77 -16.31
C GLU A 661 39.70 -15.12 -15.56
N CYS A 662 38.83 -14.14 -15.37
CA CYS A 662 37.62 -14.36 -14.58
C CYS A 662 36.57 -15.16 -15.33
N ASP A 663 36.05 -16.18 -14.64
CA ASP A 663 34.97 -17.02 -15.13
C ASP A 663 33.81 -17.04 -14.16
N ILE A 664 34.09 -17.02 -12.86
CA ILE A 664 33.08 -17.01 -11.81
C ILE A 664 32.95 -15.60 -11.25
N PRO A 665 31.83 -14.91 -11.47
CA PRO A 665 31.66 -13.55 -10.93
C PRO A 665 31.24 -13.54 -9.46
N ILE A 666 32.15 -13.14 -8.58
CA ILE A 666 31.85 -12.93 -7.17
C ILE A 666 31.89 -11.44 -6.81
N GLY A 667 32.69 -10.67 -7.50
CA GLY A 667 32.85 -9.26 -7.21
C GLY A 667 34.24 -8.94 -6.73
N ALA A 668 34.49 -7.64 -6.55
CA ALA A 668 35.62 -7.07 -5.78
C ALA A 668 36.99 -7.40 -6.38
N GLY A 669 37.02 -7.69 -7.68
CA GLY A 669 38.27 -7.80 -8.38
C GLY A 669 39.05 -9.08 -8.17
N ILE A 670 38.52 -10.05 -7.44
CA ILE A 670 39.12 -11.37 -7.38
C ILE A 670 38.07 -12.38 -7.84
N CYS A 671 38.51 -13.54 -8.34
CA CYS A 671 37.61 -14.53 -8.92
C CYS A 671 38.07 -15.95 -8.63
N ALA A 672 37.36 -16.91 -9.24
CA ALA A 672 37.58 -18.32 -9.02
C ALA A 672 37.41 -19.09 -10.33
N SER A 673 38.03 -20.27 -10.39
CA SER A 673 37.96 -21.17 -11.54
C SER A 673 38.32 -22.58 -11.08
N TYR A 674 38.28 -23.53 -12.02
CA TYR A 674 38.57 -24.93 -11.78
C TYR A 674 39.81 -25.33 -12.58
N GLN A 675 40.75 -26.02 -11.93
CA GLN A 675 42.00 -26.41 -12.57
C GLN A 675 42.31 -27.90 -12.47
N THR A 676 41.31 -28.71 -12.08
CA THR A 676 41.39 -30.17 -11.90
C THR A 676 42.52 -30.64 -10.98
N SER A 691 40.43 -29.06 -8.14
CA SER A 691 40.26 -28.09 -7.08
C SER A 691 39.79 -26.75 -7.61
N ILE A 692 38.87 -26.10 -6.90
CA ILE A 692 38.53 -24.70 -7.17
C ILE A 692 39.63 -23.82 -6.58
N ILE A 693 40.24 -23.00 -7.42
CA ILE A 693 41.27 -22.06 -6.98
C ILE A 693 40.66 -20.67 -6.90
N ALA A 694 41.33 -19.77 -6.19
CA ALA A 694 40.91 -18.39 -6.07
C ALA A 694 42.05 -17.48 -6.48
N TYR A 695 41.73 -16.51 -7.32
CA TYR A 695 42.70 -15.61 -7.94
C TYR A 695 42.13 -14.21 -8.04
N THR A 696 43.03 -13.23 -8.00
CA THR A 696 42.73 -11.85 -8.35
C THR A 696 42.48 -11.81 -9.85
N MET A 697 41.54 -10.97 -10.30
CA MET A 697 41.19 -10.88 -11.71
C MET A 697 42.34 -10.33 -12.54
N SER A 698 42.69 -11.07 -13.59
CA SER A 698 43.70 -10.64 -14.54
C SER A 698 43.00 -10.26 -15.83
N LEU A 699 43.55 -9.26 -16.52
CA LEU A 699 42.81 -8.62 -17.58
C LEU A 699 43.30 -9.02 -18.96
N GLY A 700 44.60 -9.11 -19.15
CA GLY A 700 45.15 -9.35 -20.46
C GLY A 700 46.65 -9.16 -20.45
N ALA A 701 47.20 -9.09 -21.65
CA ALA A 701 48.64 -8.92 -21.79
C ALA A 701 49.06 -7.51 -21.39
N GLU A 702 50.10 -7.43 -20.58
CA GLU A 702 50.77 -6.16 -20.37
C GLU A 702 51.49 -5.75 -21.64
N ASN A 703 51.00 -4.70 -22.26
CA ASN A 703 51.53 -4.31 -23.55
C ASN A 703 52.22 -2.97 -23.40
N SER A 704 53.53 -2.98 -23.67
CA SER A 704 54.32 -1.77 -23.52
C SER A 704 54.89 -1.45 -24.88
N VAL A 705 54.38 -0.40 -25.50
CA VAL A 705 54.77 -0.05 -26.85
C VAL A 705 56.01 0.84 -26.83
N ALA A 706 57.01 0.45 -27.62
CA ALA A 706 58.38 0.96 -27.48
C ALA A 706 58.50 2.33 -28.18
N TYR A 707 58.39 3.38 -27.38
CA TYR A 707 58.13 4.70 -27.90
C TYR A 707 59.39 5.35 -28.45
N SER A 708 59.21 6.10 -29.53
CA SER A 708 60.28 6.87 -30.13
C SER A 708 59.68 8.04 -30.88
N ASN A 709 60.52 9.01 -31.19
CA ASN A 709 60.17 10.06 -32.11
C ASN A 709 60.22 9.59 -33.56
N ASN A 710 60.86 8.45 -33.82
CA ASN A 710 61.06 7.94 -35.17
C ASN A 710 60.50 6.53 -35.33
N SER A 711 59.29 6.29 -34.83
CA SER A 711 58.73 4.95 -34.84
C SER A 711 57.27 4.96 -35.27
N ILE A 712 57.00 4.48 -36.48
CA ILE A 712 55.64 4.19 -36.91
C ILE A 712 55.51 2.69 -37.11
N ALA A 713 54.48 2.12 -36.51
CA ALA A 713 54.04 0.78 -36.84
C ALA A 713 53.00 0.86 -37.94
N ILE A 714 53.41 0.56 -39.18
CA ILE A 714 52.50 0.49 -40.31
C ILE A 714 52.19 -0.98 -40.56
N PRO A 715 50.93 -1.37 -40.63
CA PRO A 715 50.58 -2.73 -41.02
C PRO A 715 50.92 -2.99 -42.47
N THR A 716 51.51 -4.16 -42.73
CA THR A 716 51.95 -4.49 -44.07
C THR A 716 50.96 -5.37 -44.80
N ASN A 717 49.98 -5.92 -44.10
CA ASN A 717 49.05 -6.87 -44.66
C ASN A 717 47.82 -6.72 -43.79
N PHE A 718 46.81 -7.55 -43.95
CA PHE A 718 45.58 -7.35 -43.18
C PHE A 718 44.85 -8.66 -43.02
N THR A 719 43.73 -8.60 -42.31
CA THR A 719 42.73 -9.62 -42.33
C THR A 719 41.37 -8.96 -42.43
N ILE A 720 40.38 -9.74 -42.84
CA ILE A 720 39.00 -9.30 -42.87
C ILE A 720 38.19 -10.27 -42.04
N SER A 721 37.51 -9.75 -41.03
CA SER A 721 36.73 -10.56 -40.13
C SER A 721 35.25 -10.32 -40.39
N VAL A 722 34.44 -11.30 -40.01
CA VAL A 722 32.99 -11.15 -39.97
C VAL A 722 32.56 -11.28 -38.52
N THR A 723 31.94 -10.23 -38.00
CA THR A 723 31.57 -10.19 -36.60
C THR A 723 30.07 -10.10 -36.47
N THR A 724 29.47 -11.07 -35.80
CA THR A 724 28.04 -11.05 -35.56
C THR A 724 27.71 -10.15 -34.37
N GLU A 725 26.57 -9.48 -34.46
CA GLU A 725 26.11 -8.67 -33.35
C GLU A 725 24.59 -8.69 -33.35
N ILE A 726 24.01 -9.04 -32.21
CA ILE A 726 22.62 -9.46 -32.10
C ILE A 726 21.82 -8.35 -31.43
N LEU A 727 20.70 -7.97 -32.06
CA LEU A 727 19.82 -6.95 -31.48
C LEU A 727 18.41 -7.51 -31.41
N PRO A 728 17.76 -7.45 -30.25
CA PRO A 728 16.36 -7.85 -30.16
C PRO A 728 15.45 -6.68 -30.51
N VAL A 729 14.43 -6.94 -31.33
CA VAL A 729 13.49 -5.88 -31.69
C VAL A 729 12.06 -6.16 -31.26
N SER A 730 11.70 -7.38 -30.87
CA SER A 730 10.30 -7.68 -30.63
C SER A 730 10.19 -8.78 -29.59
N MET A 731 8.97 -9.01 -29.13
CA MET A 731 8.67 -10.13 -28.26
C MET A 731 7.29 -10.69 -28.61
N THR A 732 6.87 -11.69 -27.84
CA THR A 732 5.50 -12.15 -27.93
C THR A 732 4.55 -11.08 -27.41
N LYS A 733 3.46 -10.86 -28.13
CA LYS A 733 2.50 -9.83 -27.76
C LYS A 733 1.45 -10.47 -26.86
N THR A 734 0.92 -9.71 -25.94
CA THR A 734 0.04 -10.26 -24.91
C THR A 734 -1.21 -9.42 -24.81
N SER A 735 -2.37 -10.07 -24.75
CA SER A 735 -3.61 -9.41 -24.42
C SER A 735 -4.23 -10.13 -23.23
N VAL A 736 -4.49 -9.37 -22.18
CA VAL A 736 -5.08 -9.90 -20.97
C VAL A 736 -6.37 -9.13 -20.71
N ASP A 737 -7.50 -9.80 -20.82
CA ASP A 737 -8.73 -9.26 -20.29
C ASP A 737 -8.59 -9.36 -18.78
N CYS A 738 -8.92 -8.27 -18.08
CA CYS A 738 -8.84 -8.30 -16.62
C CYS A 738 -9.93 -9.19 -16.05
N THR A 739 -11.11 -9.18 -16.70
CA THR A 739 -12.35 -9.66 -16.08
C THR A 739 -12.36 -11.17 -15.88
N MET A 740 -11.91 -11.93 -16.87
CA MET A 740 -11.76 -13.36 -16.61
C MET A 740 -10.42 -13.68 -15.95
N TYR A 741 -9.51 -12.72 -15.84
CA TYR A 741 -8.35 -12.97 -14.98
C TYR A 741 -8.73 -12.92 -13.51
N ILE A 742 -9.77 -12.16 -13.16
CA ILE A 742 -9.98 -11.93 -11.75
C ILE A 742 -10.81 -13.05 -11.13
N CYS A 743 -12.11 -13.09 -11.44
CA CYS A 743 -12.97 -14.20 -11.04
C CYS A 743 -13.35 -14.96 -12.31
N GLY A 744 -13.98 -14.26 -13.25
CA GLY A 744 -14.41 -14.89 -14.46
C GLY A 744 -15.79 -15.46 -14.35
N ASP A 745 -16.77 -14.69 -14.86
CA ASP A 745 -18.24 -14.87 -14.78
C ASP A 745 -18.70 -15.18 -13.36
N SER A 746 -18.47 -14.19 -12.50
CA SER A 746 -18.97 -14.21 -11.13
C SER A 746 -19.74 -12.93 -10.93
N THR A 747 -20.93 -13.06 -10.35
CA THR A 747 -21.89 -11.96 -10.35
C THR A 747 -21.51 -10.89 -9.34
N GLU A 748 -21.16 -11.29 -8.12
CA GLU A 748 -20.83 -10.29 -7.11
C GLU A 748 -19.38 -9.83 -7.22
N CYS A 749 -18.54 -10.59 -7.95
CA CYS A 749 -17.25 -10.07 -8.37
C CYS A 749 -17.49 -8.87 -9.29
N SER A 750 -18.41 -9.00 -10.24
CA SER A 750 -18.69 -7.92 -11.14
C SER A 750 -19.55 -6.82 -10.51
N ASN A 751 -20.26 -7.13 -9.43
CA ASN A 751 -20.81 -6.06 -8.58
C ASN A 751 -19.70 -5.27 -7.93
N LEU A 752 -18.74 -5.96 -7.31
CA LEU A 752 -17.74 -5.25 -6.52
C LEU A 752 -16.62 -4.69 -7.40
N LEU A 753 -16.45 -5.20 -8.62
CA LEU A 753 -15.41 -4.66 -9.48
C LEU A 753 -15.83 -3.34 -10.12
N LEU A 754 -17.11 -3.20 -10.44
CA LEU A 754 -17.59 -1.93 -10.98
C LEU A 754 -17.62 -0.87 -9.89
N GLN A 755 -17.81 -1.28 -8.64
CA GLN A 755 -17.53 -0.41 -7.51
C GLN A 755 -16.07 0.00 -7.45
N TYR A 756 -15.16 -0.92 -7.76
CA TYR A 756 -13.75 -0.67 -7.53
C TYR A 756 -13.08 -0.10 -8.79
N GLY A 757 -13.85 0.14 -9.83
CA GLY A 757 -13.50 1.19 -10.78
C GLY A 757 -13.10 0.64 -12.14
N SER A 758 -12.33 1.43 -12.87
CA SER A 758 -12.01 1.20 -14.28
C SER A 758 -10.52 1.11 -14.47
N PHE A 759 -9.88 0.28 -13.65
CA PHE A 759 -8.46 -0.03 -13.82
C PHE A 759 -8.26 -0.91 -15.06
N CYS A 760 -9.30 -1.69 -15.40
CA CYS A 760 -9.29 -2.60 -16.54
C CYS A 760 -9.06 -1.90 -17.86
N THR A 761 -9.74 -0.79 -18.09
CA THR A 761 -9.64 -0.08 -19.36
C THR A 761 -8.26 0.54 -19.52
N GLN A 762 -7.69 1.02 -18.41
CA GLN A 762 -6.36 1.61 -18.44
C GLN A 762 -5.26 0.57 -18.66
N LEU A 763 -5.33 -0.58 -17.98
CA LEU A 763 -4.28 -1.58 -18.16
C LEU A 763 -4.42 -2.29 -19.50
N ASN A 764 -5.66 -2.47 -19.96
CA ASN A 764 -5.89 -3.09 -21.26
C ASN A 764 -5.48 -2.16 -22.39
N ARG A 765 -5.66 -0.84 -22.21
CA ARG A 765 -5.20 0.13 -23.18
C ARG A 765 -3.68 0.17 -23.24
N ALA A 766 -3.03 0.10 -22.08
CA ALA A 766 -1.57 0.11 -22.04
C ALA A 766 -0.98 -1.19 -22.59
N LEU A 767 -1.71 -2.29 -22.45
CA LEU A 767 -1.21 -3.57 -22.92
C LEU A 767 -1.52 -3.80 -24.40
N THR A 768 -2.55 -3.15 -24.93
CA THR A 768 -2.79 -3.18 -26.37
C THR A 768 -1.85 -2.24 -27.08
N GLY A 769 -1.51 -1.14 -26.39
CA GLY A 769 -0.65 -0.13 -26.93
C GLY A 769 0.76 -0.62 -27.19
N ILE A 770 1.26 -1.51 -26.34
CA ILE A 770 2.60 -2.04 -26.56
C ILE A 770 2.59 -3.09 -27.67
N ALA A 771 1.43 -3.68 -27.95
CA ALA A 771 1.34 -4.65 -29.03
C ALA A 771 1.36 -3.96 -30.39
N VAL A 772 0.52 -2.94 -30.57
CA VAL A 772 0.58 -2.19 -31.84
C VAL A 772 1.84 -1.32 -31.91
N GLU A 773 2.38 -0.93 -30.75
CA GLU A 773 3.67 -0.25 -30.65
C GLU A 773 4.81 -1.16 -31.07
N GLN A 774 4.75 -2.45 -30.76
CA GLN A 774 5.89 -3.30 -31.04
C GLN A 774 5.78 -3.88 -32.46
N ASP A 775 4.55 -3.90 -32.98
CA ASP A 775 4.33 -4.02 -34.42
C ASP A 775 4.99 -2.88 -35.19
N LYS A 776 4.81 -1.65 -34.69
CA LYS A 776 5.49 -0.49 -35.25
C LYS A 776 7.00 -0.60 -35.10
N ASN A 777 7.48 -1.26 -34.02
CA ASN A 777 8.91 -1.45 -33.80
C ASN A 777 9.55 -2.35 -34.85
N THR A 778 8.91 -3.48 -35.13
CA THR A 778 9.50 -4.36 -36.14
C THR A 778 9.28 -3.83 -37.55
N GLN A 779 8.21 -3.05 -37.77
CA GLN A 779 8.03 -2.37 -39.05
C GLN A 779 9.05 -1.25 -39.22
N GLU A 780 9.47 -0.64 -38.11
CA GLU A 780 10.52 0.36 -38.12
C GLU A 780 11.86 -0.24 -38.48
N VAL A 781 12.19 -1.40 -37.92
CA VAL A 781 13.55 -1.90 -38.11
C VAL A 781 13.69 -2.65 -39.44
N PHE A 782 12.61 -3.26 -39.95
CA PHE A 782 12.81 -4.05 -41.16
C PHE A 782 12.34 -3.39 -42.45
N ALA A 783 11.23 -2.66 -42.45
CA ALA A 783 10.68 -2.12 -43.70
C ALA A 783 11.31 -0.77 -44.01
N GLN A 784 12.60 -0.80 -44.36
CA GLN A 784 13.31 0.40 -44.72
C GLN A 784 13.64 0.46 -46.20
N VAL A 785 13.06 -0.43 -46.99
CA VAL A 785 13.23 -0.45 -48.43
C VAL A 785 11.95 0.00 -49.10
N LYS A 786 12.09 0.61 -50.27
CA LYS A 786 10.93 1.00 -51.04
C LYS A 786 10.49 -0.13 -51.97
N GLN A 787 11.45 -0.81 -52.56
CA GLN A 787 11.24 -1.90 -53.50
C GLN A 787 11.74 -3.19 -52.86
N ILE A 788 11.56 -4.30 -53.55
CA ILE A 788 12.04 -5.60 -53.08
C ILE A 788 13.02 -6.04 -54.14
N TYR A 789 14.31 -5.92 -53.84
CA TYR A 789 15.30 -6.33 -54.80
C TYR A 789 15.50 -7.83 -54.71
N LYS A 790 15.86 -8.44 -55.83
CA LYS A 790 16.29 -9.82 -55.81
C LYS A 790 17.60 -9.91 -56.58
N THR A 791 18.34 -10.91 -56.28
CA THR A 791 19.60 -11.19 -56.93
C THR A 791 19.35 -11.68 -58.35
N PRO A 792 20.31 -11.49 -59.26
CA PRO A 792 20.25 -12.18 -60.54
C PRO A 792 20.42 -13.69 -60.35
N PRO A 793 19.86 -14.49 -61.25
CA PRO A 793 19.96 -15.96 -61.09
C PRO A 793 21.37 -16.50 -61.25
N ILE A 794 22.23 -15.80 -61.98
CA ILE A 794 23.66 -16.09 -61.98
C ILE A 794 24.29 -15.25 -60.88
N LYS A 795 25.05 -15.89 -60.02
CA LYS A 795 25.60 -15.23 -58.84
C LYS A 795 27.12 -15.17 -59.00
N ASP A 796 27.58 -14.13 -59.69
CA ASP A 796 29.00 -13.91 -59.95
C ASP A 796 29.37 -12.59 -59.30
N PHE A 797 29.79 -12.64 -58.04
CA PHE A 797 30.13 -11.47 -57.25
C PHE A 797 31.64 -11.35 -57.04
N GLY A 798 32.43 -11.59 -58.09
CA GLY A 798 33.85 -11.31 -58.05
C GLY A 798 34.69 -12.23 -57.18
N GLY A 799 34.37 -13.53 -57.13
CA GLY A 799 35.11 -14.48 -56.33
C GLY A 799 34.57 -14.64 -54.92
N PHE A 800 33.72 -13.71 -54.50
CA PHE A 800 33.07 -13.78 -53.20
C PHE A 800 31.93 -14.78 -53.27
N ASN A 801 31.65 -15.46 -52.17
CA ASN A 801 30.63 -16.51 -52.16
C ASN A 801 29.58 -16.13 -51.13
N PHE A 802 28.41 -15.73 -51.61
CA PHE A 802 27.22 -15.46 -50.83
C PHE A 802 26.13 -16.51 -50.99
N SER A 803 26.51 -17.78 -51.08
CA SER A 803 25.49 -18.83 -51.04
C SER A 803 24.94 -18.99 -49.63
N GLN A 804 25.70 -18.59 -48.62
CA GLN A 804 25.39 -18.92 -47.24
C GLN A 804 24.37 -17.97 -46.62
N ILE A 805 24.13 -16.80 -47.20
CA ILE A 805 23.20 -15.83 -46.63
C ILE A 805 22.07 -15.46 -47.57
N LEU A 806 22.17 -15.78 -48.83
CA LEU A 806 21.08 -15.54 -49.77
C LEU A 806 19.97 -16.57 -49.54
N PRO A 807 18.72 -16.28 -49.93
CA PRO A 807 17.63 -17.23 -49.70
C PRO A 807 17.73 -18.51 -50.52
N ASP A 808 17.25 -19.60 -49.91
CA ASP A 808 17.31 -20.95 -50.48
C ASP A 808 16.00 -21.28 -51.14
N PRO A 809 15.96 -21.51 -52.46
CA PRO A 809 14.69 -21.88 -53.09
C PRO A 809 14.32 -23.34 -52.91
N SER A 810 15.21 -24.16 -52.33
CA SER A 810 14.91 -25.58 -52.15
C SER A 810 13.90 -25.80 -51.03
N LYS A 811 14.10 -25.14 -49.89
CA LYS A 811 13.15 -25.28 -48.81
C LYS A 811 11.92 -24.41 -49.08
N PRO A 812 10.73 -24.81 -48.55
CA PRO A 812 9.55 -23.95 -48.64
C PRO A 812 9.59 -22.74 -47.72
N SER A 813 10.54 -22.73 -46.77
CA SER A 813 10.67 -21.63 -45.82
C SER A 813 11.14 -20.32 -46.47
N LYS A 814 11.82 -20.42 -47.62
CA LYS A 814 12.35 -19.29 -48.41
C LYS A 814 13.29 -18.42 -47.59
N ARG A 815 14.21 -19.05 -46.87
CA ARG A 815 15.16 -18.40 -45.98
C ARG A 815 16.57 -18.82 -46.33
N SER A 816 17.54 -18.33 -45.54
CA SER A 816 18.93 -18.68 -45.82
C SER A 816 19.39 -19.84 -44.94
N PHE A 817 20.62 -20.29 -45.20
CA PHE A 817 21.20 -21.41 -44.45
C PHE A 817 21.56 -20.99 -43.03
N ILE A 818 21.98 -19.73 -42.85
CA ILE A 818 22.31 -19.26 -41.51
C ILE A 818 21.04 -19.02 -40.70
N GLU A 819 19.98 -18.51 -41.35
CA GLU A 819 18.74 -18.19 -40.64
C GLU A 819 18.02 -19.44 -40.16
N ASP A 820 18.12 -20.54 -40.91
CA ASP A 820 17.53 -21.79 -40.46
C ASP A 820 18.33 -22.38 -39.31
N LEU A 821 19.64 -22.15 -39.29
CA LEU A 821 20.45 -22.51 -38.13
C LEU A 821 20.09 -21.64 -36.92
N LEU A 822 19.67 -20.40 -37.19
CA LEU A 822 19.22 -19.52 -36.12
C LEU A 822 17.86 -19.92 -35.53
N PHE A 823 16.88 -20.30 -36.36
CA PHE A 823 15.63 -20.80 -35.78
C PHE A 823 15.75 -22.20 -35.22
N ASN A 824 16.72 -22.99 -35.67
CA ASN A 824 16.95 -24.24 -34.97
C ASN A 824 17.64 -24.01 -33.64
N LYS A 825 18.36 -22.89 -33.50
CA LYS A 825 19.06 -22.62 -32.25
C LYS A 825 18.15 -22.23 -31.09
N VAL A 826 17.14 -21.37 -31.32
CA VAL A 826 16.39 -20.82 -30.20
C VAL A 826 15.11 -21.60 -29.96
N THR A 827 14.90 -22.04 -28.71
CA THR A 827 13.73 -22.82 -28.32
C THR A 827 13.24 -22.34 -26.96
N LEU A 828 12.12 -22.91 -26.49
CA LEU A 828 11.62 -22.63 -25.15
C LEU A 828 11.84 -23.87 -24.27
N ALA A 852 2.16 -19.31 -21.60
CA ALA A 852 2.02 -19.49 -23.04
C ALA A 852 0.75 -20.28 -23.36
N GLN A 853 0.05 -20.71 -22.31
CA GLN A 853 -1.18 -21.47 -22.45
C GLN A 853 -2.36 -20.53 -22.22
N LYS A 854 -3.56 -21.05 -22.37
CA LYS A 854 -4.76 -20.20 -22.44
C LYS A 854 -5.65 -20.50 -21.25
N PHE A 855 -5.43 -19.78 -20.16
CA PHE A 855 -6.30 -19.87 -19.00
C PHE A 855 -6.26 -18.49 -18.36
N ASN A 856 -7.34 -18.15 -17.65
CA ASN A 856 -7.63 -16.85 -17.05
C ASN A 856 -7.68 -15.73 -18.07
N GLY A 857 -8.05 -16.02 -19.30
CA GLY A 857 -8.13 -14.98 -20.31
C GLY A 857 -6.82 -14.58 -20.92
N LEU A 858 -5.74 -15.29 -20.61
CA LEU A 858 -4.43 -15.00 -21.17
C LEU A 858 -4.39 -15.36 -22.64
N THR A 859 -4.29 -14.34 -23.47
CA THR A 859 -4.29 -14.53 -24.91
C THR A 859 -3.00 -13.96 -25.48
N VAL A 860 -2.26 -14.83 -26.17
CA VAL A 860 -1.09 -14.41 -26.93
C VAL A 860 -1.58 -14.01 -28.32
N LEU A 861 -1.00 -12.97 -28.86
CA LEU A 861 -1.49 -12.37 -30.09
C LEU A 861 -0.45 -12.51 -31.19
N PRO A 862 -0.84 -12.84 -32.42
CA PRO A 862 0.15 -13.05 -33.47
C PRO A 862 0.64 -11.73 -34.05
N PRO A 863 1.89 -11.67 -34.50
CA PRO A 863 2.40 -10.44 -35.10
C PRO A 863 1.87 -10.24 -36.51
N LEU A 864 1.93 -8.98 -36.97
CA LEU A 864 1.45 -8.64 -38.30
C LEU A 864 2.31 -9.21 -39.41
N LEU A 865 3.62 -9.00 -39.36
CA LEU A 865 4.52 -9.50 -40.39
C LEU A 865 4.65 -11.00 -40.20
N THR A 866 4.54 -11.76 -41.28
CA THR A 866 4.83 -13.17 -41.11
C THR A 866 6.34 -13.34 -41.03
N ASP A 867 6.75 -14.52 -40.59
CA ASP A 867 8.17 -14.75 -40.34
C ASP A 867 8.92 -14.85 -41.66
N GLU A 868 8.24 -15.37 -42.68
CA GLU A 868 8.77 -15.37 -44.04
C GLU A 868 8.77 -13.99 -44.65
N MET A 869 7.92 -13.09 -44.15
CA MET A 869 7.85 -11.76 -44.72
C MET A 869 9.02 -10.92 -44.20
N ILE A 870 9.40 -11.16 -42.93
CA ILE A 870 10.60 -10.57 -42.34
C ILE A 870 11.84 -11.10 -43.05
N ALA A 871 11.82 -12.40 -43.39
CA ALA A 871 12.89 -12.98 -44.19
C ALA A 871 12.92 -12.39 -45.61
N GLN A 872 11.75 -12.02 -46.14
CA GLN A 872 11.69 -11.40 -47.46
C GLN A 872 12.24 -9.98 -47.43
N TYR A 873 11.92 -9.22 -46.38
CA TYR A 873 12.53 -7.90 -46.17
C TYR A 873 14.03 -7.95 -46.01
N THR A 874 14.54 -8.90 -45.22
CA THR A 874 15.99 -8.91 -45.04
C THR A 874 16.69 -9.53 -46.26
N SER A 875 15.98 -10.31 -47.07
CA SER A 875 16.53 -10.74 -48.35
C SER A 875 16.54 -9.60 -49.35
N ALA A 876 15.54 -8.72 -49.27
CA ALA A 876 15.53 -7.53 -50.13
C ALA A 876 16.61 -6.54 -49.74
N LEU A 877 16.83 -6.36 -48.43
CA LEU A 877 17.91 -5.52 -47.92
C LEU A 877 19.27 -6.09 -48.30
N LEU A 878 19.40 -7.41 -48.23
CA LEU A 878 20.62 -8.07 -48.65
C LEU A 878 20.86 -7.94 -50.15
N ALA A 879 19.79 -8.06 -50.94
CA ALA A 879 19.92 -7.90 -52.39
C ALA A 879 20.27 -6.47 -52.77
N GLY A 880 19.68 -5.49 -52.07
CA GLY A 880 20.02 -4.10 -52.32
C GLY A 880 21.43 -3.75 -51.93
N THR A 881 21.89 -4.26 -50.79
CA THR A 881 23.26 -3.96 -50.39
C THR A 881 24.30 -4.81 -51.12
N ILE A 882 23.88 -5.86 -51.86
CA ILE A 882 24.86 -6.56 -52.66
C ILE A 882 24.95 -5.96 -54.06
N THR A 883 23.83 -5.57 -54.68
CA THR A 883 23.94 -5.16 -56.07
C THR A 883 23.86 -3.65 -56.28
N SER A 884 23.50 -2.88 -55.26
CA SER A 884 23.38 -1.45 -55.46
C SER A 884 24.42 -0.64 -54.70
N GLY A 885 25.38 -1.28 -54.06
CA GLY A 885 26.30 -0.54 -53.23
C GLY A 885 25.61 -0.08 -51.97
N TRP A 886 25.62 1.22 -51.75
CA TRP A 886 24.78 1.84 -50.75
C TRP A 886 23.83 2.87 -51.34
N THR A 887 23.70 2.91 -52.65
CA THR A 887 22.87 3.93 -53.29
C THR A 887 21.39 3.61 -53.18
N PHE A 888 21.03 2.36 -52.87
CA PHE A 888 19.63 2.03 -52.71
C PHE A 888 19.07 2.53 -51.39
N GLY A 889 19.92 2.83 -50.42
CA GLY A 889 19.47 3.44 -49.20
C GLY A 889 19.25 4.92 -49.28
N ALA A 890 19.65 5.54 -50.38
CA ALA A 890 19.45 6.97 -50.58
C ALA A 890 18.32 7.28 -51.54
N GLY A 891 18.37 6.78 -52.76
CA GLY A 891 17.34 7.06 -53.75
C GLY A 891 17.00 5.84 -54.53
N ALA A 892 17.02 5.96 -55.86
CA ALA A 892 16.84 4.81 -56.72
C ALA A 892 18.08 3.92 -56.69
N ALA A 893 17.86 2.62 -56.78
CA ALA A 893 18.96 1.67 -56.74
C ALA A 893 19.73 1.69 -58.06
N LEU A 894 21.05 1.81 -57.96
CA LEU A 894 21.91 1.91 -59.12
C LEU A 894 22.83 0.70 -59.15
N GLN A 895 22.82 -0.02 -60.28
CA GLN A 895 23.64 -1.22 -60.40
C GLN A 895 25.12 -0.85 -60.48
N ILE A 896 25.93 -1.67 -59.83
CA ILE A 896 27.37 -1.45 -59.72
C ILE A 896 28.00 -2.81 -59.45
N PRO A 897 29.09 -3.17 -60.13
CA PRO A 897 29.74 -4.45 -59.85
C PRO A 897 30.40 -4.44 -58.48
N PHE A 898 30.54 -5.63 -57.90
CA PHE A 898 30.83 -5.76 -56.48
C PHE A 898 32.27 -5.36 -56.16
N ALA A 899 33.16 -5.52 -57.14
CA ALA A 899 34.55 -5.12 -56.94
C ALA A 899 34.69 -3.60 -56.98
N MET A 900 33.74 -2.89 -57.57
CA MET A 900 33.74 -1.45 -57.42
C MET A 900 33.22 -1.04 -56.05
N GLN A 901 32.26 -1.79 -55.52
CA GLN A 901 31.70 -1.44 -54.22
C GLN A 901 32.69 -1.67 -53.10
N MET A 902 33.46 -2.77 -53.19
CA MET A 902 34.49 -3.02 -52.19
C MET A 902 35.67 -2.05 -52.34
N ALA A 903 35.93 -1.57 -53.56
CA ALA A 903 36.97 -0.56 -53.73
C ALA A 903 36.50 0.79 -53.23
N TYR A 904 35.19 1.02 -53.27
CA TYR A 904 34.64 2.24 -52.71
C TYR A 904 34.71 2.18 -51.19
N ARG A 905 34.43 1.02 -50.63
CA ARG A 905 34.42 0.90 -49.17
C ARG A 905 35.83 0.86 -48.59
N PHE A 906 36.81 0.34 -49.34
CA PHE A 906 38.21 0.61 -48.95
C PHE A 906 38.60 2.06 -49.13
N ASN A 907 37.96 2.79 -50.04
CA ASN A 907 38.33 4.18 -50.23
C ASN A 907 37.77 5.01 -49.06
N GLY A 908 36.66 4.55 -48.48
CA GLY A 908 36.14 5.17 -47.28
C GLY A 908 36.98 4.95 -46.05
N ILE A 909 37.70 3.83 -45.97
CA ILE A 909 38.63 3.58 -44.88
C ILE A 909 39.83 4.50 -44.95
N GLY A 910 40.44 4.63 -46.11
CA GLY A 910 41.60 5.47 -46.25
C GLY A 910 42.75 4.81 -46.97
N VAL A 911 42.66 3.52 -47.27
CA VAL A 911 43.59 2.86 -48.16
C VAL A 911 43.11 3.10 -49.58
N THR A 912 44.02 2.93 -50.54
CA THR A 912 43.62 3.20 -51.91
C THR A 912 42.88 2.02 -52.52
N GLN A 913 42.52 2.17 -53.79
CA GLN A 913 41.69 1.16 -54.44
C GLN A 913 42.51 -0.05 -54.86
N ASN A 914 43.83 0.09 -54.94
CA ASN A 914 44.62 -0.97 -55.54
C ASN A 914 44.88 -2.11 -54.57
N VAL A 915 44.66 -1.89 -53.27
CA VAL A 915 44.91 -2.98 -52.34
C VAL A 915 43.75 -3.96 -52.34
N LEU A 916 42.59 -3.55 -52.84
CA LEU A 916 41.56 -4.50 -53.23
C LEU A 916 41.94 -5.26 -54.47
N TYR A 917 42.23 -4.55 -55.56
CA TYR A 917 42.32 -5.13 -56.88
C TYR A 917 43.59 -5.95 -57.08
N GLU A 918 44.61 -5.71 -56.27
CA GLU A 918 45.76 -6.60 -56.32
C GLU A 918 45.60 -7.79 -55.38
N ASN A 919 44.59 -7.79 -54.53
CA ASN A 919 44.41 -8.86 -53.55
C ASN A 919 43.00 -9.40 -53.56
N GLN A 920 42.33 -9.40 -54.71
CA GLN A 920 40.89 -9.65 -54.80
C GLN A 920 40.55 -11.10 -54.48
N LYS A 921 41.32 -12.04 -55.01
CA LYS A 921 41.08 -13.45 -54.73
C LYS A 921 41.47 -13.79 -53.31
N LEU A 922 42.46 -13.09 -52.76
CA LEU A 922 42.87 -13.30 -51.38
C LEU A 922 41.81 -12.78 -50.41
N ILE A 923 41.25 -11.61 -50.71
CA ILE A 923 40.17 -11.03 -49.89
C ILE A 923 38.91 -11.88 -49.98
N ALA A 924 38.64 -12.44 -51.17
CA ALA A 924 37.50 -13.33 -51.35
C ALA A 924 37.69 -14.64 -50.59
N ASN A 925 38.93 -15.16 -50.55
CA ASN A 925 39.20 -16.38 -49.81
C ASN A 925 39.10 -16.18 -48.31
N GLN A 926 39.61 -15.03 -47.82
CA GLN A 926 39.54 -14.70 -46.40
C GLN A 926 38.10 -14.47 -45.95
N PHE A 927 37.33 -13.79 -46.79
CA PHE A 927 35.92 -13.53 -46.48
C PHE A 927 35.09 -14.80 -46.53
N ASN A 928 35.31 -15.65 -47.52
CA ASN A 928 34.51 -16.85 -47.66
C ASN A 928 34.92 -17.90 -46.63
N SER A 929 36.14 -17.81 -46.13
CA SER A 929 36.49 -18.60 -44.96
C SER A 929 35.84 -18.04 -43.71
N ALA A 930 35.74 -16.72 -43.61
CA ALA A 930 35.20 -16.09 -42.41
C ALA A 930 33.70 -16.24 -42.32
N ILE A 931 33.03 -16.38 -43.46
CA ILE A 931 31.59 -16.63 -43.48
C ILE A 931 31.29 -18.02 -42.95
N GLY A 932 32.12 -19.00 -43.31
CA GLY A 932 31.88 -20.37 -42.86
C GLY A 932 32.22 -20.59 -41.40
N LYS A 933 33.03 -19.70 -40.83
CA LYS A 933 33.34 -19.81 -39.41
C LYS A 933 32.20 -19.28 -38.55
N ILE A 934 31.27 -18.51 -39.14
CA ILE A 934 30.11 -18.00 -38.40
C ILE A 934 29.18 -19.15 -38.03
N GLN A 935 29.04 -20.11 -38.96
CA GLN A 935 28.22 -21.29 -38.72
C GLN A 935 28.86 -22.19 -37.67
N ASP A 936 30.19 -22.22 -37.63
CA ASP A 936 30.87 -22.90 -36.53
C ASP A 936 30.80 -22.08 -35.26
N SER A 937 30.76 -20.74 -35.38
CA SER A 937 30.63 -19.91 -34.18
C SER A 937 29.25 -19.98 -33.57
N LEU A 938 28.21 -20.19 -34.38
CA LEU A 938 26.87 -20.26 -33.84
C LEU A 938 26.43 -21.69 -33.53
N SER A 939 26.69 -22.64 -34.43
CA SER A 939 26.17 -23.99 -34.29
C SER A 939 26.87 -24.80 -33.21
N SER A 940 28.13 -24.48 -32.89
CA SER A 940 28.84 -25.19 -31.84
C SER A 940 28.70 -24.49 -30.49
N THR A 941 27.91 -23.42 -30.41
CA THR A 941 27.76 -22.66 -29.19
C THR A 941 26.28 -22.54 -28.86
N ALA A 942 25.85 -23.18 -27.78
CA ALA A 942 24.46 -23.12 -27.35
C ALA A 942 24.12 -21.84 -26.60
N SER A 943 25.13 -21.05 -26.22
CA SER A 943 24.94 -19.79 -25.53
C SER A 943 25.27 -18.59 -26.42
N ALA A 944 25.16 -18.76 -27.75
CA ALA A 944 25.49 -17.68 -28.66
C ALA A 944 24.37 -16.64 -28.72
N LEU A 945 23.12 -17.09 -28.60
CA LEU A 945 21.95 -16.25 -28.78
C LEU A 945 21.27 -15.88 -27.47
N GLY A 946 22.04 -15.58 -26.43
CA GLY A 946 21.45 -15.39 -25.11
C GLY A 946 20.65 -14.11 -24.98
N LYS A 947 21.03 -13.08 -25.75
CA LYS A 947 20.32 -11.81 -25.64
C LYS A 947 19.03 -11.82 -26.44
N LEU A 948 18.81 -12.85 -27.26
CA LEU A 948 17.46 -13.11 -27.76
C LEU A 948 16.72 -14.07 -26.85
N GLN A 949 17.45 -14.93 -26.14
CA GLN A 949 16.79 -15.97 -25.35
C GLN A 949 16.21 -15.40 -24.06
N ASP A 950 16.86 -14.39 -23.47
CA ASP A 950 16.48 -13.93 -22.15
C ASP A 950 15.19 -13.13 -22.17
N VAL A 951 14.85 -12.53 -23.32
CA VAL A 951 13.60 -11.79 -23.45
C VAL A 951 12.41 -12.75 -23.42
N VAL A 952 12.51 -13.83 -24.18
CA VAL A 952 11.44 -14.84 -24.24
C VAL A 952 11.36 -15.59 -22.93
N ASN A 953 12.52 -15.87 -22.31
CA ASN A 953 12.54 -16.55 -21.03
C ASN A 953 12.02 -15.66 -19.90
N GLN A 954 12.27 -14.35 -19.98
CA GLN A 954 11.74 -13.44 -18.96
C GLN A 954 10.25 -13.23 -19.11
N ASN A 955 9.74 -13.18 -20.34
CA ASN A 955 8.30 -13.05 -20.52
C ASN A 955 7.58 -14.33 -20.16
N ALA A 956 8.21 -15.48 -20.39
CA ALA A 956 7.65 -16.74 -19.93
C ALA A 956 7.65 -16.86 -18.40
N GLN A 957 8.70 -16.35 -17.75
CA GLN A 957 8.74 -16.36 -16.29
C GLN A 957 7.77 -15.35 -15.71
N ALA A 958 7.55 -14.24 -16.42
CA ALA A 958 6.56 -13.25 -15.98
C ALA A 958 5.15 -13.78 -16.12
N LEU A 959 4.85 -14.51 -17.20
CA LEU A 959 3.51 -15.05 -17.37
C LEU A 959 3.28 -16.22 -16.42
N ASN A 960 4.33 -17.00 -16.15
CA ASN A 960 4.26 -18.09 -15.18
C ASN A 960 4.07 -17.53 -13.78
N THR A 961 4.69 -16.39 -13.49
CA THR A 961 4.53 -15.78 -12.18
C THR A 961 3.17 -15.12 -12.07
N LEU A 962 2.63 -14.65 -13.19
CA LEU A 962 1.30 -14.05 -13.22
C LEU A 962 0.21 -15.08 -12.97
N VAL A 963 0.31 -16.25 -13.59
CA VAL A 963 -0.76 -17.25 -13.47
C VAL A 963 -0.70 -17.92 -12.09
N LYS A 964 0.50 -18.10 -11.54
CA LYS A 964 0.68 -18.75 -10.25
C LYS A 964 0.18 -17.92 -9.06
N GLN A 965 -0.12 -16.64 -9.27
CA GLN A 965 -0.81 -15.84 -8.27
C GLN A 965 -2.22 -16.31 -7.96
N LEU A 966 -2.86 -17.06 -8.88
CA LEU A 966 -4.21 -17.50 -8.55
C LEU A 966 -4.28 -18.83 -7.88
N SER A 967 -3.25 -19.24 -7.14
CA SER A 967 -3.35 -20.35 -6.22
C SER A 967 -3.02 -19.87 -4.82
N SER A 968 -3.55 -18.71 -4.44
CA SER A 968 -3.23 -18.07 -3.17
C SER A 968 -4.49 -17.58 -2.45
N ASN A 969 -4.42 -17.57 -1.12
CA ASN A 969 -5.62 -17.38 -0.31
C ASN A 969 -5.97 -15.90 -0.16
N PHE A 970 -4.96 -15.02 -0.22
CA PHE A 970 -5.03 -13.57 -0.03
C PHE A 970 -5.70 -13.16 1.28
N GLY A 971 -5.44 -13.88 2.36
CA GLY A 971 -5.95 -13.51 3.68
C GLY A 971 -7.35 -13.98 3.99
N ALA A 972 -8.04 -14.59 3.03
CA ALA A 972 -9.38 -15.09 3.27
C ALA A 972 -9.29 -16.52 3.81
N ILE A 973 -10.45 -17.16 4.00
CA ILE A 973 -10.47 -18.53 4.52
C ILE A 973 -10.05 -19.51 3.43
N SER A 974 -10.64 -19.39 2.24
CA SER A 974 -10.31 -20.28 1.14
C SER A 974 -9.61 -19.50 0.04
N SER A 975 -9.36 -20.21 -1.07
CA SER A 975 -8.88 -19.59 -2.29
C SER A 975 -9.89 -19.69 -3.42
N VAL A 976 -11.01 -20.36 -3.18
CA VAL A 976 -12.15 -20.45 -4.10
C VAL A 976 -13.29 -19.66 -3.44
N LEU A 977 -14.13 -19.03 -4.27
CA LEU A 977 -14.98 -17.90 -3.89
C LEU A 977 -16.08 -18.29 -2.90
N ASN A 978 -16.71 -19.43 -3.14
CA ASN A 978 -17.97 -19.74 -2.49
C ASN A 978 -17.74 -20.19 -1.04
N ASP A 979 -16.61 -20.89 -0.80
CA ASP A 979 -16.24 -21.32 0.55
C ASP A 979 -15.79 -20.13 1.41
N ILE A 980 -15.40 -19.03 0.77
CA ILE A 980 -15.20 -17.80 1.52
C ILE A 980 -16.53 -17.12 1.81
N LEU A 981 -17.39 -16.97 0.80
CA LEU A 981 -18.54 -16.08 0.91
C LEU A 981 -19.70 -16.67 1.71
N SER A 982 -20.22 -17.84 1.32
CA SER A 982 -21.67 -17.91 1.19
C SER A 982 -22.38 -18.52 2.41
N ARG A 983 -21.74 -19.40 3.20
CA ARG A 983 -22.35 -19.68 4.53
C ARG A 983 -22.03 -18.59 5.54
N LEU A 984 -20.97 -17.83 5.31
CA LEU A 984 -20.71 -16.62 6.06
C LEU A 984 -21.75 -15.58 5.66
N ASP A 985 -21.99 -14.64 6.56
CA ASP A 985 -22.97 -13.61 6.27
C ASP A 985 -22.44 -12.61 5.24
N PRO A 986 -23.20 -12.34 4.19
CA PRO A 986 -22.77 -11.41 3.11
C PRO A 986 -22.46 -9.98 3.52
N PRO A 987 -23.01 -9.40 4.62
CA PRO A 987 -22.36 -8.17 5.14
C PRO A 987 -20.96 -8.35 5.74
N GLU A 988 -20.50 -9.57 6.06
CA GLU A 988 -19.14 -9.72 6.58
C GLU A 988 -18.23 -10.64 5.76
N ALA A 989 -18.63 -11.07 4.56
CA ALA A 989 -17.74 -11.85 3.70
C ALA A 989 -17.12 -11.01 2.58
N GLU A 990 -17.73 -9.88 2.27
CA GLU A 990 -17.26 -9.02 1.18
C GLU A 990 -15.94 -8.35 1.50
N VAL A 991 -15.57 -8.25 2.77
CA VAL A 991 -14.26 -7.72 3.16
C VAL A 991 -13.16 -8.70 2.73
N GLN A 992 -13.39 -10.01 2.93
CA GLN A 992 -12.47 -11.05 2.49
C GLN A 992 -12.38 -11.10 0.96
N ILE A 993 -13.53 -10.92 0.30
CA ILE A 993 -13.55 -10.85 -1.17
C ILE A 993 -12.79 -9.63 -1.68
N ASP A 994 -12.87 -8.51 -0.95
CA ASP A 994 -12.11 -7.32 -1.32
C ASP A 994 -10.60 -7.50 -1.10
N ARG A 995 -10.21 -8.29 -0.09
CA ARG A 995 -8.81 -8.70 0.07
C ARG A 995 -8.33 -9.47 -1.17
N LEU A 996 -9.17 -10.39 -1.65
CA LEU A 996 -8.87 -11.16 -2.86
C LEU A 996 -8.74 -10.30 -4.11
N ILE A 997 -9.71 -9.39 -4.29
CA ILE A 997 -9.81 -8.54 -5.48
C ILE A 997 -8.60 -7.61 -5.56
N THR A 998 -8.28 -6.97 -4.42
CA THR A 998 -7.17 -6.03 -4.37
C THR A 998 -5.82 -6.72 -4.53
N GLY A 999 -5.67 -7.94 -3.96
CA GLY A 999 -4.42 -8.66 -4.10
C GLY A 999 -4.14 -9.13 -5.52
N ARG A 1000 -5.14 -9.71 -6.19
CA ARG A 1000 -4.86 -10.20 -7.53
C ARG A 1000 -4.85 -9.07 -8.57
N LEU A 1001 -5.55 -7.97 -8.31
CA LEU A 1001 -5.46 -6.87 -9.25
C LEU A 1001 -4.16 -6.09 -9.04
N GLN A 1002 -3.63 -6.14 -7.81
CA GLN A 1002 -2.26 -5.72 -7.54
C GLN A 1002 -1.25 -6.54 -8.32
N SER A 1003 -1.46 -7.86 -8.39
CA SER A 1003 -0.57 -8.74 -9.16
C SER A 1003 -0.63 -8.45 -10.66
N LEU A 1004 -1.83 -8.15 -11.17
CA LEU A 1004 -1.98 -7.75 -12.57
C LEU A 1004 -1.31 -6.41 -12.85
N GLN A 1005 -1.35 -5.49 -11.89
CA GLN A 1005 -0.66 -4.21 -12.03
C GLN A 1005 0.85 -4.37 -12.07
N THR A 1006 1.39 -5.28 -11.25
CA THR A 1006 2.84 -5.54 -11.33
C THR A 1006 3.22 -6.22 -12.64
N TYR A 1007 2.35 -7.08 -13.18
CA TYR A 1007 2.61 -7.66 -14.49
C TYR A 1007 2.65 -6.60 -15.59
N VAL A 1008 1.67 -5.70 -15.61
CA VAL A 1008 1.63 -4.72 -16.69
C VAL A 1008 2.70 -3.65 -16.48
N THR A 1009 3.14 -3.44 -15.23
CA THR A 1009 4.18 -2.47 -14.95
C THR A 1009 5.54 -2.94 -15.41
N GLN A 1010 6.02 -4.10 -14.92
CA GLN A 1010 7.29 -4.62 -15.44
C GLN A 1010 7.23 -5.08 -16.90
N GLN A 1011 6.04 -5.37 -17.43
CA GLN A 1011 5.89 -5.55 -18.87
C GLN A 1011 6.11 -4.25 -19.62
N LEU A 1012 5.66 -3.14 -19.05
CA LEU A 1012 5.84 -1.85 -19.69
C LEU A 1012 7.29 -1.36 -19.55
N ILE A 1013 7.97 -1.71 -18.44
CA ILE A 1013 9.39 -1.43 -18.28
C ILE A 1013 10.20 -2.15 -19.34
N ARG A 1014 9.90 -3.44 -19.55
CA ARG A 1014 10.59 -4.21 -20.59
C ARG A 1014 10.21 -3.74 -21.99
N ALA A 1015 8.99 -3.22 -22.17
CA ALA A 1015 8.61 -2.64 -23.44
C ALA A 1015 9.38 -1.36 -23.75
N ALA A 1016 9.68 -0.56 -22.73
CA ALA A 1016 10.49 0.63 -22.94
C ALA A 1016 11.93 0.27 -23.30
N GLU A 1017 12.47 -0.78 -22.68
CA GLU A 1017 13.82 -1.21 -22.98
C GLU A 1017 13.92 -1.80 -24.37
N ILE A 1018 12.90 -2.54 -24.80
CA ILE A 1018 12.97 -3.16 -26.12
C ILE A 1018 12.64 -2.13 -27.20
N ARG A 1019 11.93 -1.05 -26.84
CA ARG A 1019 11.78 0.08 -27.76
C ARG A 1019 13.09 0.85 -27.93
N ALA A 1020 13.85 1.03 -26.84
CA ALA A 1020 15.16 1.65 -26.95
C ALA A 1020 16.13 0.78 -27.74
N SER A 1021 16.05 -0.55 -27.56
CA SER A 1021 16.88 -1.46 -28.32
C SER A 1021 16.45 -1.51 -29.78
N ALA A 1022 15.17 -1.29 -30.05
CA ALA A 1022 14.71 -1.24 -31.43
C ALA A 1022 15.12 0.06 -32.12
N ASN A 1023 15.20 1.17 -31.37
CA ASN A 1023 15.78 2.40 -31.91
C ASN A 1023 17.25 2.23 -32.24
N LEU A 1024 17.99 1.55 -31.35
CA LEU A 1024 19.40 1.27 -31.62
C LEU A 1024 19.57 0.32 -32.78
N ALA A 1025 18.67 -0.67 -32.92
CA ALA A 1025 18.72 -1.59 -34.05
C ALA A 1025 18.31 -0.92 -35.35
N ALA A 1026 17.39 0.05 -35.26
CA ALA A 1026 16.97 0.79 -36.45
C ALA A 1026 18.09 1.67 -36.97
N THR A 1027 18.79 2.36 -36.06
CA THR A 1027 19.95 3.16 -36.46
C THR A 1027 21.08 2.27 -36.96
N LYS A 1028 21.22 1.07 -36.38
CA LYS A 1028 22.28 0.18 -36.82
C LYS A 1028 22.01 -0.42 -38.19
N MET A 1029 20.75 -0.77 -38.48
CA MET A 1029 20.41 -1.26 -39.82
C MET A 1029 20.53 -0.15 -40.85
N SER A 1030 20.01 1.03 -40.52
CA SER A 1030 20.01 2.16 -41.45
C SER A 1030 21.38 2.79 -41.61
N GLU A 1031 22.33 2.49 -40.73
CA GLU A 1031 23.63 3.12 -40.76
C GLU A 1031 24.77 2.18 -41.11
N CYS A 1032 24.68 0.90 -40.74
CA CYS A 1032 25.69 -0.05 -41.12
C CYS A 1032 25.29 -0.85 -42.36
N VAL A 1033 24.00 -1.00 -42.63
CA VAL A 1033 23.56 -1.78 -43.78
C VAL A 1033 23.32 -0.90 -45.00
N LEU A 1034 22.64 0.22 -44.81
CA LEU A 1034 22.33 1.15 -45.89
C LEU A 1034 23.52 2.01 -46.27
N GLY A 1035 24.63 1.93 -45.53
CA GLY A 1035 25.84 2.64 -45.86
C GLY A 1035 27.00 2.19 -44.99
N GLN A 1036 28.09 2.94 -45.04
CA GLN A 1036 29.29 2.67 -44.26
C GLN A 1036 29.47 3.78 -43.25
N SER A 1037 29.65 3.42 -41.98
CA SER A 1037 29.79 4.41 -40.92
C SER A 1037 31.24 4.60 -40.54
N LYS A 1038 31.65 5.86 -40.41
CA LYS A 1038 32.98 6.23 -39.94
C LYS A 1038 33.07 6.28 -38.42
N ARG A 1039 31.98 6.00 -37.71
CA ARG A 1039 32.03 5.83 -36.26
C ARG A 1039 32.74 4.53 -35.93
N VAL A 1040 33.85 4.63 -35.19
CA VAL A 1040 34.62 3.44 -34.85
C VAL A 1040 33.89 2.65 -33.78
N ASP A 1041 33.84 1.33 -33.97
CA ASP A 1041 33.21 0.31 -33.13
C ASP A 1041 31.70 0.54 -33.02
N PHE A 1042 31.07 1.12 -34.04
CA PHE A 1042 29.61 1.12 -34.11
C PHE A 1042 29.10 -0.10 -34.84
N CYS A 1043 29.81 -0.53 -35.87
CA CYS A 1043 29.38 -1.63 -36.73
C CYS A 1043 30.55 -2.60 -36.80
N GLY A 1044 30.61 -3.53 -35.87
CA GLY A 1044 31.72 -4.43 -35.77
C GLY A 1044 32.84 -3.81 -34.97
N LYS A 1045 33.95 -4.53 -34.87
CA LYS A 1045 35.07 -4.10 -34.05
C LYS A 1045 36.22 -3.74 -34.98
N GLY A 1046 36.31 -2.46 -35.30
CA GLY A 1046 37.39 -1.95 -36.13
C GLY A 1046 36.88 -1.09 -37.25
N TYR A 1047 37.61 -1.02 -38.35
CA TYR A 1047 37.22 -0.22 -39.50
C TYR A 1047 36.09 -0.93 -40.23
N HIS A 1048 34.89 -0.37 -40.14
CA HIS A 1048 33.73 -1.01 -40.73
C HIS A 1048 33.71 -0.83 -42.24
N LEU A 1049 33.34 -1.89 -42.95
CA LEU A 1049 33.19 -1.85 -44.39
C LEU A 1049 31.75 -1.86 -44.83
N MET A 1050 31.01 -2.90 -44.45
CA MET A 1050 29.67 -3.19 -44.91
C MET A 1050 29.12 -4.26 -43.99
N SER A 1051 27.80 -4.44 -44.03
CA SER A 1051 27.23 -5.45 -43.15
C SER A 1051 25.97 -6.03 -43.77
N PHE A 1052 25.68 -7.26 -43.35
CA PHE A 1052 24.54 -7.99 -43.86
C PHE A 1052 23.58 -8.35 -42.73
N PRO A 1053 22.32 -7.96 -42.83
CA PRO A 1053 21.34 -8.36 -41.83
C PRO A 1053 20.76 -9.73 -42.10
N GLN A 1054 20.51 -10.46 -41.03
CA GLN A 1054 19.77 -11.71 -41.12
C GLN A 1054 18.65 -11.70 -40.09
N SER A 1055 17.56 -12.39 -40.41
CA SER A 1055 16.40 -12.46 -39.55
C SER A 1055 16.66 -13.40 -38.38
N ALA A 1056 15.75 -13.36 -37.41
CA ALA A 1056 15.98 -13.96 -36.11
C ALA A 1056 14.63 -14.38 -35.56
N PRO A 1057 14.57 -15.09 -34.40
CA PRO A 1057 13.27 -15.30 -33.73
C PRO A 1057 12.47 -14.07 -33.36
N HIS A 1058 13.07 -13.08 -32.73
CA HIS A 1058 12.29 -11.93 -32.31
C HIS A 1058 13.10 -10.65 -32.46
N GLY A 1059 14.09 -10.69 -33.33
CA GLY A 1059 15.01 -9.58 -33.43
C GLY A 1059 15.70 -9.60 -34.77
N VAL A 1060 16.96 -9.19 -34.77
CA VAL A 1060 17.76 -9.17 -35.99
C VAL A 1060 19.21 -9.45 -35.60
N VAL A 1061 19.95 -10.09 -36.50
CA VAL A 1061 21.39 -10.24 -36.35
C VAL A 1061 22.07 -9.61 -37.55
N PHE A 1062 23.23 -9.01 -37.32
CA PHE A 1062 24.04 -8.42 -38.37
C PHE A 1062 25.25 -9.30 -38.59
N LEU A 1063 25.85 -9.19 -39.76
CA LEU A 1063 27.17 -9.74 -40.02
C LEU A 1063 28.04 -8.58 -40.48
N HIS A 1064 28.65 -7.89 -39.54
CA HIS A 1064 29.53 -6.77 -39.81
C HIS A 1064 30.82 -7.27 -40.43
N VAL A 1065 31.20 -6.71 -41.56
CA VAL A 1065 32.44 -7.05 -42.23
C VAL A 1065 33.45 -5.94 -41.95
N THR A 1066 34.61 -6.31 -41.43
CA THR A 1066 35.48 -5.35 -40.80
C THR A 1066 36.91 -5.54 -41.29
N TYR A 1067 37.54 -4.44 -41.67
CA TYR A 1067 38.94 -4.41 -42.10
C TYR A 1067 39.83 -4.28 -40.87
N VAL A 1068 40.48 -5.37 -40.49
CA VAL A 1068 41.34 -5.38 -39.31
C VAL A 1068 42.79 -5.49 -39.77
N PRO A 1069 43.64 -4.52 -39.48
CA PRO A 1069 45.04 -4.60 -39.92
C PRO A 1069 45.86 -5.53 -39.04
N ALA A 1070 46.93 -6.07 -39.63
CA ALA A 1070 47.85 -6.97 -38.93
C ALA A 1070 49.21 -6.91 -39.63
N GLN A 1071 50.15 -7.70 -39.09
CA GLN A 1071 51.51 -7.91 -39.62
C GLN A 1071 52.30 -6.61 -39.76
N GLU A 1072 52.52 -5.95 -38.63
CA GLU A 1072 53.18 -4.65 -38.66
C GLU A 1072 54.70 -4.79 -38.55
N LYS A 1073 55.40 -3.73 -38.93
CA LYS A 1073 56.84 -3.58 -38.81
C LYS A 1073 57.10 -2.22 -38.17
N ASN A 1074 58.25 -2.06 -37.51
CA ASN A 1074 58.73 -0.72 -37.16
C ASN A 1074 59.11 -0.02 -38.44
N PHE A 1075 58.95 1.30 -38.45
CA PHE A 1075 59.53 2.12 -39.49
C PHE A 1075 60.08 3.40 -38.86
N THR A 1076 61.01 4.02 -39.58
CA THR A 1076 61.65 5.24 -39.14
C THR A 1076 61.06 6.42 -39.89
N THR A 1077 60.63 7.43 -39.14
CA THR A 1077 59.81 8.48 -39.71
C THR A 1077 60.40 9.86 -39.50
N ALA A 1078 59.76 10.82 -40.16
CA ALA A 1078 60.06 12.23 -40.15
C ALA A 1078 58.83 12.95 -40.65
N PRO A 1079 58.67 14.25 -40.35
CA PRO A 1079 57.55 14.98 -40.97
C PRO A 1079 57.94 15.78 -42.19
N ALA A 1080 59.20 15.83 -42.59
CA ALA A 1080 59.57 16.73 -43.67
C ALA A 1080 60.76 16.18 -44.46
N ILE A 1081 60.75 16.48 -45.75
CA ILE A 1081 61.84 16.18 -46.69
C ILE A 1081 62.36 17.51 -47.20
N CYS A 1082 63.68 17.62 -47.36
CA CYS A 1082 64.29 18.79 -47.96
C CYS A 1082 64.80 18.47 -49.36
N HIS A 1083 64.39 19.28 -50.33
CA HIS A 1083 65.10 19.32 -51.59
C HIS A 1083 65.31 20.79 -51.95
N ASP A 1084 66.57 21.12 -52.30
CA ASP A 1084 67.02 22.46 -52.69
C ASP A 1084 66.71 23.53 -51.64
N GLY A 1085 66.86 23.17 -50.37
CA GLY A 1085 66.64 24.13 -49.29
C GLY A 1085 65.19 24.54 -49.10
N LYS A 1086 64.28 23.57 -49.00
CA LYS A 1086 62.86 23.86 -48.88
C LYS A 1086 62.17 22.70 -48.17
N ALA A 1087 61.25 23.02 -47.27
CA ALA A 1087 60.49 21.99 -46.55
C ALA A 1087 59.46 21.37 -47.48
N HIS A 1088 59.16 20.10 -47.27
CA HIS A 1088 58.15 19.39 -48.03
C HIS A 1088 57.28 18.58 -47.08
N PHE A 1089 56.01 18.41 -47.43
CA PHE A 1089 55.05 17.85 -46.51
C PHE A 1089 54.20 16.78 -47.19
N PRO A 1090 53.83 15.70 -46.51
CA PRO A 1090 53.11 14.63 -47.18
C PRO A 1090 51.65 14.97 -47.46
N ARG A 1091 51.21 14.67 -48.68
CA ARG A 1091 49.84 14.96 -49.06
C ARG A 1091 48.88 13.98 -48.40
N GLU A 1092 49.05 12.69 -48.67
CA GLU A 1092 48.14 11.68 -48.14
C GLU A 1092 48.90 10.51 -47.54
N GLY A 1093 49.88 10.78 -46.70
CA GLY A 1093 50.62 9.71 -46.09
C GLY A 1093 51.56 10.17 -45.00
N VAL A 1094 52.52 9.30 -44.68
CA VAL A 1094 53.64 9.61 -43.80
C VAL A 1094 54.93 9.19 -44.47
N PHE A 1095 56.03 9.33 -43.73
CA PHE A 1095 57.37 9.11 -44.28
C PHE A 1095 58.03 7.89 -43.65
N VAL A 1096 58.60 7.01 -44.50
CA VAL A 1096 59.31 5.80 -44.08
C VAL A 1096 60.56 5.64 -44.94
N SER A 1097 61.40 4.65 -44.58
CA SER A 1097 62.63 4.32 -45.31
C SER A 1097 63.02 2.88 -45.04
N ASN A 1098 64.13 2.38 -45.60
CA ASN A 1098 64.65 1.18 -44.95
C ASN A 1098 65.53 1.65 -43.80
N GLY A 1099 65.98 2.88 -43.96
CA GLY A 1099 67.23 3.42 -43.46
C GLY A 1099 67.96 3.87 -44.71
N THR A 1100 67.61 3.28 -45.86
CA THR A 1100 68.27 3.50 -47.14
C THR A 1100 67.65 4.59 -47.98
N HIS A 1101 66.38 4.44 -48.34
CA HIS A 1101 65.78 5.38 -49.26
C HIS A 1101 64.47 5.82 -48.66
N TRP A 1102 64.29 7.14 -48.52
CA TRP A 1102 63.10 7.65 -47.87
C TRP A 1102 61.90 7.51 -48.79
N PHE A 1103 60.82 6.95 -48.26
CA PHE A 1103 59.61 6.73 -49.03
C PHE A 1103 58.45 7.47 -48.39
N VAL A 1104 57.37 7.56 -49.15
CA VAL A 1104 56.05 7.91 -48.64
C VAL A 1104 55.20 6.66 -48.72
N THR A 1105 54.59 6.27 -47.62
CA THR A 1105 53.60 5.20 -47.67
C THR A 1105 52.27 5.77 -47.22
N GLN A 1106 51.19 5.02 -47.50
CA GLN A 1106 49.88 5.50 -47.11
C GLN A 1106 49.58 5.13 -45.67
N ARG A 1107 48.32 5.34 -45.28
CA ARG A 1107 47.95 5.44 -43.88
C ARG A 1107 47.81 4.09 -43.19
N ASN A 1108 47.13 3.11 -43.79
CA ASN A 1108 46.82 1.87 -43.13
C ASN A 1108 47.31 0.63 -43.88
N PHE A 1109 48.19 0.80 -44.87
CA PHE A 1109 48.75 -0.35 -45.58
C PHE A 1109 50.13 0.04 -46.06
N TYR A 1110 51.09 -0.87 -45.95
CA TYR A 1110 52.45 -0.51 -46.32
C TYR A 1110 52.61 -0.64 -47.82
N GLU A 1111 52.42 0.47 -48.52
CA GLU A 1111 52.72 0.54 -49.94
C GLU A 1111 53.59 1.77 -50.14
N PRO A 1112 54.91 1.63 -50.07
CA PRO A 1112 55.79 2.79 -50.20
C PRO A 1112 55.90 3.28 -51.64
N GLN A 1113 56.14 4.57 -51.78
CA GLN A 1113 56.39 5.16 -53.09
C GLN A 1113 57.58 6.10 -52.98
N ILE A 1114 58.22 6.32 -54.13
CA ILE A 1114 59.31 7.27 -54.28
C ILE A 1114 58.75 8.68 -54.08
N ILE A 1115 59.46 9.50 -53.31
CA ILE A 1115 58.99 10.83 -52.96
C ILE A 1115 59.07 11.73 -54.18
N THR A 1116 57.93 12.04 -54.75
CA THR A 1116 57.86 12.84 -55.97
C THR A 1116 57.12 14.13 -55.68
N THR A 1117 57.12 15.01 -56.68
CA THR A 1117 56.54 16.34 -56.60
C THR A 1117 55.01 16.30 -56.51
N ASP A 1118 54.36 15.41 -57.25
CA ASP A 1118 52.92 15.29 -57.20
C ASP A 1118 52.41 14.51 -56.00
N ASN A 1119 53.30 13.88 -55.24
CA ASN A 1119 52.94 13.09 -54.07
C ASN A 1119 53.14 13.88 -52.79
N THR A 1120 53.59 15.12 -52.90
CA THR A 1120 54.13 15.84 -51.76
C THR A 1120 53.94 17.33 -51.96
N PHE A 1121 53.22 17.97 -51.05
CA PHE A 1121 52.93 19.39 -51.16
C PHE A 1121 53.90 20.20 -50.29
N VAL A 1122 54.17 21.41 -50.72
CA VAL A 1122 55.25 22.23 -50.18
C VAL A 1122 54.68 23.30 -49.25
N SER A 1123 55.32 23.48 -48.10
CA SER A 1123 54.96 24.55 -47.16
C SER A 1123 56.19 24.84 -46.32
N GLY A 1124 56.67 26.09 -46.36
CA GLY A 1124 57.82 26.48 -45.57
C GLY A 1124 59.13 26.06 -46.22
N ASN A 1125 60.22 26.60 -45.68
CA ASN A 1125 61.55 26.29 -46.17
C ASN A 1125 62.24 25.34 -45.19
N CYS A 1126 63.51 25.02 -45.45
CA CYS A 1126 64.19 23.89 -44.82
C CYS A 1126 64.71 24.20 -43.41
N ASP A 1127 64.17 25.20 -42.73
CA ASP A 1127 64.69 25.64 -41.45
C ASP A 1127 63.65 25.64 -40.34
N VAL A 1128 62.38 25.42 -40.64
CA VAL A 1128 61.33 25.70 -39.68
C VAL A 1128 60.67 24.45 -39.12
N VAL A 1129 60.69 23.33 -39.86
CA VAL A 1129 60.04 22.10 -39.40
C VAL A 1129 61.10 21.04 -39.12
N ILE A 1130 60.98 20.40 -37.95
CA ILE A 1130 62.02 19.54 -37.38
C ILE A 1130 62.00 18.19 -38.10
N GLY A 1131 63.06 17.41 -37.90
CA GLY A 1131 63.12 16.05 -38.41
C GLY A 1131 63.51 15.93 -39.86
N ILE A 1132 63.76 17.05 -40.53
CA ILE A 1132 63.86 17.06 -41.99
C ILE A 1132 65.21 16.48 -42.46
N VAL A 1133 65.15 15.67 -43.51
CA VAL A 1133 66.36 15.15 -44.14
C VAL A 1133 66.40 15.65 -45.57
N ASN A 1134 67.57 15.57 -46.17
CA ASN A 1134 67.73 15.81 -47.60
C ASN A 1134 67.38 14.54 -48.33
N ASN A 1135 66.54 14.65 -49.36
CA ASN A 1135 66.37 13.57 -50.33
C ASN A 1135 66.02 14.22 -51.67
N THR A 1136 66.31 13.51 -52.75
CA THR A 1136 66.04 13.94 -54.10
C THR A 1136 64.58 13.66 -54.44
N VAL A 1137 63.84 14.72 -54.71
CA VAL A 1137 62.43 14.65 -55.06
C VAL A 1137 62.34 14.74 -56.57
N TYR A 1138 61.71 13.74 -57.19
CA TYR A 1138 61.88 13.51 -58.63
C TYR A 1138 61.09 14.49 -59.48
N ASP A 1139 61.74 14.98 -60.56
CA ASP A 1139 61.26 15.80 -61.66
C ASP A 1139 60.71 14.92 -62.77
N PRO A 1140 59.41 14.93 -63.02
CA PRO A 1140 58.85 14.02 -64.03
C PRO A 1140 58.79 14.59 -65.45
N LEU A 1141 59.54 15.63 -65.77
CA LEU A 1141 59.38 16.24 -67.09
C LEU A 1141 60.70 16.60 -67.78
N GLN A 1142 61.82 16.67 -67.05
CA GLN A 1142 63.08 17.06 -67.67
C GLN A 1142 63.69 16.08 -68.69
N PRO A 1143 63.74 14.69 -68.48
CA PRO A 1143 64.31 13.82 -69.55
C PRO A 1143 63.59 13.87 -70.88
N GLU A 1144 62.26 14.00 -70.84
CA GLU A 1144 61.44 14.09 -72.05
C GLU A 1144 61.70 15.36 -72.85
N LEU A 1145 61.93 16.48 -72.19
CA LEU A 1145 62.30 17.72 -72.87
C LEU A 1145 63.75 17.70 -73.33
N ASP A 1146 64.64 17.07 -72.56
CA ASP A 1146 66.07 17.22 -72.79
C ASP A 1146 66.62 16.21 -73.78
N SER A 1147 66.41 14.91 -73.55
CA SER A 1147 67.10 13.91 -74.35
C SER A 1147 66.34 13.52 -75.61
N PHE A 1148 65.16 14.08 -75.84
CA PHE A 1148 64.38 13.73 -77.03
C PHE A 1148 64.34 14.84 -78.06
N LYS A 1149 63.93 16.06 -77.68
CA LYS A 1149 63.93 17.20 -78.59
C LYS A 1149 64.89 18.28 -78.13
N PRO B 26 2.05 46.97 30.43
CA PRO B 26 3.30 47.70 30.17
C PRO B 26 4.54 46.83 30.33
N ALA B 27 5.69 47.42 30.00
CA ALA B 27 7.03 46.81 30.07
C ALA B 27 7.12 45.51 29.26
N TYR B 28 6.84 45.64 27.96
CA TYR B 28 6.86 44.51 27.06
C TYR B 28 8.20 44.42 26.34
N THR B 29 8.76 43.22 26.32
CA THR B 29 10.06 42.99 25.69
C THR B 29 9.93 41.76 24.80
N ASN B 30 10.65 41.78 23.67
CA ASN B 30 10.64 40.66 22.73
C ASN B 30 11.74 39.67 23.10
N SER B 31 11.83 38.60 22.33
CA SER B 31 12.70 37.46 22.62
C SER B 31 13.72 37.30 21.50
N PHE B 32 15.00 37.16 21.86
CA PHE B 32 16.05 36.98 20.87
C PHE B 32 16.46 35.50 20.79
N THR B 33 15.54 34.70 20.24
CA THR B 33 15.66 33.26 19.98
C THR B 33 16.04 32.49 21.25
N ARG B 34 15.19 32.62 22.24
CA ARG B 34 15.49 32.09 23.56
C ARG B 34 14.35 31.15 23.94
N GLY B 35 14.69 30.04 24.58
CA GLY B 35 13.67 29.07 24.91
C GLY B 35 13.65 27.90 23.96
N VAL B 36 14.81 27.32 23.72
CA VAL B 36 14.94 26.06 23.00
C VAL B 36 15.32 24.98 23.99
N TYR B 37 14.47 23.97 24.12
CA TYR B 37 14.71 22.86 25.04
C TYR B 37 14.62 21.55 24.28
N TYR B 38 15.25 20.53 24.85
CA TYR B 38 15.24 19.19 24.28
C TYR B 38 13.86 18.58 24.42
N PRO B 39 13.23 18.15 23.31
CA PRO B 39 11.80 17.80 23.36
C PRO B 39 11.47 16.49 24.06
N ASP B 40 12.43 15.59 24.16
CA ASP B 40 12.23 14.28 24.77
C ASP B 40 13.63 13.89 25.27
N LYS B 41 13.75 12.72 25.91
CA LYS B 41 15.05 12.27 26.40
C LYS B 41 15.78 11.41 25.38
N VAL B 42 15.68 11.76 24.12
CA VAL B 42 16.52 11.18 23.07
C VAL B 42 17.79 12.02 22.94
N PHE B 43 18.90 11.33 22.75
CA PHE B 43 20.22 11.95 22.69
C PHE B 43 20.92 11.54 21.42
N ARG B 44 21.75 12.44 20.87
CA ARG B 44 21.90 12.58 19.43
C ARG B 44 23.36 12.88 19.12
N SER B 45 23.77 12.81 17.85
CA SER B 45 25.12 13.18 17.44
C SER B 45 25.15 13.68 16.00
N SER B 46 25.33 15.01 15.85
CA SER B 46 25.75 15.70 14.62
C SER B 46 24.79 15.53 13.44
N VAL B 47 23.51 15.77 13.69
CA VAL B 47 22.50 15.66 12.64
C VAL B 47 21.38 16.63 13.00
N LEU B 48 20.59 17.01 12.01
CA LEU B 48 19.50 17.96 12.18
C LEU B 48 18.21 17.18 12.36
N HIS B 49 17.37 17.61 13.28
CA HIS B 49 16.12 16.91 13.52
C HIS B 49 14.98 17.91 13.62
N SER B 50 13.84 17.55 13.02
CA SER B 50 12.64 18.39 13.03
C SER B 50 11.65 17.81 14.04
N THR B 51 11.22 18.65 14.98
CA THR B 51 10.40 18.22 16.09
C THR B 51 9.01 18.82 16.00
N GLN B 52 8.13 18.38 16.90
CA GLN B 52 6.81 18.97 17.07
C GLN B 52 6.42 18.79 18.52
N ASP B 53 6.53 19.86 19.30
CA ASP B 53 6.09 19.83 20.69
C ASP B 53 5.66 21.25 21.07
N LEU B 54 5.58 21.50 22.37
CA LEU B 54 5.01 22.73 22.92
C LEU B 54 6.17 23.66 23.30
N PHE B 55 6.29 24.78 22.58
CA PHE B 55 7.47 25.66 22.60
C PHE B 55 7.07 27.11 22.81
N LEU B 56 8.05 28.00 22.56
CA LEU B 56 7.87 29.45 22.57
C LEU B 56 8.30 29.98 21.21
N PRO B 57 7.66 31.02 20.66
CA PRO B 57 8.03 31.48 19.31
C PRO B 57 9.35 32.23 19.30
N PHE B 58 9.86 32.45 18.10
CA PHE B 58 10.95 33.39 17.93
C PHE B 58 10.39 34.80 17.76
N PHE B 59 11.03 35.77 18.41
CA PHE B 59 10.66 37.20 18.43
C PHE B 59 9.24 37.45 18.91
N SER B 60 8.82 36.75 19.96
CA SER B 60 7.54 37.02 20.56
C SER B 60 7.72 37.88 21.81
N ASN B 61 6.66 38.60 22.17
CA ASN B 61 6.67 39.47 23.35
C ASN B 61 6.64 38.64 24.62
N VAL B 62 7.46 39.02 25.60
CA VAL B 62 7.34 38.54 26.97
C VAL B 62 7.13 39.76 27.86
N THR B 63 6.28 39.62 28.86
CA THR B 63 6.05 40.71 29.79
C THR B 63 7.12 40.70 30.88
N TRP B 64 7.20 41.79 31.62
CA TRP B 64 8.29 42.03 32.55
C TRP B 64 7.80 42.88 33.72
N PHE B 65 8.26 42.55 34.92
CA PHE B 65 7.72 43.13 36.13
C PHE B 65 8.86 43.44 37.10
N HIS B 66 8.49 43.91 38.29
CA HIS B 66 9.44 44.07 39.39
C HIS B 66 8.84 43.65 40.71
N PHE B 79 6.94 43.72 46.01
CA PHE B 79 6.62 44.87 45.18
C PHE B 79 5.57 44.49 44.14
N ASP B 80 5.89 43.55 43.26
CA ASP B 80 4.99 43.10 42.22
C ASP B 80 5.08 41.58 42.08
N ASN B 81 4.07 40.88 42.58
CA ASN B 81 3.86 39.48 42.27
C ASN B 81 2.43 39.27 41.80
N PRO B 82 2.12 39.47 40.51
CA PRO B 82 0.74 39.29 40.04
C PRO B 82 0.35 37.82 40.00
N VAL B 83 -0.95 37.59 39.86
CA VAL B 83 -1.50 36.27 39.59
C VAL B 83 -1.64 36.15 38.08
N LEU B 84 -0.86 35.26 37.49
CA LEU B 84 -0.79 35.09 36.05
C LEU B 84 -1.43 33.77 35.66
N PRO B 85 -2.05 33.70 34.48
CA PRO B 85 -2.62 32.42 34.03
C PRO B 85 -1.52 31.46 33.60
N PHE B 86 -1.89 30.18 33.57
CA PHE B 86 -0.99 29.14 33.08
C PHE B 86 -0.85 29.23 31.57
N ASN B 87 -1.99 29.16 30.86
CA ASN B 87 -2.12 29.18 29.40
C ASN B 87 -1.27 28.09 28.73
N ASP B 88 -1.51 26.85 29.18
CA ASP B 88 -1.04 25.58 28.61
C ASP B 88 0.47 25.40 28.67
N GLY B 89 1.19 26.21 29.42
CA GLY B 89 2.63 26.14 29.55
C GLY B 89 3.19 27.51 29.87
N VAL B 90 4.16 27.53 30.78
CA VAL B 90 4.79 28.78 31.22
C VAL B 90 6.28 28.70 30.97
N TYR B 91 6.80 29.62 30.16
CA TYR B 91 8.23 29.87 30.06
C TYR B 91 8.60 30.94 31.07
N PHE B 92 9.72 30.75 31.77
CA PHE B 92 10.13 31.69 32.80
C PHE B 92 11.60 32.05 32.60
N ALA B 93 11.91 33.33 32.70
CA ALA B 93 13.28 33.80 32.77
C ALA B 93 13.39 34.81 33.91
N SER B 94 14.54 34.83 34.55
CA SER B 94 14.75 35.73 35.67
C SER B 94 16.22 36.04 35.82
N THR B 95 16.51 37.25 36.27
CA THR B 95 17.87 37.67 36.50
C THR B 95 17.97 38.25 37.91
N GLU B 96 18.80 37.63 38.75
CA GLU B 96 18.95 38.05 40.13
C GLU B 96 20.40 38.39 40.43
N LYS B 97 20.57 39.23 41.45
CA LYS B 97 21.81 39.29 42.21
C LYS B 97 21.75 38.45 43.47
N SER B 98 20.66 38.56 44.23
CA SER B 98 20.46 37.79 45.45
C SER B 98 19.09 37.14 45.42
N ASN B 99 18.83 36.29 46.42
CA ASN B 99 17.58 35.56 46.53
C ASN B 99 16.45 36.52 46.92
N ILE B 100 15.75 37.00 45.91
CA ILE B 100 14.51 37.74 46.11
C ILE B 100 13.30 36.89 45.76
N ILE B 101 13.32 36.26 44.59
CA ILE B 101 12.25 35.33 44.20
C ILE B 101 12.42 34.04 44.97
N ARG B 102 11.42 33.67 45.76
CA ARG B 102 11.46 32.44 46.54
C ARG B 102 10.81 31.28 45.79
N GLY B 103 9.54 31.40 45.46
CA GLY B 103 8.81 30.29 44.87
C GLY B 103 7.63 30.72 44.03
N TRP B 104 6.71 29.79 43.83
CA TRP B 104 5.52 30.05 43.04
C TRP B 104 4.36 29.32 43.69
N ILE B 105 3.16 29.88 43.54
CA ILE B 105 1.94 29.25 44.03
C ILE B 105 1.09 28.86 42.83
N PHE B 106 0.81 27.57 42.70
CA PHE B 106 0.00 27.05 41.62
C PHE B 106 -1.32 26.54 42.19
N GLY B 107 -2.43 26.90 41.57
CA GLY B 107 -3.72 26.43 42.03
C GLY B 107 -4.85 27.12 41.28
N THR B 108 -6.06 26.58 41.53
CA THR B 108 -7.26 27.05 40.85
C THR B 108 -8.00 28.10 41.66
N THR B 109 -8.48 27.73 42.84
CA THR B 109 -9.15 28.68 43.72
C THR B 109 -8.25 29.22 44.81
N LEU B 110 -7.13 28.52 45.08
CA LEU B 110 -6.06 28.92 46.03
C LEU B 110 -6.58 29.07 47.45
N ASP B 111 -7.60 28.29 47.79
CA ASP B 111 -8.41 28.46 48.99
C ASP B 111 -8.74 27.05 49.47
N SER B 112 -9.58 26.91 50.51
CA SER B 112 -9.85 25.63 51.14
C SER B 112 -11.05 24.90 50.53
N LYS B 113 -11.31 25.09 49.23
CA LYS B 113 -12.25 24.27 48.51
C LYS B 113 -11.56 23.31 47.54
N THR B 114 -10.43 23.70 46.95
CA THR B 114 -9.68 22.84 46.04
C THR B 114 -8.22 22.83 46.45
N GLN B 115 -7.53 21.77 46.03
CA GLN B 115 -6.10 21.63 46.31
C GLN B 115 -5.28 22.57 45.44
N SER B 116 -4.17 23.06 46.01
CA SER B 116 -3.28 23.95 45.29
C SER B 116 -1.84 23.55 45.61
N LEU B 117 -0.98 23.61 44.59
CA LEU B 117 0.41 23.20 44.69
C LEU B 117 1.26 24.35 45.21
N LEU B 118 2.32 24.02 45.95
CA LEU B 118 3.27 25.03 46.41
C LEU B 118 4.68 24.57 46.10
N ILE B 119 5.56 25.52 45.79
CA ILE B 119 7.00 25.28 45.72
C ILE B 119 7.68 26.33 46.59
N VAL B 120 8.38 25.88 47.63
CA VAL B 120 8.92 26.76 48.67
C VAL B 120 10.43 26.59 48.70
N ASN B 121 11.15 27.72 48.56
CA ASN B 121 12.60 27.74 48.69
C ASN B 121 13.01 28.62 49.86
N ASN B 122 13.95 28.12 50.66
CA ASN B 122 14.49 28.82 51.82
C ASN B 122 15.97 28.46 51.93
N ALA B 123 16.49 28.48 53.17
CA ALA B 123 17.90 28.40 53.56
C ALA B 123 18.77 27.34 52.88
N THR B 124 18.51 26.05 53.15
CA THR B 124 19.33 25.01 52.54
C THR B 124 18.50 23.89 51.91
N ASN B 125 17.20 24.09 51.69
CA ASN B 125 16.37 23.04 51.13
C ASN B 125 15.28 23.66 50.29
N VAL B 126 14.61 22.82 49.50
CA VAL B 126 13.39 23.21 48.82
C VAL B 126 12.26 22.26 49.22
N VAL B 127 11.07 22.82 49.41
CA VAL B 127 9.91 22.11 49.93
C VAL B 127 8.79 22.26 48.91
N ILE B 128 8.23 21.15 48.45
CA ILE B 128 7.14 21.16 47.47
C ILE B 128 6.00 20.34 48.03
N LYS B 129 4.83 20.96 48.17
CA LYS B 129 3.73 20.35 48.90
C LYS B 129 2.40 20.84 48.36
N VAL B 130 1.47 19.91 48.14
CA VAL B 130 0.09 20.23 47.79
C VAL B 130 -0.84 19.64 48.85
N CYS B 131 -1.71 20.51 49.39
CA CYS B 131 -2.67 20.21 50.43
C CYS B 131 -3.91 21.05 50.13
N GLU B 132 -4.80 21.16 51.10
CA GLU B 132 -5.94 22.05 51.02
C GLU B 132 -5.47 23.43 51.47
N PHE B 133 -4.87 24.19 50.55
CA PHE B 133 -4.14 25.39 50.94
C PHE B 133 -4.98 26.65 50.74
N GLN B 134 -5.04 27.44 51.80
CA GLN B 134 -5.63 28.78 51.81
C GLN B 134 -4.50 29.78 51.72
N PHE B 135 -4.30 30.33 50.52
CA PHE B 135 -3.28 31.35 50.31
C PHE B 135 -3.75 32.68 50.90
N CYS B 136 -2.80 33.52 51.27
CA CYS B 136 -3.11 34.79 51.91
C CYS B 136 -3.54 35.83 50.87
N ASN B 137 -3.98 36.99 51.37
CA ASN B 137 -4.35 38.09 50.46
C ASN B 137 -3.12 38.71 49.81
N ASP B 138 -1.99 38.77 50.53
CA ASP B 138 -0.72 39.27 50.00
C ASP B 138 0.38 38.24 50.33
N PRO B 139 0.50 37.17 49.55
CA PRO B 139 1.41 36.08 49.94
C PRO B 139 2.86 36.38 49.61
N PHE B 140 3.63 36.72 50.65
CA PHE B 140 5.06 37.03 50.55
C PHE B 140 5.80 36.08 51.48
N LEU B 141 7.11 36.29 51.61
CA LEU B 141 7.88 35.66 52.68
C LEU B 141 8.67 36.70 53.45
N MET B 153 13.99 40.24 59.69
CA MET B 153 14.98 40.60 58.68
C MET B 153 15.40 39.35 57.90
N GLU B 154 15.74 38.29 58.63
CA GLU B 154 16.10 37.02 58.05
C GLU B 154 14.92 36.07 57.92
N SER B 155 13.82 36.34 58.63
CA SER B 155 12.73 35.37 58.72
C SER B 155 11.40 36.10 58.72
N GLU B 156 10.52 35.69 57.80
CA GLU B 156 9.14 36.14 57.74
C GLU B 156 8.34 35.07 57.05
N PHE B 157 7.27 34.61 57.70
CA PHE B 157 6.51 33.45 57.20
C PHE B 157 5.04 33.71 57.51
N ARG B 158 4.32 34.29 56.54
CA ARG B 158 2.90 34.53 56.66
C ARG B 158 2.21 34.30 55.32
N VAL B 159 2.68 33.27 54.59
CA VAL B 159 2.18 33.02 53.24
C VAL B 159 0.96 32.11 53.25
N TYR B 160 0.86 31.20 54.21
CA TYR B 160 -0.31 30.35 54.35
C TYR B 160 -0.47 29.97 55.81
N SER B 161 -1.73 29.80 56.22
CA SER B 161 -2.05 29.13 57.46
C SER B 161 -3.10 28.07 57.12
N SER B 162 -2.62 26.93 56.62
CA SER B 162 -3.46 25.81 56.20
C SER B 162 -2.62 24.54 56.07
N ALA B 163 -2.97 23.49 56.80
CA ALA B 163 -2.22 22.24 56.73
C ALA B 163 -3.13 21.03 56.79
N ASN B 164 -4.43 21.22 56.65
CA ASN B 164 -5.36 20.10 56.67
C ASN B 164 -5.45 19.46 55.30
N ASN B 165 -5.74 18.15 55.28
CA ASN B 165 -5.99 17.32 54.10
C ASN B 165 -4.79 17.32 53.13
N CYS B 166 -3.61 16.99 53.66
CA CYS B 166 -2.43 16.93 52.82
C CYS B 166 -2.38 15.60 52.07
N THR B 167 -1.87 15.63 50.84
CA THR B 167 -1.88 14.45 49.99
C THR B 167 -0.49 14.12 49.48
N PHE B 168 0.30 15.13 49.11
CA PHE B 168 1.63 14.90 48.57
C PHE B 168 2.62 15.82 49.26
N GLU B 169 3.81 15.28 49.51
CA GLU B 169 4.89 15.96 50.22
C GLU B 169 6.19 15.64 49.52
N TYR B 170 7.06 16.66 49.39
CA TYR B 170 8.29 16.48 48.66
C TYR B 170 9.34 17.46 49.16
N VAL B 171 10.52 16.93 49.48
CA VAL B 171 11.69 17.73 49.82
C VAL B 171 12.83 17.31 48.89
N SER B 172 13.44 18.29 48.24
CA SER B 172 14.57 18.00 47.36
C SER B 172 15.79 18.78 47.83
N GLN B 173 16.85 18.75 47.03
CA GLN B 173 18.08 19.46 47.33
C GLN B 173 18.23 20.65 46.39
N PRO B 174 18.47 21.86 46.91
CA PRO B 174 18.50 23.07 46.09
C PRO B 174 19.83 23.25 45.35
N PHE B 186 22.63 42.03 39.44
CA PHE B 186 22.02 41.03 38.57
C PHE B 186 23.08 40.15 37.90
N LYS B 187 23.29 38.97 38.47
CA LYS B 187 24.38 38.11 38.02
C LYS B 187 23.92 36.77 37.48
N ASN B 188 23.04 36.06 38.17
CA ASN B 188 22.66 34.71 37.79
C ASN B 188 21.35 34.77 37.01
N LEU B 189 21.39 34.26 35.78
CA LEU B 189 20.24 34.26 34.88
C LEU B 189 19.59 32.90 34.94
N ARG B 190 18.40 32.83 35.54
CA ARG B 190 17.71 31.58 35.78
C ARG B 190 16.56 31.46 34.79
N GLU B 191 16.57 30.40 33.99
CA GLU B 191 15.59 30.18 32.94
C GLU B 191 14.86 28.87 33.20
N PHE B 192 13.53 28.93 33.27
CA PHE B 192 12.68 27.80 33.60
C PHE B 192 11.60 27.62 32.54
N VAL B 193 11.08 26.41 32.44
CA VAL B 193 9.87 26.14 31.67
C VAL B 193 8.93 25.32 32.55
N PHE B 194 7.71 25.80 32.72
CA PHE B 194 6.70 25.13 33.54
C PHE B 194 5.68 24.50 32.61
N LYS B 195 5.49 23.18 32.72
CA LYS B 195 4.55 22.47 31.86
C LYS B 195 3.99 21.26 32.58
N ASN B 196 2.71 20.98 32.30
CA ASN B 196 1.93 19.96 33.02
C ASN B 196 1.05 19.24 31.99
N ILE B 197 1.46 18.04 31.61
CA ILE B 197 0.79 17.28 30.55
C ILE B 197 0.48 15.89 31.10
N ASP B 198 -0.81 15.49 31.00
CA ASP B 198 -1.34 14.17 31.34
C ASP B 198 -1.09 13.81 32.80
N GLY B 199 -1.23 14.81 33.66
CA GLY B 199 -1.02 14.64 35.08
C GLY B 199 0.43 14.68 35.54
N TYR B 200 1.38 14.86 34.63
CA TYR B 200 2.79 14.86 34.97
C TYR B 200 3.33 16.27 34.90
N PHE B 201 3.99 16.69 35.98
CA PHE B 201 4.43 18.07 36.16
C PHE B 201 5.93 18.10 35.90
N LYS B 202 6.31 18.49 34.69
CA LYS B 202 7.70 18.41 34.25
C LYS B 202 8.34 19.79 34.28
N ILE B 203 9.46 19.91 35.01
CA ILE B 203 10.18 21.16 35.17
C ILE B 203 11.58 20.98 34.61
N TYR B 204 11.96 21.84 33.66
CA TYR B 204 13.29 21.83 33.07
C TYR B 204 13.95 23.15 33.39
N SER B 205 15.29 23.16 33.53
CA SER B 205 15.95 24.37 33.99
C SER B 205 17.39 24.43 33.48
N LYS B 206 17.96 25.63 33.57
CA LYS B 206 19.36 25.93 33.32
C LYS B 206 19.74 27.16 34.14
N HIS B 207 20.92 27.11 34.77
CA HIS B 207 21.51 28.26 35.41
C HIS B 207 22.69 28.75 34.59
N THR B 208 22.72 30.06 34.34
CA THR B 208 23.79 30.67 33.55
C THR B 208 24.07 32.06 34.09
N PRO B 209 25.30 32.57 33.94
CA PRO B 209 25.55 33.96 34.35
C PRO B 209 25.34 34.96 33.23
N ILE B 210 24.83 36.14 33.59
CA ILE B 210 24.68 37.26 32.67
C ILE B 210 24.87 38.55 33.47
N ASN B 211 25.52 39.53 32.85
CA ASN B 211 25.88 40.75 33.58
C ASN B 211 25.47 41.98 32.75
N LEU B 212 24.20 42.36 32.90
CA LEU B 212 23.64 43.65 32.51
C LEU B 212 22.34 43.81 33.30
N VAL B 213 21.88 45.05 33.41
CA VAL B 213 20.74 45.36 34.25
C VAL B 213 19.63 46.02 33.42
N ARG B 214 19.53 45.64 32.15
CA ARG B 214 18.61 46.29 31.23
C ARG B 214 17.44 45.39 30.83
N ASP B 215 17.71 44.21 30.27
CA ASP B 215 16.68 43.34 29.71
C ASP B 215 17.25 41.92 29.63
N LEU B 216 16.57 41.06 28.87
CA LEU B 216 17.10 39.73 28.60
C LEU B 216 18.17 39.82 27.52
N PRO B 217 19.28 39.10 27.63
CA PRO B 217 20.40 39.31 26.72
C PRO B 217 20.26 38.57 25.40
N GLN B 218 21.34 38.61 24.62
CA GLN B 218 21.41 37.87 23.37
C GLN B 218 22.39 36.70 23.53
N GLY B 219 22.09 35.60 22.86
CA GLY B 219 22.80 34.34 23.02
C GLY B 219 21.88 33.15 22.79
N PHE B 220 22.48 31.96 22.84
CA PHE B 220 21.74 30.73 22.56
C PHE B 220 22.05 29.69 23.63
N SER B 221 21.04 28.91 24.02
CA SER B 221 21.15 28.04 25.18
C SER B 221 20.14 26.91 25.08
N ALA B 222 20.36 25.85 25.85
CA ALA B 222 19.46 24.71 25.89
C ALA B 222 19.06 24.38 27.33
N LEU B 223 17.81 23.95 27.49
CA LEU B 223 17.23 23.73 28.82
C LEU B 223 17.16 22.23 29.11
N GLU B 224 17.76 21.81 30.22
CA GLU B 224 17.99 20.43 30.64
C GLU B 224 16.91 19.96 31.61
N PRO B 225 16.53 18.68 31.56
CA PRO B 225 15.48 18.20 32.47
C PRO B 225 15.99 17.95 33.88
N LEU B 226 15.12 18.23 34.86
CA LEU B 226 15.45 17.97 36.27
C LEU B 226 14.49 16.99 36.93
N VAL B 227 13.17 17.22 36.89
CA VAL B 227 12.25 16.47 37.73
C VAL B 227 10.89 16.37 37.04
N ASP B 228 10.16 15.29 37.32
CA ASP B 228 8.78 15.12 36.89
C ASP B 228 7.95 14.69 38.09
N LEU B 229 6.73 15.23 38.21
CA LEU B 229 5.85 14.93 39.32
C LEU B 229 4.46 14.51 38.83
N PRO B 230 4.00 13.30 39.17
CA PRO B 230 2.63 12.89 38.82
C PRO B 230 1.57 13.53 39.74
N ILE B 231 1.31 14.82 39.51
CA ILE B 231 0.38 15.57 40.38
C ILE B 231 -1.06 15.18 40.09
N GLY B 232 -1.46 15.21 38.82
CA GLY B 232 -2.81 14.86 38.44
C GLY B 232 -3.88 15.84 38.88
N ILE B 233 -3.61 17.13 38.79
CA ILE B 233 -4.62 18.14 39.06
C ILE B 233 -4.85 18.93 37.78
N ASN B 234 -5.83 19.82 37.82
CA ASN B 234 -6.03 20.82 36.80
C ASN B 234 -5.50 22.17 37.31
N ILE B 235 -4.99 22.99 36.40
CA ILE B 235 -4.26 24.18 36.82
C ILE B 235 -4.68 25.35 35.93
N THR B 236 -5.06 26.46 36.58
CA THR B 236 -5.53 27.65 35.88
C THR B 236 -4.62 28.86 36.06
N ARG B 237 -4.37 29.31 37.28
CA ARG B 237 -3.66 30.54 37.54
C ARG B 237 -2.40 30.21 38.34
N PHE B 238 -1.40 31.09 38.25
CA PHE B 238 -0.22 30.92 39.09
C PHE B 238 0.33 32.28 39.49
N GLN B 239 1.09 32.29 40.57
CA GLN B 239 1.59 33.53 41.17
C GLN B 239 2.99 33.27 41.72
N THR B 240 3.96 34.05 41.25
CA THR B 240 5.32 33.94 41.77
C THR B 240 5.41 34.55 43.16
N LEU B 241 6.50 34.24 43.86
CA LEU B 241 6.66 34.67 45.24
C LEU B 241 7.96 35.44 45.39
N LEU B 242 7.91 36.56 46.09
CA LEU B 242 9.08 37.39 46.38
C LEU B 242 9.06 37.82 47.85
N ALA B 243 10.24 38.14 48.36
CA ALA B 243 10.41 38.56 49.75
C ALA B 243 10.30 40.07 49.88
N GLY B 261 15.46 45.75 48.58
CA GLY B 261 15.89 45.73 47.21
C GLY B 261 14.78 45.41 46.22
N ALA B 262 15.12 45.36 44.94
CA ALA B 262 14.16 45.05 43.88
C ALA B 262 14.80 44.08 42.89
N ALA B 263 13.95 43.33 42.19
CA ALA B 263 14.42 42.28 41.29
C ALA B 263 13.59 42.28 40.02
N ALA B 264 14.02 41.45 39.06
CA ALA B 264 13.42 41.39 37.73
C ALA B 264 13.19 39.94 37.29
N TYR B 265 12.16 39.74 36.47
CA TYR B 265 11.82 38.43 35.91
C TYR B 265 11.00 38.58 34.64
N TYR B 266 11.23 37.69 33.68
CA TYR B 266 10.63 37.72 32.36
C TYR B 266 9.82 36.46 32.14
N VAL B 267 8.54 36.61 31.82
CA VAL B 267 7.66 35.47 31.70
C VAL B 267 6.87 35.59 30.41
N GLY B 268 6.74 34.47 29.69
CA GLY B 268 5.99 34.43 28.46
C GLY B 268 4.95 33.32 28.51
N TYR B 269 4.35 33.06 27.36
CA TYR B 269 3.31 32.05 27.27
C TYR B 269 3.57 31.15 26.07
N LEU B 270 3.33 29.85 26.26
CA LEU B 270 3.76 28.82 25.33
C LEU B 270 2.67 28.43 24.35
N GLN B 271 3.10 27.78 23.27
CA GLN B 271 2.25 27.41 22.15
C GLN B 271 2.89 26.24 21.41
N PRO B 272 2.08 25.35 20.84
CA PRO B 272 2.65 24.24 20.06
C PRO B 272 3.17 24.72 18.71
N ARG B 273 4.40 24.34 18.37
CA ARG B 273 5.06 24.83 17.17
C ARG B 273 6.05 23.77 16.69
N THR B 274 6.27 23.71 15.38
CA THR B 274 7.28 22.86 14.76
C THR B 274 8.57 23.65 14.59
N PHE B 275 9.65 23.14 15.17
CA PHE B 275 11.00 23.63 14.89
C PHE B 275 11.82 22.59 14.15
N LEU B 276 12.93 23.07 13.61
CA LEU B 276 14.04 22.23 13.14
C LEU B 276 15.22 22.52 14.06
N LEU B 277 15.84 21.46 14.56
CA LEU B 277 16.77 21.58 15.66
C LEU B 277 18.12 21.01 15.26
N LYS B 278 19.19 21.73 15.64
CA LYS B 278 20.56 21.31 15.32
C LYS B 278 21.20 20.73 16.57
N TYR B 279 21.79 19.55 16.43
CA TYR B 279 22.50 18.89 17.51
C TYR B 279 23.96 18.74 17.14
N ASN B 280 24.85 18.91 18.12
CA ASN B 280 26.29 18.79 17.89
C ASN B 280 26.73 17.34 18.08
N GLU B 281 28.05 17.13 18.24
CA GLU B 281 28.57 15.77 18.32
C GLU B 281 28.26 15.13 19.67
N ASN B 282 28.12 15.93 20.72
CA ASN B 282 27.94 15.38 22.06
C ASN B 282 26.51 15.42 22.56
N GLY B 283 25.56 15.80 21.71
CA GLY B 283 24.16 15.76 22.10
C GLY B 283 23.65 16.99 22.81
N THR B 284 24.04 18.18 22.37
CA THR B 284 23.45 19.42 22.86
C THR B 284 22.92 20.24 21.71
N ILE B 285 21.89 21.03 22.00
CA ILE B 285 21.36 22.00 21.06
C ILE B 285 22.39 23.09 20.86
N THR B 286 22.78 23.35 19.60
CA THR B 286 23.70 24.44 19.32
C THR B 286 23.11 25.51 18.43
N ASP B 287 22.09 25.19 17.63
CA ASP B 287 21.33 26.17 16.86
C ASP B 287 19.97 25.59 16.58
N ALA B 288 19.07 26.44 16.08
CA ALA B 288 17.75 26.01 15.63
C ALA B 288 17.25 27.04 14.64
N VAL B 289 16.23 26.65 13.88
CA VAL B 289 15.41 27.58 13.12
C VAL B 289 13.95 27.30 13.45
N ASP B 290 13.13 28.34 13.33
CA ASP B 290 11.70 28.24 13.60
C ASP B 290 10.98 28.18 12.27
N CYS B 291 10.16 27.16 12.07
CA CYS B 291 9.59 26.88 10.76
C CYS B 291 8.36 27.69 10.41
N ALA B 292 8.06 28.79 11.12
CA ALA B 292 6.98 29.66 10.70
C ALA B 292 7.32 31.13 10.89
N LEU B 293 8.59 31.46 11.14
CA LEU B 293 8.97 32.84 11.38
C LEU B 293 9.10 33.62 10.07
N ASP B 294 9.55 32.95 9.02
CA ASP B 294 10.00 33.63 7.81
C ASP B 294 10.01 32.59 6.71
N PRO B 295 9.74 32.99 5.45
CA PRO B 295 9.81 32.01 4.34
C PRO B 295 11.17 31.40 4.11
N LEU B 296 12.24 32.13 4.40
CA LEU B 296 13.59 31.58 4.32
C LEU B 296 13.80 30.50 5.37
N SER B 297 13.25 30.72 6.57
CA SER B 297 13.30 29.71 7.61
C SER B 297 12.40 28.53 7.28
N GLU B 298 11.34 28.76 6.49
CA GLU B 298 10.53 27.66 6.02
C GLU B 298 11.27 26.79 4.99
N THR B 299 12.07 27.43 4.13
CA THR B 299 12.93 26.68 3.21
C THR B 299 14.02 25.92 3.95
N LYS B 300 14.53 26.51 5.02
CA LYS B 300 15.55 25.85 5.83
C LYS B 300 14.97 24.67 6.59
N CYS B 301 13.70 24.76 6.99
CA CYS B 301 13.06 23.62 7.64
C CYS B 301 12.70 22.53 6.64
N THR B 302 12.28 22.90 5.43
CA THR B 302 11.89 21.87 4.47
C THR B 302 13.10 21.17 3.85
N LEU B 303 14.19 21.89 3.59
CA LEU B 303 15.38 21.26 3.05
C LEU B 303 16.20 20.53 4.10
N LYS B 304 15.94 20.80 5.38
CA LYS B 304 16.68 20.30 6.55
C LYS B 304 18.17 20.65 6.43
N SER B 305 18.41 21.96 6.38
CA SER B 305 19.74 22.55 6.29
C SER B 305 19.66 24.00 6.74
N PHE B 306 20.83 24.58 6.98
CA PHE B 306 20.92 26.01 7.28
C PHE B 306 21.65 26.78 6.19
N THR B 307 22.25 26.09 5.23
CA THR B 307 22.81 26.74 4.07
C THR B 307 21.95 26.36 2.87
N VAL B 308 21.07 27.27 2.49
CA VAL B 308 20.19 27.09 1.36
C VAL B 308 20.97 27.53 0.12
N GLU B 309 20.72 26.87 -0.99
CA GLU B 309 21.44 27.21 -2.21
C GLU B 309 20.60 28.16 -3.04
N LYS B 310 21.23 28.73 -4.07
CA LYS B 310 20.54 29.71 -4.87
C LYS B 310 19.64 29.01 -5.90
N GLY B 311 18.34 29.23 -5.79
CA GLY B 311 17.40 28.54 -6.66
C GLY B 311 15.96 28.79 -6.24
N ILE B 312 15.09 27.87 -6.68
CA ILE B 312 13.66 27.89 -6.35
C ILE B 312 13.31 26.65 -5.53
N TYR B 313 12.53 26.86 -4.47
CA TYR B 313 12.09 25.80 -3.57
C TYR B 313 10.63 26.02 -3.20
N GLN B 314 9.84 24.96 -3.26
CA GLN B 314 8.43 25.01 -2.88
C GLN B 314 8.27 24.48 -1.47
N THR B 315 7.33 25.06 -0.72
CA THR B 315 7.16 24.73 0.69
C THR B 315 5.81 24.12 1.03
N SER B 316 4.70 24.72 0.60
CA SER B 316 3.40 24.29 1.08
C SER B 316 2.34 24.64 0.04
N ASN B 317 1.09 24.63 0.48
CA ASN B 317 -0.04 25.14 -0.29
C ASN B 317 -0.85 26.10 0.57
N PHE B 318 -1.92 26.62 -0.02
CA PHE B 318 -2.84 27.50 0.68
C PHE B 318 -4.20 27.45 0.01
N ARG B 319 -5.25 27.44 0.82
CA ARG B 319 -6.61 27.34 0.34
C ARG B 319 -7.44 28.41 1.05
N VAL B 320 -8.29 29.10 0.29
CA VAL B 320 -9.14 30.11 0.89
C VAL B 320 -10.40 29.45 1.46
N GLN B 321 -10.70 29.78 2.71
CA GLN B 321 -11.73 29.10 3.48
C GLN B 321 -13.08 29.81 3.34
N PRO B 322 -14.19 29.06 3.38
CA PRO B 322 -15.51 29.68 3.25
C PRO B 322 -15.92 30.46 4.50
N THR B 323 -16.84 31.42 4.27
CA THR B 323 -17.24 32.37 5.29
C THR B 323 -18.72 32.29 5.66
N GLU B 324 -19.62 32.47 4.70
CA GLU B 324 -21.01 32.80 5.02
C GLU B 324 -21.88 31.57 5.28
N SER B 325 -21.79 30.58 4.37
CA SER B 325 -22.59 29.34 4.37
C SER B 325 -24.10 29.63 4.35
N ILE B 326 -24.54 30.26 3.26
CA ILE B 326 -25.93 30.67 3.12
C ILE B 326 -26.84 29.48 2.88
N VAL B 327 -28.14 29.65 3.13
CA VAL B 327 -29.11 28.56 3.10
C VAL B 327 -30.19 28.91 2.08
N ARG B 328 -30.45 27.98 1.15
CA ARG B 328 -31.48 28.18 0.15
C ARG B 328 -32.43 26.98 0.10
N PHE B 329 -33.70 27.28 -0.13
CA PHE B 329 -34.80 26.38 -0.44
C PHE B 329 -35.75 27.13 -1.37
N PRO B 330 -36.78 26.47 -1.91
CA PRO B 330 -37.86 27.24 -2.57
C PRO B 330 -38.76 27.96 -1.61
N ASN B 331 -39.69 28.68 -2.21
CA ASN B 331 -40.91 29.15 -1.55
C ASN B 331 -41.77 27.94 -1.23
N ILE B 332 -42.03 27.79 0.06
CA ILE B 332 -42.75 26.66 0.69
C ILE B 332 -44.22 26.69 0.31
N THR B 333 -44.88 27.81 0.69
CA THR B 333 -46.11 28.43 0.14
C THR B 333 -47.22 27.51 -0.39
N ASN B 334 -47.66 26.53 0.39
CA ASN B 334 -48.67 25.62 -0.15
C ASN B 334 -50.01 25.67 0.56
N LEU B 335 -50.03 25.91 1.89
CA LEU B 335 -51.23 26.19 2.71
C LEU B 335 -52.23 25.02 2.71
N CYS B 336 -51.86 23.97 3.45
CA CYS B 336 -52.79 22.93 3.91
C CYS B 336 -53.98 23.57 4.63
N PRO B 337 -55.21 23.02 4.50
CA PRO B 337 -56.35 23.50 5.29
C PRO B 337 -56.30 23.10 6.77
N PHE B 338 -55.30 23.62 7.49
CA PHE B 338 -55.18 23.36 8.91
C PHE B 338 -55.84 24.46 9.73
N GLY B 339 -56.19 25.58 9.10
CA GLY B 339 -56.89 26.64 9.82
C GLY B 339 -58.33 26.28 10.10
N GLU B 340 -58.89 25.33 9.33
CA GLU B 340 -60.23 24.84 9.64
C GLU B 340 -60.18 23.61 10.54
N VAL B 341 -58.98 23.12 10.89
CA VAL B 341 -58.94 22.08 11.92
C VAL B 341 -58.16 22.68 13.10
N PHE B 342 -57.99 24.01 13.10
CA PHE B 342 -57.64 24.73 14.33
C PHE B 342 -58.56 25.88 14.68
N ASN B 343 -59.40 26.36 13.77
CA ASN B 343 -60.25 27.52 13.98
C ASN B 343 -61.67 27.31 13.46
N ALA B 344 -62.26 26.15 13.75
CA ALA B 344 -63.67 25.91 13.48
C ALA B 344 -64.36 25.35 14.71
N THR B 345 -65.67 25.57 14.79
CA THR B 345 -66.41 25.44 16.04
C THR B 345 -66.88 24.02 16.34
N ARG B 346 -66.81 23.10 15.38
CA ARG B 346 -67.35 21.76 15.59
C ARG B 346 -66.58 20.78 14.71
N PHE B 347 -65.75 19.96 15.36
CA PHE B 347 -64.93 18.98 14.65
C PHE B 347 -65.64 17.63 14.68
N ALA B 348 -64.93 16.58 14.29
CA ALA B 348 -65.48 15.23 14.28
C ALA B 348 -65.58 14.67 15.71
N SER B 349 -66.41 13.64 15.86
CA SER B 349 -66.70 13.03 17.15
C SER B 349 -65.89 11.77 17.33
N VAL B 350 -66.07 11.09 18.47
CA VAL B 350 -65.29 9.89 18.74
C VAL B 350 -65.87 8.70 17.98
N TYR B 351 -67.13 8.78 17.58
CA TYR B 351 -67.64 7.72 16.72
C TYR B 351 -67.25 7.93 15.27
N ALA B 352 -66.93 9.16 14.88
CA ALA B 352 -66.73 9.49 13.49
C ALA B 352 -65.50 10.37 13.27
N TRP B 353 -64.40 10.10 13.98
CA TRP B 353 -63.17 10.85 13.70
C TRP B 353 -62.57 10.26 12.43
N ASN B 354 -62.60 11.05 11.36
CA ASN B 354 -62.21 10.56 10.05
C ASN B 354 -60.69 10.49 9.89
N ARG B 355 -60.24 9.56 9.04
CA ARG B 355 -58.84 9.44 8.68
C ARG B 355 -58.61 10.24 7.40
N LYS B 356 -58.57 11.56 7.55
CA LYS B 356 -58.53 12.45 6.40
C LYS B 356 -57.13 12.48 5.79
N ARG B 357 -57.07 12.35 4.47
CA ARG B 357 -55.80 12.34 3.75
C ARG B 357 -55.59 13.71 3.13
N ILE B 358 -55.10 14.65 3.96
CA ILE B 358 -54.63 15.93 3.48
C ILE B 358 -53.17 15.73 3.09
N SER B 359 -52.88 15.90 1.81
CA SER B 359 -51.58 15.57 1.25
C SER B 359 -51.12 16.70 0.33
N ASN B 360 -49.81 16.73 0.09
CA ASN B 360 -49.14 17.48 -0.98
C ASN B 360 -49.29 18.99 -0.79
N CYS B 361 -49.23 19.40 0.47
CA CYS B 361 -49.27 20.77 0.94
C CYS B 361 -48.32 20.84 2.14
N VAL B 362 -48.29 21.98 2.82
CA VAL B 362 -47.43 22.14 4.01
C VAL B 362 -48.26 22.59 5.21
N ALA B 363 -47.98 21.98 6.36
CA ALA B 363 -48.63 22.33 7.62
C ALA B 363 -47.55 22.82 8.58
N ASP B 364 -47.36 24.14 8.63
CA ASP B 364 -46.28 24.72 9.43
C ASP B 364 -46.62 24.67 10.93
N TYR B 365 -45.65 24.20 11.71
CA TYR B 365 -45.85 24.00 13.13
C TYR B 365 -45.19 25.07 13.99
N SER B 366 -44.40 25.96 13.38
CA SER B 366 -43.72 27.00 14.15
C SER B 366 -44.67 28.12 14.53
N VAL B 367 -45.80 28.25 13.82
CA VAL B 367 -46.84 29.18 14.22
C VAL B 367 -47.69 28.57 15.34
N LEU B 368 -47.61 27.24 15.51
CA LEU B 368 -48.43 26.59 16.51
C LEU B 368 -47.82 26.70 17.91
N TYR B 369 -46.49 26.83 17.98
CA TYR B 369 -45.85 26.96 19.29
C TYR B 369 -46.08 28.36 19.88
N ASN B 370 -46.24 29.37 19.03
CA ASN B 370 -46.51 30.73 19.48
C ASN B 370 -47.99 31.06 19.43
N SER B 371 -48.86 30.05 19.54
CA SER B 371 -50.30 30.28 19.58
C SER B 371 -50.80 30.73 20.95
N ALA B 372 -49.93 30.65 21.97
CA ALA B 372 -50.23 30.95 23.39
C ALA B 372 -51.39 30.12 23.91
N SER B 373 -51.47 28.86 23.48
CA SER B 373 -52.60 28.01 23.80
C SER B 373 -52.25 26.61 24.24
N PHE B 374 -51.08 26.09 23.89
CA PHE B 374 -50.82 24.66 24.05
C PHE B 374 -50.41 24.34 25.48
N SER B 375 -50.97 23.26 26.01
CA SER B 375 -50.88 22.97 27.43
C SER B 375 -49.99 21.78 27.74
N THR B 376 -50.39 20.58 27.33
CA THR B 376 -49.70 19.35 27.67
C THR B 376 -49.26 18.64 26.41
N PHE B 377 -48.70 19.42 25.48
CA PHE B 377 -48.29 18.89 24.18
C PHE B 377 -47.02 18.08 24.37
N LYS B 378 -46.99 16.89 23.79
CA LYS B 378 -45.89 15.96 23.96
C LYS B 378 -45.75 15.13 22.70
N CYS B 379 -44.68 15.39 21.95
CA CYS B 379 -44.41 14.70 20.69
C CYS B 379 -43.46 13.56 20.99
N TYR B 380 -43.89 12.34 20.68
CA TYR B 380 -43.14 11.16 21.10
C TYR B 380 -42.23 10.66 19.99
N GLY B 381 -41.12 10.05 20.39
CA GLY B 381 -40.12 9.58 19.45
C GLY B 381 -39.11 10.65 19.09
N VAL B 382 -39.58 11.72 18.44
CA VAL B 382 -38.75 12.83 18.01
C VAL B 382 -39.15 14.07 18.82
N SER B 383 -38.26 15.05 18.89
CA SER B 383 -38.49 16.23 19.71
C SER B 383 -39.50 17.17 19.04
N PRO B 384 -40.23 17.99 19.82
CA PRO B 384 -41.13 18.98 19.20
C PRO B 384 -40.42 20.12 18.47
N THR B 385 -39.13 20.35 18.76
CA THR B 385 -38.45 21.50 18.19
C THR B 385 -38.10 21.30 16.72
N LYS B 386 -37.72 20.09 16.34
CA LYS B 386 -37.31 19.79 14.96
C LYS B 386 -38.41 19.09 14.17
N LEU B 387 -39.67 19.45 14.41
CA LEU B 387 -40.79 18.96 13.61
C LEU B 387 -40.84 19.65 12.25
N ASN B 388 -40.33 20.88 12.17
CA ASN B 388 -40.57 21.70 10.98
C ASN B 388 -39.52 21.45 9.90
N ASP B 389 -38.30 21.09 10.28
CA ASP B 389 -37.24 20.95 9.28
C ASP B 389 -37.23 19.53 8.69
N LEU B 390 -37.36 18.51 9.53
CA LEU B 390 -37.31 17.13 9.06
C LEU B 390 -38.72 16.59 9.05
N CYS B 391 -39.09 15.90 7.98
CA CYS B 391 -40.43 15.35 7.90
C CYS B 391 -40.37 13.85 7.61
N PHE B 392 -41.54 13.20 7.63
CA PHE B 392 -41.64 11.76 7.47
C PHE B 392 -42.96 11.46 6.79
N THR B 393 -43.08 10.25 6.24
CA THR B 393 -44.24 9.89 5.43
C THR B 393 -45.45 9.55 6.30
N ASN B 394 -46.56 9.25 5.62
CA ASN B 394 -47.86 8.83 6.19
C ASN B 394 -48.42 9.90 7.15
N VAL B 395 -48.89 11.00 6.56
CA VAL B 395 -49.09 12.24 7.31
C VAL B 395 -50.62 12.38 7.43
N TYR B 396 -51.29 11.25 7.68
CA TYR B 396 -52.73 11.27 7.93
C TYR B 396 -53.03 11.98 9.25
N ALA B 397 -54.21 12.62 9.30
CA ALA B 397 -54.57 13.52 10.40
C ALA B 397 -55.91 13.13 11.00
N ASP B 398 -56.06 13.41 12.30
CA ASP B 398 -57.30 13.16 13.04
C ASP B 398 -57.56 14.32 13.99
N SER B 399 -58.78 14.36 14.54
CA SER B 399 -59.16 15.37 15.52
C SER B 399 -60.36 14.91 16.35
N PHE B 400 -60.42 15.43 17.58
CA PHE B 400 -61.49 15.24 18.57
C PHE B 400 -61.27 16.25 19.70
N VAL B 401 -62.36 16.59 20.39
CA VAL B 401 -62.29 17.18 21.73
C VAL B 401 -62.56 16.07 22.77
N ILE B 402 -61.47 15.53 23.31
CA ILE B 402 -61.58 14.55 24.39
C ILE B 402 -61.82 15.27 25.72
N ARG B 403 -62.64 14.66 26.58
CA ARG B 403 -62.84 15.16 27.93
C ARG B 403 -61.54 15.02 28.71
N GLY B 404 -61.11 16.11 29.33
CA GLY B 404 -59.74 16.25 29.75
C GLY B 404 -59.35 15.68 31.10
N ASP B 405 -60.16 14.79 31.68
CA ASP B 405 -59.81 14.22 32.97
C ASP B 405 -58.65 13.24 32.88
N GLU B 406 -58.48 12.56 31.75
CA GLU B 406 -57.51 11.48 31.61
C GLU B 406 -56.66 11.65 30.36
N VAL B 407 -56.09 12.85 30.18
CA VAL B 407 -55.19 13.12 29.06
C VAL B 407 -53.91 12.31 29.20
N ARG B 408 -53.43 12.13 30.44
CA ARG B 408 -52.23 11.35 30.70
C ARG B 408 -52.42 9.85 30.54
N GLN B 409 -53.65 9.37 30.35
CA GLN B 409 -53.89 7.99 29.95
C GLN B 409 -53.54 7.72 28.50
N ILE B 410 -53.43 8.76 27.66
CA ILE B 410 -52.97 8.61 26.29
C ILE B 410 -51.45 8.74 26.24
N ALA B 411 -50.78 7.61 26.02
CA ALA B 411 -49.33 7.50 26.01
C ALA B 411 -48.97 6.22 25.25
N PRO B 412 -47.74 6.09 24.76
CA PRO B 412 -47.33 4.81 24.18
C PRO B 412 -47.20 3.72 25.25
N GLY B 413 -48.21 2.86 25.31
CA GLY B 413 -48.24 1.79 26.29
C GLY B 413 -48.84 2.17 27.62
N GLN B 414 -49.96 2.89 27.63
CA GLN B 414 -50.66 3.24 28.86
C GLN B 414 -52.16 3.08 28.60
N THR B 415 -52.80 2.20 29.38
CA THR B 415 -54.22 1.91 29.19
C THR B 415 -55.06 2.75 30.14
N GLY B 416 -56.35 2.47 30.21
CA GLY B 416 -57.24 3.19 31.10
C GLY B 416 -58.68 3.17 30.63
N LYS B 417 -59.30 4.35 30.52
CA LYS B 417 -60.64 4.49 29.98
C LYS B 417 -60.61 5.06 28.57
N ILE B 418 -59.86 6.14 28.34
CA ILE B 418 -59.77 6.74 27.02
C ILE B 418 -59.00 5.83 26.08
N ALA B 419 -57.96 5.19 26.58
CA ALA B 419 -57.19 4.25 25.78
C ALA B 419 -57.90 2.92 25.57
N ASP B 420 -58.99 2.64 26.27
CA ASP B 420 -59.76 1.42 26.08
C ASP B 420 -60.93 1.62 25.12
N TYR B 421 -61.64 2.74 25.24
CA TYR B 421 -62.92 2.90 24.57
C TYR B 421 -62.99 4.09 23.62
N ASN B 422 -61.94 4.89 23.51
CA ASN B 422 -61.95 6.02 22.58
C ASN B 422 -60.90 5.91 21.47
N TYR B 423 -59.62 5.81 21.84
CA TYR B 423 -58.50 5.97 20.92
C TYR B 423 -57.22 5.46 21.57
N LYS B 424 -56.48 4.57 20.91
CA LYS B 424 -55.39 3.85 21.55
C LYS B 424 -54.08 4.12 20.82
N LEU B 425 -52.99 4.30 21.60
CA LEU B 425 -51.65 4.55 21.08
C LEU B 425 -50.78 3.32 21.26
N PRO B 426 -50.08 2.84 20.23
CA PRO B 426 -49.25 1.65 20.37
C PRO B 426 -47.89 1.98 20.98
N ASP B 427 -47.08 0.94 21.15
CA ASP B 427 -45.74 1.13 21.68
C ASP B 427 -44.82 1.75 20.64
N ASP B 428 -43.88 2.59 21.12
CA ASP B 428 -42.92 3.39 20.33
C ASP B 428 -43.65 4.27 19.31
N PHE B 429 -44.40 5.23 19.84
CA PHE B 429 -45.20 6.09 18.98
C PHE B 429 -44.32 7.15 18.33
N THR B 430 -44.41 7.25 17.01
CA THR B 430 -43.85 8.36 16.24
C THR B 430 -45.04 9.21 15.84
N GLY B 431 -45.04 10.45 16.29
CA GLY B 431 -46.16 11.34 16.06
C GLY B 431 -46.44 12.15 17.31
N CYS B 432 -47.35 13.11 17.16
CA CYS B 432 -47.66 14.04 18.23
C CYS B 432 -49.16 14.18 18.39
N VAL B 433 -49.63 14.13 19.63
CA VAL B 433 -50.99 14.51 20.00
C VAL B 433 -50.88 15.75 20.87
N ILE B 434 -51.51 16.84 20.44
CA ILE B 434 -51.39 18.13 21.09
C ILE B 434 -52.71 18.42 21.79
N ALA B 435 -52.67 18.53 23.12
CA ALA B 435 -53.85 18.77 23.94
C ALA B 435 -53.87 20.23 24.39
N TRP B 436 -54.95 20.94 24.08
CA TRP B 436 -55.12 22.30 24.56
C TRP B 436 -56.62 22.57 24.73
N ASN B 437 -56.95 23.47 25.66
CA ASN B 437 -58.33 23.72 26.08
C ASN B 437 -59.14 24.43 24.98
N SER B 438 -60.45 24.25 25.03
CA SER B 438 -61.38 24.85 24.07
C SER B 438 -62.60 25.42 24.78
N ASN B 439 -62.36 26.28 25.79
CA ASN B 439 -63.39 26.62 26.76
C ASN B 439 -64.43 27.59 26.21
N ASN B 440 -64.03 28.58 25.40
CA ASN B 440 -64.96 29.62 24.98
C ASN B 440 -65.92 29.17 23.90
N LEU B 441 -65.56 28.18 23.08
CA LEU B 441 -66.28 27.88 21.85
C LEU B 441 -66.94 26.51 21.85
N ASP B 442 -66.32 25.49 22.45
CA ASP B 442 -66.98 24.19 22.63
C ASP B 442 -67.68 24.10 23.98
N SER B 443 -68.48 25.12 24.29
CA SER B 443 -69.24 25.14 25.54
C SER B 443 -70.45 26.06 25.32
N LYS B 444 -71.62 25.45 25.12
CA LYS B 444 -72.84 26.22 25.05
C LYS B 444 -73.51 26.22 26.41
N VAL B 445 -74.52 27.06 26.58
CA VAL B 445 -75.21 27.14 27.86
C VAL B 445 -76.19 25.98 27.97
N GLY B 446 -76.26 25.38 29.17
CA GLY B 446 -77.09 24.21 29.38
C GLY B 446 -76.44 22.89 29.05
N GLY B 447 -75.16 22.89 28.67
CA GLY B 447 -74.46 21.66 28.41
C GLY B 447 -74.30 21.37 26.93
N ASN B 448 -73.06 21.34 26.44
CA ASN B 448 -72.78 21.09 25.02
C ASN B 448 -72.87 19.59 24.77
N TYR B 449 -74.10 19.11 24.54
CA TYR B 449 -74.33 17.70 24.21
C TYR B 449 -74.42 17.49 22.71
N ASN B 450 -73.44 18.01 21.97
CA ASN B 450 -73.30 17.74 20.56
C ASN B 450 -72.28 16.65 20.27
N TYR B 451 -71.53 16.23 21.29
CA TYR B 451 -70.54 15.16 21.18
C TYR B 451 -70.87 14.10 22.23
N LEU B 452 -71.77 13.19 21.88
CA LEU B 452 -72.00 12.01 22.70
C LEU B 452 -70.86 11.02 22.43
N TYR B 453 -70.62 10.10 23.35
CA TYR B 453 -69.42 9.28 23.21
C TYR B 453 -69.70 7.85 23.62
N ARG B 454 -68.90 6.94 23.12
CA ARG B 454 -69.01 5.51 23.44
C ARG B 454 -68.47 5.27 24.83
N LEU B 455 -69.27 4.64 25.67
CA LEU B 455 -68.84 4.29 27.02
C LEU B 455 -68.56 2.80 27.17
N PHE B 456 -69.04 1.97 26.25
CA PHE B 456 -68.94 0.52 26.40
C PHE B 456 -68.57 -0.13 25.08
N ARG B 457 -67.58 -1.02 25.13
CA ARG B 457 -67.23 -1.88 24.00
C ARG B 457 -66.92 -3.25 24.58
N LYS B 458 -67.16 -4.32 23.79
CA LYS B 458 -66.97 -5.68 24.28
C LYS B 458 -65.49 -6.01 24.50
N SER B 459 -64.61 -5.45 23.67
CA SER B 459 -63.20 -5.76 23.72
C SER B 459 -62.38 -4.49 23.81
N ASN B 460 -61.06 -4.67 23.97
CA ASN B 460 -60.14 -3.54 23.93
C ASN B 460 -60.00 -3.03 22.50
N LEU B 461 -59.81 -1.71 22.38
CA LEU B 461 -59.66 -1.11 21.06
C LEU B 461 -58.27 -1.38 20.50
N LYS B 462 -58.21 -1.64 19.20
CA LYS B 462 -56.93 -1.70 18.50
C LYS B 462 -56.37 -0.28 18.42
N PRO B 463 -55.04 -0.12 18.50
CA PRO B 463 -54.44 1.20 18.20
C PRO B 463 -54.74 1.68 16.79
N PHE B 464 -55.12 2.95 16.71
CA PHE B 464 -55.60 3.66 15.51
C PHE B 464 -56.76 2.93 14.84
N GLU B 465 -57.82 2.74 15.61
CA GLU B 465 -59.08 2.19 15.11
C GLU B 465 -60.16 3.23 15.31
N ARG B 466 -60.72 3.73 14.22
CA ARG B 466 -61.90 4.58 14.29
C ARG B 466 -63.10 3.67 14.41
N ASP B 467 -63.72 3.65 15.58
CA ASP B 467 -64.83 2.73 15.86
C ASP B 467 -66.19 3.43 15.69
N ILE B 468 -67.07 2.78 14.93
CA ILE B 468 -68.43 3.25 14.68
C ILE B 468 -69.38 2.05 14.70
N SER B 469 -70.46 2.17 15.47
CA SER B 469 -71.43 1.12 15.73
C SER B 469 -72.68 1.73 16.34
N THR B 470 -73.77 0.95 16.31
CA THR B 470 -75.07 1.37 16.82
C THR B 470 -75.52 0.50 18.00
N GLU B 471 -75.15 -0.79 17.96
CA GLU B 471 -75.61 -1.81 18.90
C GLU B 471 -75.10 -1.56 20.32
N ILE B 472 -76.00 -1.82 21.29
CA ILE B 472 -75.75 -1.55 22.70
C ILE B 472 -74.94 -2.68 23.31
N TYR B 473 -74.44 -2.44 24.52
CA TYR B 473 -73.49 -3.35 25.16
C TYR B 473 -74.15 -4.66 25.60
N GLN B 474 -73.37 -5.73 25.54
CA GLN B 474 -73.78 -7.04 26.00
C GLN B 474 -73.04 -7.34 27.30
N ALA B 475 -73.75 -7.27 28.42
CA ALA B 475 -73.16 -7.54 29.72
C ALA B 475 -73.83 -8.65 30.49
N GLY B 476 -75.14 -8.86 30.31
CA GLY B 476 -75.79 -10.02 30.88
C GLY B 476 -75.89 -11.10 29.82
N SER B 477 -76.70 -12.11 30.08
CA SER B 477 -76.85 -13.20 29.11
C SER B 477 -78.16 -13.01 28.36
N THR B 478 -79.09 -12.28 28.97
CA THR B 478 -80.35 -11.98 28.33
C THR B 478 -80.15 -10.90 27.27
N PRO B 479 -80.56 -11.14 26.02
CA PRO B 479 -80.48 -10.08 25.02
C PRO B 479 -81.55 -9.03 25.23
N CYS B 480 -81.22 -7.79 24.89
CA CYS B 480 -82.19 -6.71 25.00
C CYS B 480 -83.19 -6.78 23.86
N ASN B 481 -84.45 -6.45 24.17
CA ASN B 481 -85.55 -6.58 23.23
C ASN B 481 -85.80 -5.29 22.45
N GLY B 482 -84.84 -4.38 22.45
CA GLY B 482 -85.06 -3.04 21.90
C GLY B 482 -85.47 -2.04 22.96
N VAL B 483 -86.40 -2.42 23.84
CA VAL B 483 -86.76 -1.57 24.97
C VAL B 483 -85.64 -1.65 26.00
N GLU B 484 -85.20 -0.49 26.49
CA GLU B 484 -84.06 -0.40 27.39
C GLU B 484 -84.41 -0.95 28.77
N GLY B 485 -83.58 -1.86 29.27
CA GLY B 485 -83.82 -2.49 30.55
C GLY B 485 -82.69 -2.30 31.56
N PHE B 486 -82.51 -3.28 32.45
CA PHE B 486 -81.50 -3.17 33.48
C PHE B 486 -80.13 -3.67 33.05
N ASN B 487 -80.04 -4.42 31.94
CA ASN B 487 -78.77 -4.96 31.47
C ASN B 487 -78.56 -4.63 30.00
N CYS B 488 -79.17 -3.54 29.53
CA CYS B 488 -78.96 -3.07 28.17
C CYS B 488 -77.68 -2.26 28.06
N TYR B 489 -77.51 -1.27 28.97
CA TYR B 489 -76.30 -0.45 29.15
C TYR B 489 -75.95 0.33 27.88
N PHE B 490 -76.84 1.28 27.57
CA PHE B 490 -76.80 2.27 26.49
C PHE B 490 -75.45 2.97 26.43
N PRO B 491 -74.64 2.73 25.38
CA PRO B 491 -73.25 3.20 25.40
C PRO B 491 -73.10 4.69 25.12
N LEU B 492 -74.09 5.30 24.48
CA LEU B 492 -74.01 6.71 24.08
C LEU B 492 -74.32 7.59 25.28
N GLN B 493 -73.30 7.78 26.12
CA GLN B 493 -73.40 8.69 27.25
C GLN B 493 -73.01 10.10 26.80
N SER B 494 -73.37 11.10 27.60
CA SER B 494 -73.18 12.50 27.24
C SER B 494 -72.08 13.10 28.12
N TYR B 495 -71.05 13.65 27.47
CA TYR B 495 -70.11 14.54 28.13
C TYR B 495 -70.80 15.80 28.63
N GLY B 496 -70.54 16.15 29.88
CA GLY B 496 -71.08 17.37 30.43
C GLY B 496 -70.18 18.56 30.18
N PHE B 497 -70.48 19.34 29.13
CA PHE B 497 -69.63 20.44 28.69
C PHE B 497 -70.42 21.74 28.84
N GLN B 498 -70.33 22.33 29.99
CA GLN B 498 -70.81 23.56 30.61
C GLN B 498 -69.66 24.54 30.85
N PRO B 499 -69.92 25.85 30.81
CA PRO B 499 -68.81 26.81 30.97
C PRO B 499 -68.29 26.93 32.40
N THR B 500 -69.03 26.45 33.40
CA THR B 500 -68.57 26.57 34.78
C THR B 500 -67.75 25.37 35.22
N ASN B 501 -67.50 24.41 34.33
CA ASN B 501 -66.58 23.32 34.64
C ASN B 501 -65.13 23.81 34.75
N GLY B 502 -64.34 23.03 35.48
CA GLY B 502 -62.94 23.33 35.69
C GLY B 502 -62.08 22.90 34.51
N VAL B 503 -60.77 23.05 34.71
CA VAL B 503 -59.82 22.81 33.61
C VAL B 503 -59.65 21.31 33.37
N GLY B 504 -59.83 20.49 34.41
CA GLY B 504 -59.79 19.05 34.21
C GLY B 504 -61.10 18.52 33.64
N TYR B 505 -62.17 19.30 33.78
CA TYR B 505 -63.48 18.86 33.29
C TYR B 505 -63.74 19.39 31.89
N GLN B 506 -63.17 20.54 31.55
CA GLN B 506 -63.32 21.11 30.22
C GLN B 506 -62.52 20.30 29.19
N PRO B 507 -62.98 20.24 27.94
CA PRO B 507 -62.29 19.40 26.95
C PRO B 507 -60.99 20.04 26.44
N TYR B 508 -59.90 19.28 26.57
CA TYR B 508 -58.70 19.56 25.80
C TYR B 508 -58.90 19.09 24.37
N ARG B 509 -58.79 20.01 23.42
CA ARG B 509 -58.85 19.67 22.01
C ARG B 509 -57.58 18.91 21.62
N VAL B 510 -57.74 17.75 20.99
CA VAL B 510 -56.59 16.95 20.57
C VAL B 510 -56.62 16.75 19.07
N VAL B 511 -55.46 16.95 18.43
CA VAL B 511 -55.27 16.61 17.03
C VAL B 511 -54.19 15.54 16.95
N VAL B 512 -54.45 14.53 16.13
CA VAL B 512 -53.56 13.39 15.99
C VAL B 512 -52.90 13.52 14.62
N LEU B 513 -51.66 14.01 14.60
CA LEU B 513 -50.83 14.00 13.40
C LEU B 513 -50.02 12.71 13.47
N SER B 514 -50.69 11.58 13.18
CA SER B 514 -50.09 10.26 13.25
C SER B 514 -49.08 10.07 12.14
N PHE B 515 -47.93 9.49 12.48
CA PHE B 515 -46.81 9.29 11.57
C PHE B 515 -46.58 7.80 11.48
N GLU B 516 -46.74 7.21 10.30
CA GLU B 516 -46.46 5.81 10.13
C GLU B 516 -45.33 5.63 9.11
N LEU B 517 -44.80 4.41 9.00
CA LEU B 517 -43.76 4.07 8.03
C LEU B 517 -44.40 3.11 7.03
N LEU B 518 -44.25 3.42 5.75
CA LEU B 518 -44.67 2.56 4.67
C LEU B 518 -43.80 2.85 3.45
N HIS B 519 -44.12 2.18 2.33
CA HIS B 519 -43.65 2.60 1.01
C HIS B 519 -44.62 3.62 0.42
N ALA B 520 -44.64 4.80 1.05
CA ALA B 520 -45.62 5.85 0.83
C ALA B 520 -44.91 7.18 0.62
N PRO B 521 -45.51 8.13 -0.12
CA PRO B 521 -44.86 9.44 -0.31
C PRO B 521 -44.89 10.28 0.95
N ALA B 522 -43.81 10.98 1.23
CA ALA B 522 -43.83 11.96 2.30
C ALA B 522 -44.43 13.27 1.79
N THR B 523 -45.73 13.44 2.04
CA THR B 523 -46.53 14.42 1.32
C THR B 523 -46.55 15.79 1.97
N VAL B 524 -46.74 15.87 3.28
CA VAL B 524 -46.84 17.14 3.98
C VAL B 524 -45.68 17.25 4.95
N CYS B 525 -44.85 18.28 4.77
CA CYS B 525 -43.78 18.57 5.70
C CYS B 525 -43.92 20.02 6.16
N GLY B 526 -43.12 20.38 7.16
CA GLY B 526 -43.07 21.73 7.64
C GLY B 526 -42.22 22.62 6.75
N PRO B 527 -42.13 23.91 7.07
CA PRO B 527 -41.39 24.84 6.23
C PRO B 527 -39.88 24.67 6.43
N LYS B 528 -39.14 25.05 5.40
CA LYS B 528 -37.69 25.13 5.47
C LYS B 528 -37.24 26.54 5.13
N LYS B 529 -36.61 27.19 6.10
CA LYS B 529 -36.19 28.58 5.98
C LYS B 529 -35.02 28.70 5.02
N SER B 530 -34.87 29.90 4.45
CA SER B 530 -33.78 30.17 3.53
C SER B 530 -33.21 31.55 3.83
N THR B 531 -31.91 31.68 3.64
CA THR B 531 -31.19 32.95 3.81
C THR B 531 -31.17 33.69 2.48
N ASN B 532 -30.33 34.72 2.39
CA ASN B 532 -30.18 35.48 1.16
C ASN B 532 -29.03 34.89 0.34
N LEU B 533 -28.76 35.51 -0.81
CA LEU B 533 -27.82 34.99 -1.78
C LEU B 533 -26.51 35.78 -1.77
N VAL B 534 -25.39 35.06 -1.67
CA VAL B 534 -24.07 35.67 -1.72
C VAL B 534 -23.44 35.35 -3.08
N LYS B 535 -22.75 36.34 -3.63
CA LYS B 535 -22.18 36.25 -4.97
C LYS B 535 -20.74 36.74 -4.90
N ASN B 536 -19.91 36.20 -5.81
CA ASN B 536 -18.49 36.58 -6.01
C ASN B 536 -17.65 36.41 -4.74
N LYS B 537 -17.71 35.24 -4.15
CA LYS B 537 -17.08 34.99 -2.86
C LYS B 537 -16.77 33.52 -2.76
N CYS B 538 -15.57 33.19 -2.29
CA CYS B 538 -15.25 31.78 -2.01
C CYS B 538 -16.00 31.37 -0.75
N VAL B 539 -17.02 30.54 -0.92
CA VAL B 539 -18.03 30.37 0.12
C VAL B 539 -18.65 28.99 -0.01
N ASN B 540 -19.17 28.48 1.11
CA ASN B 540 -19.99 27.28 1.17
C ASN B 540 -21.45 27.64 0.90
N PHE B 541 -22.20 26.70 0.35
CA PHE B 541 -23.60 26.99 0.04
C PHE B 541 -24.50 25.86 0.49
N ASN B 542 -25.76 26.20 0.76
CA ASN B 542 -26.77 25.19 1.06
C ASN B 542 -27.95 25.49 0.15
N PHE B 543 -27.91 25.03 -1.10
CA PHE B 543 -29.06 25.25 -1.98
C PHE B 543 -30.14 24.20 -1.75
N ASN B 544 -31.11 24.19 -2.67
CA ASN B 544 -32.27 23.30 -2.68
C ASN B 544 -31.92 21.83 -2.97
N GLY B 545 -31.24 21.18 -2.04
CA GLY B 545 -30.94 19.78 -2.22
C GLY B 545 -29.46 19.50 -2.26
N LEU B 546 -28.67 20.49 -2.69
CA LEU B 546 -27.25 20.28 -2.93
C LEU B 546 -26.42 21.33 -2.20
N THR B 547 -25.37 20.87 -1.55
CA THR B 547 -24.47 21.69 -0.74
C THR B 547 -23.04 21.52 -1.25
N GLY B 548 -22.20 22.52 -1.00
CA GLY B 548 -20.81 22.41 -1.40
C GLY B 548 -20.11 23.75 -1.34
N THR B 549 -18.84 23.75 -1.76
CA THR B 549 -17.96 24.91 -1.64
C THR B 549 -17.51 25.38 -3.02
N GLY B 550 -17.24 26.67 -3.14
CA GLY B 550 -16.74 27.22 -4.39
C GLY B 550 -16.90 28.73 -4.44
N VAL B 551 -16.76 29.28 -5.64
CA VAL B 551 -16.96 30.70 -5.91
C VAL B 551 -18.15 30.83 -6.84
N LEU B 552 -19.13 31.63 -6.47
CA LEU B 552 -20.43 31.59 -7.09
C LEU B 552 -20.67 32.88 -7.87
N THR B 553 -20.95 32.75 -9.15
CA THR B 553 -20.91 33.88 -10.08
C THR B 553 -22.22 33.99 -10.85
N GLU B 554 -22.33 35.10 -11.59
CA GLU B 554 -23.40 35.23 -12.57
C GLU B 554 -23.13 34.33 -13.75
N SER B 555 -24.18 34.07 -14.54
CA SER B 555 -24.10 33.13 -15.64
C SER B 555 -23.98 33.84 -16.98
N ASN B 556 -23.71 33.04 -18.02
CA ASN B 556 -23.87 33.46 -19.40
C ASN B 556 -24.56 32.43 -20.27
N LYS B 557 -24.81 31.22 -19.74
CA LYS B 557 -25.56 30.22 -20.48
C LYS B 557 -27.04 30.27 -20.12
N LYS B 558 -27.81 29.36 -20.70
CA LYS B 558 -29.23 29.25 -20.40
C LYS B 558 -29.56 27.76 -20.31
N PHE B 559 -30.66 27.45 -19.62
CA PHE B 559 -31.11 26.07 -19.48
C PHE B 559 -32.48 25.88 -20.13
N LEU B 560 -32.86 24.63 -20.29
CA LEU B 560 -34.25 24.27 -20.50
C LEU B 560 -35.01 24.39 -19.19
N PRO B 561 -36.36 24.54 -19.21
CA PRO B 561 -37.11 24.71 -17.95
C PRO B 561 -37.17 23.53 -16.98
N PHE B 562 -36.46 22.42 -17.22
CA PHE B 562 -36.51 21.29 -16.30
C PHE B 562 -35.22 20.97 -15.59
N GLN B 563 -34.07 21.53 -15.99
CA GLN B 563 -32.86 21.26 -15.23
C GLN B 563 -32.86 22.07 -13.94
N GLN B 564 -32.20 21.50 -12.92
CA GLN B 564 -31.99 22.18 -11.65
C GLN B 564 -30.54 22.60 -11.45
N PHE B 565 -29.60 21.82 -11.97
CA PHE B 565 -28.19 22.18 -11.95
C PHE B 565 -27.57 21.59 -13.21
N GLY B 566 -26.25 21.67 -13.31
CA GLY B 566 -25.56 21.12 -14.46
C GLY B 566 -24.12 20.80 -14.14
N ARG B 567 -23.55 19.88 -14.91
CA ARG B 567 -22.16 19.50 -14.81
C ARG B 567 -21.47 19.70 -16.16
N ASP B 568 -20.25 19.21 -16.27
CA ASP B 568 -19.50 19.33 -17.51
C ASP B 568 -18.77 18.01 -17.78
N ILE B 569 -17.74 18.07 -18.63
CA ILE B 569 -16.88 16.92 -18.88
C ILE B 569 -16.22 16.43 -17.58
N ALA B 570 -16.26 15.10 -17.40
CA ALA B 570 -15.89 14.31 -16.23
C ALA B 570 -16.71 14.60 -14.98
N ASP B 571 -17.87 15.25 -15.12
CA ASP B 571 -18.93 15.40 -14.11
C ASP B 571 -18.45 16.12 -12.84
N THR B 572 -18.06 17.38 -13.03
CA THR B 572 -17.84 18.31 -11.94
C THR B 572 -18.92 19.37 -12.00
N THR B 573 -19.54 19.66 -10.87
CA THR B 573 -20.69 20.54 -10.89
C THR B 573 -20.27 21.99 -11.04
N ASP B 574 -20.64 22.60 -12.16
CA ASP B 574 -20.28 23.99 -12.41
C ASP B 574 -21.46 24.93 -12.56
N ALA B 575 -22.69 24.50 -12.27
CA ALA B 575 -23.86 25.35 -12.47
C ALA B 575 -24.96 24.94 -11.50
N VAL B 576 -25.90 25.85 -11.28
CA VAL B 576 -27.07 25.61 -10.44
C VAL B 576 -28.14 26.61 -10.87
N ARG B 577 -29.40 26.34 -10.53
CA ARG B 577 -30.49 27.31 -10.65
C ARG B 577 -30.93 27.67 -9.24
N ASP B 578 -31.19 28.98 -8.98
CA ASP B 578 -31.73 29.31 -7.67
C ASP B 578 -33.25 29.27 -7.73
N PRO B 579 -33.93 28.78 -6.68
CA PRO B 579 -35.38 28.53 -6.81
C PRO B 579 -36.27 29.72 -6.54
N GLN B 580 -35.79 30.72 -5.82
CA GLN B 580 -36.63 31.85 -5.42
C GLN B 580 -36.40 33.08 -6.26
N THR B 581 -35.62 32.97 -7.31
CA THR B 581 -35.18 34.14 -8.02
C THR B 581 -35.37 33.94 -9.52
N LEU B 582 -35.54 32.67 -9.97
CA LEU B 582 -35.74 32.24 -11.36
C LEU B 582 -34.54 32.65 -12.22
N GLU B 583 -33.33 32.44 -11.68
CA GLU B 583 -32.10 32.81 -12.35
C GLU B 583 -31.15 31.63 -12.35
N ILE B 584 -30.05 31.76 -13.07
CA ILE B 584 -29.13 30.67 -13.33
C ILE B 584 -27.76 31.11 -12.80
N LEU B 585 -27.10 30.24 -12.03
CA LEU B 585 -25.95 30.66 -11.25
C LEU B 585 -24.80 29.67 -11.43
N ASP B 586 -23.58 30.20 -11.63
CA ASP B 586 -22.43 29.39 -12.02
C ASP B 586 -21.49 29.14 -10.84
N ILE B 587 -20.67 28.08 -10.98
CA ILE B 587 -19.79 27.61 -9.91
C ILE B 587 -18.35 27.59 -10.42
N THR B 588 -17.44 28.22 -9.67
CA THR B 588 -15.99 28.23 -9.90
C THR B 588 -15.30 27.74 -8.63
N PRO B 589 -14.26 26.92 -8.75
CA PRO B 589 -13.51 26.51 -7.55
C PRO B 589 -12.70 27.65 -6.95
N CYS B 590 -12.43 27.53 -5.64
CA CYS B 590 -11.77 28.59 -4.89
C CYS B 590 -10.28 28.68 -5.20
N SER B 591 -9.69 29.78 -4.74
CA SER B 591 -8.30 30.08 -5.03
C SER B 591 -7.38 29.17 -4.23
N PHE B 592 -6.57 28.40 -4.94
CA PHE B 592 -5.57 27.56 -4.31
C PHE B 592 -4.42 27.35 -5.28
N GLY B 593 -3.35 26.77 -4.76
CA GLY B 593 -2.19 26.50 -5.58
C GLY B 593 -1.00 26.20 -4.69
N GLY B 594 0.16 26.08 -5.32
CA GLY B 594 1.38 25.91 -4.56
C GLY B 594 2.00 27.24 -4.21
N VAL B 595 3.03 27.23 -3.37
CA VAL B 595 3.82 28.41 -3.05
C VAL B 595 5.28 28.04 -3.22
N SER B 596 6.06 28.93 -3.83
CA SER B 596 7.50 28.78 -3.95
C SER B 596 8.19 30.01 -3.40
N VAL B 597 9.42 29.82 -2.93
CA VAL B 597 10.22 30.86 -2.29
C VAL B 597 11.48 31.06 -3.10
N ILE B 598 11.77 32.30 -3.46
CA ILE B 598 12.93 32.62 -4.29
C ILE B 598 14.03 33.08 -3.37
N THR B 599 15.19 32.42 -3.42
CA THR B 599 16.29 32.88 -2.61
C THR B 599 17.58 32.92 -3.41
N PRO B 600 18.49 33.85 -3.10
CA PRO B 600 19.82 33.84 -3.71
C PRO B 600 20.88 33.11 -2.91
N GLY B 601 20.50 32.24 -1.98
CA GLY B 601 21.50 31.60 -1.15
C GLY B 601 21.49 32.13 0.27
N THR B 602 22.04 31.34 1.19
CA THR B 602 22.21 31.78 2.56
C THR B 602 23.24 32.90 2.67
N ASN B 603 24.38 32.72 2.01
CA ASN B 603 25.53 33.59 2.22
C ASN B 603 25.37 34.99 1.64
N THR B 604 24.46 35.15 0.70
CA THR B 604 24.47 36.34 -0.12
C THR B 604 23.46 37.35 0.45
N SER B 605 22.28 36.87 0.80
CA SER B 605 21.28 37.70 1.42
C SER B 605 20.42 36.85 2.36
N ASN B 606 19.51 37.53 3.05
CA ASN B 606 18.48 36.86 3.84
C ASN B 606 17.09 37.31 3.44
N GLN B 607 16.96 38.31 2.58
CA GLN B 607 15.63 38.65 2.07
C GLN B 607 15.29 37.71 0.92
N VAL B 608 14.04 37.27 0.90
CA VAL B 608 13.57 36.29 -0.07
C VAL B 608 12.31 36.82 -0.75
N ALA B 609 12.03 36.27 -1.91
CA ALA B 609 10.83 36.60 -2.67
C ALA B 609 9.93 35.38 -2.71
N VAL B 610 8.64 35.61 -2.53
CA VAL B 610 7.68 34.53 -2.38
C VAL B 610 6.71 34.58 -3.55
N LEU B 611 6.57 33.45 -4.23
CA LEU B 611 5.67 33.36 -5.39
C LEU B 611 4.45 32.54 -5.02
N TYR B 612 3.27 33.14 -5.19
CA TYR B 612 2.00 32.46 -5.03
C TYR B 612 1.49 32.20 -6.45
N GLN B 613 1.48 30.94 -6.89
CA GLN B 613 1.26 30.70 -8.30
C GLN B 613 -0.23 30.63 -8.64
N ASP B 614 -0.53 31.01 -9.89
CA ASP B 614 -1.84 31.18 -10.55
C ASP B 614 -2.92 31.77 -9.64
N VAL B 615 -2.56 32.86 -8.98
CA VAL B 615 -3.46 33.59 -8.10
C VAL B 615 -3.54 35.02 -8.60
N ASN B 616 -4.77 35.53 -8.73
CA ASN B 616 -5.02 36.96 -8.87
C ASN B 616 -4.37 37.70 -7.71
N CYS B 617 -3.36 38.49 -8.02
CA CYS B 617 -2.47 39.06 -7.02
C CYS B 617 -3.05 40.32 -6.37
N THR B 618 -4.23 40.18 -5.78
CA THR B 618 -4.90 41.16 -4.93
C THR B 618 -5.41 40.54 -3.64
N GLU B 619 -5.77 39.26 -3.67
CA GLU B 619 -6.34 38.57 -2.52
C GLU B 619 -5.30 37.74 -1.77
N VAL B 620 -4.03 38.07 -1.93
CA VAL B 620 -2.98 37.36 -1.17
C VAL B 620 -2.90 37.69 0.32
N PRO B 621 -3.36 38.85 0.84
CA PRO B 621 -3.67 38.86 2.29
C PRO B 621 -5.00 38.23 2.63
N VAL B 622 -5.82 37.92 1.65
CA VAL B 622 -7.14 37.33 1.87
C VAL B 622 -6.96 35.82 1.73
N ALA B 623 -5.89 35.41 1.04
CA ALA B 623 -5.59 33.99 0.89
C ALA B 623 -5.12 33.37 2.20
N ILE B 624 -4.20 34.04 2.87
CA ILE B 624 -3.68 33.53 4.14
C ILE B 624 -4.36 34.26 5.29
N HIS B 625 -4.17 33.73 6.50
CA HIS B 625 -4.62 34.39 7.72
C HIS B 625 -3.61 35.48 8.05
N ALA B 626 -3.85 36.68 7.49
CA ALA B 626 -2.88 37.76 7.60
C ALA B 626 -2.91 38.38 9.01
N ASP B 627 -4.08 38.38 9.65
CA ASP B 627 -4.16 38.90 11.01
C ASP B 627 -3.76 37.87 12.06
N GLN B 628 -3.55 36.61 11.69
CA GLN B 628 -3.19 35.58 12.66
C GLN B 628 -1.70 35.25 12.67
N LEU B 629 -0.97 35.58 11.60
CA LEU B 629 0.44 35.21 11.55
C LEU B 629 1.32 36.27 12.22
N THR B 630 2.62 36.16 11.97
CA THR B 630 3.63 37.00 12.59
C THR B 630 3.59 38.40 11.98
N PRO B 631 4.15 39.40 12.68
CA PRO B 631 4.48 40.68 12.01
C PRO B 631 5.54 40.55 10.93
N THR B 632 6.40 39.54 11.00
CA THR B 632 7.39 39.27 9.95
C THR B 632 6.75 38.77 8.66
N TRP B 633 5.74 37.90 8.76
CA TRP B 633 5.07 37.39 7.56
C TRP B 633 4.14 38.42 6.94
N ARG B 634 3.71 39.41 7.73
CA ARG B 634 2.72 40.37 7.24
C ARG B 634 3.29 41.38 6.28
N VAL B 635 4.61 41.58 6.26
CA VAL B 635 5.23 42.37 5.19
C VAL B 635 5.46 41.53 3.96
N TYR B 636 5.29 40.21 4.06
CA TYR B 636 5.24 39.32 2.91
C TYR B 636 3.81 38.96 2.55
N SER B 637 2.85 39.77 2.99
CA SER B 637 1.46 39.66 2.56
C SER B 637 1.00 40.90 1.81
N THR B 638 1.66 42.03 1.99
CA THR B 638 1.32 43.26 1.30
C THR B 638 2.57 44.13 1.23
N GLY B 639 2.45 45.24 0.52
CA GLY B 639 3.52 46.20 0.42
C GLY B 639 3.52 46.82 -0.96
N SER B 640 4.45 47.76 -1.17
CA SER B 640 4.63 48.35 -2.49
C SER B 640 5.34 47.38 -3.44
N ASN B 641 6.06 46.42 -2.89
CA ASN B 641 6.86 45.48 -3.67
C ASN B 641 6.02 44.24 -3.91
N VAL B 642 4.95 44.37 -4.68
CA VAL B 642 4.01 43.28 -4.95
C VAL B 642 3.79 43.21 -6.47
N PHE B 643 4.06 42.05 -7.06
CA PHE B 643 4.07 41.86 -8.50
C PHE B 643 3.12 40.74 -8.92
N GLN B 644 2.34 41.00 -9.95
CA GLN B 644 1.51 39.99 -10.61
C GLN B 644 2.25 39.53 -11.86
N THR B 645 2.44 38.22 -11.99
CA THR B 645 3.09 37.66 -13.16
C THR B 645 2.07 36.85 -13.96
N ARG B 646 2.55 36.24 -15.05
CA ARG B 646 1.76 35.20 -15.68
C ARG B 646 1.77 33.92 -14.86
N ALA B 647 2.90 33.59 -14.26
CA ALA B 647 3.05 32.40 -13.43
C ALA B 647 2.36 32.52 -12.07
N GLY B 648 2.05 33.72 -11.61
CA GLY B 648 1.30 33.86 -10.38
C GLY B 648 1.57 35.20 -9.73
N CYS B 649 1.28 35.28 -8.44
CA CYS B 649 1.51 36.46 -7.63
C CYS B 649 2.89 36.37 -6.99
N LEU B 650 3.73 37.36 -7.26
CA LEU B 650 5.09 37.42 -6.75
C LEU B 650 5.17 38.50 -5.68
N ILE B 651 5.52 38.09 -4.46
CA ILE B 651 5.54 39.00 -3.32
C ILE B 651 6.98 39.15 -2.84
N GLY B 652 7.46 40.38 -2.84
CA GLY B 652 8.80 40.68 -2.38
C GLY B 652 9.78 41.08 -3.46
N ALA B 653 9.37 41.03 -4.73
CA ALA B 653 10.23 41.41 -5.83
C ALA B 653 9.51 42.44 -6.69
N GLU B 654 10.29 43.36 -7.26
CA GLU B 654 9.76 44.41 -8.11
C GLU B 654 10.07 44.11 -9.56
N HIS B 655 9.22 44.60 -10.46
CA HIS B 655 9.38 44.34 -11.88
C HIS B 655 10.43 45.25 -12.49
N VAL B 656 11.26 44.69 -13.37
CA VAL B 656 12.31 45.44 -14.03
C VAL B 656 12.10 45.32 -15.54
N ASN B 657 12.03 46.47 -16.21
CA ASN B 657 11.86 46.55 -17.65
C ASN B 657 13.04 45.99 -18.44
N ASN B 658 14.25 46.09 -17.91
CA ASN B 658 15.44 45.62 -18.59
C ASN B 658 15.48 44.09 -18.61
N SER B 659 16.18 43.54 -19.59
CA SER B 659 16.21 42.10 -19.80
C SER B 659 17.63 41.58 -19.70
N TYR B 660 17.84 40.62 -18.80
CA TYR B 660 19.16 40.02 -18.59
C TYR B 660 19.04 38.52 -18.76
N GLU B 661 20.13 37.81 -18.46
CA GLU B 661 20.14 36.37 -18.55
C GLU B 661 19.37 35.77 -17.38
N CYS B 662 18.98 34.51 -17.52
CA CYS B 662 18.20 33.88 -16.47
C CYS B 662 19.09 33.38 -15.34
N ASP B 663 18.69 33.70 -14.12
CA ASP B 663 19.40 33.26 -12.92
C ASP B 663 18.52 32.37 -12.05
N ILE B 664 17.33 32.85 -11.70
CA ILE B 664 16.35 32.09 -10.93
C ILE B 664 15.16 31.82 -11.84
N PRO B 665 14.86 30.57 -12.18
CA PRO B 665 13.76 30.29 -13.10
C PRO B 665 12.42 30.36 -12.38
N ILE B 666 11.52 31.20 -12.89
CA ILE B 666 10.19 31.35 -12.33
C ILE B 666 9.16 30.59 -13.17
N GLY B 667 9.14 30.83 -14.46
CA GLY B 667 8.13 30.31 -15.36
C GLY B 667 7.69 31.43 -16.29
N ALA B 668 7.30 31.02 -17.51
CA ALA B 668 6.80 31.88 -18.60
C ALA B 668 7.79 32.97 -19.00
N GLY B 669 9.08 32.63 -18.98
CA GLY B 669 10.11 33.52 -19.44
C GLY B 669 10.57 34.55 -18.44
N ILE B 670 10.05 34.52 -17.22
CA ILE B 670 10.40 35.50 -16.20
C ILE B 670 11.49 34.90 -15.33
N CYS B 671 12.52 35.69 -15.03
CA CYS B 671 13.61 35.27 -14.17
C CYS B 671 13.94 36.35 -13.15
N ALA B 672 14.62 35.93 -12.09
CA ALA B 672 14.90 36.79 -10.95
C ALA B 672 16.37 36.73 -10.59
N SER B 673 16.85 37.80 -9.98
CA SER B 673 18.24 37.88 -9.53
C SER B 673 18.33 38.87 -8.39
N TYR B 674 19.54 39.07 -7.89
CA TYR B 674 19.81 39.95 -6.77
C TYR B 674 20.90 40.93 -7.17
N GLN B 675 20.58 42.22 -7.13
CA GLN B 675 21.51 43.27 -7.55
C GLN B 675 21.85 44.25 -6.43
N THR B 676 21.46 43.93 -5.19
CA THR B 676 21.66 44.71 -3.96
C THR B 676 21.14 46.14 -4.04
N SER B 691 18.24 44.48 -3.55
CA SER B 691 16.85 44.13 -3.72
C SER B 691 16.69 43.00 -4.73
N ILE B 692 15.71 42.13 -4.49
CA ILE B 692 15.39 41.05 -5.42
C ILE B 692 14.55 41.62 -6.55
N ILE B 693 15.04 41.49 -7.77
CA ILE B 693 14.38 42.04 -8.94
C ILE B 693 13.76 40.91 -9.73
N ALA B 694 12.77 41.24 -10.56
CA ALA B 694 12.15 40.29 -11.47
C ALA B 694 12.12 40.90 -12.87
N TYR B 695 12.34 40.06 -13.87
CA TYR B 695 12.51 40.55 -15.24
C TYR B 695 12.15 39.43 -16.20
N THR B 696 11.65 39.81 -17.37
CA THR B 696 11.53 38.89 -18.49
C THR B 696 12.92 38.74 -19.07
N MET B 697 13.36 37.51 -19.27
CA MET B 697 14.76 37.26 -19.55
C MET B 697 15.12 37.59 -20.99
N SER B 698 16.41 37.83 -21.20
CA SER B 698 16.99 37.96 -22.53
C SER B 698 17.76 36.68 -22.83
N LEU B 699 17.56 36.16 -24.03
CA LEU B 699 18.14 34.87 -24.38
C LEU B 699 19.63 34.94 -24.67
N GLY B 700 20.14 36.13 -24.95
CA GLY B 700 21.55 36.27 -25.24
C GLY B 700 21.79 37.61 -25.91
N ALA B 701 23.07 37.86 -26.17
CA ALA B 701 23.47 39.06 -26.87
C ALA B 701 23.07 38.96 -28.33
N GLU B 702 22.58 40.08 -28.87
CA GLU B 702 22.17 40.13 -30.25
C GLU B 702 23.38 40.10 -31.17
N ASN B 703 23.25 39.40 -32.28
CA ASN B 703 24.34 39.35 -33.24
C ASN B 703 23.76 39.43 -34.64
N SER B 704 24.19 40.45 -35.38
CA SER B 704 23.78 40.59 -36.76
C SER B 704 25.03 40.36 -37.61
N VAL B 705 25.08 39.21 -38.26
CA VAL B 705 26.26 38.80 -39.00
C VAL B 705 26.30 39.58 -40.31
N ALA B 706 27.48 40.09 -40.66
CA ALA B 706 27.65 40.94 -41.84
C ALA B 706 27.59 40.08 -43.10
N TYR B 707 26.36 39.80 -43.51
CA TYR B 707 26.14 39.02 -44.72
C TYR B 707 26.22 39.92 -45.95
N SER B 708 26.75 39.37 -47.03
CA SER B 708 26.58 39.95 -48.35
C SER B 708 26.71 38.86 -49.38
N ASN B 709 26.78 39.27 -50.63
CA ASN B 709 27.10 38.41 -51.74
C ASN B 709 28.57 38.00 -51.77
N ASN B 710 29.45 38.77 -51.13
CA ASN B 710 30.87 38.58 -51.33
C ASN B 710 31.67 38.81 -50.04
N SER B 711 31.19 38.26 -48.94
CA SER B 711 31.87 38.38 -47.65
C SER B 711 32.17 37.01 -47.06
N ILE B 712 33.45 36.77 -46.79
CA ILE B 712 33.94 35.53 -46.22
C ILE B 712 34.76 35.87 -44.97
N ALA B 713 34.38 35.26 -43.86
CA ALA B 713 35.17 35.36 -42.64
C ALA B 713 35.90 34.04 -42.40
N ILE B 714 37.23 34.11 -42.37
CA ILE B 714 38.11 33.00 -42.04
C ILE B 714 38.91 33.35 -40.79
N PRO B 715 38.99 32.45 -39.80
CA PRO B 715 39.86 32.70 -38.66
C PRO B 715 41.33 32.64 -39.05
N THR B 716 42.14 33.51 -38.43
CA THR B 716 43.56 33.42 -38.63
C THR B 716 44.27 32.75 -37.47
N ASN B 717 43.52 32.30 -36.47
CA ASN B 717 44.13 31.70 -35.29
C ASN B 717 43.10 30.75 -34.70
N PHE B 718 43.44 30.14 -33.58
CA PHE B 718 42.53 29.22 -32.94
C PHE B 718 42.84 29.10 -31.46
N THR B 719 41.85 28.68 -30.71
CA THR B 719 42.04 28.25 -29.34
C THR B 719 41.87 26.74 -29.32
N ILE B 720 42.36 26.11 -28.25
CA ILE B 720 42.02 24.74 -27.95
C ILE B 720 41.44 24.72 -26.55
N SER B 721 40.17 24.38 -26.45
CA SER B 721 39.48 24.34 -25.18
C SER B 721 39.14 22.90 -24.85
N VAL B 722 39.53 22.48 -23.66
CA VAL B 722 39.22 21.14 -23.17
C VAL B 722 38.04 21.27 -22.22
N THR B 723 37.05 20.41 -22.40
CA THR B 723 35.75 20.58 -21.76
C THR B 723 35.33 19.27 -21.14
N THR B 724 34.94 19.31 -19.87
CA THR B 724 34.42 18.14 -19.20
C THR B 724 33.01 17.83 -19.69
N GLU B 725 32.65 16.56 -19.58
CA GLU B 725 31.28 16.12 -19.84
C GLU B 725 31.04 14.88 -18.98
N ILE B 726 30.20 15.03 -17.97
CA ILE B 726 30.09 14.06 -16.90
C ILE B 726 28.80 13.27 -17.07
N LEU B 727 28.92 11.95 -17.12
CA LEU B 727 27.82 11.06 -17.39
C LEU B 727 27.85 9.94 -16.36
N PRO B 728 26.72 9.58 -15.77
CA PRO B 728 26.69 8.43 -14.85
C PRO B 728 26.56 7.13 -15.62
N VAL B 729 27.22 6.09 -15.11
CA VAL B 729 27.09 4.77 -15.71
C VAL B 729 26.50 3.73 -14.77
N SER B 730 26.46 3.97 -13.47
CA SER B 730 25.98 2.95 -12.56
C SER B 730 25.38 3.63 -11.35
N MET B 731 24.62 2.86 -10.59
CA MET B 731 24.21 3.29 -9.26
C MET B 731 24.30 2.11 -8.31
N THR B 732 23.85 2.31 -7.08
CA THR B 732 24.14 1.38 -6.00
C THR B 732 23.32 0.11 -6.11
N LYS B 733 24.01 -1.04 -6.08
CA LYS B 733 23.37 -2.34 -6.25
C LYS B 733 22.74 -2.73 -4.92
N THR B 734 21.42 -2.66 -4.84
CA THR B 734 20.71 -2.96 -3.61
C THR B 734 19.90 -4.24 -3.79
N SER B 735 19.60 -4.90 -2.68
CA SER B 735 18.69 -6.03 -2.64
C SER B 735 18.04 -6.10 -1.27
N VAL B 736 16.79 -6.54 -1.23
CA VAL B 736 16.03 -6.59 0.02
C VAL B 736 15.52 -8.00 0.25
N ASP B 737 15.45 -8.42 1.50
CA ASP B 737 14.83 -9.68 1.88
C ASP B 737 13.51 -9.39 2.57
N CYS B 738 12.41 -9.71 1.89
CA CYS B 738 11.10 -9.18 2.26
C CYS B 738 10.55 -9.89 3.49
N THR B 739 11.00 -11.13 3.73
CA THR B 739 10.44 -11.92 4.83
C THR B 739 10.91 -11.41 6.19
N MET B 740 11.99 -10.62 6.20
CA MET B 740 12.35 -9.93 7.43
C MET B 740 12.16 -8.41 7.27
N TYR B 741 12.05 -7.92 6.03
CA TYR B 741 11.75 -6.50 5.85
C TYR B 741 10.30 -6.17 6.19
N ILE B 742 9.35 -6.95 5.68
CA ILE B 742 7.95 -6.74 6.07
C ILE B 742 7.71 -7.25 7.48
N CYS B 743 8.02 -8.52 7.71
CA CYS B 743 7.57 -9.22 8.89
C CYS B 743 8.49 -8.95 10.08
N GLY B 744 9.77 -9.22 9.93
CA GLY B 744 10.70 -9.04 11.03
C GLY B 744 10.59 -10.13 12.07
N ASP B 745 11.01 -11.34 11.67
CA ASP B 745 11.02 -12.61 12.42
C ASP B 745 9.72 -12.87 13.20
N SER B 746 8.60 -12.63 12.52
CA SER B 746 7.29 -12.97 13.07
C SER B 746 6.79 -14.17 12.27
N THR B 747 6.58 -15.29 12.97
CA THR B 747 6.29 -16.56 12.30
C THR B 747 4.89 -16.57 11.72
N GLU B 748 3.95 -15.91 12.40
CA GLU B 748 2.58 -15.80 11.87
C GLU B 748 2.51 -14.83 10.70
N CYS B 749 3.43 -13.86 10.64
CA CYS B 749 3.51 -12.98 9.48
C CYS B 749 4.04 -13.74 8.27
N SER B 750 5.06 -14.56 8.47
CA SER B 750 5.62 -15.32 7.37
C SER B 750 4.73 -16.50 6.99
N ASN B 751 3.85 -16.91 7.90
CA ASN B 751 2.74 -17.79 7.52
C ASN B 751 1.72 -17.02 6.69
N LEU B 752 1.51 -15.75 7.01
CA LEU B 752 0.49 -14.98 6.31
C LEU B 752 1.01 -14.47 4.96
N LEU B 753 2.32 -14.42 4.78
CA LEU B 753 2.86 -13.80 3.58
C LEU B 753 2.84 -14.76 2.40
N LEU B 754 3.04 -16.06 2.63
CA LEU B 754 3.04 -17.02 1.53
C LEU B 754 1.66 -17.30 0.97
N GLN B 755 0.60 -16.95 1.70
CA GLN B 755 -0.72 -17.06 1.09
C GLN B 755 -1.09 -15.79 0.33
N TYR B 756 -0.19 -14.81 0.23
CA TYR B 756 -0.22 -13.83 -0.84
C TYR B 756 0.46 -14.33 -2.11
N GLY B 757 1.01 -15.51 -2.08
CA GLY B 757 1.60 -16.09 -3.28
C GLY B 757 3.11 -15.83 -3.34
N SER B 758 3.57 -15.29 -4.46
CA SER B 758 4.99 -15.16 -4.75
C SER B 758 5.33 -13.76 -5.22
N PHE B 759 5.03 -12.74 -4.41
CA PHE B 759 5.56 -11.41 -4.70
C PHE B 759 7.08 -11.36 -4.60
N CYS B 760 7.64 -11.97 -3.57
CA CYS B 760 9.02 -11.68 -3.17
C CYS B 760 10.04 -12.28 -4.13
N THR B 761 9.70 -13.39 -4.79
CA THR B 761 10.59 -13.96 -5.81
C THR B 761 10.64 -13.05 -7.03
N GLN B 762 9.50 -12.45 -7.40
CA GLN B 762 9.45 -11.45 -8.45
C GLN B 762 10.20 -10.17 -8.07
N LEU B 763 10.07 -9.74 -6.81
CA LEU B 763 10.87 -8.64 -6.27
C LEU B 763 12.36 -8.89 -6.34
N ASN B 764 12.79 -10.09 -5.94
CA ASN B 764 14.23 -10.36 -5.85
C ASN B 764 14.83 -10.53 -7.24
N ARG B 765 14.10 -11.16 -8.16
CA ARG B 765 14.62 -11.30 -9.51
C ARG B 765 14.49 -9.99 -10.29
N ALA B 766 13.53 -9.14 -9.92
CA ALA B 766 13.46 -7.82 -10.52
C ALA B 766 14.58 -6.93 -10.04
N LEU B 767 14.95 -7.03 -8.77
CA LEU B 767 15.95 -6.12 -8.24
C LEU B 767 17.37 -6.60 -8.48
N THR B 768 17.61 -7.91 -8.53
CA THR B 768 18.93 -8.45 -8.86
C THR B 768 19.27 -8.18 -10.32
N GLY B 769 18.25 -8.16 -11.18
CA GLY B 769 18.44 -7.86 -12.58
C GLY B 769 18.91 -6.44 -12.84
N ILE B 770 18.47 -5.50 -11.99
CA ILE B 770 19.01 -4.14 -12.02
C ILE B 770 20.50 -4.14 -11.72
N ALA B 771 20.91 -4.87 -10.67
CA ALA B 771 22.30 -4.88 -10.20
C ALA B 771 23.24 -5.54 -11.21
N VAL B 772 22.77 -6.63 -11.84
CA VAL B 772 23.57 -7.22 -12.92
C VAL B 772 23.51 -6.36 -14.17
N GLU B 773 22.50 -5.49 -14.30
CA GLU B 773 22.51 -4.57 -15.43
C GLU B 773 23.50 -3.42 -15.21
N GLN B 774 23.73 -2.95 -13.97
CA GLN B 774 24.83 -1.98 -13.82
C GLN B 774 26.20 -2.65 -13.91
N ASP B 775 26.30 -3.93 -13.55
CA ASP B 775 27.55 -4.68 -13.81
C ASP B 775 27.82 -4.79 -15.32
N LYS B 776 26.78 -5.08 -16.10
CA LYS B 776 26.89 -5.11 -17.55
C LYS B 776 27.14 -3.71 -18.12
N ASN B 777 26.64 -2.67 -17.43
CA ASN B 777 26.86 -1.28 -17.85
C ASN B 777 28.32 -0.88 -17.70
N THR B 778 28.93 -1.19 -16.56
CA THR B 778 30.32 -0.82 -16.34
C THR B 778 31.26 -1.64 -17.21
N GLN B 779 30.89 -2.92 -17.46
CA GLN B 779 31.62 -3.74 -18.42
C GLN B 779 31.47 -3.19 -19.85
N GLU B 780 30.30 -2.65 -20.19
CA GLU B 780 30.08 -2.18 -21.54
C GLU B 780 30.75 -0.84 -21.80
N VAL B 781 30.79 0.03 -20.77
CA VAL B 781 31.43 1.33 -20.96
C VAL B 781 32.94 1.20 -20.92
N PHE B 782 33.48 0.63 -19.84
CA PHE B 782 34.91 0.70 -19.62
C PHE B 782 35.72 -0.40 -20.28
N ALA B 783 35.24 -1.66 -20.25
CA ALA B 783 36.02 -2.80 -20.73
C ALA B 783 35.89 -2.91 -22.24
N GLN B 784 36.57 -2.01 -22.95
CA GLN B 784 36.57 -2.03 -24.40
C GLN B 784 37.97 -2.21 -24.96
N VAL B 785 38.90 -2.73 -24.17
CA VAL B 785 40.24 -3.07 -24.62
C VAL B 785 40.50 -4.55 -24.38
N LYS B 786 41.18 -5.18 -25.34
CA LYS B 786 41.61 -6.55 -25.17
C LYS B 786 42.78 -6.62 -24.21
N GLN B 787 43.73 -5.70 -24.36
CA GLN B 787 44.98 -5.68 -23.62
C GLN B 787 44.98 -4.49 -22.67
N ILE B 788 45.94 -4.49 -21.75
CA ILE B 788 46.12 -3.37 -20.84
C ILE B 788 47.47 -2.74 -21.18
N TYR B 789 47.44 -1.49 -21.60
CA TYR B 789 48.64 -0.81 -22.07
C TYR B 789 49.29 -0.03 -20.95
N LYS B 790 50.59 0.20 -21.10
CA LYS B 790 51.35 1.00 -20.16
C LYS B 790 52.06 2.09 -20.94
N THR B 791 52.12 3.24 -20.37
CA THR B 791 52.90 4.33 -20.93
C THR B 791 54.39 4.06 -20.77
N PRO B 792 55.23 4.59 -21.65
CA PRO B 792 56.67 4.49 -21.43
C PRO B 792 57.10 5.30 -20.24
N PRO B 793 58.17 4.90 -19.55
CA PRO B 793 58.62 5.65 -18.36
C PRO B 793 59.23 7.00 -18.69
N ILE B 794 59.88 7.12 -19.84
CA ILE B 794 60.32 8.41 -20.35
C ILE B 794 59.19 8.96 -21.23
N LYS B 795 58.76 10.17 -20.93
CA LYS B 795 57.54 10.74 -21.48
C LYS B 795 57.91 11.98 -22.27
N ASP B 796 58.01 11.84 -23.58
CA ASP B 796 58.32 12.94 -24.49
C ASP B 796 57.26 12.93 -25.57
N PHE B 797 56.19 13.69 -25.34
CA PHE B 797 55.06 13.74 -26.27
C PHE B 797 54.99 15.06 -27.02
N GLY B 798 56.12 15.53 -27.53
CA GLY B 798 56.15 16.65 -28.45
C GLY B 798 55.87 18.00 -27.83
N GLY B 799 55.84 18.09 -26.51
CA GLY B 799 55.50 19.32 -25.80
C GLY B 799 54.22 19.19 -25.00
N PHE B 800 53.43 18.17 -25.28
CA PHE B 800 52.20 17.97 -24.54
C PHE B 800 52.47 17.18 -23.28
N ASN B 801 51.99 17.69 -22.14
CA ASN B 801 52.34 17.21 -20.82
C ASN B 801 51.02 16.64 -20.29
N PHE B 802 51.00 15.35 -20.00
CA PHE B 802 49.83 14.64 -19.51
C PHE B 802 49.97 14.20 -18.05
N SER B 803 50.59 15.00 -17.19
CA SER B 803 50.89 14.48 -15.85
C SER B 803 49.66 14.46 -14.96
N GLN B 804 48.66 15.28 -15.28
CA GLN B 804 47.48 15.39 -14.46
C GLN B 804 46.51 14.23 -14.63
N ILE B 805 46.51 13.58 -15.79
CA ILE B 805 45.54 12.54 -16.09
C ILE B 805 46.14 11.15 -16.05
N LEU B 806 47.44 11.02 -16.17
CA LEU B 806 48.11 9.75 -15.99
C LEU B 806 48.09 9.37 -14.52
N PRO B 807 48.09 8.07 -14.20
CA PRO B 807 48.05 7.66 -12.79
C PRO B 807 49.35 7.97 -12.05
N ASP B 808 49.20 8.36 -10.79
CA ASP B 808 50.31 8.76 -9.94
C ASP B 808 50.84 7.55 -9.21
N PRO B 809 52.10 7.14 -9.41
CA PRO B 809 52.64 6.05 -8.61
C PRO B 809 53.06 6.48 -7.21
N SER B 810 53.13 7.79 -6.96
CA SER B 810 53.45 8.29 -5.62
C SER B 810 52.30 8.02 -4.65
N LYS B 811 51.07 8.18 -5.12
CA LYS B 811 49.93 7.73 -4.35
C LYS B 811 49.85 6.20 -4.40
N PRO B 812 49.46 5.55 -3.29
CA PRO B 812 49.36 4.08 -3.30
C PRO B 812 48.10 3.58 -3.97
N SER B 813 47.14 4.49 -4.20
CA SER B 813 45.86 4.11 -4.80
C SER B 813 45.95 3.95 -6.31
N LYS B 814 47.06 4.39 -6.93
CA LYS B 814 47.35 4.28 -8.36
C LYS B 814 46.28 4.97 -9.21
N ARG B 815 46.24 6.29 -9.10
CA ARG B 815 45.16 7.07 -9.68
C ARG B 815 45.71 8.40 -10.16
N SER B 816 44.96 9.08 -11.02
CA SER B 816 45.40 10.35 -11.57
C SER B 816 45.26 11.48 -10.56
N PHE B 817 45.80 12.64 -10.93
CA PHE B 817 45.69 13.81 -10.09
C PHE B 817 44.29 14.41 -10.13
N ILE B 818 43.56 14.15 -11.21
CA ILE B 818 42.23 14.73 -11.38
C ILE B 818 41.18 13.81 -10.76
N GLU B 819 41.39 12.49 -10.83
CA GLU B 819 40.42 11.55 -10.28
C GLU B 819 40.44 11.53 -8.75
N ASP B 820 41.57 11.93 -8.14
CA ASP B 820 41.63 12.11 -6.69
C ASP B 820 40.72 13.23 -6.23
N LEU B 821 40.75 14.38 -6.91
CA LEU B 821 39.86 15.47 -6.52
C LEU B 821 38.43 15.21 -6.99
N LEU B 822 38.25 14.33 -7.98
CA LEU B 822 36.91 13.86 -8.31
C LEU B 822 36.34 12.99 -7.20
N PHE B 823 37.18 12.17 -6.57
CA PHE B 823 36.67 11.27 -5.54
C PHE B 823 36.51 11.99 -4.21
N ASN B 824 37.38 12.97 -3.94
CA ASN B 824 37.20 13.78 -2.73
C ASN B 824 36.09 14.80 -2.93
N LYS B 825 35.77 15.12 -4.19
CA LYS B 825 34.65 15.98 -4.49
C LYS B 825 33.31 15.31 -4.19
N VAL B 826 33.15 14.05 -4.55
CA VAL B 826 31.86 13.36 -4.42
C VAL B 826 31.87 12.40 -3.25
N THR B 827 31.19 12.78 -2.17
CA THR B 827 30.94 11.92 -1.02
C THR B 827 29.44 11.91 -0.78
N LEU B 828 29.00 11.07 0.17
CA LEU B 828 27.57 10.94 0.47
C LEU B 828 27.01 12.17 1.17
N ALA B 852 23.15 3.14 4.31
CA ALA B 852 24.55 2.97 4.72
C ALA B 852 24.64 2.07 5.93
N GLN B 853 23.56 1.34 6.20
CA GLN B 853 23.48 0.51 7.37
C GLN B 853 22.62 -0.70 7.05
N LYS B 854 22.32 -1.46 8.10
CA LYS B 854 21.39 -2.58 8.02
C LYS B 854 20.37 -2.37 9.13
N PHE B 855 19.11 -2.20 8.75
CA PHE B 855 18.03 -2.40 9.69
C PHE B 855 16.86 -2.88 8.84
N ASN B 856 16.44 -4.10 9.13
CA ASN B 856 15.34 -4.84 8.50
C ASN B 856 15.49 -5.02 7.00
N GLY B 857 16.60 -5.53 6.51
CA GLY B 857 16.63 -6.24 5.25
C GLY B 857 17.27 -5.58 4.05
N LEU B 858 17.63 -4.31 4.11
CA LEU B 858 18.31 -3.69 2.98
C LEU B 858 19.79 -4.02 3.05
N THR B 859 20.36 -4.41 1.91
CA THR B 859 21.79 -4.62 1.81
C THR B 859 22.29 -3.98 0.53
N VAL B 860 23.57 -3.68 0.50
CA VAL B 860 24.21 -3.11 -0.67
C VAL B 860 25.23 -4.12 -1.19
N LEU B 861 25.02 -4.59 -2.37
CA LEU B 861 26.05 -5.39 -2.99
C LEU B 861 27.17 -4.51 -3.47
N PRO B 862 28.42 -4.93 -3.33
CA PRO B 862 29.53 -4.17 -3.88
C PRO B 862 29.57 -4.31 -5.40
N PRO B 863 30.13 -3.34 -6.11
CA PRO B 863 30.33 -3.52 -7.55
C PRO B 863 31.40 -4.56 -7.83
N LEU B 864 31.29 -5.19 -9.01
CA LEU B 864 32.24 -6.23 -9.36
C LEU B 864 33.60 -5.66 -9.67
N LEU B 865 33.65 -4.51 -10.31
CA LEU B 865 34.91 -3.85 -10.60
C LEU B 865 35.18 -2.85 -9.48
N THR B 866 36.36 -2.95 -8.87
CA THR B 866 36.69 -2.02 -7.81
C THR B 866 37.17 -0.70 -8.39
N ASP B 867 37.67 0.15 -7.50
CA ASP B 867 38.07 1.47 -7.92
C ASP B 867 39.41 1.44 -8.62
N GLU B 868 40.31 0.57 -8.16
CA GLU B 868 41.59 0.31 -8.80
C GLU B 868 41.40 -0.34 -10.17
N MET B 869 40.32 -1.13 -10.32
CA MET B 869 40.00 -1.81 -11.57
C MET B 869 39.65 -0.82 -12.67
N ILE B 870 38.77 0.13 -12.34
CA ILE B 870 38.36 1.18 -13.28
C ILE B 870 39.51 2.11 -13.56
N ALA B 871 40.35 2.36 -12.54
CA ALA B 871 41.56 3.16 -12.74
C ALA B 871 42.55 2.46 -13.67
N GLN B 872 42.59 1.13 -13.63
CA GLN B 872 43.47 0.38 -14.51
C GLN B 872 43.01 0.42 -15.97
N TYR B 873 41.70 0.28 -16.19
CA TYR B 873 41.13 0.52 -17.52
C TYR B 873 41.37 1.93 -18.04
N THR B 874 41.16 2.97 -17.22
CA THR B 874 41.35 4.32 -17.72
C THR B 874 42.83 4.65 -17.95
N SER B 875 43.73 4.03 -17.19
CA SER B 875 45.16 4.14 -17.46
C SER B 875 45.53 3.48 -18.78
N ALA B 876 44.95 2.31 -19.07
CA ALA B 876 45.23 1.63 -20.33
C ALA B 876 44.67 2.38 -21.52
N LEU B 877 43.50 2.99 -21.36
CA LEU B 877 42.90 3.80 -22.41
C LEU B 877 43.68 5.09 -22.67
N LEU B 878 44.26 5.70 -21.64
CA LEU B 878 45.12 6.86 -21.90
C LEU B 878 46.42 6.47 -22.54
N ALA B 879 46.97 5.30 -22.19
CA ALA B 879 48.18 4.83 -22.85
C ALA B 879 47.93 4.50 -24.31
N GLY B 880 46.74 3.96 -24.60
CA GLY B 880 46.36 3.70 -25.98
C GLY B 880 46.14 4.97 -26.77
N THR B 881 45.38 5.92 -26.23
CA THR B 881 45.09 7.13 -27.01
C THR B 881 46.25 8.11 -27.02
N ILE B 882 47.28 7.91 -26.19
CA ILE B 882 48.47 8.73 -26.32
C ILE B 882 49.48 8.07 -27.26
N THR B 883 49.86 6.82 -27.00
CA THR B 883 50.96 6.24 -27.75
C THR B 883 50.52 5.59 -29.06
N SER B 884 49.22 5.44 -29.30
CA SER B 884 48.80 4.78 -30.52
C SER B 884 47.72 5.51 -31.28
N GLY B 885 47.17 6.58 -30.72
CA GLY B 885 46.12 7.30 -31.43
C GLY B 885 44.79 6.59 -31.31
N TRP B 886 44.31 6.10 -32.44
CA TRP B 886 43.08 5.33 -32.48
C TRP B 886 43.24 3.97 -33.13
N THR B 887 44.47 3.55 -33.42
CA THR B 887 44.68 2.26 -34.04
C THR B 887 44.49 1.12 -33.05
N PHE B 888 44.61 1.41 -31.75
CA PHE B 888 44.40 0.38 -30.75
C PHE B 888 42.93 0.05 -30.57
N GLY B 889 42.03 0.95 -30.96
CA GLY B 889 40.63 0.61 -30.93
C GLY B 889 40.15 -0.25 -32.07
N ALA B 890 40.94 -0.35 -33.14
CA ALA B 890 40.56 -1.11 -34.32
C ALA B 890 41.23 -2.47 -34.40
N GLY B 891 42.48 -2.56 -33.98
CA GLY B 891 43.21 -3.82 -34.02
C GLY B 891 44.32 -3.81 -33.02
N ALA B 892 45.50 -4.25 -33.45
CA ALA B 892 46.68 -4.16 -32.60
C ALA B 892 47.09 -2.70 -32.47
N ALA B 893 47.72 -2.39 -31.34
CA ALA B 893 48.14 -1.02 -31.06
C ALA B 893 49.34 -0.63 -31.91
N LEU B 894 49.12 0.29 -32.84
CA LEU B 894 50.15 0.71 -33.77
C LEU B 894 50.74 2.01 -33.26
N GLN B 895 52.04 2.00 -33.05
CA GLN B 895 52.72 3.07 -32.33
C GLN B 895 53.03 4.26 -33.21
N ILE B 896 52.51 5.42 -32.84
CA ILE B 896 52.71 6.65 -33.59
C ILE B 896 53.01 7.76 -32.59
N PRO B 897 54.08 8.54 -32.77
CA PRO B 897 54.39 9.62 -31.85
C PRO B 897 53.38 10.75 -31.94
N PHE B 898 53.30 11.54 -30.87
CA PHE B 898 52.10 12.34 -30.62
C PHE B 898 52.02 13.55 -31.54
N ALA B 899 53.15 14.05 -32.00
CA ALA B 899 53.12 15.15 -32.97
C ALA B 899 52.67 14.67 -34.34
N MET B 900 52.88 13.39 -34.65
CA MET B 900 52.32 12.85 -35.89
C MET B 900 50.82 12.65 -35.76
N GLN B 901 50.37 12.25 -34.58
CA GLN B 901 48.99 11.86 -34.41
C GLN B 901 48.10 13.09 -34.24
N MET B 902 48.67 14.19 -33.75
CA MET B 902 47.99 15.47 -33.82
C MET B 902 47.83 15.96 -35.26
N ALA B 903 48.81 15.68 -36.11
CA ALA B 903 48.70 16.06 -37.51
C ALA B 903 47.72 15.17 -38.25
N TYR B 904 47.59 13.92 -37.79
CA TYR B 904 46.53 13.05 -38.28
C TYR B 904 45.16 13.59 -37.91
N ARG B 905 45.01 14.03 -36.66
CA ARG B 905 43.68 14.47 -36.23
C ARG B 905 43.35 15.87 -36.72
N PHE B 906 44.35 16.66 -37.12
CA PHE B 906 44.03 17.86 -37.86
C PHE B 906 43.58 17.56 -39.28
N ASN B 907 44.02 16.42 -39.83
CA ASN B 907 43.65 16.08 -41.19
C ASN B 907 42.20 15.63 -41.27
N GLY B 908 41.65 15.13 -40.15
CA GLY B 908 40.24 14.79 -40.10
C GLY B 908 39.34 15.99 -39.85
N ILE B 909 39.90 17.12 -39.45
CA ILE B 909 39.12 18.31 -39.19
C ILE B 909 38.89 19.12 -40.46
N GLY B 910 39.95 19.46 -41.18
CA GLY B 910 39.84 20.41 -42.26
C GLY B 910 40.89 21.50 -42.22
N VAL B 911 41.96 21.31 -41.48
CA VAL B 911 43.15 22.13 -41.59
C VAL B 911 44.27 21.24 -42.09
N THR B 912 45.24 21.83 -42.78
CA THR B 912 46.35 21.06 -43.31
C THR B 912 47.31 20.67 -42.20
N GLN B 913 48.25 19.80 -42.56
CA GLN B 913 49.16 19.24 -41.57
C GLN B 913 50.22 20.25 -41.15
N ASN B 914 50.49 21.25 -41.99
CA ASN B 914 51.60 22.14 -41.72
C ASN B 914 51.24 23.20 -40.70
N VAL B 915 49.95 23.39 -40.41
CA VAL B 915 49.59 24.42 -39.43
C VAL B 915 49.72 23.89 -38.01
N LEU B 916 49.93 22.59 -37.84
CA LEU B 916 50.31 22.07 -36.54
C LEU B 916 51.77 22.30 -36.24
N TYR B 917 52.66 21.86 -37.14
CA TYR B 917 54.08 21.78 -36.85
C TYR B 917 54.76 23.13 -36.75
N GLU B 918 54.19 24.16 -37.36
CA GLU B 918 54.76 25.48 -37.17
C GLU B 918 54.09 26.24 -36.04
N ASN B 919 53.18 25.59 -35.31
CA ASN B 919 52.63 26.15 -34.09
C ASN B 919 52.61 25.13 -32.96
N GLN B 920 53.55 24.18 -32.96
CA GLN B 920 53.51 23.01 -32.07
C GLN B 920 53.74 23.40 -30.61
N LYS B 921 54.68 24.31 -30.38
CA LYS B 921 54.95 24.79 -29.03
C LYS B 921 53.80 25.64 -28.52
N LEU B 922 53.17 26.40 -29.41
CA LEU B 922 52.04 27.24 -29.03
C LEU B 922 50.80 26.41 -28.72
N ILE B 923 50.56 25.37 -29.53
CA ILE B 923 49.46 24.43 -29.28
C ILE B 923 49.69 23.65 -27.99
N ALA B 924 50.94 23.27 -27.73
CA ALA B 924 51.26 22.55 -26.50
C ALA B 924 51.12 23.44 -25.26
N ASN B 925 51.47 24.72 -25.39
CA ASN B 925 51.33 25.65 -24.27
C ASN B 925 49.86 25.97 -24.00
N GLN B 926 49.07 26.09 -25.08
CA GLN B 926 47.61 26.25 -24.94
C GLN B 926 46.97 25.03 -24.30
N PHE B 927 47.45 23.84 -24.65
CA PHE B 927 46.89 22.62 -24.11
C PHE B 927 47.23 22.44 -22.64
N ASN B 928 48.51 22.65 -22.28
CA ASN B 928 48.92 22.45 -20.90
C ASN B 928 48.43 23.57 -20.00
N SER B 929 48.14 24.74 -20.57
CA SER B 929 47.41 25.75 -19.80
C SER B 929 45.93 25.40 -19.72
N ALA B 930 45.42 24.67 -20.70
CA ALA B 930 44.00 24.35 -20.71
C ALA B 930 43.65 23.23 -19.74
N ILE B 931 44.56 22.27 -19.55
CA ILE B 931 44.36 21.17 -18.61
C ILE B 931 44.35 21.69 -17.17
N GLY B 932 45.20 22.69 -16.89
CA GLY B 932 45.30 23.21 -15.54
C GLY B 932 44.10 24.06 -15.14
N LYS B 933 43.37 24.57 -16.13
CA LYS B 933 42.14 25.30 -15.81
C LYS B 933 41.01 24.37 -15.45
N ILE B 934 41.09 23.09 -15.84
CA ILE B 934 40.06 22.12 -15.48
C ILE B 934 40.14 21.79 -14.00
N GLN B 935 41.37 21.69 -13.47
CA GLN B 935 41.59 21.50 -12.04
C GLN B 935 41.07 22.71 -11.24
N ASP B 936 41.28 23.91 -11.78
CA ASP B 936 40.74 25.11 -11.14
C ASP B 936 39.25 25.23 -11.37
N SER B 937 38.72 24.62 -12.43
CA SER B 937 37.28 24.59 -12.60
C SER B 937 36.60 23.61 -11.65
N LEU B 938 37.21 22.46 -11.41
CA LEU B 938 36.59 21.45 -10.55
C LEU B 938 36.82 21.70 -9.08
N SER B 939 38.06 21.99 -8.68
CA SER B 939 38.36 22.11 -7.25
C SER B 939 37.92 23.43 -6.64
N SER B 940 37.50 24.40 -7.46
CA SER B 940 37.01 25.65 -6.91
C SER B 940 35.51 25.85 -7.14
N THR B 941 34.84 24.89 -7.79
CA THR B 941 33.40 24.91 -7.97
C THR B 941 32.85 23.53 -7.66
N ALA B 942 32.08 23.41 -6.58
CA ALA B 942 31.58 22.12 -6.14
C ALA B 942 30.30 21.69 -6.84
N SER B 943 29.72 22.55 -7.68
CA SER B 943 28.45 22.27 -8.33
C SER B 943 28.62 21.67 -9.71
N ALA B 944 29.86 21.39 -10.13
CA ALA B 944 30.08 20.79 -11.42
C ALA B 944 29.74 19.30 -11.42
N LEU B 945 29.82 18.67 -10.24
CA LEU B 945 29.60 17.24 -10.11
C LEU B 945 28.21 16.90 -9.59
N GLY B 946 27.20 17.69 -9.95
CA GLY B 946 25.86 17.40 -9.48
C GLY B 946 25.22 16.24 -10.22
N LYS B 947 25.72 15.93 -11.42
CA LYS B 947 25.12 14.89 -12.25
C LYS B 947 25.51 13.49 -11.78
N LEU B 948 26.50 13.39 -10.90
CA LEU B 948 26.72 12.13 -10.22
C LEU B 948 26.11 12.15 -8.83
N GLN B 949 26.07 13.33 -8.20
CA GLN B 949 25.60 13.44 -6.83
C GLN B 949 24.10 13.25 -6.71
N ASP B 950 23.35 13.59 -7.77
CA ASP B 950 21.89 13.47 -7.71
C ASP B 950 21.44 12.01 -7.73
N VAL B 951 22.24 11.13 -8.33
CA VAL B 951 21.90 9.71 -8.37
C VAL B 951 22.05 9.09 -6.99
N VAL B 952 23.17 9.40 -6.31
CA VAL B 952 23.42 8.88 -4.97
C VAL B 952 22.45 9.49 -3.97
N ASN B 953 22.11 10.78 -4.17
CA ASN B 953 21.13 11.45 -3.34
C ASN B 953 19.74 10.88 -3.56
N GLN B 954 19.40 10.51 -4.79
CA GLN B 954 18.09 9.93 -5.05
C GLN B 954 17.99 8.51 -4.52
N ASN B 955 19.08 7.76 -4.54
CA ASN B 955 19.03 6.40 -4.02
C ASN B 955 18.97 6.38 -2.51
N ALA B 956 19.73 7.27 -1.86
CA ALA B 956 19.62 7.42 -0.41
C ALA B 956 18.27 7.99 -0.02
N GLN B 957 17.70 8.85 -0.88
CA GLN B 957 16.36 9.37 -0.64
C GLN B 957 15.30 8.29 -0.77
N ALA B 958 15.46 7.38 -1.73
CA ALA B 958 14.50 6.29 -1.91
C ALA B 958 14.58 5.30 -0.75
N LEU B 959 15.79 4.95 -0.32
CA LEU B 959 15.97 4.07 0.83
C LEU B 959 15.48 4.71 2.12
N ASN B 960 15.74 6.01 2.30
CA ASN B 960 15.30 6.67 3.53
C ASN B 960 13.81 6.99 3.48
N THR B 961 13.18 6.99 2.30
CA THR B 961 11.73 6.98 2.31
C THR B 961 11.20 5.63 2.74
N LEU B 962 11.81 4.53 2.26
CA LEU B 962 11.23 3.22 2.58
C LEU B 962 11.50 2.81 4.03
N VAL B 963 12.52 3.40 4.63
CA VAL B 963 12.73 3.22 6.07
C VAL B 963 11.60 3.89 6.86
N LYS B 964 11.10 5.02 6.38
CA LYS B 964 10.10 5.75 7.15
C LYS B 964 8.70 5.14 7.06
N GLN B 965 8.47 4.16 6.17
CA GLN B 965 7.19 3.46 6.34
C GLN B 965 7.29 2.24 7.23
N LEU B 966 8.39 2.06 7.92
CA LEU B 966 8.37 1.07 8.99
C LEU B 966 7.61 1.56 10.20
N SER B 967 7.43 2.87 10.34
CA SER B 967 6.76 3.48 11.48
C SER B 967 5.40 4.01 11.08
N SER B 968 4.72 3.32 10.15
CA SER B 968 3.42 3.75 9.68
C SER B 968 2.36 2.80 10.18
N ASN B 969 1.35 3.36 10.83
CA ASN B 969 0.26 2.56 11.38
C ASN B 969 -0.65 2.03 10.28
N PHE B 970 -0.78 2.81 9.19
CA PHE B 970 -1.68 2.59 8.04
C PHE B 970 -3.16 2.54 8.44
N GLY B 971 -3.54 3.10 9.58
CA GLY B 971 -4.91 3.03 10.04
C GLY B 971 -5.21 1.83 10.92
N ALA B 972 -4.19 1.13 11.42
CA ALA B 972 -4.40 0.00 12.31
C ALA B 972 -4.47 0.50 13.75
N ILE B 973 -4.51 -0.42 14.71
CA ILE B 973 -4.48 -0.04 16.12
C ILE B 973 -3.06 0.36 16.52
N SER B 974 -2.08 -0.45 16.16
CA SER B 974 -0.72 -0.21 16.62
C SER B 974 0.27 -0.42 15.47
N SER B 975 1.32 0.39 15.48
CA SER B 975 2.41 0.27 14.50
C SER B 975 3.43 -0.78 14.91
N VAL B 976 3.41 -1.20 16.17
CA VAL B 976 4.32 -2.20 16.69
C VAL B 976 3.54 -3.50 16.85
N LEU B 977 4.10 -4.59 16.33
CA LEU B 977 3.38 -5.86 16.32
C LEU B 977 3.34 -6.50 17.72
N ASN B 978 4.21 -6.05 18.62
CA ASN B 978 4.16 -6.52 20.00
C ASN B 978 2.92 -5.99 20.71
N ASP B 979 2.54 -4.74 20.41
CA ASP B 979 1.30 -4.18 20.93
C ASP B 979 0.09 -4.83 20.27
N ILE B 980 0.27 -5.29 19.02
CA ILE B 980 -0.77 -6.02 18.31
C ILE B 980 -1.03 -7.37 18.97
N LEU B 981 0.02 -8.11 19.29
CA LEU B 981 -0.14 -9.43 19.89
C LEU B 981 -0.50 -9.33 21.37
N SER B 982 -0.11 -8.23 22.03
CA SER B 982 -0.24 -8.16 23.48
C SER B 982 -1.67 -7.81 23.89
N ARG B 983 -2.21 -6.72 23.36
CA ARG B 983 -3.47 -6.18 23.87
C ARG B 983 -4.70 -6.76 23.20
N LEU B 984 -4.60 -7.15 21.93
CA LEU B 984 -5.77 -7.59 21.20
C LEU B 984 -5.54 -9.02 20.72
N ASP B 985 -6.63 -9.77 20.64
CA ASP B 985 -6.99 -11.17 20.41
C ASP B 985 -6.41 -11.64 19.08
N PRO B 986 -5.95 -12.90 18.99
CA PRO B 986 -5.19 -13.38 17.79
C PRO B 986 -5.96 -13.34 16.46
N PRO B 987 -7.18 -13.91 16.29
CA PRO B 987 -7.72 -13.94 14.92
C PRO B 987 -8.35 -12.62 14.46
N GLU B 988 -8.43 -11.60 15.31
CA GLU B 988 -8.73 -10.25 14.85
C GLU B 988 -7.52 -9.34 14.87
N ALA B 989 -6.35 -9.85 15.28
CA ALA B 989 -5.08 -9.22 14.95
C ALA B 989 -4.65 -9.52 13.52
N GLU B 990 -5.30 -10.51 12.90
CA GLU B 990 -5.25 -10.78 11.47
C GLU B 990 -5.55 -9.56 10.62
N VAL B 991 -6.54 -8.75 11.02
CA VAL B 991 -6.97 -7.61 10.22
C VAL B 991 -5.90 -6.50 10.24
N GLN B 992 -5.37 -6.20 11.43
CA GLN B 992 -4.36 -5.13 11.51
C GLN B 992 -3.02 -5.58 10.95
N ILE B 993 -2.70 -6.87 11.06
CA ILE B 993 -1.46 -7.37 10.46
C ILE B 993 -1.60 -7.42 8.93
N ASP B 994 -2.81 -7.70 8.44
CA ASP B 994 -3.11 -7.67 7.01
C ASP B 994 -3.02 -6.25 6.46
N ARG B 995 -3.49 -5.27 7.23
CA ARG B 995 -3.41 -3.88 6.78
C ARG B 995 -1.97 -3.38 6.80
N LEU B 996 -1.19 -3.84 7.79
CA LEU B 996 0.23 -3.50 7.86
C LEU B 996 1.03 -4.16 6.73
N ILE B 997 0.74 -5.42 6.40
CA ILE B 997 1.50 -6.11 5.37
C ILE B 997 1.12 -5.58 3.99
N THR B 998 -0.12 -5.10 3.84
CA THR B 998 -0.52 -4.48 2.57
C THR B 998 0.16 -3.14 2.39
N GLY B 999 0.24 -2.34 3.46
CA GLY B 999 0.92 -1.05 3.39
C GLY B 999 2.42 -1.18 3.18
N ARG B 1000 3.06 -2.14 3.87
CA ARG B 1000 4.50 -2.30 3.75
C ARG B 1000 4.90 -2.94 2.43
N LEU B 1001 4.08 -3.88 1.93
CA LEU B 1001 4.33 -4.47 0.62
C LEU B 1001 4.06 -3.48 -0.50
N GLN B 1002 3.08 -2.59 -0.31
CA GLN B 1002 2.84 -1.53 -1.29
C GLN B 1002 3.99 -0.53 -1.32
N SER B 1003 4.58 -0.25 -0.15
CA SER B 1003 5.73 0.63 -0.07
C SER B 1003 6.93 0.03 -0.79
N LEU B 1004 7.16 -1.27 -0.62
CA LEU B 1004 8.25 -1.94 -1.32
C LEU B 1004 7.98 -2.04 -2.81
N GLN B 1005 6.70 -2.16 -3.19
CA GLN B 1005 6.32 -2.27 -4.59
C GLN B 1005 6.52 -0.96 -5.34
N THR B 1006 6.12 0.16 -4.72
CA THR B 1006 6.35 1.45 -5.37
C THR B 1006 7.82 1.84 -5.31
N TYR B 1007 8.58 1.31 -4.33
CA TYR B 1007 10.02 1.52 -4.33
C TYR B 1007 10.69 0.79 -5.49
N VAL B 1008 10.28 -0.45 -5.77
CA VAL B 1008 10.97 -1.19 -6.83
C VAL B 1008 10.51 -0.69 -8.20
N THR B 1009 9.30 -0.09 -8.27
CA THR B 1009 8.87 0.53 -9.51
C THR B 1009 9.66 1.81 -9.77
N GLN B 1010 9.89 2.60 -8.71
CA GLN B 1010 10.76 3.78 -8.80
C GLN B 1010 12.20 3.39 -9.17
N GLN B 1011 12.69 2.27 -8.65
CA GLN B 1011 14.02 1.79 -8.98
C GLN B 1011 14.12 1.33 -10.42
N LEU B 1012 13.04 0.75 -10.96
CA LEU B 1012 13.07 0.33 -12.37
C LEU B 1012 13.03 1.52 -13.32
N ILE B 1013 12.24 2.56 -12.97
CA ILE B 1013 12.22 3.81 -13.75
C ILE B 1013 13.58 4.48 -13.72
N ARG B 1014 14.24 4.51 -12.56
CA ARG B 1014 15.57 5.10 -12.49
C ARG B 1014 16.64 4.25 -13.17
N ALA B 1015 16.54 2.93 -13.10
CA ALA B 1015 17.57 2.08 -13.69
C ALA B 1015 17.46 2.05 -15.21
N ALA B 1016 16.26 2.27 -15.76
CA ALA B 1016 16.14 2.43 -17.20
C ALA B 1016 16.83 3.70 -17.68
N GLU B 1017 16.72 4.79 -16.91
CA GLU B 1017 17.36 6.04 -17.28
C GLU B 1017 18.87 5.96 -17.13
N ILE B 1018 19.35 5.24 -16.10
CA ILE B 1018 20.79 5.09 -15.90
C ILE B 1018 21.37 4.14 -16.96
N ARG B 1019 20.58 3.15 -17.40
CA ARG B 1019 20.97 2.30 -18.52
C ARG B 1019 21.09 3.08 -19.83
N ALA B 1020 20.14 3.98 -20.09
CA ALA B 1020 20.20 4.81 -21.30
C ALA B 1020 21.36 5.78 -21.24
N SER B 1021 21.66 6.32 -20.06
CA SER B 1021 22.81 7.21 -19.89
C SER B 1021 24.12 6.45 -20.03
N ALA B 1022 24.15 5.20 -19.58
CA ALA B 1022 25.36 4.39 -19.71
C ALA B 1022 25.56 3.96 -21.16
N ASN B 1023 24.49 3.76 -21.90
CA ASN B 1023 24.62 3.41 -23.31
C ASN B 1023 25.09 4.61 -24.13
N LEU B 1024 24.60 5.81 -23.78
CA LEU B 1024 25.10 7.04 -24.40
C LEU B 1024 26.56 7.28 -24.02
N ALA B 1025 26.93 6.94 -22.78
CA ALA B 1025 28.31 7.08 -22.36
C ALA B 1025 29.21 6.05 -23.02
N ALA B 1026 28.67 4.87 -23.34
CA ALA B 1026 29.44 3.86 -24.04
C ALA B 1026 29.70 4.26 -25.48
N THR B 1027 28.68 4.86 -26.12
CA THR B 1027 28.87 5.37 -27.49
C THR B 1027 29.85 6.54 -27.50
N LYS B 1028 29.75 7.43 -26.50
CA LYS B 1028 30.68 8.56 -26.40
C LYS B 1028 32.09 8.10 -26.07
N MET B 1029 32.21 7.05 -25.27
CA MET B 1029 33.50 6.40 -25.00
C MET B 1029 34.13 5.86 -26.25
N SER B 1030 33.36 5.04 -26.97
CA SER B 1030 33.88 4.31 -28.11
C SER B 1030 34.06 5.19 -29.33
N GLU B 1031 33.45 6.37 -29.34
CA GLU B 1031 33.61 7.22 -30.51
C GLU B 1031 34.49 8.42 -30.26
N CYS B 1032 34.30 9.13 -29.15
CA CYS B 1032 35.15 10.25 -28.85
C CYS B 1032 36.52 9.83 -28.36
N VAL B 1033 36.63 8.74 -27.60
CA VAL B 1033 37.93 8.36 -27.06
C VAL B 1033 38.68 7.46 -28.01
N LEU B 1034 38.03 6.43 -28.51
CA LEU B 1034 38.68 5.38 -29.30
C LEU B 1034 38.88 5.77 -30.74
N GLY B 1035 38.47 6.97 -31.13
CA GLY B 1035 38.63 7.46 -32.48
C GLY B 1035 38.39 8.95 -32.59
N GLN B 1036 38.00 9.40 -33.78
CA GLN B 1036 37.59 10.79 -33.99
C GLN B 1036 36.22 10.80 -34.61
N SER B 1037 35.33 11.62 -34.07
CA SER B 1037 33.96 11.68 -34.55
C SER B 1037 33.71 12.99 -35.29
N LYS B 1038 33.14 12.87 -36.47
CA LYS B 1038 32.74 14.03 -37.25
C LYS B 1038 31.33 14.50 -36.93
N ARG B 1039 30.67 13.88 -35.96
CA ARG B 1039 29.37 14.37 -35.51
C ARG B 1039 29.58 15.58 -34.62
N VAL B 1040 29.20 16.76 -35.11
CA VAL B 1040 29.50 17.99 -34.41
C VAL B 1040 28.55 18.16 -33.23
N ASP B 1041 29.10 18.66 -32.13
CA ASP B 1041 28.53 18.76 -30.79
C ASP B 1041 28.13 17.41 -30.22
N PHE B 1042 28.79 16.33 -30.64
CA PHE B 1042 28.65 15.06 -29.94
C PHE B 1042 29.79 14.86 -28.95
N CYS B 1043 30.99 15.33 -29.31
CA CYS B 1043 32.17 15.21 -28.47
C CYS B 1043 32.65 16.62 -28.16
N GLY B 1044 32.11 17.22 -27.12
CA GLY B 1044 32.48 18.57 -26.77
C GLY B 1044 31.72 19.60 -27.58
N LYS B 1045 32.28 20.80 -27.63
CA LYS B 1045 31.67 21.93 -28.31
C LYS B 1045 32.63 22.47 -29.35
N GLY B 1046 32.49 22.02 -30.59
CA GLY B 1046 33.31 22.51 -31.67
C GLY B 1046 33.91 21.37 -32.48
N TYR B 1047 34.98 21.66 -33.20
CA TYR B 1047 35.66 20.65 -34.00
C TYR B 1047 36.45 19.75 -33.06
N HIS B 1048 36.08 18.47 -33.02
CA HIS B 1048 36.63 17.56 -32.03
C HIS B 1048 37.94 16.94 -32.49
N LEU B 1049 38.97 17.05 -31.66
CA LEU B 1049 40.26 16.45 -31.96
C LEU B 1049 40.41 15.06 -31.36
N MET B 1050 40.51 14.96 -30.04
CA MET B 1050 40.52 13.67 -29.35
C MET B 1050 39.88 13.93 -28.00
N SER B 1051 39.73 12.88 -27.21
CA SER B 1051 39.28 13.09 -25.86
C SER B 1051 39.95 12.11 -24.93
N PHE B 1052 39.90 12.43 -23.64
CA PHE B 1052 40.46 11.59 -22.60
C PHE B 1052 39.41 11.24 -21.55
N PRO B 1053 39.29 9.97 -21.19
CA PRO B 1053 38.38 9.58 -20.12
C PRO B 1053 39.04 9.69 -18.75
N GLN B 1054 38.21 9.97 -17.76
CA GLN B 1054 38.65 9.87 -16.37
C GLN B 1054 37.57 9.19 -15.57
N SER B 1055 37.98 8.50 -14.51
CA SER B 1055 37.07 7.75 -13.67
C SER B 1055 36.26 8.68 -12.78
N ALA B 1056 35.25 8.13 -12.15
CA ALA B 1056 34.25 8.86 -11.39
C ALA B 1056 33.61 7.85 -10.45
N PRO B 1057 33.00 8.31 -9.31
CA PRO B 1057 32.41 7.36 -8.35
C PRO B 1057 31.29 6.49 -8.88
N HIS B 1058 30.46 7.04 -9.75
CA HIS B 1058 29.41 6.26 -10.38
C HIS B 1058 29.26 6.62 -11.84
N GLY B 1059 30.37 6.87 -12.52
CA GLY B 1059 30.24 7.33 -13.89
C GLY B 1059 31.56 7.37 -14.62
N VAL B 1060 31.63 8.28 -15.58
CA VAL B 1060 32.84 8.53 -16.35
C VAL B 1060 32.87 10.01 -16.69
N VAL B 1061 34.08 10.58 -16.72
CA VAL B 1061 34.28 11.97 -17.07
C VAL B 1061 35.19 12.02 -18.28
N PHE B 1062 34.70 12.62 -19.36
CA PHE B 1062 35.49 12.83 -20.56
C PHE B 1062 36.17 14.18 -20.48
N LEU B 1063 37.28 14.33 -21.19
CA LEU B 1063 37.91 15.62 -21.43
C LEU B 1063 38.04 15.81 -22.93
N HIS B 1064 37.01 16.36 -23.55
CA HIS B 1064 36.97 16.56 -24.98
C HIS B 1064 37.91 17.67 -25.40
N VAL B 1065 39.06 17.30 -25.97
CA VAL B 1065 40.01 18.27 -26.50
C VAL B 1065 39.49 18.73 -27.85
N THR B 1066 39.29 20.04 -28.00
CA THR B 1066 38.43 20.55 -29.05
C THR B 1066 39.09 21.74 -29.73
N TYR B 1067 39.07 21.74 -31.06
CA TYR B 1067 39.60 22.82 -31.88
C TYR B 1067 38.54 23.91 -32.04
N VAL B 1068 38.77 25.07 -31.45
CA VAL B 1068 37.82 26.18 -31.45
C VAL B 1068 38.51 27.39 -32.07
N PRO B 1069 38.09 27.83 -33.26
CA PRO B 1069 38.81 28.94 -33.91
C PRO B 1069 38.38 30.30 -33.39
N ALA B 1070 39.28 31.28 -33.54
CA ALA B 1070 39.04 32.66 -33.15
C ALA B 1070 39.91 33.56 -34.02
N GLN B 1071 39.77 34.87 -33.80
CA GLN B 1071 40.39 35.95 -34.59
C GLN B 1071 40.07 35.81 -36.09
N GLU B 1072 38.85 36.15 -36.43
CA GLU B 1072 38.44 36.12 -37.83
C GLU B 1072 38.79 37.43 -38.52
N LYS B 1073 38.86 37.39 -39.84
CA LYS B 1073 39.04 38.56 -40.69
C LYS B 1073 38.14 38.43 -41.90
N ASN B 1074 37.32 39.45 -42.13
CA ASN B 1074 36.38 39.45 -43.25
C ASN B 1074 37.13 39.71 -44.54
N PHE B 1075 36.71 39.02 -45.61
CA PHE B 1075 37.38 39.04 -46.90
C PHE B 1075 36.36 39.24 -48.01
N THR B 1076 36.83 39.76 -49.15
CA THR B 1076 36.04 39.80 -50.36
C THR B 1076 36.41 38.61 -51.24
N THR B 1077 35.43 38.05 -51.94
CA THR B 1077 35.60 36.72 -52.48
C THR B 1077 34.99 36.57 -53.86
N ALA B 1078 35.19 35.39 -54.44
CA ALA B 1078 34.58 34.99 -55.69
C ALA B 1078 34.50 33.47 -55.72
N PRO B 1079 33.47 32.90 -56.34
CA PRO B 1079 33.42 31.42 -56.44
C PRO B 1079 34.28 30.86 -57.54
N ALA B 1080 34.76 31.65 -58.49
CA ALA B 1080 35.55 31.11 -59.58
C ALA B 1080 36.51 32.18 -60.09
N ILE B 1081 37.54 31.72 -60.81
CA ILE B 1081 38.56 32.57 -61.38
C ILE B 1081 38.55 32.35 -62.88
N CYS B 1082 38.58 33.43 -63.66
CA CYS B 1082 38.67 33.33 -65.10
C CYS B 1082 40.12 33.55 -65.53
N HIS B 1083 40.74 32.49 -66.05
CA HIS B 1083 42.01 32.62 -66.72
C HIS B 1083 41.82 32.10 -68.13
N ASP B 1084 42.41 32.82 -69.11
CA ASP B 1084 42.39 32.63 -70.58
C ASP B 1084 41.06 32.11 -71.14
N GLY B 1085 39.96 32.71 -70.71
CA GLY B 1085 38.65 32.32 -71.19
C GLY B 1085 38.14 31.02 -70.61
N LYS B 1086 38.67 30.60 -69.47
CA LYS B 1086 38.28 29.33 -68.86
C LYS B 1086 37.98 29.59 -67.39
N ALA B 1087 37.02 28.84 -66.84
CA ALA B 1087 36.63 28.99 -65.45
C ALA B 1087 37.47 28.06 -64.59
N HIS B 1088 37.97 28.58 -63.47
CA HIS B 1088 38.82 27.83 -62.58
C HIS B 1088 38.12 27.66 -61.24
N PHE B 1089 38.28 26.49 -60.63
CA PHE B 1089 37.54 26.11 -59.44
C PHE B 1089 38.49 25.58 -58.37
N PRO B 1090 38.27 25.91 -57.11
CA PRO B 1090 39.23 25.53 -56.06
C PRO B 1090 39.08 24.07 -55.65
N ARG B 1091 40.22 23.45 -55.35
CA ARG B 1091 40.20 22.04 -54.97
C ARG B 1091 39.71 21.88 -53.54
N GLU B 1092 40.44 22.46 -52.58
CA GLU B 1092 40.17 22.25 -51.16
C GLU B 1092 40.12 23.58 -50.43
N GLY B 1093 39.49 24.58 -51.02
CA GLY B 1093 39.47 25.89 -50.41
C GLY B 1093 38.47 26.82 -51.06
N VAL B 1094 38.59 28.09 -50.73
CA VAL B 1094 37.85 29.16 -51.40
C VAL B 1094 38.82 30.26 -51.80
N PHE B 1095 38.30 31.23 -52.55
CA PHE B 1095 39.11 32.33 -53.05
C PHE B 1095 38.91 33.54 -52.17
N VAL B 1096 40.00 34.18 -51.75
CA VAL B 1096 39.94 35.35 -50.88
C VAL B 1096 40.77 36.48 -51.47
N SER B 1097 40.61 37.67 -50.90
CA SER B 1097 41.28 38.88 -51.38
C SER B 1097 41.86 39.68 -50.23
N ASN B 1098 43.17 39.91 -50.25
CA ASN B 1098 43.87 40.71 -49.26
C ASN B 1098 43.99 42.17 -49.68
N GLY B 1099 42.86 42.86 -49.79
CA GLY B 1099 42.85 44.26 -50.22
C GLY B 1099 42.99 44.46 -51.73
N THR B 1100 44.19 44.27 -52.31
CA THR B 1100 44.30 44.22 -53.78
C THR B 1100 43.99 42.82 -54.23
N HIS B 1101 44.75 41.86 -53.72
CA HIS B 1101 45.17 40.72 -54.51
C HIS B 1101 44.06 39.64 -54.57
N TRP B 1102 44.40 38.46 -55.09
CA TRP B 1102 43.60 37.25 -54.90
C TRP B 1102 44.45 36.11 -54.37
N PHE B 1103 43.81 35.13 -53.71
CA PHE B 1103 44.50 34.00 -53.14
C PHE B 1103 43.61 32.76 -53.14
N VAL B 1104 44.24 31.62 -52.86
CA VAL B 1104 43.57 30.42 -52.40
C VAL B 1104 44.05 30.15 -50.99
N THR B 1105 43.12 29.92 -50.06
CA THR B 1105 43.48 29.43 -48.74
C THR B 1105 42.55 28.31 -48.37
N GLN B 1106 42.91 27.61 -47.29
CA GLN B 1106 42.03 26.55 -46.82
C GLN B 1106 40.88 27.14 -46.02
N ARG B 1107 39.97 26.28 -45.61
CA ARG B 1107 38.66 26.74 -45.18
C ARG B 1107 38.55 26.94 -43.68
N ASN B 1108 39.60 26.68 -42.91
CA ASN B 1108 39.54 26.86 -41.47
C ASN B 1108 40.79 27.51 -40.90
N PHE B 1109 41.71 27.94 -41.75
CA PHE B 1109 42.88 28.68 -41.30
C PHE B 1109 43.29 29.59 -42.44
N TYR B 1110 43.70 30.81 -42.12
CA TYR B 1110 44.11 31.72 -43.16
C TYR B 1110 45.58 31.49 -43.50
N GLU B 1111 45.85 30.53 -44.39
CA GLU B 1111 47.16 30.46 -45.00
C GLU B 1111 47.02 30.68 -46.50
N PRO B 1112 47.22 31.92 -46.96
CA PRO B 1112 46.92 32.25 -48.35
C PRO B 1112 48.02 31.76 -49.29
N GLN B 1113 47.59 31.21 -50.42
CA GLN B 1113 48.51 30.64 -51.38
C GLN B 1113 48.21 31.21 -52.76
N ILE B 1114 49.27 31.27 -53.56
CA ILE B 1114 49.22 31.82 -54.91
C ILE B 1114 48.40 30.89 -55.79
N ILE B 1115 47.58 31.47 -56.65
CA ILE B 1115 46.63 30.67 -57.43
C ILE B 1115 47.36 30.03 -58.59
N THR B 1116 47.71 28.75 -58.43
CA THR B 1116 48.43 28.03 -59.46
C THR B 1116 47.49 27.00 -60.05
N THR B 1117 47.98 26.27 -61.05
CA THR B 1117 47.15 25.35 -61.82
C THR B 1117 46.97 24.00 -61.14
N ASP B 1118 47.66 23.75 -60.02
CA ASP B 1118 47.64 22.43 -59.42
C ASP B 1118 46.83 22.34 -58.14
N ASN B 1119 46.58 23.46 -57.46
CA ASN B 1119 45.63 23.49 -56.35
C ASN B 1119 44.26 24.00 -56.80
N THR B 1120 44.01 23.91 -58.11
CA THR B 1120 42.85 24.54 -58.73
C THR B 1120 42.50 23.73 -59.97
N PHE B 1121 41.29 23.18 -59.99
CA PHE B 1121 40.87 22.33 -61.09
C PHE B 1121 39.94 23.10 -62.00
N VAL B 1122 40.02 22.80 -63.30
CA VAL B 1122 39.32 23.53 -64.34
C VAL B 1122 37.97 22.86 -64.59
N SER B 1123 36.98 23.68 -64.93
CA SER B 1123 35.63 23.18 -65.24
C SER B 1123 34.89 24.23 -66.06
N GLY B 1124 34.52 23.89 -67.29
CA GLY B 1124 33.60 24.71 -68.04
C GLY B 1124 34.20 26.00 -68.54
N ASN B 1125 33.31 26.91 -68.92
CA ASN B 1125 33.69 28.20 -69.44
C ASN B 1125 33.26 29.35 -68.51
N CYS B 1126 33.55 30.59 -68.92
CA CYS B 1126 33.57 31.74 -68.03
C CYS B 1126 32.22 32.48 -67.97
N ASP B 1127 31.10 31.81 -68.22
CA ASP B 1127 29.84 32.55 -68.21
C ASP B 1127 28.67 31.82 -67.57
N VAL B 1128 28.75 30.51 -67.37
CA VAL B 1128 27.60 29.77 -66.84
C VAL B 1128 27.46 29.95 -65.33
N VAL B 1129 28.57 30.29 -64.66
CA VAL B 1129 28.55 30.54 -63.22
C VAL B 1129 28.31 32.04 -63.04
N ILE B 1130 27.79 32.44 -61.89
CA ILE B 1130 27.73 33.85 -61.51
C ILE B 1130 28.85 34.12 -60.51
N GLY B 1131 29.49 35.29 -60.64
CA GLY B 1131 30.43 35.77 -59.64
C GLY B 1131 31.90 35.67 -60.00
N ILE B 1132 32.25 35.49 -61.27
CA ILE B 1132 33.65 35.19 -61.60
C ILE B 1132 34.39 36.53 -61.63
N VAL B 1133 35.60 36.56 -61.06
CA VAL B 1133 36.49 37.69 -61.23
C VAL B 1133 37.64 37.28 -62.16
N ASN B 1134 38.46 38.26 -62.51
CA ASN B 1134 39.58 38.07 -63.42
C ASN B 1134 40.87 37.94 -62.62
N ASN B 1135 41.65 36.91 -62.92
CA ASN B 1135 43.03 36.82 -62.43
C ASN B 1135 43.82 35.94 -63.38
N THR B 1136 45.13 36.17 -63.44
CA THR B 1136 46.08 35.24 -64.02
C THR B 1136 46.25 34.07 -63.05
N VAL B 1137 46.62 32.92 -63.59
CA VAL B 1137 46.86 31.72 -62.80
C VAL B 1137 48.22 31.18 -63.22
N TYR B 1138 49.12 31.01 -62.26
CA TYR B 1138 50.54 30.87 -62.57
C TYR B 1138 50.90 29.41 -62.83
N ASP B 1139 51.42 29.15 -64.02
CA ASP B 1139 51.96 27.85 -64.41
C ASP B 1139 53.43 27.76 -64.04
N PRO B 1140 53.86 26.72 -63.32
CA PRO B 1140 55.24 26.67 -62.84
C PRO B 1140 56.24 26.09 -63.82
N LEU B 1141 55.93 26.05 -65.12
CA LEU B 1141 56.73 25.30 -66.07
C LEU B 1141 57.55 26.18 -67.02
N GLN B 1142 57.12 27.42 -67.26
CA GLN B 1142 57.59 28.17 -68.42
C GLN B 1142 59.02 28.73 -68.35
N PRO B 1143 59.56 29.30 -67.17
CA PRO B 1143 60.99 29.68 -67.15
C PRO B 1143 61.95 28.51 -67.35
N GLU B 1144 61.56 27.32 -66.86
CA GLU B 1144 62.29 26.08 -67.08
C GLU B 1144 62.32 25.69 -68.55
N LEU B 1145 61.25 25.96 -69.30
CA LEU B 1145 61.25 25.71 -70.73
C LEU B 1145 62.10 26.71 -71.50
N ASP B 1146 62.03 27.98 -71.17
CA ASP B 1146 62.67 28.97 -72.04
C ASP B 1146 64.11 29.30 -71.65
N SER B 1147 64.37 29.65 -70.39
CA SER B 1147 65.58 30.38 -70.05
C SER B 1147 66.83 29.51 -69.98
N PHE B 1148 66.68 28.19 -69.90
CA PHE B 1148 67.83 27.29 -69.76
C PHE B 1148 68.04 26.40 -70.97
N LYS B 1149 66.98 25.85 -71.54
CA LYS B 1149 67.10 24.72 -72.46
C LYS B 1149 66.19 24.86 -73.68
N ALA C 27 -49.90 -7.20 -35.04
CA ALA C 27 -49.10 -6.39 -35.95
C ALA C 27 -47.82 -5.92 -35.26
N TYR C 28 -46.77 -5.70 -36.05
CA TYR C 28 -45.49 -5.24 -35.52
C TYR C 28 -44.88 -4.28 -36.53
N THR C 29 -44.05 -3.36 -36.04
CA THR C 29 -43.34 -2.44 -36.91
C THR C 29 -42.02 -2.02 -36.25
N ASN C 30 -41.12 -1.50 -37.09
CA ASN C 30 -39.73 -1.26 -36.73
C ASN C 30 -39.55 0.10 -36.06
N SER C 31 -38.79 0.12 -34.97
CA SER C 31 -38.57 1.34 -34.17
C SER C 31 -37.18 1.86 -34.49
N PHE C 32 -37.12 2.82 -35.41
CA PHE C 32 -35.89 3.16 -36.11
C PHE C 32 -34.88 3.85 -35.19
N THR C 33 -35.24 5.01 -34.64
CA THR C 33 -34.47 5.57 -33.54
C THR C 33 -35.43 6.30 -32.58
N ARG C 34 -35.90 5.56 -31.59
CA ARG C 34 -36.92 6.05 -30.65
C ARG C 34 -36.58 5.50 -29.26
N GLY C 35 -37.13 6.16 -28.23
CA GLY C 35 -37.07 5.64 -26.89
C GLY C 35 -35.95 6.17 -26.01
N VAL C 36 -35.23 7.20 -26.44
CA VAL C 36 -34.14 7.74 -25.65
C VAL C 36 -34.71 8.82 -24.73
N TYR C 37 -34.08 9.01 -23.57
CA TYR C 37 -34.55 9.96 -22.58
C TYR C 37 -33.36 10.48 -21.79
N TYR C 38 -33.54 11.63 -21.15
CA TYR C 38 -32.54 12.10 -20.21
C TYR C 38 -32.61 11.26 -18.95
N PRO C 39 -31.52 10.63 -18.52
CA PRO C 39 -31.58 9.80 -17.32
C PRO C 39 -31.61 10.60 -16.03
N ASP C 40 -31.19 11.86 -16.05
CA ASP C 40 -31.21 12.69 -14.86
C ASP C 40 -31.32 14.16 -15.26
N LYS C 41 -31.51 15.01 -14.26
CA LYS C 41 -31.66 16.45 -14.48
C LYS C 41 -30.32 17.16 -14.42
N VAL C 42 -29.38 16.73 -15.26
CA VAL C 42 -28.03 17.27 -15.29
C VAL C 42 -27.76 17.83 -16.68
N PHE C 43 -27.43 19.11 -16.74
CA PHE C 43 -27.07 19.75 -17.98
C PHE C 43 -25.66 19.34 -18.36
N ARG C 44 -25.45 19.01 -19.63
CA ARG C 44 -24.13 18.68 -20.14
C ARG C 44 -23.98 19.28 -21.52
N SER C 45 -22.87 19.98 -21.76
CA SER C 45 -22.66 20.70 -23.01
C SER C 45 -21.58 20.05 -23.85
N SER C 46 -21.97 19.59 -25.04
CA SER C 46 -21.09 19.19 -26.14
C SER C 46 -20.17 18.03 -25.77
N VAL C 47 -20.66 17.14 -24.91
CA VAL C 47 -19.89 15.98 -24.49
C VAL C 47 -20.62 14.72 -24.92
N LEU C 48 -19.86 13.66 -25.12
CA LEU C 48 -20.42 12.38 -25.53
C LEU C 48 -20.49 11.45 -24.32
N HIS C 49 -21.53 11.67 -23.52
CA HIS C 49 -21.72 10.88 -22.32
C HIS C 49 -22.24 9.49 -22.65
N SER C 50 -21.68 8.49 -21.99
CA SER C 50 -22.13 7.11 -22.10
C SER C 50 -22.67 6.65 -20.77
N THR C 51 -23.76 5.89 -20.83
CA THR C 51 -24.38 5.35 -19.61
C THR C 51 -25.13 4.08 -19.98
N GLN C 52 -25.48 3.32 -18.96
CA GLN C 52 -26.34 2.16 -19.09
C GLN C 52 -27.52 2.32 -18.16
N ASP C 53 -28.73 2.12 -18.68
CA ASP C 53 -29.99 2.22 -17.95
C ASP C 53 -31.05 1.41 -18.68
N LEU C 54 -32.29 1.56 -18.21
CA LEU C 54 -33.43 0.85 -18.77
C LEU C 54 -33.81 1.50 -20.08
N PHE C 55 -33.61 0.81 -21.19
CA PHE C 55 -33.60 1.46 -22.48
C PHE C 55 -34.42 0.67 -23.50
N LEU C 56 -35.03 1.41 -24.41
CA LEU C 56 -35.61 0.82 -25.62
C LEU C 56 -34.48 0.55 -26.60
N PRO C 57 -34.34 -0.68 -27.10
CA PRO C 57 -33.30 -0.95 -28.11
C PRO C 57 -33.66 -0.33 -29.44
N PHE C 58 -32.64 0.12 -30.16
CA PHE C 58 -32.86 0.60 -31.51
C PHE C 58 -33.13 -0.59 -32.42
N PHE C 59 -33.97 -0.34 -33.44
CA PHE C 59 -34.38 -1.30 -34.46
C PHE C 59 -35.04 -2.54 -33.86
N SER C 60 -35.89 -2.31 -32.87
CA SER C 60 -36.72 -3.36 -32.29
C SER C 60 -38.11 -3.32 -32.92
N ASN C 61 -38.95 -4.26 -32.51
CA ASN C 61 -40.32 -4.33 -33.01
C ASN C 61 -41.28 -4.08 -31.85
N VAL C 62 -42.11 -3.08 -32.01
CA VAL C 62 -43.15 -2.73 -31.05
C VAL C 62 -44.43 -3.47 -31.43
N THR C 63 -45.34 -3.57 -30.47
CA THR C 63 -46.63 -4.19 -30.74
C THR C 63 -47.64 -3.15 -31.22
N TRP C 64 -47.84 -3.05 -32.53
CA TRP C 64 -48.79 -2.08 -33.06
C TRP C 64 -50.20 -2.62 -32.96
N PHE C 65 -51.11 -1.79 -32.45
CA PHE C 65 -52.53 -2.08 -32.43
C PHE C 65 -53.28 -0.94 -33.11
N HIS C 66 -54.26 -1.29 -33.94
CA HIS C 66 -55.02 -0.31 -34.71
C HIS C 66 -56.46 -0.29 -34.20
N ALA C 67 -56.75 0.66 -33.30
CA ALA C 67 -58.08 0.77 -32.72
C ALA C 67 -58.76 2.08 -33.16
N PRO C 82 -57.50 -4.42 -24.80
CA PRO C 82 -56.23 -5.10 -25.10
C PRO C 82 -55.24 -5.08 -23.94
N VAL C 83 -55.27 -6.14 -23.12
CA VAL C 83 -54.38 -6.24 -21.98
C VAL C 83 -52.96 -6.50 -22.47
N LEU C 84 -52.01 -5.73 -21.94
CA LEU C 84 -50.61 -5.86 -22.31
C LEU C 84 -49.80 -6.07 -21.04
N PRO C 85 -48.80 -6.94 -21.05
CA PRO C 85 -47.98 -7.13 -19.85
C PRO C 85 -47.01 -5.96 -19.66
N PHE C 86 -46.39 -5.94 -18.48
CA PHE C 86 -45.43 -4.91 -18.10
C PHE C 86 -44.27 -5.62 -17.41
N ASN C 87 -43.22 -5.91 -18.17
CA ASN C 87 -42.07 -6.61 -17.62
C ASN C 87 -41.26 -5.68 -16.74
N ASP C 88 -40.67 -4.64 -17.35
CA ASP C 88 -39.94 -3.64 -16.60
C ASP C 88 -40.29 -2.22 -17.00
N GLY C 89 -40.60 -1.95 -18.26
CA GLY C 89 -40.89 -0.59 -18.67
C GLY C 89 -41.58 -0.64 -20.02
N VAL C 90 -42.26 0.46 -20.33
CA VAL C 90 -43.05 0.54 -21.55
C VAL C 90 -42.73 1.84 -22.28
N TYR C 91 -42.60 1.75 -23.60
CA TYR C 91 -42.55 2.91 -24.47
C TYR C 91 -43.88 3.00 -25.23
N PHE C 92 -44.57 4.13 -25.07
CA PHE C 92 -45.93 4.31 -25.54
C PHE C 92 -45.95 5.45 -26.53
N ALA C 93 -46.36 5.18 -27.77
CA ALA C 93 -46.08 6.08 -28.89
C ALA C 93 -47.31 6.33 -29.76
N SER C 94 -48.43 6.65 -29.11
CA SER C 94 -49.71 6.73 -29.81
C SER C 94 -49.84 8.02 -30.61
N THR C 95 -50.64 7.96 -31.67
CA THR C 95 -51.09 9.15 -32.38
C THR C 95 -52.61 9.12 -32.49
N GLU C 96 -53.24 10.29 -32.28
CA GLU C 96 -54.66 10.46 -32.53
C GLU C 96 -54.91 11.95 -32.77
N LYS C 97 -55.94 12.24 -33.56
CA LYS C 97 -56.24 13.62 -33.94
C LYS C 97 -56.83 14.44 -32.79
N SER C 98 -57.40 13.79 -31.78
CA SER C 98 -58.06 14.48 -30.68
C SER C 98 -57.77 13.88 -29.32
N ASN C 99 -56.99 12.79 -29.27
CA ASN C 99 -56.66 12.00 -28.07
C ASN C 99 -57.92 11.51 -27.36
N ILE C 100 -58.64 10.62 -28.05
CA ILE C 100 -59.78 9.93 -27.45
C ILE C 100 -59.30 8.99 -26.35
N ILE C 101 -58.12 8.39 -26.53
CA ILE C 101 -57.47 7.68 -25.45
C ILE C 101 -57.00 8.69 -24.40
N ARG C 102 -57.45 8.49 -23.17
CA ARG C 102 -57.11 9.41 -22.10
C ARG C 102 -56.71 8.71 -20.81
N GLY C 103 -56.96 7.41 -20.67
CA GLY C 103 -56.71 6.75 -19.40
C GLY C 103 -56.09 5.38 -19.59
N TRP C 104 -55.13 5.08 -18.72
CA TRP C 104 -54.49 3.77 -18.68
C TRP C 104 -54.12 3.41 -17.25
N ILE C 105 -54.40 2.15 -16.90
CA ILE C 105 -54.45 1.72 -15.51
C ILE C 105 -53.34 0.72 -15.23
N PHE C 106 -52.49 1.05 -14.26
CA PHE C 106 -51.49 0.15 -13.72
C PHE C 106 -52.05 -0.67 -12.57
N GLY C 107 -51.39 -1.78 -12.24
CA GLY C 107 -51.77 -2.55 -11.08
C GLY C 107 -51.24 -3.97 -11.16
N THR C 108 -51.59 -4.76 -10.14
CA THR C 108 -51.28 -6.19 -10.13
C THR C 108 -52.46 -7.04 -10.54
N THR C 109 -53.67 -6.71 -10.06
CA THR C 109 -54.89 -7.37 -10.45
C THR C 109 -55.82 -6.50 -11.28
N LEU C 110 -55.56 -5.18 -11.34
CA LEU C 110 -56.34 -4.17 -12.06
C LEU C 110 -57.80 -4.11 -11.64
N ASP C 111 -58.07 -4.31 -10.35
CA ASP C 111 -59.44 -4.35 -9.84
C ASP C 111 -59.43 -3.83 -8.41
N SER C 112 -60.48 -4.13 -7.67
CA SER C 112 -60.64 -3.65 -6.30
C SER C 112 -60.00 -4.62 -5.30
N LYS C 113 -58.69 -4.79 -5.44
CA LYS C 113 -57.93 -5.68 -4.56
C LYS C 113 -56.48 -5.22 -4.47
N SER C 116 -51.93 0.13 -8.90
CA SER C 116 -53.34 0.42 -8.76
C SER C 116 -53.66 1.88 -9.10
N LEU C 117 -52.89 2.43 -10.03
CA LEU C 117 -53.11 3.81 -10.49
C LEU C 117 -54.20 3.91 -11.54
N LEU C 118 -54.90 5.04 -11.56
CA LEU C 118 -55.84 5.37 -12.62
C LEU C 118 -55.37 6.70 -13.19
N ILE C 119 -54.47 6.64 -14.16
CA ILE C 119 -53.90 7.84 -14.76
C ILE C 119 -54.79 8.25 -15.93
N VAL C 120 -55.73 9.15 -15.66
CA VAL C 120 -56.77 9.51 -16.62
C VAL C 120 -56.72 11.01 -16.89
N ASN C 121 -57.07 11.40 -18.11
CA ASN C 121 -57.21 12.80 -18.50
C ASN C 121 -58.69 13.18 -18.56
N ASN C 122 -58.96 14.47 -18.55
CA ASN C 122 -60.31 14.99 -18.77
C ASN C 122 -60.19 16.23 -19.67
N ALA C 123 -61.24 17.06 -19.69
CA ALA C 123 -61.32 18.14 -20.66
C ALA C 123 -60.35 19.28 -20.35
N THR C 124 -60.11 19.54 -19.07
CA THR C 124 -59.19 20.60 -18.68
C THR C 124 -58.22 20.21 -17.58
N ASN C 125 -58.30 19.00 -17.03
CA ASN C 125 -57.39 18.55 -15.98
C ASN C 125 -56.99 17.10 -16.27
N VAL C 126 -56.15 16.57 -15.39
CA VAL C 126 -55.90 15.12 -15.33
C VAL C 126 -56.16 14.69 -13.89
N VAL C 127 -56.64 13.47 -13.72
CA VAL C 127 -56.77 12.86 -12.40
C VAL C 127 -55.80 11.70 -12.34
N ILE C 128 -54.80 11.78 -11.45
CA ILE C 128 -54.03 10.60 -11.10
C ILE C 128 -54.22 10.37 -9.61
N LYS C 129 -54.40 9.10 -9.25
CA LYS C 129 -54.60 8.63 -7.89
C LYS C 129 -54.37 7.12 -7.90
N VAL C 130 -53.90 6.60 -6.79
CA VAL C 130 -53.83 5.17 -6.58
C VAL C 130 -55.08 4.76 -5.79
N CYS C 131 -55.99 4.12 -6.52
CA CYS C 131 -57.31 3.77 -6.02
C CYS C 131 -57.71 2.43 -6.59
N GLU C 132 -58.20 1.55 -5.72
CA GLU C 132 -58.73 0.28 -6.19
C GLU C 132 -60.12 0.50 -6.75
N PHE C 133 -60.28 0.19 -8.04
CA PHE C 133 -61.39 0.66 -8.84
C PHE C 133 -61.88 -0.49 -9.70
N GLN C 134 -62.67 -0.16 -10.72
CA GLN C 134 -63.34 -1.18 -11.50
C GLN C 134 -63.48 -0.75 -12.95
N PHE C 135 -63.68 -1.73 -13.82
CA PHE C 135 -64.15 -1.53 -15.17
C PHE C 135 -65.14 -2.65 -15.51
N CYS C 136 -66.05 -2.38 -16.43
CA CYS C 136 -67.06 -3.35 -16.81
C CYS C 136 -66.52 -4.31 -17.87
N ASN C 137 -67.43 -5.06 -18.50
CA ASN C 137 -67.05 -5.97 -19.57
C ASN C 137 -66.72 -5.23 -20.86
N ASP C 138 -67.14 -3.97 -20.99
CA ASP C 138 -66.76 -3.10 -22.09
C ASP C 138 -66.21 -1.79 -21.52
N PRO C 139 -64.93 -1.76 -21.15
CA PRO C 139 -64.37 -0.54 -20.54
C PRO C 139 -64.10 0.54 -21.58
N PHE C 140 -64.67 1.72 -21.33
CA PHE C 140 -64.63 2.83 -22.28
C PHE C 140 -64.91 4.11 -21.48
N LEU C 141 -64.57 5.25 -22.07
CA LEU C 141 -64.88 6.55 -21.49
C LEU C 141 -66.00 7.20 -22.30
N GLY C 142 -67.10 7.52 -21.64
CA GLY C 142 -68.26 8.05 -22.30
C GLY C 142 -68.15 9.50 -22.70
N VAL C 143 -68.09 9.76 -24.00
CA VAL C 143 -67.94 11.11 -24.53
C VAL C 143 -69.25 11.88 -24.42
N THR C 167 -53.89 8.46 -4.38
CA THR C 167 -53.64 9.31 -3.25
C THR C 167 -52.86 10.54 -3.66
N PHE C 168 -53.27 11.17 -4.76
CA PHE C 168 -52.58 12.36 -5.26
C PHE C 168 -53.60 13.21 -6.01
N GLU C 169 -53.25 14.47 -6.27
CA GLU C 169 -53.98 15.28 -7.23
C GLU C 169 -52.98 16.16 -7.95
N TYR C 170 -53.20 16.37 -9.25
CA TYR C 170 -52.36 17.26 -10.01
C TYR C 170 -53.26 17.97 -10.99
N VAL C 171 -52.87 19.19 -11.35
CA VAL C 171 -53.61 20.00 -12.30
C VAL C 171 -52.72 20.24 -13.51
N SER C 172 -53.17 19.79 -14.68
CA SER C 172 -52.43 20.01 -15.91
C SER C 172 -52.71 21.41 -16.45
N PHE C 186 -50.42 11.46 -37.73
CA PHE C 186 -51.39 12.56 -37.78
C PHE C 186 -50.68 13.86 -37.48
N LYS C 187 -51.46 14.90 -37.17
CA LYS C 187 -50.85 16.19 -36.84
C LYS C 187 -50.32 16.21 -35.40
N ASN C 188 -50.65 15.20 -34.60
CA ASN C 188 -50.06 15.05 -33.28
C ASN C 188 -49.45 13.66 -33.13
N LEU C 189 -48.32 13.61 -32.41
CA LEU C 189 -47.69 12.33 -32.05
C LEU C 189 -47.15 12.49 -30.63
N ARG C 190 -47.90 12.01 -29.66
CA ARG C 190 -47.56 12.22 -28.26
C ARG C 190 -46.94 10.93 -27.72
N GLU C 191 -45.62 10.82 -27.81
CA GLU C 191 -45.01 9.60 -27.32
C GLU C 191 -44.45 9.78 -25.91
N PHE C 192 -44.62 8.73 -25.09
CA PHE C 192 -44.23 8.73 -23.70
C PHE C 192 -43.46 7.45 -23.40
N VAL C 193 -42.61 7.51 -22.36
CA VAL C 193 -41.94 6.32 -21.86
C VAL C 193 -42.08 6.31 -20.34
N PHE C 194 -42.25 5.12 -19.76
CA PHE C 194 -42.46 4.94 -18.33
C PHE C 194 -41.34 4.04 -17.81
N LYS C 195 -40.87 4.28 -16.60
CA LYS C 195 -39.70 3.56 -16.11
C LYS C 195 -39.96 3.13 -14.66
N ASN C 196 -39.43 1.97 -14.28
CA ASN C 196 -39.70 1.35 -12.98
C ASN C 196 -38.38 1.01 -12.29
N ILE C 197 -37.97 1.85 -11.34
CA ILE C 197 -36.84 1.53 -10.46
C ILE C 197 -37.05 2.21 -9.11
N ASP C 198 -36.74 1.45 -8.04
CA ASP C 198 -36.52 1.92 -6.66
C ASP C 198 -37.79 2.53 -6.07
N GLY C 199 -38.94 1.99 -6.48
CA GLY C 199 -40.23 2.50 -6.07
C GLY C 199 -40.70 3.72 -6.82
N TYR C 200 -39.90 4.28 -7.72
CA TYR C 200 -40.20 5.54 -8.37
C TYR C 200 -40.71 5.29 -9.78
N PHE C 201 -41.70 6.09 -10.16
CA PHE C 201 -42.26 6.09 -11.49
C PHE C 201 -42.26 7.52 -12.01
N LYS C 202 -41.77 7.69 -13.24
CA LYS C 202 -41.36 8.99 -13.73
C LYS C 202 -42.13 9.25 -15.01
N ILE C 203 -42.26 10.51 -15.39
CA ILE C 203 -43.12 10.83 -16.52
C ILE C 203 -42.32 11.59 -17.57
N TYR C 204 -42.22 10.98 -18.75
CA TYR C 204 -41.46 11.55 -19.86
C TYR C 204 -42.37 11.70 -21.06
N SER C 205 -42.08 12.70 -21.89
CA SER C 205 -43.00 13.10 -22.95
C SER C 205 -42.25 13.87 -24.02
N LYS C 206 -42.86 13.93 -25.20
CA LYS C 206 -42.52 14.88 -26.24
C LYS C 206 -43.80 15.24 -26.97
N HIS C 207 -43.66 16.05 -28.02
CA HIS C 207 -44.83 16.66 -28.65
C HIS C 207 -45.00 16.31 -30.13
N THR C 208 -43.91 16.35 -30.94
CA THR C 208 -43.75 15.88 -32.32
C THR C 208 -44.82 16.41 -33.28
N PRO C 209 -44.66 17.62 -33.80
CA PRO C 209 -45.70 18.23 -34.65
C PRO C 209 -45.72 17.74 -36.10
N ILE C 210 -44.96 16.72 -36.48
CA ILE C 210 -44.86 16.32 -37.88
C ILE C 210 -46.02 15.39 -38.23
N ASN C 211 -46.27 15.24 -39.53
CA ASN C 211 -47.43 14.53 -40.04
C ASN C 211 -47.01 13.26 -40.77
N LEU C 212 -47.49 12.12 -40.27
CA LEU C 212 -47.37 10.84 -40.99
C LEU C 212 -48.47 9.92 -40.46
N VAL C 213 -49.32 9.41 -41.37
CA VAL C 213 -50.45 8.60 -40.95
C VAL C 213 -50.13 7.11 -40.99
N ARG C 214 -49.00 6.73 -41.59
CA ARG C 214 -48.70 5.31 -41.82
C ARG C 214 -48.16 4.65 -40.56
N ASP C 215 -47.04 5.14 -40.04
CA ASP C 215 -46.35 4.48 -38.94
C ASP C 215 -45.62 5.54 -38.11
N LEU C 216 -44.83 5.08 -37.16
CA LEU C 216 -43.95 5.98 -36.41
C LEU C 216 -42.83 6.47 -37.32
N PRO C 217 -42.44 7.73 -37.24
CA PRO C 217 -41.60 8.31 -38.30
C PRO C 217 -40.13 7.98 -38.13
N GLN C 218 -39.35 8.59 -39.01
CA GLN C 218 -37.91 8.45 -39.12
C GLN C 218 -37.14 9.45 -38.27
N GLY C 219 -37.81 10.36 -37.59
CA GLY C 219 -37.12 11.41 -36.89
C GLY C 219 -36.62 10.97 -35.52
N PHE C 220 -35.97 11.91 -34.86
CA PHE C 220 -35.30 11.68 -33.59
C PHE C 220 -35.80 12.66 -32.53
N SER C 221 -35.96 12.17 -31.31
CA SER C 221 -36.49 12.99 -30.22
C SER C 221 -36.04 12.39 -28.90
N ALA C 222 -35.74 13.24 -27.93
CA ALA C 222 -35.36 12.83 -26.60
C ALA C 222 -36.41 13.29 -25.60
N LEU C 223 -36.74 12.41 -24.66
CA LEU C 223 -37.87 12.65 -23.78
C LEU C 223 -37.42 13.18 -22.43
N GLU C 224 -37.84 14.37 -22.11
CA GLU C 224 -37.59 15.15 -20.91
C GLU C 224 -38.48 14.70 -19.76
N PRO C 225 -38.01 14.77 -18.52
CA PRO C 225 -38.84 14.35 -17.38
C PRO C 225 -39.88 15.40 -17.02
N LEU C 226 -40.99 14.93 -16.43
CA LEU C 226 -42.04 15.79 -15.92
C LEU C 226 -42.29 15.68 -14.42
N VAL C 227 -42.55 14.49 -13.89
CA VAL C 227 -42.95 14.34 -12.50
C VAL C 227 -42.46 12.98 -12.01
N ASP C 228 -42.21 12.87 -10.71
CA ASP C 228 -41.78 11.64 -10.06
C ASP C 228 -42.57 11.47 -8.77
N LEU C 229 -42.97 10.22 -8.49
CA LEU C 229 -43.85 9.94 -7.36
C LEU C 229 -43.66 8.49 -6.89
N PRO C 230 -43.52 8.24 -5.58
CA PRO C 230 -43.31 6.86 -5.10
C PRO C 230 -44.61 6.16 -4.77
N ILE C 231 -44.73 4.89 -5.12
CA ILE C 231 -45.82 4.03 -4.65
C ILE C 231 -45.38 2.73 -3.98
N GLY C 232 -44.22 2.21 -4.37
CA GLY C 232 -43.75 0.91 -3.87
C GLY C 232 -44.59 -0.30 -4.21
N ILE C 233 -45.14 -0.35 -5.41
CA ILE C 233 -46.02 -1.43 -5.85
C ILE C 233 -45.41 -2.12 -7.06
N ASN C 234 -45.29 -3.46 -6.99
CA ASN C 234 -44.75 -4.24 -8.10
C ASN C 234 -45.83 -4.44 -9.17
N ILE C 235 -45.84 -3.50 -10.12
CA ILE C 235 -46.84 -3.49 -11.18
C ILE C 235 -46.49 -4.55 -12.21
N THR C 236 -47.46 -5.39 -12.53
CA THR C 236 -47.27 -6.54 -13.41
C THR C 236 -47.75 -6.30 -14.84
N ARG C 237 -48.87 -5.61 -15.03
CA ARG C 237 -49.39 -5.35 -16.36
C ARG C 237 -50.17 -4.05 -16.34
N PHE C 238 -50.75 -3.71 -17.49
CA PHE C 238 -51.57 -2.51 -17.58
C PHE C 238 -52.64 -2.71 -18.66
N GLN C 239 -53.47 -1.69 -18.81
CA GLN C 239 -54.50 -1.64 -19.85
C GLN C 239 -54.86 -0.20 -20.16
N THR C 240 -54.81 0.17 -21.44
CA THR C 240 -55.22 1.49 -21.89
C THR C 240 -56.70 1.52 -22.24
N LEU C 241 -57.30 2.71 -22.15
CA LEU C 241 -58.71 2.91 -22.47
C LEU C 241 -58.87 4.11 -23.37
N LEU C 242 -59.99 4.15 -24.09
CA LEU C 242 -60.31 5.30 -24.93
C LEU C 242 -61.53 6.03 -24.39
N ALA C 263 -55.57 7.04 -34.67
CA ALA C 263 -56.38 6.27 -33.74
C ALA C 263 -55.74 4.90 -33.55
N ALA C 264 -54.55 4.91 -32.99
CA ALA C 264 -53.74 3.72 -32.80
C ALA C 264 -52.75 3.99 -31.68
N TYR C 265 -52.16 2.94 -31.14
CA TYR C 265 -51.11 3.11 -30.15
C TYR C 265 -50.03 2.05 -30.37
N TYR C 266 -48.82 2.36 -29.91
CA TYR C 266 -47.64 1.53 -30.08
C TYR C 266 -47.04 1.22 -28.72
N VAL C 267 -46.72 -0.04 -28.47
CA VAL C 267 -46.17 -0.48 -27.19
C VAL C 267 -44.89 -1.26 -27.43
N GLY C 268 -43.80 -0.80 -26.80
CA GLY C 268 -42.54 -1.51 -26.75
C GLY C 268 -42.08 -1.71 -25.33
N TYR C 269 -41.01 -2.46 -25.12
CA TYR C 269 -40.60 -2.80 -23.77
C TYR C 269 -39.19 -2.32 -23.47
N LEU C 270 -38.86 -2.28 -22.19
CA LEU C 270 -37.57 -1.78 -21.76
C LEU C 270 -36.80 -2.85 -21.01
N GLN C 271 -35.51 -2.91 -21.28
CA GLN C 271 -34.58 -3.81 -20.61
C GLN C 271 -33.20 -3.17 -20.68
N PRO C 272 -32.31 -3.43 -19.69
CA PRO C 272 -31.07 -2.64 -19.63
C PRO C 272 -30.01 -2.97 -20.67
N ARG C 273 -29.62 -1.94 -21.42
CA ARG C 273 -28.43 -1.92 -22.24
C ARG C 273 -27.69 -0.61 -22.02
N THR C 274 -26.62 -0.42 -22.79
CA THR C 274 -25.73 0.72 -22.64
C THR C 274 -25.91 1.68 -23.80
N PHE C 275 -26.09 2.96 -23.49
CA PHE C 275 -26.19 3.98 -24.53
C PHE C 275 -24.96 4.88 -24.54
N LEU C 276 -24.87 5.63 -25.63
CA LEU C 276 -24.04 6.81 -25.75
C LEU C 276 -24.95 7.96 -26.14
N LEU C 277 -24.78 9.12 -25.51
CA LEU C 277 -25.64 10.26 -25.77
C LEU C 277 -24.81 11.43 -26.33
N LYS C 278 -25.36 12.09 -27.34
CA LYS C 278 -24.68 13.21 -28.00
C LYS C 278 -25.34 14.51 -27.53
N TYR C 279 -24.75 15.14 -26.52
CA TYR C 279 -25.25 16.41 -26.05
C TYR C 279 -24.75 17.53 -26.93
N ASN C 280 -25.56 18.56 -27.11
CA ASN C 280 -25.18 19.70 -27.94
C ASN C 280 -24.72 20.85 -27.06
N GLU C 281 -24.56 22.03 -27.67
CA GLU C 281 -24.23 23.23 -26.91
C GLU C 281 -25.42 23.70 -26.09
N ASN C 282 -26.62 23.56 -26.65
CA ASN C 282 -27.82 24.05 -25.96
C ASN C 282 -28.34 23.09 -24.90
N GLY C 283 -27.76 21.90 -24.76
CA GLY C 283 -28.06 21.03 -23.64
C GLY C 283 -29.03 19.90 -23.90
N THR C 284 -29.39 19.65 -25.15
CA THR C 284 -30.35 18.59 -25.46
C THR C 284 -29.65 17.42 -26.14
N ILE C 285 -30.30 16.26 -26.11
CA ILE C 285 -29.74 15.09 -26.80
C ILE C 285 -30.11 15.14 -28.27
N THR C 286 -29.09 15.15 -29.12
CA THR C 286 -29.30 15.23 -30.56
C THR C 286 -29.13 13.90 -31.28
N ASP C 287 -28.31 12.99 -30.75
CA ASP C 287 -28.13 11.69 -31.35
C ASP C 287 -27.84 10.68 -30.25
N ALA C 288 -28.09 9.41 -30.55
CA ALA C 288 -27.85 8.35 -29.58
C ALA C 288 -27.27 7.15 -30.30
N VAL C 289 -26.52 6.36 -29.55
CA VAL C 289 -25.96 5.10 -30.04
C VAL C 289 -26.29 4.02 -29.03
N ASP C 290 -26.97 2.97 -29.47
CA ASP C 290 -27.13 1.75 -28.69
C ASP C 290 -25.84 0.98 -28.88
N CYS C 291 -25.20 0.59 -27.77
CA CYS C 291 -23.88 -0.02 -27.87
C CYS C 291 -23.95 -1.45 -28.37
N ALA C 292 -24.96 -2.20 -27.97
CA ALA C 292 -25.03 -3.62 -28.30
C ALA C 292 -25.85 -3.89 -29.56
N LEU C 293 -26.04 -2.90 -30.42
CA LEU C 293 -26.86 -3.09 -31.61
C LEU C 293 -26.08 -3.81 -32.71
N ASP C 294 -25.04 -3.18 -33.22
CA ASP C 294 -24.16 -3.76 -34.22
C ASP C 294 -22.74 -3.34 -33.87
N PRO C 295 -21.72 -4.12 -34.29
CA PRO C 295 -20.33 -3.83 -33.87
C PRO C 295 -19.72 -2.52 -34.35
N LEU C 296 -20.29 -1.88 -35.36
CA LEU C 296 -19.95 -0.49 -35.64
C LEU C 296 -20.34 0.41 -34.48
N SER C 297 -21.53 0.18 -33.91
CA SER C 297 -21.95 0.97 -32.78
C SER C 297 -21.25 0.55 -31.51
N GLU C 298 -20.76 -0.69 -31.45
CA GLU C 298 -19.92 -1.11 -30.34
C GLU C 298 -18.55 -0.43 -30.42
N THR C 299 -18.05 -0.23 -31.63
CA THR C 299 -16.83 0.55 -31.83
C THR C 299 -17.03 2.01 -31.46
N LYS C 300 -18.22 2.55 -31.75
CA LYS C 300 -18.57 3.92 -31.35
C LYS C 300 -18.71 4.02 -29.82
N CYS C 301 -19.18 2.95 -29.19
CA CYS C 301 -19.26 2.90 -27.74
C CYS C 301 -17.88 2.79 -27.10
N THR C 302 -16.94 2.13 -27.79
CA THR C 302 -15.60 1.98 -27.24
C THR C 302 -14.80 3.28 -27.38
N LEU C 303 -14.79 3.86 -28.57
CA LEU C 303 -13.98 5.05 -28.83
C LEU C 303 -14.55 6.33 -28.24
N LYS C 304 -15.80 6.30 -27.73
CA LYS C 304 -16.58 7.44 -27.26
C LYS C 304 -16.70 8.55 -28.29
N SER C 305 -16.86 8.23 -29.55
CA SER C 305 -16.92 9.22 -30.61
C SER C 305 -17.93 8.81 -31.67
N PHE C 306 -18.61 9.80 -32.23
CA PHE C 306 -19.58 9.53 -33.27
C PHE C 306 -18.94 9.43 -34.64
N THR C 307 -17.71 9.88 -34.77
CA THR C 307 -16.91 9.62 -35.95
C THR C 307 -15.85 8.58 -35.60
N VAL C 308 -15.65 7.63 -36.50
CA VAL C 308 -14.69 6.54 -36.30
C VAL C 308 -13.77 6.53 -37.50
N GLU C 309 -12.47 6.67 -37.25
CA GLU C 309 -11.49 6.72 -38.32
C GLU C 309 -11.23 5.34 -38.88
N LYS C 310 -10.53 5.31 -40.02
CA LYS C 310 -10.20 4.05 -40.68
C LYS C 310 -9.15 3.29 -39.88
N GLY C 311 -9.60 2.29 -39.14
CA GLY C 311 -8.71 1.50 -38.33
C GLY C 311 -9.39 0.24 -37.85
N ILE C 312 -8.61 -0.60 -37.19
CA ILE C 312 -9.11 -1.77 -36.49
C ILE C 312 -9.16 -1.44 -35.01
N TYR C 313 -10.25 -1.81 -34.34
CA TYR C 313 -10.45 -1.43 -32.96
C TYR C 313 -10.93 -2.62 -32.15
N GLN C 314 -10.26 -2.87 -31.03
CA GLN C 314 -10.69 -3.87 -30.08
C GLN C 314 -11.94 -3.38 -29.36
N THR C 315 -12.97 -4.21 -29.31
CA THR C 315 -14.22 -3.81 -28.68
C THR C 315 -14.54 -4.63 -27.44
N SER C 316 -14.62 -5.94 -27.56
CA SER C 316 -15.11 -6.76 -26.47
C SER C 316 -14.50 -8.15 -26.56
N ASN C 317 -15.06 -9.05 -25.77
CA ASN C 317 -14.71 -10.46 -25.78
C ASN C 317 -15.99 -11.26 -25.98
N PHE C 318 -15.90 -12.35 -26.72
CA PHE C 318 -17.04 -13.24 -26.82
C PHE C 318 -16.70 -14.51 -26.04
N ARG C 319 -17.71 -15.11 -25.44
CA ARG C 319 -17.56 -16.45 -24.91
C ARG C 319 -18.68 -17.29 -25.45
N VAL C 320 -18.35 -18.51 -25.87
CA VAL C 320 -19.37 -19.46 -26.29
C VAL C 320 -20.11 -19.90 -25.03
N GLN C 321 -21.38 -19.51 -24.94
CA GLN C 321 -22.14 -19.71 -23.73
C GLN C 321 -22.53 -21.18 -23.57
N PRO C 322 -22.59 -21.67 -22.32
CA PRO C 322 -22.98 -23.06 -22.10
C PRO C 322 -24.44 -23.31 -22.42
N THR C 323 -24.69 -24.39 -23.15
CA THR C 323 -26.06 -24.71 -23.54
C THR C 323 -26.74 -25.59 -22.51
N GLU C 324 -26.02 -26.55 -21.93
CA GLU C 324 -26.62 -27.53 -21.04
C GLU C 324 -25.97 -27.43 -19.67
N SER C 325 -26.72 -27.84 -18.66
CA SER C 325 -26.22 -27.98 -17.30
C SER C 325 -26.22 -29.47 -16.96
N ILE C 326 -25.06 -29.99 -16.60
CA ILE C 326 -24.92 -31.38 -16.18
C ILE C 326 -24.49 -31.40 -14.72
N VAL C 327 -25.09 -32.29 -13.95
CA VAL C 327 -24.75 -32.53 -12.56
C VAL C 327 -24.44 -34.02 -12.42
N ARG C 328 -23.25 -34.33 -11.91
CA ARG C 328 -22.90 -35.71 -11.61
C ARG C 328 -22.59 -35.85 -10.13
N PHE C 329 -23.32 -36.76 -9.49
CA PHE C 329 -23.13 -37.16 -8.11
C PHE C 329 -23.05 -38.68 -8.10
N PRO C 330 -22.32 -39.29 -7.17
CA PRO C 330 -22.18 -40.76 -7.17
C PRO C 330 -23.48 -41.47 -6.82
N ASN C 331 -23.61 -42.71 -7.31
CA ASN C 331 -24.86 -43.47 -7.17
C ASN C 331 -24.99 -44.03 -5.75
N ILE C 332 -25.48 -43.17 -4.86
CA ILE C 332 -25.66 -43.52 -3.47
C ILE C 332 -27.10 -43.17 -3.05
N THR C 333 -27.76 -44.12 -2.38
CA THR C 333 -29.17 -44.00 -2.05
C THR C 333 -29.47 -44.12 -0.56
N ASN C 334 -28.54 -44.59 0.25
CA ASN C 334 -28.78 -44.74 1.69
C ASN C 334 -28.77 -43.38 2.34
N LEU C 335 -29.54 -43.23 3.41
CA LEU C 335 -29.75 -41.94 4.03
C LEU C 335 -29.08 -41.89 5.40
N CYS C 336 -28.61 -40.70 5.78
CA CYS C 336 -27.77 -40.58 6.97
C CYS C 336 -28.60 -40.63 8.25
N PRO C 337 -28.10 -41.30 9.29
CA PRO C 337 -28.80 -41.29 10.57
C PRO C 337 -28.56 -40.03 11.38
N PHE C 338 -29.13 -38.91 10.91
CA PHE C 338 -29.11 -37.70 11.73
C PHE C 338 -30.06 -37.81 12.91
N GLY C 339 -31.09 -38.66 12.80
CA GLY C 339 -31.93 -38.95 13.94
C GLY C 339 -31.22 -39.73 15.02
N GLU C 340 -30.17 -40.48 14.64
CA GLU C 340 -29.28 -41.05 15.64
C GLU C 340 -28.38 -40.01 16.29
N VAL C 341 -28.23 -38.84 15.69
CA VAL C 341 -27.50 -37.73 16.28
C VAL C 341 -28.45 -36.77 17.00
N PHE C 342 -29.53 -36.36 16.33
CA PHE C 342 -30.44 -35.39 16.91
C PHE C 342 -31.33 -35.97 17.98
N ASN C 343 -31.91 -37.14 17.74
CA ASN C 343 -32.87 -37.76 18.66
C ASN C 343 -32.22 -38.88 19.45
N ALA C 344 -30.98 -38.69 19.90
CA ALA C 344 -30.26 -39.73 20.59
C ALA C 344 -30.71 -39.86 22.05
N THR C 345 -30.09 -40.80 22.76
CA THR C 345 -30.48 -41.07 24.14
C THR C 345 -29.89 -40.04 25.09
N ARG C 346 -28.57 -39.93 25.13
CA ARG C 346 -27.90 -39.05 26.07
C ARG C 346 -26.88 -38.20 25.33
N PHE C 347 -26.73 -36.97 25.79
CA PHE C 347 -25.78 -36.03 25.21
C PHE C 347 -24.63 -35.84 26.20
N ALA C 348 -23.40 -35.95 25.69
CA ALA C 348 -22.23 -36.01 26.56
C ALA C 348 -21.87 -34.64 27.12
N SER C 349 -21.14 -34.66 28.23
CA SER C 349 -20.57 -33.43 28.77
C SER C 349 -19.32 -33.06 27.99
N VAL C 350 -18.88 -31.81 28.15
CA VAL C 350 -17.94 -31.25 27.18
C VAL C 350 -16.48 -31.52 27.50
N TYR C 351 -16.16 -32.13 28.64
CA TYR C 351 -14.77 -32.54 28.82
C TYR C 351 -14.50 -33.81 28.03
N ALA C 352 -15.53 -34.61 27.81
CA ALA C 352 -15.50 -35.81 26.99
C ALA C 352 -16.61 -35.76 25.95
N TRP C 353 -16.65 -34.65 25.21
CA TRP C 353 -17.63 -34.42 24.14
C TRP C 353 -17.51 -35.44 23.02
N ASN C 354 -18.68 -35.83 22.48
CA ASN C 354 -18.77 -36.95 21.56
C ASN C 354 -18.69 -36.48 20.12
N ARG C 355 -17.66 -36.95 19.41
CA ARG C 355 -17.56 -36.79 17.97
C ARG C 355 -18.16 -38.02 17.32
N LYS C 356 -19.20 -37.83 16.51
CA LYS C 356 -19.87 -38.91 15.79
C LYS C 356 -19.73 -38.64 14.31
N ARG C 357 -18.73 -39.26 13.68
CA ARG C 357 -18.53 -39.06 12.26
C ARG C 357 -19.56 -39.86 11.45
N ILE C 358 -20.04 -39.25 10.38
CA ILE C 358 -21.09 -39.80 9.54
C ILE C 358 -20.49 -40.04 8.15
N SER C 359 -20.71 -41.23 7.60
CA SER C 359 -20.12 -41.53 6.31
C SER C 359 -21.04 -42.44 5.52
N ASN C 360 -20.93 -42.30 4.18
CA ASN C 360 -21.41 -43.21 3.14
C ASN C 360 -22.94 -43.27 3.16
N CYS C 361 -23.53 -42.09 3.04
CA CYS C 361 -24.98 -41.93 2.99
C CYS C 361 -25.32 -40.60 2.32
N VAL C 362 -26.61 -40.31 2.25
CA VAL C 362 -27.14 -39.09 1.63
C VAL C 362 -27.91 -38.31 2.69
N ALA C 363 -27.51 -37.06 2.91
CA ALA C 363 -28.16 -36.23 3.91
C ALA C 363 -28.75 -35.00 3.24
N ASP C 364 -30.06 -34.79 3.43
CA ASP C 364 -30.72 -33.57 3.00
C ASP C 364 -30.72 -32.59 4.14
N TYR C 365 -29.96 -31.52 4.02
CA TYR C 365 -29.89 -30.51 5.06
C TYR C 365 -30.97 -29.45 4.91
N SER C 366 -31.85 -29.57 3.92
CA SER C 366 -32.96 -28.64 3.80
C SER C 366 -34.02 -28.90 4.85
N VAL C 367 -34.23 -30.16 5.24
CA VAL C 367 -35.17 -30.48 6.32
C VAL C 367 -34.64 -29.97 7.65
N LEU C 368 -33.32 -30.12 7.86
CA LEU C 368 -32.70 -29.60 9.07
C LEU C 368 -32.59 -28.08 9.03
N TYR C 369 -32.60 -27.51 7.83
CA TYR C 369 -32.60 -26.06 7.68
C TYR C 369 -33.97 -25.47 7.95
N ASN C 370 -35.03 -26.21 7.62
CA ASN C 370 -36.40 -25.71 7.74
C ASN C 370 -37.09 -26.11 9.03
N SER C 371 -36.40 -26.80 9.95
CA SER C 371 -36.99 -27.16 11.22
C SER C 371 -36.94 -25.94 12.14
N ALA C 372 -38.09 -25.60 12.73
CA ALA C 372 -38.22 -24.39 13.54
C ALA C 372 -38.04 -24.64 15.03
N SER C 373 -37.62 -25.85 15.43
CA SER C 373 -37.32 -26.11 16.83
C SER C 373 -35.95 -25.60 17.25
N PHE C 374 -35.12 -25.18 16.30
CA PHE C 374 -33.79 -24.68 16.58
C PHE C 374 -33.81 -23.16 16.72
N SER C 375 -32.83 -22.63 17.44
CA SER C 375 -32.76 -21.19 17.65
C SER C 375 -31.68 -20.55 16.78
N THR C 376 -30.51 -21.17 16.67
CA THR C 376 -29.36 -20.56 16.01
C THR C 376 -29.06 -21.32 14.72
N PHE C 377 -28.63 -20.57 13.71
CA PHE C 377 -28.23 -21.14 12.42
C PHE C 377 -26.92 -20.55 11.93
N LYS C 378 -25.95 -20.38 12.84
CA LYS C 378 -24.69 -19.79 12.45
C LYS C 378 -23.82 -20.81 11.73
N CYS C 379 -23.26 -20.42 10.59
CA CYS C 379 -22.55 -21.33 9.71
C CYS C 379 -21.42 -20.58 9.04
N TYR C 380 -20.43 -21.29 8.49
CA TYR C 380 -19.20 -20.63 8.04
C TYR C 380 -18.75 -20.91 6.61
N GLY C 381 -18.89 -22.12 6.08
CA GLY C 381 -18.27 -22.37 4.78
C GLY C 381 -18.94 -21.94 3.47
N VAL C 382 -19.97 -22.66 3.02
CA VAL C 382 -20.58 -22.41 1.71
C VAL C 382 -22.07 -22.79 1.74
N SER C 383 -22.94 -21.87 1.19
CA SER C 383 -24.28 -21.40 1.67
C SER C 383 -25.20 -22.51 2.14
N PRO C 384 -26.05 -22.25 3.16
CA PRO C 384 -26.99 -23.29 3.62
C PRO C 384 -28.13 -23.50 2.63
N THR C 385 -28.36 -22.55 1.74
CA THR C 385 -29.29 -22.76 0.64
C THR C 385 -28.68 -23.58 -0.48
N LYS C 386 -27.36 -23.77 -0.48
CA LYS C 386 -26.73 -24.75 -1.36
C LYS C 386 -26.04 -25.86 -0.60
N LEU C 387 -26.41 -26.09 0.67
CA LEU C 387 -25.97 -27.29 1.38
C LEU C 387 -26.57 -28.56 0.77
N ASN C 388 -27.73 -28.43 0.14
CA ASN C 388 -28.33 -29.46 -0.70
C ASN C 388 -27.60 -29.63 -2.04
N ASP C 389 -26.68 -28.74 -2.38
CA ASP C 389 -26.11 -28.73 -3.71
C ASP C 389 -24.68 -29.26 -3.78
N LEU C 390 -23.97 -29.39 -2.66
CA LEU C 390 -22.59 -29.86 -2.75
C LEU C 390 -22.44 -31.27 -2.20
N CYS C 391 -21.19 -31.72 -2.11
CA CYS C 391 -20.87 -33.13 -2.01
C CYS C 391 -19.55 -33.27 -1.25
N PHE C 392 -19.63 -33.80 -0.02
CA PHE C 392 -18.54 -33.78 0.94
C PHE C 392 -17.85 -35.13 1.03
N THR C 393 -16.77 -35.16 1.82
CA THR C 393 -15.98 -36.37 2.01
C THR C 393 -16.14 -36.91 3.43
N ASN C 394 -16.16 -36.04 4.42
CA ASN C 394 -16.26 -36.45 5.82
C ASN C 394 -16.99 -35.39 6.63
N VAL C 395 -17.68 -35.84 7.68
CA VAL C 395 -18.64 -35.02 8.39
C VAL C 395 -18.16 -34.61 9.77
N TYR C 396 -17.79 -35.58 10.62
CA TYR C 396 -17.36 -35.40 12.03
C TYR C 396 -18.37 -34.60 12.87
N ALA C 397 -19.59 -35.12 12.95
CA ALA C 397 -20.64 -34.41 13.69
C ALA C 397 -20.44 -34.54 15.20
N ASP C 398 -20.87 -33.52 15.95
CA ASP C 398 -20.65 -33.44 17.38
C ASP C 398 -21.96 -33.48 18.15
N SER C 399 -21.87 -33.67 19.47
CA SER C 399 -23.03 -33.71 20.35
C SER C 399 -22.59 -33.44 21.79
N PHE C 400 -23.03 -32.31 22.34
CA PHE C 400 -22.65 -31.85 23.67
C PHE C 400 -23.71 -30.87 24.19
N VAL C 401 -23.65 -30.60 25.48
CA VAL C 401 -24.61 -29.74 26.18
C VAL C 401 -23.83 -28.70 26.98
N ILE C 402 -24.17 -27.42 26.78
CA ILE C 402 -23.50 -26.31 27.44
C ILE C 402 -24.50 -25.42 28.16
N ARG C 403 -23.99 -24.31 28.71
CA ARG C 403 -24.81 -23.27 29.29
C ARG C 403 -25.48 -22.44 28.21
N GLY C 404 -26.36 -21.53 28.65
CA GLY C 404 -26.97 -20.62 27.71
C GLY C 404 -26.04 -19.50 27.27
N ASP C 405 -25.05 -19.19 28.09
CA ASP C 405 -24.16 -18.07 27.81
C ASP C 405 -23.01 -18.45 26.88
N GLU C 406 -22.75 -19.74 26.69
CA GLU C 406 -21.63 -20.18 25.86
C GLU C 406 -22.03 -20.38 24.41
N VAL C 407 -23.15 -19.80 23.98
CA VAL C 407 -23.53 -19.76 22.57
C VAL C 407 -22.54 -18.89 21.79
N ARG C 408 -22.05 -17.82 22.44
CA ARG C 408 -21.03 -16.96 21.85
C ARG C 408 -19.69 -17.66 21.70
N GLN C 409 -19.42 -18.69 22.50
CA GLN C 409 -18.13 -19.39 22.45
C GLN C 409 -17.95 -20.23 21.19
N ILE C 410 -19.02 -20.53 20.48
CA ILE C 410 -18.92 -21.42 19.31
C ILE C 410 -18.66 -20.51 18.10
N ALA C 411 -17.40 -20.11 17.97
CA ALA C 411 -16.85 -19.20 16.96
C ALA C 411 -15.32 -19.37 16.99
N PRO C 412 -14.60 -19.00 15.92
CA PRO C 412 -13.13 -19.07 15.96
C PRO C 412 -12.49 -18.07 16.90
N GLY C 413 -11.53 -18.56 17.69
CA GLY C 413 -10.72 -17.74 18.57
C GLY C 413 -11.45 -17.11 19.72
N GLN C 414 -12.37 -17.83 20.36
CA GLN C 414 -13.15 -17.25 21.44
C GLN C 414 -12.39 -17.32 22.76
N THR C 415 -12.97 -16.72 23.79
CA THR C 415 -12.38 -16.73 25.12
C THR C 415 -13.30 -17.50 26.05
N GLY C 416 -12.72 -18.08 27.09
CA GLY C 416 -13.48 -18.88 28.01
C GLY C 416 -12.78 -20.21 28.26
N LYS C 417 -13.06 -20.83 29.41
CA LYS C 417 -12.31 -22.02 29.81
C LYS C 417 -12.73 -23.24 28.99
N ILE C 418 -13.95 -23.24 28.46
CA ILE C 418 -14.35 -24.20 27.43
C ILE C 418 -13.52 -23.98 26.17
N ALA C 419 -13.48 -22.73 25.68
CA ALA C 419 -12.80 -22.42 24.43
C ALA C 419 -11.28 -22.49 24.55
N ASP C 420 -10.71 -21.94 25.62
CA ASP C 420 -9.26 -21.95 25.74
C ASP C 420 -8.73 -23.25 26.34
N TYR C 421 -9.57 -24.00 27.08
CA TYR C 421 -9.04 -25.11 27.86
C TYR C 421 -9.67 -26.46 27.53
N ASN C 422 -10.93 -26.49 27.11
CA ASN C 422 -11.67 -27.74 26.96
C ASN C 422 -12.00 -28.06 25.51
N TYR C 423 -12.68 -27.16 24.80
CA TYR C 423 -13.19 -27.46 23.47
C TYR C 423 -12.90 -26.28 22.56
N LYS C 424 -11.89 -26.43 21.71
CA LYS C 424 -11.47 -25.36 20.82
C LYS C 424 -11.83 -25.70 19.38
N LEU C 425 -12.40 -24.73 18.68
CA LEU C 425 -12.65 -24.67 17.25
C LEU C 425 -11.45 -24.05 16.55
N PRO C 426 -11.17 -24.43 15.29
CA PRO C 426 -10.06 -23.79 14.57
C PRO C 426 -10.38 -22.36 14.19
N ASP C 427 -9.32 -21.60 13.90
CA ASP C 427 -9.48 -20.25 13.36
C ASP C 427 -10.10 -20.29 11.98
N ASP C 428 -9.70 -21.27 11.16
CA ASP C 428 -10.36 -21.58 9.90
C ASP C 428 -11.39 -22.69 10.05
N PHE C 429 -12.33 -22.52 10.97
CA PHE C 429 -13.39 -23.51 11.14
C PHE C 429 -14.40 -23.42 10.01
N THR C 430 -14.76 -24.58 9.45
CA THR C 430 -15.71 -24.65 8.34
C THR C 430 -16.79 -25.71 8.63
N GLY C 431 -18.00 -25.22 8.86
CA GLY C 431 -19.12 -26.10 9.16
C GLY C 431 -20.23 -25.33 9.83
N CYS C 432 -21.37 -26.01 10.02
CA CYS C 432 -22.52 -25.42 10.70
C CYS C 432 -22.57 -25.85 12.16
N VAL C 433 -23.12 -24.96 12.99
CA VAL C 433 -23.53 -25.30 14.35
C VAL C 433 -25.04 -25.20 14.40
N ILE C 434 -25.68 -26.20 15.02
CA ILE C 434 -27.11 -26.18 15.19
C ILE C 434 -27.40 -26.41 16.67
N ALA C 435 -28.27 -25.57 17.24
CA ALA C 435 -28.48 -25.60 18.68
C ALA C 435 -29.92 -25.23 19.02
N TRP C 436 -30.38 -25.77 20.15
CA TRP C 436 -31.72 -25.50 20.64
C TRP C 436 -31.72 -25.71 22.14
N ASN C 437 -32.63 -25.01 22.82
CA ASN C 437 -32.68 -25.03 24.28
C ASN C 437 -33.28 -26.34 24.78
N SER C 438 -32.67 -26.90 25.82
CA SER C 438 -33.08 -28.18 26.37
C SER C 438 -33.34 -28.08 27.87
N ASN C 439 -34.09 -27.07 28.29
CA ASN C 439 -34.49 -26.95 29.70
C ASN C 439 -35.51 -28.01 30.07
N ASN C 440 -36.34 -28.42 29.10
CA ASN C 440 -37.33 -29.47 29.33
C ASN C 440 -36.74 -30.87 29.21
N LEU C 441 -35.45 -31.00 28.87
CA LEU C 441 -34.81 -32.30 28.76
C LEU C 441 -33.78 -32.57 29.85
N ASP C 442 -32.83 -31.67 30.08
CA ASP C 442 -31.81 -31.90 31.07
C ASP C 442 -32.35 -31.61 32.48
N ASN C 448 -29.89 -32.10 38.00
CA ASN C 448 -29.16 -33.02 37.15
C ASN C 448 -27.74 -32.51 36.88
N TYR C 449 -26.82 -32.81 37.80
CA TYR C 449 -25.50 -32.20 37.84
C TYR C 449 -24.42 -33.05 37.16
N ASN C 450 -24.79 -33.88 36.19
CA ASN C 450 -23.84 -34.83 35.62
C ASN C 450 -22.91 -34.21 34.60
N TYR C 451 -23.26 -33.04 34.08
CA TYR C 451 -22.44 -32.38 33.07
C TYR C 451 -21.29 -31.65 33.72
N LEU C 452 -20.07 -31.96 33.26
CA LEU C 452 -18.85 -31.52 33.90
C LEU C 452 -17.90 -30.98 32.85
N TYR C 453 -17.08 -30.00 33.25
CA TYR C 453 -16.19 -29.33 32.31
C TYR C 453 -14.83 -29.12 32.95
N ARG C 454 -13.92 -28.58 32.15
CA ARG C 454 -12.53 -28.42 32.53
C ARG C 454 -12.22 -26.95 32.81
N LEU C 455 -11.58 -26.69 33.97
CA LEU C 455 -11.20 -25.34 34.36
C LEU C 455 -9.72 -25.07 34.27
N PHE C 456 -8.86 -26.03 34.58
CA PHE C 456 -7.42 -25.80 34.59
C PHE C 456 -6.76 -26.74 33.59
N ARG C 457 -5.62 -26.30 33.05
CA ARG C 457 -4.82 -27.11 32.15
C ARG C 457 -3.39 -26.57 32.24
N LYS C 458 -2.44 -27.34 31.69
CA LYS C 458 -1.06 -26.89 31.65
C LYS C 458 -0.87 -25.75 30.67
N SER C 459 -1.67 -25.70 29.60
CA SER C 459 -1.62 -24.64 28.62
C SER C 459 -2.97 -24.57 27.92
N ASN C 460 -3.07 -23.67 26.94
CA ASN C 460 -4.20 -23.68 26.02
C ASN C 460 -4.01 -24.82 25.02
N LEU C 461 -5.11 -25.44 24.62
CA LEU C 461 -5.08 -26.66 23.84
C LEU C 461 -5.18 -26.38 22.34
N LYS C 462 -4.81 -27.37 21.54
CA LYS C 462 -4.99 -27.30 20.10
C LYS C 462 -6.46 -27.50 19.74
N PRO C 463 -6.92 -26.96 18.60
CA PRO C 463 -8.34 -27.12 18.22
C PRO C 463 -8.75 -28.56 17.93
N PHE C 464 -10.02 -28.85 18.27
CA PHE C 464 -10.65 -30.17 18.27
C PHE C 464 -9.86 -31.21 19.06
N GLU C 465 -9.35 -30.81 20.22
CA GLU C 465 -8.73 -31.77 21.13
C GLU C 465 -9.61 -31.96 22.36
N ARG C 466 -9.51 -33.14 22.96
CA ARG C 466 -10.21 -33.47 24.18
C ARG C 466 -9.23 -34.12 25.14
N ASP C 467 -9.41 -33.86 26.43
CA ASP C 467 -8.42 -34.31 27.39
C ASP C 467 -9.09 -34.58 28.74
N ILE C 468 -8.78 -35.74 29.31
CA ILE C 468 -9.21 -36.12 30.65
C ILE C 468 -7.95 -36.36 31.48
N SER C 469 -7.76 -35.57 32.53
CA SER C 469 -6.59 -35.68 33.38
C SER C 469 -6.94 -35.28 34.79
N THR C 470 -6.15 -35.76 35.75
CA THR C 470 -6.41 -35.52 37.17
C THR C 470 -5.49 -34.44 37.74
N PHE C 490 -8.11 -30.45 42.23
CA PHE C 490 -8.62 -31.16 41.05
C PHE C 490 -9.04 -30.13 40.00
N PRO C 491 -8.58 -30.28 38.76
CA PRO C 491 -8.83 -29.24 37.75
C PRO C 491 -10.22 -29.28 37.13
N LEU C 492 -11.07 -30.25 37.47
CA LEU C 492 -12.34 -30.44 36.79
C LEU C 492 -13.48 -30.28 37.78
N GLN C 493 -14.38 -29.34 37.52
CA GLN C 493 -15.57 -29.17 38.33
C GLN C 493 -16.78 -29.09 37.41
N SER C 494 -17.95 -29.42 37.95
CA SER C 494 -19.13 -29.60 37.11
C SER C 494 -20.00 -28.34 37.10
N TYR C 495 -20.90 -28.30 36.11
CA TYR C 495 -21.95 -27.30 36.12
C TYR C 495 -23.04 -27.64 37.13
N GLY C 496 -23.75 -26.61 37.56
CA GLY C 496 -24.97 -26.79 38.32
C GLY C 496 -26.23 -26.73 37.47
N PHE C 497 -26.48 -27.76 36.68
CA PHE C 497 -27.67 -27.82 35.82
C PHE C 497 -28.82 -28.49 36.54
N GLN C 498 -30.01 -27.93 36.37
CA GLN C 498 -31.28 -28.42 36.87
C GLN C 498 -32.29 -28.18 35.76
N PRO C 499 -33.31 -29.05 35.64
CA PRO C 499 -34.30 -28.85 34.56
C PRO C 499 -35.31 -27.71 34.78
N THR C 500 -35.18 -26.88 35.81
CA THR C 500 -36.14 -25.81 36.05
C THR C 500 -35.55 -24.42 35.99
N ASN C 501 -34.26 -24.29 35.69
CA ASN C 501 -33.58 -23.00 35.76
C ASN C 501 -33.94 -22.04 34.63
N VAL C 503 -33.31 -17.18 31.13
CA VAL C 503 -33.10 -18.36 30.31
C VAL C 503 -31.62 -18.57 30.06
N GLY C 504 -30.81 -17.64 30.56
CA GLY C 504 -29.38 -17.63 30.29
C GLY C 504 -28.59 -18.70 31.02
N TYR C 505 -29.12 -19.22 32.12
CA TYR C 505 -28.46 -20.30 32.84
C TYR C 505 -29.00 -21.68 32.46
N GLN C 506 -29.91 -21.75 31.49
CA GLN C 506 -30.50 -23.02 31.10
C GLN C 506 -29.51 -23.87 30.32
N PRO C 507 -29.59 -25.19 30.47
CA PRO C 507 -28.81 -26.08 29.60
C PRO C 507 -29.43 -26.13 28.20
N TYR C 508 -28.56 -26.12 27.19
CA TYR C 508 -28.97 -26.16 25.79
C TYR C 508 -28.44 -27.45 25.16
N ARG C 509 -29.09 -27.89 24.08
CA ARG C 509 -28.60 -29.02 23.30
C ARG C 509 -27.95 -28.52 22.02
N VAL C 510 -26.67 -28.86 21.83
CA VAL C 510 -25.82 -28.30 20.77
C VAL C 510 -25.23 -29.44 19.94
N VAL C 511 -25.40 -29.34 18.61
CA VAL C 511 -24.82 -30.26 17.65
C VAL C 511 -23.98 -29.46 16.67
N VAL C 512 -22.70 -29.84 16.51
CA VAL C 512 -21.75 -29.10 15.68
C VAL C 512 -21.36 -29.97 14.50
N LEU C 513 -21.49 -29.44 13.29
CA LEU C 513 -21.05 -30.10 12.07
C LEU C 513 -19.72 -29.52 11.61
N SER C 514 -18.86 -30.37 11.07
CA SER C 514 -17.44 -30.09 10.87
C SER C 514 -16.97 -30.53 9.50
N PHE C 515 -17.63 -30.02 8.45
CA PHE C 515 -17.40 -30.46 7.07
C PHE C 515 -15.99 -30.09 6.61
N GLU C 516 -15.43 -30.86 5.69
CA GLU C 516 -14.14 -30.51 5.10
C GLU C 516 -14.20 -30.69 3.59
N LEU C 517 -13.50 -29.81 2.87
CA LEU C 517 -13.54 -29.72 1.41
C LEU C 517 -12.17 -29.80 0.78
N LEU C 518 -11.31 -30.72 1.22
CA LEU C 518 -9.98 -30.81 0.64
C LEU C 518 -10.01 -31.67 -0.63
N HIS C 519 -8.82 -31.91 -1.19
CA HIS C 519 -8.68 -32.72 -2.38
C HIS C 519 -8.83 -34.20 -2.03
N ALA C 520 -10.05 -34.67 -1.94
CA ALA C 520 -10.38 -36.02 -1.50
C ALA C 520 -11.58 -36.53 -2.27
N PRO C 521 -11.74 -37.85 -2.41
CA PRO C 521 -12.97 -38.38 -3.03
C PRO C 521 -14.18 -38.18 -2.14
N ALA C 522 -15.26 -37.73 -2.77
CA ALA C 522 -16.44 -37.31 -2.03
C ALA C 522 -17.26 -38.50 -1.55
N THR C 523 -17.85 -38.35 -0.36
CA THR C 523 -18.59 -39.46 0.23
C THR C 523 -20.02 -39.12 0.66
N VAL C 524 -20.23 -38.14 1.52
CA VAL C 524 -21.58 -37.76 1.96
C VAL C 524 -22.00 -36.56 1.13
N CYS C 525 -23.03 -36.73 0.33
CA CYS C 525 -23.39 -35.76 -0.70
C CYS C 525 -24.88 -35.52 -0.68
N GLY C 526 -25.28 -34.26 -0.82
CA GLY C 526 -26.68 -33.89 -0.73
C GLY C 526 -27.48 -34.33 -1.94
N PRO C 527 -28.79 -34.54 -1.76
CA PRO C 527 -29.62 -35.04 -2.87
C PRO C 527 -29.91 -34.01 -3.95
N LYS C 528 -29.33 -34.24 -5.12
CA LYS C 528 -29.74 -33.61 -6.36
C LYS C 528 -29.59 -34.66 -7.45
N LYS C 529 -30.51 -34.65 -8.42
CA LYS C 529 -30.62 -35.73 -9.39
C LYS C 529 -29.49 -35.64 -10.41
N SER C 530 -28.69 -36.70 -10.49
CA SER C 530 -27.62 -36.77 -11.48
C SER C 530 -28.19 -37.08 -12.86
N THR C 531 -27.64 -36.43 -13.87
CA THR C 531 -28.16 -36.52 -15.23
C THR C 531 -27.15 -37.21 -16.14
N ASN C 532 -27.49 -37.28 -17.43
CA ASN C 532 -26.63 -37.94 -18.39
C ASN C 532 -25.43 -37.07 -18.74
N LEU C 533 -24.32 -37.74 -19.02
CA LEU C 533 -23.08 -37.05 -19.34
C LEU C 533 -23.11 -36.55 -20.79
N VAL C 534 -22.60 -35.34 -21.01
CA VAL C 534 -22.59 -34.72 -22.32
C VAL C 534 -21.14 -34.49 -22.76
N LYS C 535 -20.81 -34.99 -23.95
CA LYS C 535 -19.48 -34.95 -24.50
C LYS C 535 -19.33 -33.88 -25.57
N ASN C 536 -18.15 -33.26 -25.58
CA ASN C 536 -17.64 -32.35 -26.60
C ASN C 536 -18.51 -31.12 -26.82
N LYS C 537 -19.15 -30.60 -25.78
CA LYS C 537 -19.93 -29.38 -25.86
C LYS C 537 -19.60 -28.51 -24.66
N CYS C 538 -19.74 -27.20 -24.83
CA CYS C 538 -19.58 -26.29 -23.71
C CYS C 538 -20.77 -26.40 -22.79
N VAL C 539 -20.56 -26.95 -21.59
CA VAL C 539 -21.63 -27.23 -20.65
C VAL C 539 -21.24 -26.70 -19.27
N ASN C 540 -22.24 -26.63 -18.40
CA ASN C 540 -22.01 -26.34 -16.99
C ASN C 540 -21.99 -27.63 -16.20
N PHE C 541 -20.86 -27.94 -15.59
CA PHE C 541 -20.71 -29.19 -14.86
C PHE C 541 -20.82 -28.95 -13.36
N ASN C 542 -21.15 -30.01 -12.65
CA ASN C 542 -21.15 -30.04 -11.19
C ASN C 542 -20.58 -31.40 -10.81
N PHE C 543 -19.25 -31.47 -10.75
CA PHE C 543 -18.54 -32.71 -10.43
C PHE C 543 -18.21 -32.67 -8.95
N ASN C 544 -19.16 -33.15 -8.13
CA ASN C 544 -19.08 -33.22 -6.67
C ASN C 544 -18.86 -31.86 -6.01
N GLY C 545 -19.41 -30.80 -6.61
CA GLY C 545 -19.23 -29.46 -6.11
C GLY C 545 -18.19 -28.64 -6.84
N LEU C 546 -17.32 -29.28 -7.61
CA LEU C 546 -16.27 -28.57 -8.35
C LEU C 546 -16.86 -28.05 -9.67
N THR C 547 -17.64 -26.98 -9.56
CA THR C 547 -18.42 -26.50 -10.68
C THR C 547 -17.62 -25.57 -11.58
N GLY C 548 -18.14 -25.36 -12.79
CA GLY C 548 -17.50 -24.47 -13.73
C GLY C 548 -18.05 -24.65 -15.12
N THR C 549 -17.37 -24.02 -16.07
CA THR C 549 -17.74 -24.08 -17.49
C THR C 549 -16.62 -24.76 -18.25
N GLY C 550 -16.97 -25.69 -19.13
CA GLY C 550 -15.93 -26.35 -19.89
C GLY C 550 -16.50 -27.23 -20.97
N VAL C 551 -15.60 -27.78 -21.77
CA VAL C 551 -15.94 -28.72 -22.83
C VAL C 551 -15.36 -30.06 -22.43
N LEU C 552 -16.23 -30.98 -22.04
CA LEU C 552 -15.80 -32.26 -21.47
C LEU C 552 -15.45 -33.25 -22.56
N THR C 553 -14.17 -33.52 -22.75
CA THR C 553 -13.72 -34.47 -23.77
C THR C 553 -13.13 -35.70 -23.11
N GLU C 554 -13.02 -36.78 -23.90
CA GLU C 554 -12.37 -37.99 -23.41
C GLU C 554 -10.92 -37.99 -23.86
N SER C 555 -10.01 -38.07 -22.90
CA SER C 555 -8.58 -37.97 -23.18
C SER C 555 -7.87 -39.26 -22.81
N ASN C 556 -6.58 -39.32 -23.14
CA ASN C 556 -5.73 -40.45 -22.83
C ASN C 556 -4.87 -40.22 -21.59
N LYS C 557 -5.32 -39.34 -20.69
CA LYS C 557 -4.56 -39.07 -19.48
C LYS C 557 -4.72 -40.20 -18.48
N LYS C 558 -3.59 -40.78 -18.08
CA LYS C 558 -3.59 -41.99 -17.25
C LYS C 558 -3.75 -41.63 -15.78
N PHE C 559 -4.98 -41.80 -15.30
CA PHE C 559 -5.19 -41.77 -13.85
C PHE C 559 -4.68 -43.05 -13.21
N LEU C 560 -3.79 -42.88 -12.26
CA LEU C 560 -3.52 -43.96 -11.32
C LEU C 560 -4.71 -44.09 -10.37
N PRO C 561 -5.09 -45.32 -9.98
CA PRO C 561 -6.46 -45.55 -9.47
C PRO C 561 -6.75 -44.98 -8.09
N PHE C 562 -5.74 -44.54 -7.37
CA PHE C 562 -5.98 -43.85 -6.12
C PHE C 562 -6.36 -42.38 -6.30
N GLN C 563 -6.11 -41.82 -7.48
CA GLN C 563 -6.28 -40.40 -7.68
C GLN C 563 -7.75 -40.05 -7.96
N GLN C 564 -8.06 -38.77 -7.85
CA GLN C 564 -9.37 -38.27 -8.24
C GLN C 564 -9.34 -37.32 -9.42
N PHE C 565 -8.56 -36.24 -9.34
CA PHE C 565 -8.53 -35.31 -10.46
C PHE C 565 -7.15 -34.68 -10.55
N GLY C 566 -6.59 -34.71 -11.76
CA GLY C 566 -5.32 -34.12 -12.05
C GLY C 566 -5.43 -32.61 -12.25
N ARG C 567 -4.27 -31.98 -12.37
CA ARG C 567 -4.19 -30.57 -12.71
C ARG C 567 -3.11 -30.40 -13.78
N ASP C 568 -3.05 -29.21 -14.36
CA ASP C 568 -2.16 -28.98 -15.49
C ASP C 568 -0.82 -28.41 -15.01
N ILE C 569 -0.08 -27.83 -15.96
CA ILE C 569 1.24 -27.24 -15.70
C ILE C 569 1.13 -26.02 -14.80
N ALA C 570 0.06 -25.26 -14.92
CA ALA C 570 -0.07 -23.98 -14.25
C ALA C 570 -1.08 -23.98 -13.11
N ASP C 571 -1.30 -25.14 -12.46
CA ASP C 571 -2.21 -25.34 -11.32
C ASP C 571 -3.66 -24.97 -11.68
N THR C 572 -4.15 -25.55 -12.77
CA THR C 572 -5.50 -25.31 -13.25
C THR C 572 -6.27 -26.63 -13.24
N THR C 573 -7.58 -26.56 -13.09
CA THR C 573 -8.39 -27.78 -13.08
C THR C 573 -8.52 -28.36 -14.48
N ASP C 574 -8.00 -29.56 -14.66
CA ASP C 574 -7.75 -30.09 -16.00
C ASP C 574 -8.53 -31.34 -16.36
N ALA C 575 -8.54 -32.35 -15.50
CA ALA C 575 -9.22 -33.59 -15.84
C ALA C 575 -9.78 -34.22 -14.58
N VAL C 576 -11.11 -34.41 -14.56
CA VAL C 576 -11.81 -34.90 -13.39
C VAL C 576 -12.49 -36.22 -13.72
N ARG C 577 -12.24 -37.23 -12.88
CA ARG C 577 -12.89 -38.52 -12.97
C ARG C 577 -14.35 -38.41 -12.58
N ASP C 578 -15.23 -38.98 -13.39
CA ASP C 578 -16.66 -39.05 -13.07
C ASP C 578 -16.86 -39.95 -11.86
N PRO C 579 -17.65 -39.54 -10.87
CA PRO C 579 -17.86 -40.38 -9.67
C PRO C 579 -18.62 -41.67 -9.92
N GLN C 580 -19.50 -41.74 -10.92
CA GLN C 580 -20.26 -42.95 -11.17
C GLN C 580 -19.57 -43.93 -12.09
N THR C 581 -18.70 -43.45 -12.98
CA THR C 581 -18.02 -44.33 -13.91
C THR C 581 -16.57 -43.88 -13.98
N LEU C 582 -15.64 -44.83 -13.81
CA LEU C 582 -14.21 -44.53 -13.81
C LEU C 582 -13.73 -44.22 -15.24
N GLU C 583 -14.05 -43.01 -15.69
CA GLU C 583 -13.69 -42.56 -17.01
C GLU C 583 -12.75 -41.37 -16.93
N ILE C 584 -12.23 -40.98 -18.09
CA ILE C 584 -11.16 -39.99 -18.18
C ILE C 584 -11.75 -38.78 -18.90
N LEU C 585 -12.01 -37.71 -18.15
CA LEU C 585 -12.75 -36.57 -18.67
C LEU C 585 -11.88 -35.32 -18.55
N ASP C 586 -11.14 -35.00 -19.61
CA ASP C 586 -10.37 -33.77 -19.63
C ASP C 586 -11.30 -32.57 -19.80
N ILE C 587 -10.89 -31.44 -19.23
CA ILE C 587 -11.69 -30.23 -19.25
C ILE C 587 -10.93 -29.18 -20.03
N THR C 588 -11.51 -28.72 -21.12
CA THR C 588 -11.05 -27.54 -21.81
C THR C 588 -12.12 -26.47 -21.65
N PRO C 589 -11.78 -25.27 -21.19
CA PRO C 589 -12.79 -24.20 -21.11
C PRO C 589 -13.23 -23.75 -22.48
N CYS C 590 -14.44 -23.17 -22.53
CA CYS C 590 -15.13 -22.89 -23.78
C CYS C 590 -14.41 -21.79 -24.56
N SER C 591 -14.56 -21.83 -25.88
CA SER C 591 -13.69 -21.08 -26.77
C SER C 591 -13.99 -19.60 -26.74
N PHE C 592 -13.00 -18.81 -26.34
CA PHE C 592 -13.14 -17.38 -26.23
C PHE C 592 -12.00 -16.72 -26.99
N GLY C 593 -12.24 -15.48 -27.40
CA GLY C 593 -11.21 -14.71 -28.05
C GLY C 593 -11.63 -13.27 -28.13
N GLY C 594 -10.70 -12.43 -28.59
CA GLY C 594 -10.98 -11.03 -28.72
C GLY C 594 -11.87 -10.73 -29.92
N VAL C 595 -12.57 -9.60 -29.84
CA VAL C 595 -13.41 -9.12 -30.93
C VAL C 595 -12.79 -7.86 -31.46
N SER C 596 -12.43 -7.87 -32.73
CA SER C 596 -11.87 -6.70 -33.38
C SER C 596 -12.73 -6.36 -34.58
N VAL C 597 -13.03 -5.08 -34.75
CA VAL C 597 -13.89 -4.62 -35.83
C VAL C 597 -13.05 -3.85 -36.82
N ILE C 598 -12.94 -4.38 -38.03
CA ILE C 598 -12.28 -3.67 -39.11
C ILE C 598 -13.30 -2.76 -39.77
N THR C 599 -13.05 -1.46 -39.73
CA THR C 599 -13.95 -0.57 -40.42
C THR C 599 -13.14 0.50 -41.13
N PRO C 600 -13.65 1.06 -42.22
CA PRO C 600 -13.11 2.31 -42.73
C PRO C 600 -13.69 3.50 -41.98
N GLY C 601 -13.39 4.69 -42.50
CA GLY C 601 -13.92 5.89 -41.91
C GLY C 601 -15.43 5.99 -42.12
N THR C 602 -16.10 6.61 -41.15
CA THR C 602 -17.56 6.67 -41.19
C THR C 602 -18.06 7.67 -42.23
N ASN C 603 -17.23 8.64 -42.62
CA ASN C 603 -17.58 9.46 -43.76
C ASN C 603 -17.39 8.71 -45.07
N THR C 604 -16.60 7.64 -45.07
CA THR C 604 -16.42 6.80 -46.25
C THR C 604 -17.47 5.69 -46.31
N SER C 605 -17.59 4.88 -45.27
CA SER C 605 -18.52 3.77 -45.30
C SER C 605 -18.95 3.41 -43.89
N ASN C 606 -20.13 2.80 -43.79
CA ASN C 606 -20.56 2.20 -42.53
C ASN C 606 -20.59 0.67 -42.56
N GLN C 607 -20.10 0.06 -43.64
CA GLN C 607 -19.98 -1.40 -43.70
C GLN C 607 -18.79 -1.84 -42.88
N VAL C 608 -18.95 -2.94 -42.13
CA VAL C 608 -17.92 -3.40 -41.21
C VAL C 608 -17.53 -4.84 -41.51
N ALA C 609 -16.39 -5.24 -40.96
CA ALA C 609 -15.93 -6.62 -41.01
C ALA C 609 -15.32 -6.98 -39.66
N VAL C 610 -15.73 -8.10 -39.10
CA VAL C 610 -15.44 -8.46 -37.72
C VAL C 610 -14.41 -9.57 -37.71
N LEU C 611 -13.33 -9.36 -36.96
CA LEU C 611 -12.35 -10.39 -36.69
C LEU C 611 -12.64 -10.98 -35.32
N TYR C 612 -12.82 -12.29 -35.26
CA TYR C 612 -12.85 -13.01 -34.00
C TYR C 612 -11.45 -13.55 -33.75
N GLN C 613 -10.81 -13.11 -32.67
CA GLN C 613 -9.39 -13.39 -32.50
C GLN C 613 -9.16 -14.82 -32.01
N ASP C 614 -8.24 -15.52 -32.70
CA ASP C 614 -7.55 -16.73 -32.24
C ASP C 614 -8.49 -17.91 -32.02
N VAL C 615 -9.55 -17.98 -32.82
CA VAL C 615 -10.52 -19.07 -32.75
C VAL C 615 -10.70 -19.67 -34.13
N ASN C 616 -11.21 -20.89 -34.17
CA ASN C 616 -11.54 -21.53 -35.42
C ASN C 616 -12.86 -20.98 -35.96
N CYS C 617 -13.09 -21.18 -37.26
CA CYS C 617 -14.35 -20.72 -37.86
C CYS C 617 -15.39 -21.82 -37.84
N THR C 618 -15.63 -22.40 -36.69
CA THR C 618 -16.71 -23.35 -36.42
C THR C 618 -17.43 -23.03 -35.14
N GLU C 619 -16.81 -22.26 -34.25
CA GLU C 619 -17.37 -21.87 -32.97
C GLU C 619 -18.07 -20.53 -33.01
N VAL C 620 -18.68 -20.16 -34.12
CA VAL C 620 -19.40 -18.89 -34.21
C VAL C 620 -20.91 -19.12 -34.28
N ASN C 641 -17.51 -14.89 -47.80
CA ASN C 641 -18.10 -13.96 -46.83
C ASN C 641 -17.53 -14.24 -45.45
N VAL C 642 -17.06 -15.47 -45.26
CA VAL C 642 -16.38 -15.89 -44.03
C VAL C 642 -15.00 -16.40 -44.42
N PHE C 643 -13.97 -15.84 -43.78
CA PHE C 643 -12.60 -16.19 -44.09
C PHE C 643 -11.87 -16.65 -42.84
N GLN C 644 -11.01 -17.64 -42.99
CA GLN C 644 -10.19 -18.17 -41.91
C GLN C 644 -8.78 -17.60 -42.01
N THR C 645 -8.25 -17.14 -40.88
CA THR C 645 -6.95 -16.51 -40.81
C THR C 645 -6.24 -17.10 -39.59
N ARG C 646 -4.90 -17.17 -39.65
CA ARG C 646 -4.10 -17.56 -38.48
C ARG C 646 -4.24 -16.58 -37.32
N ALA C 647 -4.60 -15.32 -37.58
CA ALA C 647 -5.04 -14.41 -36.54
C ALA C 647 -6.37 -14.81 -35.91
N GLY C 648 -7.23 -15.48 -36.65
CA GLY C 648 -8.51 -15.91 -36.11
C GLY C 648 -9.58 -15.94 -37.19
N CYS C 649 -10.82 -16.00 -36.73
CA CYS C 649 -11.95 -16.11 -37.64
C CYS C 649 -12.38 -14.73 -38.09
N LEU C 650 -12.43 -14.51 -39.39
CA LEU C 650 -12.74 -13.21 -39.97
C LEU C 650 -14.06 -13.30 -40.71
N ILE C 651 -15.02 -12.47 -40.32
CA ILE C 651 -16.37 -12.48 -40.88
C ILE C 651 -16.66 -11.10 -41.44
N GLY C 652 -17.03 -11.05 -42.72
CA GLY C 652 -17.43 -9.82 -43.35
C GLY C 652 -16.49 -9.30 -44.41
N ALA C 653 -15.42 -10.01 -44.72
CA ALA C 653 -14.45 -9.55 -45.70
C ALA C 653 -14.22 -10.65 -46.73
N GLU C 654 -14.12 -10.25 -47.99
CA GLU C 654 -13.81 -11.21 -49.04
C GLU C 654 -12.31 -11.40 -49.13
N HIS C 655 -11.88 -12.65 -49.25
CA HIS C 655 -10.47 -12.94 -49.46
C HIS C 655 -10.13 -12.76 -50.94
N VAL C 656 -9.07 -12.01 -51.22
CA VAL C 656 -8.70 -11.64 -52.57
C VAL C 656 -7.33 -12.22 -52.87
N ASN C 657 -7.22 -12.92 -54.01
CA ASN C 657 -5.95 -13.55 -54.37
C ASN C 657 -4.90 -12.54 -54.81
N ASN C 658 -5.31 -11.36 -55.26
CA ASN C 658 -4.36 -10.30 -55.55
C ASN C 658 -3.82 -9.71 -54.25
N SER C 659 -2.63 -9.13 -54.33
CA SER C 659 -1.95 -8.55 -53.19
C SER C 659 -1.70 -7.08 -53.44
N TYR C 660 -2.12 -6.24 -52.49
CA TYR C 660 -1.90 -4.80 -52.56
C TYR C 660 -1.15 -4.35 -51.31
N GLU C 661 -0.94 -3.04 -51.21
CA GLU C 661 -0.27 -2.48 -50.05
C GLU C 661 -1.18 -2.55 -48.84
N CYS C 662 -0.57 -2.64 -47.66
CA CYS C 662 -1.32 -2.80 -46.42
C CYS C 662 -1.99 -1.49 -46.02
N ASP C 663 -3.29 -1.55 -45.79
CA ASP C 663 -4.05 -0.39 -45.35
C ASP C 663 -4.41 -0.49 -43.89
N ILE C 664 -5.10 -1.55 -43.48
CA ILE C 664 -5.45 -1.77 -42.08
C ILE C 664 -4.89 -3.12 -41.64
N PRO C 665 -4.00 -3.16 -40.65
CA PRO C 665 -3.37 -4.43 -40.27
C PRO C 665 -4.33 -5.31 -39.46
N ILE C 666 -4.21 -6.62 -39.63
CA ILE C 666 -4.93 -7.60 -38.82
C ILE C 666 -3.91 -8.46 -38.09
N GLY C 667 -3.04 -9.10 -38.84
CA GLY C 667 -2.07 -10.03 -38.28
C GLY C 667 -1.92 -11.16 -39.26
N ALA C 668 -0.78 -11.86 -39.12
CA ALA C 668 -0.36 -12.99 -39.96
C ALA C 668 -0.34 -12.62 -41.45
N GLY C 669 0.16 -11.43 -41.74
CA GLY C 669 0.35 -11.00 -43.11
C GLY C 669 -0.90 -10.59 -43.83
N ILE C 670 -2.02 -10.43 -43.13
CA ILE C 670 -3.30 -10.14 -43.76
C ILE C 670 -3.70 -8.71 -43.44
N CYS C 671 -3.96 -7.93 -44.47
CA CYS C 671 -4.41 -6.56 -44.31
C CYS C 671 -5.74 -6.37 -45.03
N ALA C 672 -6.54 -5.41 -44.57
CA ALA C 672 -7.85 -5.15 -45.12
C ALA C 672 -7.98 -3.71 -45.57
N SER C 673 -8.88 -3.51 -46.54
CA SER C 673 -9.15 -2.20 -47.10
C SER C 673 -10.53 -2.21 -47.73
N TYR C 674 -11.05 -1.02 -47.99
CA TYR C 674 -12.37 -0.83 -48.59
C TYR C 674 -12.16 -0.52 -50.08
N GLN C 675 -12.26 -1.55 -50.92
CA GLN C 675 -12.00 -1.42 -52.34
C GLN C 675 -13.20 -1.94 -53.13
N THR C 676 -12.99 -2.10 -54.42
CA THR C 676 -14.02 -2.59 -55.33
C THR C 676 -13.94 -4.11 -55.48
N GLN C 690 -19.54 -1.63 -53.31
CA GLN C 690 -18.19 -1.92 -52.87
C GLN C 690 -18.21 -2.64 -51.52
N SER C 691 -17.06 -3.14 -51.08
CA SER C 691 -16.99 -4.01 -49.92
C SER C 691 -15.59 -3.94 -49.33
N ILE C 692 -15.43 -4.57 -48.18
CA ILE C 692 -14.15 -4.69 -47.50
C ILE C 692 -13.45 -5.95 -47.99
N ILE C 693 -12.25 -5.79 -48.54
CA ILE C 693 -11.49 -6.95 -49.01
C ILE C 693 -10.51 -7.35 -47.92
N ALA C 694 -10.00 -8.57 -48.03
CA ALA C 694 -8.90 -9.06 -47.22
C ALA C 694 -7.88 -9.70 -48.14
N TYR C 695 -6.61 -9.46 -47.86
CA TYR C 695 -5.56 -9.86 -48.79
C TYR C 695 -4.27 -10.07 -48.02
N THR C 696 -3.42 -10.92 -48.57
CA THR C 696 -2.03 -11.01 -48.12
C THR C 696 -1.33 -9.74 -48.55
N MET C 697 -0.54 -9.14 -47.66
CA MET C 697 0.04 -7.83 -47.94
C MET C 697 1.15 -7.92 -48.98
N SER C 698 1.18 -6.94 -49.86
CA SER C 698 2.31 -6.80 -50.76
C SER C 698 3.25 -5.74 -50.19
N LEU C 699 4.50 -5.84 -50.58
CA LEU C 699 5.54 -5.08 -49.89
C LEU C 699 6.10 -3.95 -50.72
N GLY C 700 5.71 -3.86 -52.00
CA GLY C 700 6.21 -2.86 -52.92
C GLY C 700 6.50 -3.47 -54.27
N ALA C 701 7.15 -2.66 -55.11
CA ALA C 701 7.42 -3.07 -56.47
C ALA C 701 8.59 -4.04 -56.52
N GLU C 702 8.38 -5.19 -57.16
CA GLU C 702 9.45 -6.15 -57.34
C GLU C 702 10.41 -5.66 -58.42
N ASN C 703 11.68 -5.50 -58.05
CA ASN C 703 12.64 -4.87 -58.95
C ASN C 703 13.91 -5.71 -58.95
N SER C 704 14.06 -6.55 -59.96
CA SER C 704 15.30 -7.27 -60.17
C SER C 704 16.29 -6.34 -60.85
N VAL C 705 17.40 -6.03 -60.18
CA VAL C 705 18.35 -5.06 -60.70
C VAL C 705 19.21 -5.72 -61.76
N ALA C 706 19.35 -5.05 -62.91
CA ALA C 706 20.12 -5.55 -64.04
C ALA C 706 21.60 -5.49 -63.68
N TYR C 707 22.12 -6.61 -63.22
CA TYR C 707 23.46 -6.70 -62.64
C TYR C 707 24.36 -7.58 -63.50
N SER C 708 25.60 -7.17 -63.66
CA SER C 708 26.61 -8.01 -64.29
C SER C 708 27.96 -7.65 -63.69
N ASN C 709 29.01 -8.25 -64.25
CA ASN C 709 30.35 -7.95 -63.76
C ASN C 709 30.97 -6.73 -64.43
N ASN C 710 30.27 -6.03 -65.32
CA ASN C 710 30.85 -4.85 -65.93
C ASN C 710 29.85 -3.72 -66.17
N SER C 711 28.68 -3.75 -65.56
CA SER C 711 27.66 -2.75 -65.80
C SER C 711 27.49 -1.86 -64.59
N ILE C 712 27.69 -0.57 -64.77
CA ILE C 712 27.56 0.41 -63.70
C ILE C 712 26.39 1.32 -64.06
N ALA C 713 25.78 1.90 -63.04
CA ALA C 713 24.74 2.91 -63.21
C ALA C 713 25.15 4.16 -62.44
N ILE C 714 25.12 5.30 -63.12
CA ILE C 714 25.59 6.56 -62.56
C ILE C 714 24.53 7.62 -62.86
N PRO C 715 24.10 8.39 -61.86
CA PRO C 715 23.05 9.39 -62.09
C PRO C 715 23.54 10.55 -62.94
N THR C 716 22.62 11.12 -63.71
CA THR C 716 22.94 12.31 -64.48
C THR C 716 22.26 13.57 -63.98
N ASN C 717 21.21 13.44 -63.17
CA ASN C 717 20.45 14.60 -62.74
C ASN C 717 19.81 14.22 -61.41
N PHE C 718 19.41 15.22 -60.64
CA PHE C 718 18.99 15.00 -59.27
C PHE C 718 17.70 15.74 -58.98
N THR C 719 17.07 15.38 -57.86
CA THR C 719 15.99 16.16 -57.28
C THR C 719 16.38 16.55 -55.87
N ILE C 720 16.39 17.86 -55.59
CA ILE C 720 16.58 18.34 -54.23
C ILE C 720 15.25 18.16 -53.51
N SER C 721 15.15 17.14 -52.67
CA SER C 721 13.92 16.91 -51.95
C SER C 721 14.00 17.50 -50.55
N VAL C 722 12.83 17.79 -49.98
CA VAL C 722 12.71 18.20 -48.59
C VAL C 722 11.72 17.27 -47.91
N THR C 723 12.18 16.55 -46.90
CA THR C 723 11.27 15.71 -46.12
C THR C 723 10.88 16.46 -44.85
N THR C 724 10.19 15.79 -43.95
CA THR C 724 9.71 16.43 -42.74
C THR C 724 9.72 15.42 -41.61
N GLU C 725 10.51 15.70 -40.58
CA GLU C 725 10.64 14.81 -39.44
C GLU C 725 10.08 15.51 -38.21
N ILE C 726 9.17 14.85 -37.52
CA ILE C 726 8.44 15.45 -36.40
C ILE C 726 8.84 14.70 -35.13
N LEU C 727 9.39 15.42 -34.16
CA LEU C 727 9.85 14.81 -32.92
C LEU C 727 9.23 15.52 -31.73
N PRO C 728 8.67 14.78 -30.76
CA PRO C 728 8.15 15.42 -29.56
C PRO C 728 9.28 15.79 -28.62
N VAL C 729 9.06 16.87 -27.85
CA VAL C 729 10.09 17.43 -26.99
C VAL C 729 9.61 17.44 -25.54
N SER C 730 8.42 17.99 -25.30
CA SER C 730 7.96 18.19 -23.94
C SER C 730 6.52 17.74 -23.80
N MET C 731 6.16 17.32 -22.59
CA MET C 731 4.78 17.13 -22.21
C MET C 731 4.23 18.44 -21.67
N THR C 732 2.96 18.41 -21.25
CA THR C 732 2.45 19.48 -20.42
C THR C 732 3.02 19.30 -19.02
N LYS C 733 3.57 20.37 -18.45
CA LYS C 733 4.17 20.31 -17.12
C LYS C 733 3.05 20.21 -16.08
N THR C 734 2.60 19.00 -15.87
CA THR C 734 1.43 18.75 -15.05
C THR C 734 1.90 18.26 -13.68
N SER C 735 1.39 18.87 -12.63
CA SER C 735 1.68 18.47 -11.27
C SER C 735 0.38 18.16 -10.55
N VAL C 736 0.41 17.18 -9.68
CA VAL C 736 -0.74 16.75 -8.92
C VAL C 736 -0.44 17.03 -7.46
N ASP C 737 -1.33 17.76 -6.79
CA ASP C 737 -1.25 17.84 -5.34
C ASP C 737 -1.86 16.56 -4.80
N CYS C 738 -1.14 15.89 -3.90
CA CYS C 738 -1.57 14.57 -3.46
C CYS C 738 -2.72 14.66 -2.47
N THR C 739 -2.61 15.57 -1.50
CA THR C 739 -3.56 15.62 -0.38
C THR C 739 -4.91 16.17 -0.81
N MET C 740 -4.92 17.15 -1.72
CA MET C 740 -6.16 17.68 -2.26
C MET C 740 -6.87 16.66 -3.14
N TYR C 741 -6.11 15.77 -3.78
CA TYR C 741 -6.74 14.73 -4.56
C TYR C 741 -7.31 13.64 -3.67
N ILE C 742 -6.58 13.24 -2.63
CA ILE C 742 -6.98 12.06 -1.87
C ILE C 742 -8.08 12.41 -0.86
N CYS C 743 -8.00 13.57 -0.21
CA CYS C 743 -8.90 13.91 0.90
C CYS C 743 -9.24 15.40 0.86
N GLY C 744 -9.62 15.90 -0.31
CA GLY C 744 -9.92 17.31 -0.49
C GLY C 744 -11.08 17.86 0.31
N ASP C 745 -10.79 18.91 1.10
CA ASP C 745 -11.72 19.58 2.02
C ASP C 745 -12.34 18.62 3.03
N SER C 746 -11.52 17.70 3.54
CA SER C 746 -11.96 16.78 4.60
C SER C 746 -10.73 16.47 5.46
N THR C 747 -10.67 17.13 6.61
CA THR C 747 -9.54 16.93 7.52
C THR C 747 -9.62 15.56 8.19
N GLU C 748 -10.84 15.07 8.45
CA GLU C 748 -11.03 13.75 9.05
C GLU C 748 -10.63 12.63 8.11
N CYS C 749 -10.70 12.87 6.79
CA CYS C 749 -10.06 11.97 5.85
C CYS C 749 -8.55 12.04 5.97
N SER C 750 -8.01 13.25 6.10
CA SER C 750 -6.57 13.46 6.01
C SER C 750 -5.84 13.04 7.28
N ASN C 751 -6.57 12.83 8.38
CA ASN C 751 -5.94 12.24 9.56
C ASN C 751 -5.59 10.77 9.33
N LEU C 752 -6.31 10.09 8.45
CA LEU C 752 -5.91 8.74 8.09
C LEU C 752 -4.92 8.71 6.93
N LEU C 753 -4.74 9.84 6.24
CA LEU C 753 -3.65 9.94 5.26
C LEU C 753 -2.30 9.96 5.96
N LEU C 754 -2.21 10.65 7.08
CA LEU C 754 -0.91 10.87 7.71
C LEU C 754 -0.45 9.67 8.53
N GLN C 755 -1.26 8.62 8.64
CA GLN C 755 -0.76 7.36 9.15
C GLN C 755 -0.19 6.47 8.06
N TYR C 756 -0.29 6.87 6.80
CA TYR C 756 0.23 6.06 5.71
C TYR C 756 1.70 6.31 5.44
N GLY C 757 2.31 7.27 6.11
CA GLY C 757 3.72 7.50 5.93
C GLY C 757 4.05 8.60 4.94
N SER C 758 4.88 8.27 3.95
CA SER C 758 5.40 9.27 3.03
C SER C 758 4.98 9.03 1.59
N PHE C 759 3.75 8.59 1.34
CA PHE C 759 3.32 8.38 -0.05
C PHE C 759 3.07 9.69 -0.77
N CYS C 760 2.50 10.68 -0.09
CA CYS C 760 2.12 11.93 -0.76
C CYS C 760 3.28 12.89 -0.94
N THR C 761 4.49 12.52 -0.54
CA THR C 761 5.63 13.37 -0.80
C THR C 761 6.47 12.83 -1.95
N GLN C 762 6.63 11.51 -2.05
CA GLN C 762 7.54 10.95 -3.05
C GLN C 762 6.95 11.00 -4.46
N LEU C 763 5.62 10.88 -4.59
CA LEU C 763 5.00 11.04 -5.90
C LEU C 763 5.00 12.50 -6.33
N ASN C 764 4.92 13.40 -5.35
CA ASN C 764 5.05 14.83 -5.61
C ASN C 764 6.45 15.17 -6.06
N ARG C 765 7.45 14.52 -5.47
CA ARG C 765 8.84 14.73 -5.84
C ARG C 765 9.12 14.15 -7.23
N ALA C 766 8.45 13.05 -7.58
CA ALA C 766 8.58 12.46 -8.91
C ALA C 766 7.96 13.37 -9.97
N LEU C 767 6.83 14.00 -9.66
CA LEU C 767 6.25 14.94 -10.62
C LEU C 767 7.03 16.24 -10.69
N THR C 768 7.69 16.62 -9.58
CA THR C 768 8.62 17.75 -9.62
C THR C 768 9.82 17.45 -10.51
N GLY C 769 10.32 16.21 -10.45
CA GLY C 769 11.41 15.80 -11.32
C GLY C 769 11.02 15.75 -12.78
N ILE C 770 9.77 15.33 -13.06
CA ILE C 770 9.23 15.37 -14.41
C ILE C 770 9.11 16.81 -14.92
N ALA C 771 8.63 17.72 -14.07
CA ALA C 771 8.43 19.10 -14.48
C ALA C 771 9.75 19.84 -14.65
N VAL C 772 10.79 19.44 -13.92
CA VAL C 772 12.12 19.96 -14.19
C VAL C 772 12.66 19.38 -15.49
N GLU C 773 12.39 18.09 -15.74
CA GLU C 773 12.99 17.39 -16.87
C GLU C 773 12.41 17.85 -18.22
N GLN C 774 11.16 18.32 -18.24
CA GLN C 774 10.58 18.88 -19.47
C GLN C 774 11.28 20.16 -19.91
N ASP C 775 11.53 21.07 -18.98
CA ASP C 775 12.21 22.31 -19.32
C ASP C 775 13.69 22.07 -19.58
N LYS C 776 14.26 21.04 -18.94
CA LYS C 776 15.61 20.61 -19.28
C LYS C 776 15.68 20.09 -20.71
N ASN C 777 14.66 19.37 -21.16
CA ASN C 777 14.60 18.85 -22.52
C ASN C 777 14.50 19.97 -23.54
N THR C 778 13.67 20.97 -23.24
CA THR C 778 13.50 22.09 -24.15
C THR C 778 14.77 22.95 -24.20
N GLN C 779 15.49 23.05 -23.09
CA GLN C 779 16.78 23.73 -23.09
C GLN C 779 17.84 22.93 -23.84
N GLU C 780 17.72 21.60 -23.85
CA GLU C 780 18.67 20.80 -24.62
C GLU C 780 18.45 20.94 -26.12
N VAL C 781 17.19 21.03 -26.56
CA VAL C 781 16.98 21.09 -28.00
C VAL C 781 17.11 22.51 -28.53
N PHE C 782 16.71 23.51 -27.74
CA PHE C 782 16.56 24.84 -28.34
C PHE C 782 17.57 25.86 -27.85
N ALA C 783 18.18 25.65 -26.69
CA ALA C 783 19.16 26.62 -26.20
C ALA C 783 20.57 26.14 -26.53
N GLN C 784 20.74 25.49 -27.67
CA GLN C 784 22.03 24.99 -28.09
C GLN C 784 22.96 26.12 -28.55
N VAL C 785 22.42 27.19 -29.12
CA VAL C 785 23.24 28.30 -29.58
C VAL C 785 23.26 29.34 -28.46
N LYS C 786 24.38 30.07 -28.35
CA LYS C 786 24.53 31.01 -27.25
C LYS C 786 23.92 32.37 -27.57
N GLN C 787 24.00 32.82 -28.82
CA GLN C 787 23.57 34.15 -29.19
C GLN C 787 22.42 34.09 -30.18
N ILE C 788 21.54 35.09 -30.10
CA ILE C 788 20.45 35.23 -31.06
C ILE C 788 21.05 35.82 -32.32
N TYR C 789 20.85 35.15 -33.45
CA TYR C 789 21.27 35.70 -34.72
C TYR C 789 20.11 36.36 -35.44
N LYS C 790 20.37 37.52 -36.00
CA LYS C 790 19.39 38.20 -36.85
C LYS C 790 19.73 37.98 -38.31
N THR C 791 18.68 37.83 -39.11
CA THR C 791 18.80 37.73 -40.54
C THR C 791 19.19 39.09 -41.11
N PRO C 792 19.85 39.12 -42.27
CA PRO C 792 19.99 40.39 -42.99
C PRO C 792 18.65 40.87 -43.49
N PRO C 793 18.47 42.19 -43.63
CA PRO C 793 17.18 42.69 -44.14
C PRO C 793 16.94 42.37 -45.61
N ILE C 794 18.00 42.28 -46.39
CA ILE C 794 17.89 41.85 -47.78
C ILE C 794 18.07 40.34 -47.83
N LYS C 795 17.31 39.68 -48.70
CA LYS C 795 17.18 38.23 -48.71
C LYS C 795 17.77 37.61 -49.98
N ASP C 796 18.97 38.07 -50.36
CA ASP C 796 19.62 37.68 -51.60
C ASP C 796 20.44 36.40 -51.41
N PHE C 797 19.72 35.31 -51.12
CA PHE C 797 20.36 34.04 -50.81
C PHE C 797 20.48 33.16 -52.06
N GLY C 798 21.09 33.73 -53.09
CA GLY C 798 21.39 33.01 -54.31
C GLY C 798 20.20 32.63 -55.16
N GLY C 799 19.05 33.23 -54.89
CA GLY C 799 17.81 32.82 -55.51
C GLY C 799 16.95 31.88 -54.69
N PHE C 800 17.26 31.66 -53.42
CA PHE C 800 16.52 30.73 -52.59
C PHE C 800 15.47 31.51 -51.80
N ASN C 801 14.23 31.03 -51.81
CA ASN C 801 13.13 31.72 -51.12
C ASN C 801 13.06 31.20 -49.68
N PHE C 802 13.65 31.95 -48.77
CA PHE C 802 13.59 31.63 -47.34
C PHE C 802 12.51 32.38 -46.58
N SER C 803 11.61 33.09 -47.27
CA SER C 803 10.63 33.89 -46.55
C SER C 803 9.51 33.05 -45.96
N GLN C 804 9.41 31.79 -46.37
CA GLN C 804 8.43 30.88 -45.80
C GLN C 804 8.89 30.26 -44.49
N ILE C 805 10.17 30.37 -44.14
CA ILE C 805 10.66 29.74 -42.93
C ILE C 805 11.27 30.77 -41.98
N LEU C 806 11.72 31.90 -42.52
CA LEU C 806 12.20 33.00 -41.71
C LEU C 806 11.01 33.65 -41.01
N PRO C 807 11.21 34.22 -39.80
CA PRO C 807 10.08 34.77 -39.05
C PRO C 807 9.48 36.01 -39.70
N ASP C 808 8.16 36.11 -39.58
CA ASP C 808 7.40 37.19 -40.19
C ASP C 808 7.46 38.40 -39.25
N PRO C 809 8.03 39.53 -39.68
CA PRO C 809 8.11 40.68 -38.76
C PRO C 809 6.80 41.42 -38.57
N SER C 810 5.78 41.12 -39.36
CA SER C 810 4.48 41.75 -39.18
C SER C 810 3.77 41.28 -37.92
N LYS C 811 3.81 39.99 -37.61
CA LYS C 811 3.14 39.49 -36.42
C LYS C 811 3.98 39.72 -35.18
N SER C 813 2.89 37.21 -32.43
CA SER C 813 4.18 36.64 -32.03
C SER C 813 5.07 36.48 -33.25
N LYS C 814 6.38 36.61 -33.05
CA LYS C 814 7.34 36.60 -34.16
C LYS C 814 7.59 35.18 -34.66
N ARG C 815 6.66 34.69 -35.48
CA ARG C 815 6.73 33.34 -36.01
C ARG C 815 6.65 33.35 -37.53
N SER C 816 7.14 32.27 -38.14
CA SER C 816 6.99 32.11 -39.58
C SER C 816 5.61 31.56 -39.92
N PHE C 817 5.39 31.38 -41.22
CA PHE C 817 4.09 30.90 -41.68
C PHE C 817 3.92 29.41 -41.42
N ILE C 818 4.99 28.64 -41.63
CA ILE C 818 4.95 27.18 -41.44
C ILE C 818 4.77 26.86 -39.96
N GLU C 819 5.42 27.64 -39.09
CA GLU C 819 5.19 27.55 -37.66
C GLU C 819 3.76 27.90 -37.28
N ASP C 820 3.13 28.84 -37.98
CA ASP C 820 1.74 29.18 -37.68
C ASP C 820 0.79 28.08 -38.14
N LEU C 821 1.12 27.37 -39.22
CA LEU C 821 0.36 26.18 -39.59
C LEU C 821 0.56 25.06 -38.57
N LEU C 822 1.74 24.97 -37.99
CA LEU C 822 1.97 23.94 -36.97
C LEU C 822 1.23 24.25 -35.68
N PHE C 823 1.13 25.52 -35.29
CA PHE C 823 0.32 25.85 -34.12
C PHE C 823 -1.17 25.76 -34.40
N ASN C 824 -1.62 26.11 -35.61
CA ASN C 824 -3.05 26.05 -35.88
C ASN C 824 -3.53 24.64 -36.17
N LYS C 825 -2.63 23.72 -36.50
CA LYS C 825 -3.04 22.36 -36.79
C LYS C 825 -3.36 21.59 -35.52
N VAL C 826 -2.64 21.85 -34.44
CA VAL C 826 -2.87 21.20 -33.16
C VAL C 826 -3.85 22.02 -32.35
N THR C 827 -4.96 21.39 -31.95
CA THR C 827 -5.97 22.06 -31.13
C THR C 827 -5.83 21.65 -29.66
N PHE C 855 -9.56 20.75 -12.37
CA PHE C 855 -8.95 21.81 -11.57
C PHE C 855 -9.25 21.55 -10.11
N ASN C 856 -9.34 20.26 -9.77
CA ASN C 856 -9.71 19.80 -8.43
C ASN C 856 -8.49 19.32 -7.66
N GLY C 857 -7.34 19.96 -7.83
CA GLY C 857 -6.12 19.52 -7.21
C GLY C 857 -5.06 19.31 -8.26
N LEU C 858 -5.45 19.47 -9.50
CA LEU C 858 -4.57 19.26 -10.64
C LEU C 858 -4.17 20.59 -11.24
N THR C 859 -2.88 20.84 -11.33
CA THR C 859 -2.38 22.07 -11.91
C THR C 859 -1.44 21.73 -13.05
N VAL C 860 -1.55 22.50 -14.12
CA VAL C 860 -0.53 22.49 -15.16
C VAL C 860 0.36 23.69 -14.92
N LEU C 861 1.66 23.45 -14.87
CA LEU C 861 2.58 24.55 -14.75
C LEU C 861 2.84 25.14 -16.15
N PRO C 862 2.99 26.44 -16.26
CA PRO C 862 3.38 27.03 -17.54
C PRO C 862 4.81 26.65 -17.87
N PRO C 863 5.15 26.52 -19.15
CA PRO C 863 6.53 26.19 -19.52
C PRO C 863 7.46 27.35 -19.25
N LEU C 864 8.72 27.01 -18.99
CA LEU C 864 9.71 28.02 -18.62
C LEU C 864 10.10 28.83 -19.84
N LEU C 865 10.10 28.20 -21.00
CA LEU C 865 10.35 28.85 -22.27
C LEU C 865 9.03 28.93 -23.01
N THR C 866 8.47 30.14 -23.14
CA THR C 866 7.23 30.24 -23.87
C THR C 866 7.51 30.28 -25.38
N ASP C 867 6.43 30.25 -26.16
CA ASP C 867 6.50 29.98 -27.60
C ASP C 867 7.19 31.08 -28.39
N GLU C 868 7.19 32.31 -27.89
CA GLU C 868 7.88 33.39 -28.58
C GLU C 868 9.39 33.25 -28.50
N MET C 869 9.94 32.82 -27.36
CA MET C 869 11.39 32.61 -27.33
C MET C 869 11.80 31.29 -27.97
N ILE C 870 10.88 30.33 -28.07
CA ILE C 870 11.16 29.12 -28.84
C ILE C 870 11.21 29.47 -30.33
N ALA C 871 10.32 30.39 -30.76
CA ALA C 871 10.39 30.93 -32.11
C ALA C 871 11.65 31.76 -32.30
N GLN C 872 12.12 32.42 -31.23
CA GLN C 872 13.37 33.17 -31.31
C GLN C 872 14.59 32.26 -31.43
N TYR C 873 14.60 31.15 -30.69
CA TYR C 873 15.67 30.16 -30.81
C TYR C 873 15.68 29.46 -32.17
N THR C 874 14.50 29.13 -32.71
CA THR C 874 14.49 28.53 -34.04
C THR C 874 14.83 29.54 -35.12
N SER C 875 14.47 30.80 -34.90
CA SER C 875 14.89 31.86 -35.81
C SER C 875 16.39 32.12 -35.70
N ALA C 876 16.96 31.98 -34.50
CA ALA C 876 18.37 32.22 -34.31
C ALA C 876 19.21 31.08 -34.89
N LEU C 877 18.76 29.84 -34.68
CA LEU C 877 19.41 28.68 -35.27
C LEU C 877 19.28 28.68 -36.78
N LEU C 878 18.12 29.14 -37.28
CA LEU C 878 17.90 29.26 -38.71
C LEU C 878 18.77 30.35 -39.32
N ALA C 879 18.89 31.49 -38.65
CA ALA C 879 19.73 32.58 -39.16
C ALA C 879 21.20 32.24 -39.09
N GLY C 880 21.59 31.46 -38.08
CA GLY C 880 22.96 30.96 -38.01
C GLY C 880 23.28 29.98 -39.11
N THR C 881 22.38 29.04 -39.38
CA THR C 881 22.67 28.04 -40.41
C THR C 881 22.40 28.59 -41.81
N ILE C 882 21.80 29.77 -41.92
CA ILE C 882 21.70 30.42 -43.21
C ILE C 882 22.92 31.29 -43.48
N THR C 883 23.22 32.21 -42.56
CA THR C 883 24.26 33.18 -42.85
C THR C 883 25.66 32.72 -42.47
N SER C 884 25.80 31.57 -41.81
CA SER C 884 27.13 31.15 -41.42
C SER C 884 27.42 29.68 -41.63
N GLY C 885 26.46 28.89 -42.09
CA GLY C 885 26.74 27.49 -42.32
C GLY C 885 26.75 26.70 -41.04
N TRP C 886 27.85 26.00 -40.79
CA TRP C 886 27.96 25.18 -39.60
C TRP C 886 28.96 25.73 -38.60
N THR C 887 29.66 26.81 -38.93
CA THR C 887 30.74 27.25 -38.07
C THR C 887 30.23 28.10 -36.91
N PHE C 888 28.94 28.46 -36.92
CA PHE C 888 28.38 29.10 -35.74
C PHE C 888 28.14 28.10 -34.62
N GLY C 889 28.07 26.81 -34.92
CA GLY C 889 27.92 25.82 -33.88
C GLY C 889 29.22 25.56 -33.15
N ALA C 890 30.34 25.74 -33.85
CA ALA C 890 31.63 25.50 -33.22
C ALA C 890 32.10 26.71 -32.43
N GLY C 891 32.33 27.83 -33.10
CA GLY C 891 32.89 28.99 -32.44
C GLY C 891 32.12 30.24 -32.75
N ALA C 892 32.83 31.29 -33.18
CA ALA C 892 32.16 32.50 -33.62
C ALA C 892 31.53 32.27 -34.99
N ALA C 893 30.43 32.97 -35.24
CA ALA C 893 29.74 32.83 -36.50
C ALA C 893 30.48 33.59 -37.60
N LEU C 894 30.81 32.90 -38.68
CA LEU C 894 31.61 33.44 -39.76
C LEU C 894 30.73 33.49 -41.00
N GLN C 895 30.60 34.67 -41.60
CA GLN C 895 29.71 34.85 -42.72
C GLN C 895 30.24 34.18 -43.98
N ILE C 896 29.31 33.67 -44.78
CA ILE C 896 29.58 32.95 -46.02
C ILE C 896 28.35 33.09 -46.92
N PRO C 897 28.55 33.39 -48.21
CA PRO C 897 27.40 33.40 -49.13
C PRO C 897 26.84 32.01 -49.30
N PHE C 898 25.53 31.95 -49.56
CA PHE C 898 24.79 30.70 -49.47
C PHE C 898 25.12 29.76 -50.63
N ALA C 899 25.54 30.32 -51.76
CA ALA C 899 26.06 29.50 -52.83
C ALA C 899 27.36 28.83 -52.42
N MET C 900 28.19 29.52 -51.65
CA MET C 900 29.42 28.90 -51.17
C MET C 900 29.14 27.90 -50.06
N GLN C 901 28.07 28.12 -49.30
CA GLN C 901 27.73 27.15 -48.26
C GLN C 901 27.19 25.87 -48.89
N MET C 902 26.34 25.98 -49.92
CA MET C 902 25.88 24.80 -50.62
C MET C 902 26.99 24.15 -51.45
N ALA C 903 28.01 24.91 -51.84
CA ALA C 903 29.18 24.30 -52.45
C ALA C 903 29.97 23.50 -51.44
N TYR C 904 29.98 23.94 -50.18
CA TYR C 904 30.57 23.12 -49.13
C TYR C 904 29.73 21.89 -48.84
N ARG C 905 28.39 22.03 -48.85
CA ARG C 905 27.53 20.89 -48.50
C ARG C 905 27.53 19.85 -49.61
N PHE C 906 27.67 20.30 -50.86
CA PHE C 906 27.73 19.38 -51.98
C PHE C 906 29.05 18.63 -51.99
N ASN C 907 30.10 19.28 -51.50
CA ASN C 907 31.43 18.69 -51.46
C ASN C 907 31.53 17.56 -50.45
N GLY C 908 30.66 17.55 -49.45
CA GLY C 908 30.56 16.43 -48.52
C GLY C 908 29.67 15.31 -48.96
N ILE C 909 29.24 15.29 -50.22
CA ILE C 909 28.44 14.20 -50.77
C ILE C 909 29.36 13.47 -51.75
N GLY C 910 30.52 14.07 -52.01
CA GLY C 910 31.35 13.58 -53.08
C GLY C 910 30.98 14.16 -54.41
N VAL C 911 30.16 15.20 -54.42
CA VAL C 911 29.80 15.94 -55.61
C VAL C 911 30.68 17.17 -55.68
N THR C 912 31.41 17.32 -56.78
CA THR C 912 32.26 18.49 -56.94
C THR C 912 31.41 19.74 -57.15
N GLN C 913 31.93 20.88 -56.71
CA GLN C 913 31.12 22.08 -56.57
C GLN C 913 30.81 22.77 -57.88
N ASN C 914 31.39 22.32 -59.01
CA ASN C 914 31.00 22.86 -60.30
C ASN C 914 29.63 22.36 -60.72
N VAL C 915 29.17 21.25 -60.15
CA VAL C 915 27.82 20.75 -60.41
C VAL C 915 26.79 21.68 -59.80
N LEU C 916 27.10 22.27 -58.65
CA LEU C 916 26.27 23.32 -58.06
C LEU C 916 26.17 24.55 -58.94
N TYR C 917 27.32 25.11 -59.31
CA TYR C 917 27.36 26.44 -59.89
C TYR C 917 26.86 26.46 -61.33
N GLU C 918 26.96 25.33 -62.01
CA GLU C 918 26.32 25.24 -63.31
C GLU C 918 24.81 25.05 -63.19
N ASN C 919 24.31 24.57 -62.04
CA ASN C 919 22.90 24.24 -61.91
C ASN C 919 22.25 24.97 -60.75
N GLN C 920 22.56 26.25 -60.55
CA GLN C 920 22.10 26.96 -59.36
C GLN C 920 20.62 27.31 -59.43
N LYS C 921 20.16 27.80 -60.58
CA LYS C 921 18.79 28.30 -60.67
C LYS C 921 17.79 27.15 -60.72
N LEU C 922 18.19 26.01 -61.27
CA LEU C 922 17.34 24.83 -61.25
C LEU C 922 17.22 24.27 -59.83
N ILE C 923 18.30 24.39 -59.05
CA ILE C 923 18.27 24.03 -57.64
C ILE C 923 17.39 24.98 -56.84
N ALA C 924 17.41 26.28 -57.19
CA ALA C 924 16.54 27.26 -56.55
C ALA C 924 15.07 27.00 -56.85
N ASN C 925 14.76 26.62 -58.09
CA ASN C 925 13.38 26.31 -58.46
C ASN C 925 12.91 25.00 -57.84
N GLN C 926 13.78 23.98 -57.79
CA GLN C 926 13.44 22.71 -57.14
C GLN C 926 13.27 22.87 -55.64
N PHE C 927 14.12 23.70 -55.03
CA PHE C 927 14.07 23.97 -53.61
C PHE C 927 12.81 24.74 -53.22
N ASN C 928 12.47 25.76 -53.99
CA ASN C 928 11.29 26.54 -53.68
C ASN C 928 10.01 25.78 -54.04
N SER C 929 10.08 24.89 -55.03
CA SER C 929 8.98 23.98 -55.29
C SER C 929 8.79 22.97 -54.16
N ALA C 930 9.89 22.51 -53.55
CA ALA C 930 9.80 21.62 -52.40
C ALA C 930 9.19 22.30 -51.19
N ILE C 931 9.57 23.57 -50.97
CA ILE C 931 8.96 24.38 -49.92
C ILE C 931 7.49 24.62 -50.18
N GLY C 932 7.11 24.80 -51.45
CA GLY C 932 5.69 24.92 -51.80
C GLY C 932 4.90 23.64 -51.63
N LYS C 933 5.56 22.48 -51.81
CA LYS C 933 4.86 21.22 -51.55
C LYS C 933 4.74 20.95 -50.05
N ILE C 934 5.65 21.50 -49.25
CA ILE C 934 5.53 21.41 -47.79
C ILE C 934 4.29 22.14 -47.28
N GLN C 935 3.93 23.26 -47.93
CA GLN C 935 2.71 24.01 -47.65
C GLN C 935 1.46 23.17 -47.83
N ASP C 936 1.36 22.45 -48.95
CA ASP C 936 0.19 21.62 -49.20
C ASP C 936 0.20 20.37 -48.32
N SER C 937 1.40 19.84 -48.03
CA SER C 937 1.49 18.62 -47.24
C SER C 937 1.15 18.89 -45.78
N LEU C 938 1.38 20.11 -45.30
CA LEU C 938 0.97 20.44 -43.93
C LEU C 938 -0.46 20.99 -43.89
N SER C 939 -0.89 21.70 -44.93
CA SER C 939 -2.20 22.32 -44.88
C SER C 939 -3.32 21.32 -45.15
N SER C 940 -3.21 20.58 -46.27
CA SER C 940 -4.32 19.75 -46.71
C SER C 940 -4.43 18.45 -45.91
N THR C 941 -3.30 17.86 -45.57
CA THR C 941 -3.30 16.58 -44.87
C THR C 941 -3.65 16.80 -43.40
N ALA C 942 -4.61 16.03 -42.89
CA ALA C 942 -5.05 16.16 -41.50
C ALA C 942 -4.15 15.44 -40.51
N SER C 943 -3.32 14.50 -40.96
CA SER C 943 -2.50 13.68 -40.08
C SER C 943 -1.01 13.86 -40.36
N ALA C 944 -0.57 15.08 -40.64
CA ALA C 944 0.86 15.33 -40.76
C ALA C 944 1.53 15.34 -39.39
N LEU C 945 0.83 15.89 -38.39
CA LEU C 945 1.33 15.94 -37.01
C LEU C 945 0.70 14.83 -36.17
N GLY C 946 1.21 13.62 -36.34
CA GLY C 946 0.62 12.49 -35.64
C GLY C 946 1.13 12.36 -34.21
N LYS C 947 2.44 12.49 -34.03
CA LYS C 947 3.06 12.08 -32.77
C LYS C 947 2.80 13.09 -31.66
N LEU C 948 2.80 14.40 -31.99
CA LEU C 948 2.54 15.43 -31.00
C LEU C 948 1.10 15.38 -30.52
N GLN C 949 0.18 15.11 -31.45
CA GLN C 949 -1.22 14.92 -31.12
C GLN C 949 -1.44 13.68 -30.26
N ASP C 950 -0.69 12.60 -30.53
CA ASP C 950 -0.78 11.41 -29.69
C ASP C 950 -0.24 11.66 -28.29
N VAL C 951 0.80 12.49 -28.16
CA VAL C 951 1.34 12.86 -26.85
C VAL C 951 0.33 13.67 -26.05
N VAL C 952 -0.26 14.70 -26.66
CA VAL C 952 -1.15 15.58 -25.93
C VAL C 952 -2.49 14.89 -25.65
N ASN C 953 -2.93 14.00 -26.54
CA ASN C 953 -4.17 13.28 -26.27
C ASN C 953 -3.98 12.17 -25.25
N GLN C 954 -2.80 11.52 -25.23
CA GLN C 954 -2.53 10.51 -24.23
C GLN C 954 -2.42 11.11 -22.84
N ASN C 955 -1.77 12.28 -22.74
CA ASN C 955 -1.64 12.94 -21.44
C ASN C 955 -2.96 13.51 -20.96
N ALA C 956 -3.75 14.10 -21.87
CA ALA C 956 -5.05 14.63 -21.48
C ALA C 956 -6.04 13.52 -21.17
N GLN C 957 -5.92 12.37 -21.84
CA GLN C 957 -6.90 11.32 -21.60
C GLN C 957 -6.55 10.56 -20.34
N ALA C 958 -5.25 10.42 -20.02
CA ALA C 958 -4.87 9.80 -18.77
C ALA C 958 -5.19 10.71 -17.58
N LEU C 959 -5.10 12.03 -17.79
CA LEU C 959 -5.51 12.97 -16.75
C LEU C 959 -7.01 12.96 -16.56
N ASN C 960 -7.78 12.83 -17.66
CA ASN C 960 -9.23 12.77 -17.55
C ASN C 960 -9.70 11.45 -16.97
N THR C 961 -8.92 10.38 -17.21
CA THR C 961 -9.18 9.10 -16.57
C THR C 961 -8.93 9.18 -15.08
N LEU C 962 -7.89 9.93 -14.68
CA LEU C 962 -7.60 10.17 -13.28
C LEU C 962 -8.72 10.96 -12.60
N VAL C 963 -9.34 11.90 -13.32
CA VAL C 963 -10.53 12.55 -12.77
C VAL C 963 -11.71 11.57 -12.74
N LYS C 964 -11.81 10.71 -13.75
CA LYS C 964 -12.91 9.75 -13.79
C LYS C 964 -12.73 8.64 -12.75
N GLN C 965 -11.48 8.32 -12.42
CA GLN C 965 -11.22 7.31 -11.40
C GLN C 965 -11.46 7.87 -10.00
N LEU C 966 -11.52 9.20 -9.86
CA LEU C 966 -11.89 9.81 -8.59
C LEU C 966 -13.34 9.52 -8.23
N SER C 967 -14.22 9.46 -9.21
CA SER C 967 -15.65 9.34 -8.96
C SER C 967 -16.12 7.88 -8.91
N SER C 968 -15.26 6.95 -8.55
CA SER C 968 -15.69 5.58 -8.34
C SER C 968 -15.71 5.25 -6.85
N ASN C 969 -16.42 4.17 -6.50
CA ASN C 969 -16.72 3.91 -5.10
C ASN C 969 -15.56 3.25 -4.38
N PHE C 970 -14.79 2.40 -5.08
CA PHE C 970 -13.60 1.69 -4.58
C PHE C 970 -13.89 0.81 -3.36
N GLY C 971 -15.03 0.14 -3.36
CA GLY C 971 -15.37 -0.73 -2.26
C GLY C 971 -16.19 -0.08 -1.17
N ALA C 972 -16.27 1.25 -1.14
CA ALA C 972 -17.07 1.90 -0.12
C ALA C 972 -18.54 1.92 -0.53
N ILE C 973 -19.35 2.60 0.28
CA ILE C 973 -20.77 2.71 0.00
C ILE C 973 -21.01 3.67 -1.14
N SER C 974 -20.47 4.88 -1.05
CA SER C 974 -20.64 5.85 -2.13
C SER C 974 -19.32 6.56 -2.35
N SER C 975 -19.15 7.07 -3.57
CA SER C 975 -17.89 7.67 -3.99
C SER C 975 -17.60 9.01 -3.32
N VAL C 976 -18.61 9.83 -3.11
CA VAL C 976 -18.43 11.15 -2.53
C VAL C 976 -18.22 10.98 -1.03
N LEU C 977 -17.46 11.89 -0.43
CA LEU C 977 -16.84 11.60 0.85
C LEU C 977 -17.63 12.17 2.02
N ASN C 978 -18.18 13.38 1.86
CA ASN C 978 -18.92 14.02 2.95
C ASN C 978 -20.24 13.30 3.23
N ASP C 979 -20.81 12.62 2.23
CA ASP C 979 -21.96 11.77 2.48
C ASP C 979 -21.59 10.57 3.35
N ILE C 980 -20.40 10.00 3.13
CA ILE C 980 -19.91 8.89 3.96
C ILE C 980 -19.64 9.38 5.37
N LEU C 981 -19.16 10.62 5.51
CA LEU C 981 -18.99 11.18 6.85
C LEU C 981 -20.33 11.56 7.49
N SER C 982 -21.36 11.81 6.69
CA SER C 982 -22.63 12.25 7.26
C SER C 982 -23.50 11.07 7.69
N ARG C 983 -23.86 10.20 6.74
CA ARG C 983 -24.88 9.19 7.04
C ARG C 983 -24.29 7.93 7.65
N LEU C 984 -22.98 7.90 7.87
CA LEU C 984 -22.35 6.78 8.54
C LEU C 984 -21.64 7.25 9.80
N ASP C 985 -21.73 6.44 10.85
CA ASP C 985 -21.08 6.69 12.12
C ASP C 985 -19.57 6.45 12.00
N PRO C 986 -18.75 7.29 12.65
CA PRO C 986 -17.25 7.26 12.48
C PRO C 986 -16.52 5.95 12.73
N PRO C 987 -16.84 5.09 13.74
CA PRO C 987 -15.91 3.97 14.04
C PRO C 987 -15.84 2.84 13.00
N GLU C 988 -16.71 2.80 12.00
CA GLU C 988 -16.43 1.94 10.85
C GLU C 988 -16.49 2.71 9.54
N ALA C 989 -16.92 3.98 9.60
CA ALA C 989 -16.71 4.87 8.47
C ALA C 989 -15.24 5.17 8.26
N GLU C 990 -14.41 5.08 9.32
CA GLU C 990 -12.96 5.14 9.13
C GLU C 990 -12.43 3.98 8.30
N VAL C 991 -13.02 2.79 8.47
CA VAL C 991 -12.64 1.64 7.66
C VAL C 991 -13.07 1.81 6.22
N GLN C 992 -14.28 2.36 6.02
CA GLN C 992 -14.78 2.64 4.66
C GLN C 992 -13.92 3.69 3.94
N ILE C 993 -13.54 4.77 4.64
CA ILE C 993 -12.75 5.78 3.96
C ILE C 993 -11.30 5.33 3.85
N ASP C 994 -10.86 4.38 4.69
CA ASP C 994 -9.54 3.78 4.52
C ASP C 994 -9.46 2.96 3.25
N ARG C 995 -10.54 2.22 2.94
CA ARG C 995 -10.63 1.53 1.66
C ARG C 995 -10.66 2.52 0.49
N LEU C 996 -11.30 3.67 0.70
CA LEU C 996 -11.37 4.68 -0.37
C LEU C 996 -10.02 5.38 -0.60
N ILE C 997 -9.27 5.67 0.47
CA ILE C 997 -7.91 6.21 0.36
C ILE C 997 -6.99 5.20 -0.31
N THR C 998 -7.15 3.91 0.01
CA THR C 998 -6.37 2.84 -0.62
C THR C 998 -6.62 2.77 -2.12
N GLY C 999 -7.89 2.89 -2.52
CA GLY C 999 -8.22 2.83 -3.93
C GLY C 999 -7.74 4.05 -4.72
N ARG C 1000 -7.98 5.26 -4.20
CA ARG C 1000 -7.55 6.45 -4.94
C ARG C 1000 -6.04 6.63 -4.91
N LEU C 1001 -5.38 6.15 -3.86
CA LEU C 1001 -3.92 6.19 -3.80
C LEU C 1001 -3.30 5.23 -4.80
N GLN C 1002 -3.89 4.04 -4.97
CA GLN C 1002 -3.36 3.10 -5.95
C GLN C 1002 -3.65 3.58 -7.37
N SER C 1003 -4.76 4.31 -7.55
CA SER C 1003 -5.04 4.95 -8.85
C SER C 1003 -4.02 6.05 -9.15
N LEU C 1004 -3.62 6.82 -8.15
CA LEU C 1004 -2.65 7.88 -8.39
C LEU C 1004 -1.26 7.31 -8.63
N GLN C 1005 -0.92 6.19 -7.98
CA GLN C 1005 0.36 5.52 -8.26
C GLN C 1005 0.39 4.94 -9.67
N THR C 1006 -0.76 4.46 -10.15
CA THR C 1006 -0.85 4.03 -11.55
C THR C 1006 -0.65 5.21 -12.50
N TYR C 1007 -1.21 6.38 -12.15
CA TYR C 1007 -1.01 7.58 -12.96
C TYR C 1007 0.44 8.04 -12.95
N VAL C 1008 1.11 7.94 -11.80
CA VAL C 1008 2.50 8.35 -11.67
C VAL C 1008 3.41 7.41 -12.47
N THR C 1009 3.12 6.10 -12.44
CA THR C 1009 3.89 5.12 -13.20
C THR C 1009 3.71 5.30 -14.70
N GLN C 1010 2.48 5.60 -15.15
CA GLN C 1010 2.23 5.92 -16.55
C GLN C 1010 2.94 7.21 -16.97
N GLN C 1011 2.96 8.22 -16.09
CA GLN C 1011 3.64 9.46 -16.42
C GLN C 1011 5.16 9.31 -16.41
N LEU C 1012 5.70 8.44 -15.58
CA LEU C 1012 7.14 8.21 -15.59
C LEU C 1012 7.58 7.44 -16.83
N ILE C 1013 6.77 6.47 -17.28
CA ILE C 1013 7.03 5.78 -18.54
C ILE C 1013 6.96 6.73 -19.71
N ARG C 1014 5.93 7.58 -19.72
CA ARG C 1014 5.80 8.54 -20.81
C ARG C 1014 6.88 9.62 -20.75
N ALA C 1015 7.33 10.00 -19.56
CA ALA C 1015 8.43 10.96 -19.45
C ALA C 1015 9.76 10.36 -19.86
N ALA C 1016 9.94 9.05 -19.64
CA ALA C 1016 11.14 8.39 -20.14
C ALA C 1016 11.12 8.30 -21.67
N GLU C 1017 9.94 8.08 -22.25
CA GLU C 1017 9.84 8.00 -23.71
C GLU C 1017 10.05 9.37 -24.36
N ILE C 1018 9.50 10.42 -23.76
CA ILE C 1018 9.72 11.78 -24.25
C ILE C 1018 11.16 12.22 -23.98
N ARG C 1019 11.81 11.69 -22.93
CA ARG C 1019 13.22 11.97 -22.71
C ARG C 1019 14.10 11.30 -23.77
N ALA C 1020 13.75 10.09 -24.18
CA ALA C 1020 14.48 9.42 -25.25
C ALA C 1020 14.31 10.14 -26.59
N SER C 1021 13.07 10.60 -26.87
CA SER C 1021 12.84 11.40 -28.06
C SER C 1021 13.50 12.77 -27.97
N ALA C 1022 13.68 13.30 -26.76
CA ALA C 1022 14.33 14.60 -26.62
C ALA C 1022 15.83 14.50 -26.80
N ASN C 1023 16.45 13.42 -26.34
CA ASN C 1023 17.86 13.21 -26.65
C ASN C 1023 18.08 12.90 -28.13
N LEU C 1024 17.13 12.21 -28.76
CA LEU C 1024 17.20 12.03 -30.21
C LEU C 1024 17.03 13.36 -30.94
N ALA C 1025 16.16 14.24 -30.42
CA ALA C 1025 15.93 15.53 -31.06
C ALA C 1025 17.11 16.48 -30.84
N ALA C 1026 17.74 16.41 -29.68
CA ALA C 1026 18.91 17.24 -29.43
C ALA C 1026 20.11 16.74 -30.21
N THR C 1027 20.21 15.41 -30.40
CA THR C 1027 21.25 14.85 -31.24
C THR C 1027 21.05 15.23 -32.71
N LYS C 1028 19.79 15.26 -33.17
CA LYS C 1028 19.51 15.66 -34.54
C LYS C 1028 19.73 17.15 -34.73
N MET C 1029 19.45 17.95 -33.70
CA MET C 1029 19.66 19.38 -33.79
C MET C 1029 21.14 19.72 -33.76
N SER C 1030 21.92 18.99 -32.96
CA SER C 1030 23.34 19.28 -32.85
C SER C 1030 24.12 18.75 -34.05
N GLU C 1031 23.73 17.61 -34.60
CA GLU C 1031 24.46 17.02 -35.70
C GLU C 1031 23.91 17.38 -37.07
N CYS C 1032 22.71 17.93 -37.15
CA CYS C 1032 22.01 17.95 -38.41
C CYS C 1032 21.54 19.34 -38.80
N VAL C 1033 21.41 20.26 -37.85
CA VAL C 1033 21.23 21.67 -38.13
C VAL C 1033 22.55 22.41 -38.05
N LEU C 1034 23.35 22.08 -37.04
CA LEU C 1034 24.63 22.75 -36.76
C LEU C 1034 25.76 22.14 -37.57
N GLY C 1035 25.44 21.27 -38.51
CA GLY C 1035 26.46 20.63 -39.33
C GLY C 1035 25.80 19.83 -40.42
N GLN C 1036 26.59 18.94 -41.01
CA GLN C 1036 26.11 18.00 -41.99
C GLN C 1036 26.46 16.60 -41.52
N SER C 1037 25.49 15.71 -41.51
CA SER C 1037 25.71 14.35 -41.07
C SER C 1037 25.89 13.42 -42.26
N LYS C 1038 26.94 12.62 -42.22
CA LYS C 1038 27.18 11.55 -43.18
C LYS C 1038 26.50 10.25 -42.78
N ARG C 1039 25.74 10.27 -41.70
CA ARG C 1039 24.96 9.12 -41.28
C ARG C 1039 23.77 8.97 -42.21
N VAL C 1040 23.79 7.93 -43.04
CA VAL C 1040 22.82 7.83 -44.13
C VAL C 1040 21.48 7.38 -43.58
N ASP C 1041 20.41 8.02 -44.08
CA ASP C 1041 19.01 7.89 -43.66
C ASP C 1041 18.87 8.18 -42.17
N PHE C 1042 19.60 9.19 -41.71
CA PHE C 1042 19.41 9.68 -40.37
C PHE C 1042 18.76 11.06 -40.41
N CYS C 1043 19.22 11.90 -41.33
CA CYS C 1043 18.55 13.17 -41.60
C CYS C 1043 17.75 13.06 -42.90
N GLY C 1044 16.75 12.21 -42.86
CA GLY C 1044 15.86 12.05 -44.00
C GLY C 1044 16.40 11.08 -45.04
N LYS C 1045 15.52 10.59 -45.90
CA LYS C 1045 15.94 9.64 -46.91
C LYS C 1045 16.68 10.36 -48.04
N GLY C 1046 17.84 9.83 -48.37
CA GLY C 1046 18.70 10.44 -49.37
C GLY C 1046 19.98 10.95 -48.77
N TYR C 1047 20.82 11.48 -49.65
CA TYR C 1047 22.03 12.16 -49.22
C TYR C 1047 21.67 13.46 -48.54
N HIS C 1048 22.07 13.60 -47.29
CA HIS C 1048 21.64 14.74 -46.51
C HIS C 1048 22.54 15.91 -46.80
N LEU C 1049 21.93 17.05 -47.11
CA LEU C 1049 22.68 18.26 -47.38
C LEU C 1049 22.77 19.14 -46.14
N MET C 1050 21.63 19.55 -45.61
CA MET C 1050 21.44 20.52 -44.55
C MET C 1050 19.97 20.51 -44.15
N SER C 1051 19.66 21.09 -43.00
CA SER C 1051 18.33 20.93 -42.44
C SER C 1051 17.90 22.16 -41.66
N PHE C 1052 16.59 22.37 -41.60
CA PHE C 1052 16.01 23.54 -40.94
C PHE C 1052 15.09 23.12 -39.81
N PRO C 1053 15.21 23.69 -38.62
CA PRO C 1053 14.28 23.39 -37.54
C PRO C 1053 13.14 24.38 -37.53
N GLN C 1054 12.00 23.93 -37.00
CA GLN C 1054 10.85 24.82 -36.79
C GLN C 1054 10.28 24.57 -35.41
N SER C 1055 9.69 25.60 -34.83
CA SER C 1055 9.00 25.43 -33.56
C SER C 1055 7.71 24.67 -33.76
N ALA C 1056 7.25 24.03 -32.70
CA ALA C 1056 6.03 23.24 -32.76
C ALA C 1056 5.37 23.30 -31.40
N PRO C 1057 4.05 23.14 -31.32
CA PRO C 1057 3.41 22.96 -30.01
C PRO C 1057 3.78 21.61 -29.42
N HIS C 1058 4.58 21.66 -28.35
CA HIS C 1058 5.15 20.51 -27.64
C HIS C 1058 5.95 19.61 -28.57
N GLY C 1059 6.97 20.17 -29.20
CA GLY C 1059 7.79 19.37 -30.08
C GLY C 1059 8.73 20.21 -30.90
N VAL C 1060 9.20 19.60 -31.99
CA VAL C 1060 10.03 20.27 -32.98
C VAL C 1060 9.79 19.58 -34.31
N VAL C 1061 9.87 20.35 -35.39
CA VAL C 1061 9.68 19.84 -36.74
C VAL C 1061 10.89 20.22 -37.57
N PHE C 1062 11.54 19.22 -38.15
CA PHE C 1062 12.71 19.45 -38.98
C PHE C 1062 12.33 19.45 -40.44
N LEU C 1063 13.13 20.11 -41.26
CA LEU C 1063 13.01 20.08 -42.70
C LEU C 1063 14.34 19.62 -43.26
N HIS C 1064 14.51 18.32 -43.41
CA HIS C 1064 15.76 17.78 -43.93
C HIS C 1064 15.81 18.02 -45.43
N VAL C 1065 16.57 19.03 -45.84
CA VAL C 1065 16.80 19.22 -47.26
C VAL C 1065 17.80 18.19 -47.74
N THR C 1066 17.35 17.26 -48.57
CA THR C 1066 18.19 16.15 -48.95
C THR C 1066 18.47 16.19 -50.44
N TYR C 1067 19.47 15.40 -50.85
CA TYR C 1067 19.90 15.30 -52.23
C TYR C 1067 19.54 13.93 -52.74
N VAL C 1068 18.57 13.86 -53.64
CA VAL C 1068 18.13 12.58 -54.20
C VAL C 1068 18.52 12.56 -55.68
N PRO C 1069 19.38 11.62 -56.10
CA PRO C 1069 19.69 11.51 -57.53
C PRO C 1069 18.52 10.89 -58.29
N ALA C 1070 18.28 11.38 -59.50
CA ALA C 1070 17.03 11.07 -60.19
C ALA C 1070 17.22 10.24 -61.46
N GLN C 1071 17.96 10.74 -62.44
CA GLN C 1071 18.00 10.10 -63.76
C GLN C 1071 19.32 9.39 -63.90
N GLU C 1072 19.27 8.06 -63.93
CA GLU C 1072 20.46 7.24 -64.09
C GLU C 1072 20.54 6.72 -65.51
N LYS C 1073 21.75 6.37 -65.92
CA LYS C 1073 21.98 5.68 -67.18
C LYS C 1073 22.94 4.51 -66.92
N ASN C 1074 22.77 3.43 -67.67
CA ASN C 1074 23.65 2.28 -67.55
C ASN C 1074 24.90 2.52 -68.38
N PHE C 1075 26.04 2.11 -67.85
CA PHE C 1075 27.32 2.27 -68.54
C PHE C 1075 28.10 0.98 -68.47
N THR C 1076 28.97 0.78 -69.45
CA THR C 1076 29.91 -0.33 -69.46
C THR C 1076 31.22 0.16 -68.90
N THR C 1077 31.72 -0.51 -67.86
CA THR C 1077 32.83 0.00 -67.08
C THR C 1077 33.89 -1.06 -66.86
N ALA C 1078 34.99 -0.64 -66.22
CA ALA C 1078 36.09 -1.51 -65.88
C ALA C 1078 36.80 -0.95 -64.64
N PRO C 1079 37.31 -1.81 -63.75
CA PRO C 1079 37.97 -1.30 -62.53
C PRO C 1079 39.30 -0.61 -62.77
N ALA C 1080 39.99 -0.94 -63.85
CA ALA C 1080 41.29 -0.32 -64.11
C ALA C 1080 41.50 -0.28 -65.61
N ILE C 1081 42.44 0.55 -66.04
CA ILE C 1081 42.81 0.60 -67.45
C ILE C 1081 44.32 0.46 -67.58
N CYS C 1082 44.73 -0.17 -68.67
CA CYS C 1082 46.13 -0.48 -68.92
C CYS C 1082 46.60 0.35 -70.11
N HIS C 1083 47.64 1.14 -69.90
CA HIS C 1083 48.07 2.08 -70.93
C HIS C 1083 49.44 1.78 -71.52
N ASP C 1084 50.48 1.71 -70.69
CA ASP C 1084 51.84 1.46 -71.17
C ASP C 1084 52.44 0.27 -70.45
N GLY C 1085 51.61 -0.69 -70.08
CA GLY C 1085 52.05 -1.80 -69.25
C GLY C 1085 51.84 -1.54 -67.77
N LYS C 1086 51.46 -0.31 -67.43
CA LYS C 1086 51.12 0.01 -66.05
C LYS C 1086 49.61 0.11 -65.90
N ALA C 1087 49.12 -0.29 -64.73
CA ALA C 1087 47.71 -0.15 -64.41
C ALA C 1087 47.41 1.27 -63.97
N HIS C 1088 46.21 1.73 -64.29
CA HIS C 1088 45.72 3.04 -63.90
C HIS C 1088 44.44 2.91 -63.09
N PHE C 1089 44.30 3.76 -62.10
CA PHE C 1089 43.20 3.77 -61.16
C PHE C 1089 42.67 5.19 -61.05
N PRO C 1090 41.37 5.39 -60.83
CA PRO C 1090 40.85 6.75 -60.72
C PRO C 1090 41.21 7.38 -59.39
N ARG C 1091 41.46 8.68 -59.41
CA ARG C 1091 41.81 9.38 -58.18
C ARG C 1091 40.57 9.70 -57.35
N GLU C 1092 39.59 10.33 -57.97
CA GLU C 1092 38.37 10.75 -57.29
C GLU C 1092 37.15 10.43 -58.15
N GLY C 1093 37.10 9.25 -58.71
CA GLY C 1093 35.99 8.87 -59.58
C GLY C 1093 35.97 7.40 -59.92
N VAL C 1094 35.45 7.10 -61.10
CA VAL C 1094 35.33 5.73 -61.59
C VAL C 1094 35.38 5.77 -63.12
N PHE C 1095 35.99 4.75 -63.72
CA PHE C 1095 36.09 4.69 -65.17
C PHE C 1095 34.77 4.25 -65.79
N VAL C 1096 34.32 4.99 -66.80
CA VAL C 1096 33.12 4.62 -67.56
C VAL C 1096 33.39 4.74 -69.04
N SER C 1097 32.57 4.06 -69.82
CA SER C 1097 32.53 4.26 -71.26
C SER C 1097 31.06 4.28 -71.69
N ASN C 1098 30.77 5.05 -72.72
CA ASN C 1098 29.45 4.97 -73.32
C ASN C 1098 29.36 3.92 -74.40
N GLY C 1099 30.44 3.17 -74.62
CA GLY C 1099 30.46 2.15 -75.65
C GLY C 1099 31.45 2.44 -76.75
N THR C 1100 31.90 3.69 -76.85
CA THR C 1100 32.84 4.04 -77.90
C THR C 1100 34.23 4.29 -77.36
N HIS C 1101 34.35 5.30 -76.50
CA HIS C 1101 35.62 5.85 -76.06
C HIS C 1101 35.45 6.30 -74.61
N TRP C 1102 36.46 5.98 -73.79
CA TRP C 1102 36.30 5.86 -72.36
C TRP C 1102 36.35 7.22 -71.66
N PHE C 1103 35.83 7.24 -70.43
CA PHE C 1103 35.82 8.45 -69.61
C PHE C 1103 36.07 8.10 -68.16
N VAL C 1104 36.24 9.15 -67.35
CA VAL C 1104 36.19 9.06 -65.90
C VAL C 1104 35.21 10.13 -65.42
N THR C 1105 34.40 9.77 -64.43
CA THR C 1105 33.42 10.70 -63.90
C THR C 1105 33.33 10.50 -62.41
N GLN C 1106 32.76 11.50 -61.72
CA GLN C 1106 32.62 11.41 -60.27
C GLN C 1106 31.46 10.48 -59.91
N ARG C 1107 31.31 10.26 -58.61
CA ARG C 1107 30.57 9.10 -58.12
C ARG C 1107 29.07 9.28 -58.25
N ASN C 1108 28.56 10.48 -58.01
CA ASN C 1108 27.12 10.69 -57.91
C ASN C 1108 26.59 11.60 -59.00
N PHE C 1109 27.40 11.96 -59.98
CA PHE C 1109 26.92 12.79 -61.07
C PHE C 1109 27.69 12.40 -62.32
N TYR C 1110 27.01 12.34 -63.46
CA TYR C 1110 27.67 11.97 -64.70
C TYR C 1110 28.34 13.21 -65.27
N GLU C 1111 29.60 13.41 -64.91
CA GLU C 1111 30.43 14.48 -65.45
C GLU C 1111 31.67 13.84 -66.05
N PRO C 1112 31.59 13.39 -67.31
CA PRO C 1112 32.70 12.62 -67.88
C PRO C 1112 33.88 13.51 -68.24
N GLN C 1113 35.07 12.98 -68.00
CA GLN C 1113 36.30 13.67 -68.30
C GLN C 1113 37.14 12.79 -69.21
N ILE C 1114 37.99 13.41 -70.01
CA ILE C 1114 39.00 12.66 -70.76
C ILE C 1114 40.03 12.14 -69.77
N ILE C 1115 40.40 10.87 -69.91
CA ILE C 1115 41.19 10.20 -68.88
C ILE C 1115 42.64 10.63 -69.01
N THR C 1116 43.12 11.39 -68.02
CA THR C 1116 44.47 11.93 -68.04
C THR C 1116 45.29 11.43 -66.87
N THR C 1117 46.53 11.89 -66.77
CA THR C 1117 47.37 11.56 -65.63
C THR C 1117 47.18 12.50 -64.45
N ASP C 1118 46.42 13.58 -64.63
CA ASP C 1118 46.17 14.47 -63.50
C ASP C 1118 45.15 13.88 -62.55
N ASN C 1119 44.16 13.16 -63.08
CA ASN C 1119 43.07 12.60 -62.28
C ASN C 1119 43.18 11.09 -62.13
N THR C 1120 44.36 10.51 -62.37
CA THR C 1120 44.58 9.09 -62.18
C THR C 1120 45.90 8.89 -61.44
N PHE C 1121 46.10 7.68 -60.94
CA PHE C 1121 47.36 7.31 -60.34
C PHE C 1121 47.73 5.88 -60.72
N VAL C 1122 49.01 5.57 -60.59
CA VAL C 1122 49.63 4.39 -61.17
C VAL C 1122 50.13 3.47 -60.06
N SER C 1123 49.69 2.21 -60.09
CA SER C 1123 50.26 1.20 -59.21
C SER C 1123 50.18 -0.18 -59.84
N GLY C 1124 51.27 -0.95 -59.72
CA GLY C 1124 51.30 -2.33 -60.17
C GLY C 1124 51.48 -2.47 -61.68
N ASN C 1125 51.24 -3.70 -62.15
CA ASN C 1125 51.29 -4.06 -63.56
C ASN C 1125 49.89 -4.45 -64.02
N CYS C 1126 49.78 -4.81 -65.29
CA CYS C 1126 48.45 -5.02 -65.86
C CYS C 1126 47.94 -6.44 -65.67
N ASP C 1127 48.71 -7.31 -65.03
CA ASP C 1127 48.31 -8.73 -65.00
C ASP C 1127 47.42 -9.05 -63.80
N VAL C 1128 47.57 -8.33 -62.69
CA VAL C 1128 46.98 -8.80 -61.44
C VAL C 1128 45.51 -8.38 -61.35
N VAL C 1129 45.17 -7.19 -61.84
CA VAL C 1129 43.83 -6.65 -61.66
C VAL C 1129 42.85 -7.32 -62.62
N ILE C 1130 41.84 -7.96 -62.07
CA ILE C 1130 40.86 -8.70 -62.86
C ILE C 1130 39.81 -7.73 -63.37
N GLY C 1131 39.62 -7.69 -64.68
CA GLY C 1131 38.63 -6.80 -65.27
C GLY C 1131 39.20 -5.57 -65.92
N ILE C 1132 40.53 -5.47 -66.02
CA ILE C 1132 41.17 -4.34 -66.67
C ILE C 1132 40.91 -4.38 -68.17
N VAL C 1133 40.79 -3.20 -68.78
CA VAL C 1133 40.67 -3.09 -70.23
C VAL C 1133 41.86 -2.30 -70.74
N ASN C 1134 42.12 -2.43 -72.03
CA ASN C 1134 43.26 -1.75 -72.64
C ASN C 1134 42.80 -0.42 -73.21
N ASN C 1135 43.62 0.62 -73.03
CA ASN C 1135 43.12 1.97 -73.20
C ASN C 1135 44.28 2.92 -73.47
N THR C 1136 43.93 4.16 -73.79
CA THR C 1136 44.88 5.23 -73.98
C THR C 1136 44.67 6.28 -72.89
N VAL C 1137 45.74 6.63 -72.20
CA VAL C 1137 45.72 7.71 -71.23
C VAL C 1137 46.46 8.89 -71.84
N TYR C 1138 45.74 9.95 -72.13
CA TYR C 1138 46.34 11.15 -72.70
C TYR C 1138 47.12 11.93 -71.65
N ASP C 1139 48.36 12.26 -71.98
CA ASP C 1139 49.21 13.01 -71.06
C ASP C 1139 49.15 14.48 -71.42
N PRO C 1140 48.72 15.36 -70.50
CA PRO C 1140 48.66 16.80 -70.83
C PRO C 1140 50.01 17.50 -70.90
N LEU C 1141 51.11 16.83 -70.52
CA LEU C 1141 52.44 17.41 -70.68
C LEU C 1141 52.86 17.47 -72.14
N GLN C 1142 52.42 16.50 -72.94
CA GLN C 1142 52.89 16.34 -74.33
C GLN C 1142 52.59 17.50 -75.30
N PRO C 1143 51.41 18.15 -75.30
CA PRO C 1143 51.31 19.36 -76.15
C PRO C 1143 52.09 20.55 -75.60
N GLU C 1144 52.40 20.56 -74.30
CA GLU C 1144 53.30 21.58 -73.79
C GLU C 1144 54.75 21.27 -74.17
N LEU C 1145 55.04 19.99 -74.45
CA LEU C 1145 56.37 19.61 -74.89
C LEU C 1145 56.66 20.03 -76.32
N ASP C 1146 55.62 20.11 -77.16
CA ASP C 1146 55.81 20.45 -78.56
C ASP C 1146 56.18 21.92 -78.76
N SER C 1147 55.78 22.79 -77.84
CA SER C 1147 56.18 24.19 -77.89
C SER C 1147 57.63 24.34 -77.43
N GLN D 1 -21.70 -22.04 79.78
CA GLN D 1 -21.19 -23.40 79.65
C GLN D 1 -19.79 -23.51 80.24
N VAL D 2 -18.86 -22.73 79.69
CA VAL D 2 -17.51 -22.66 80.22
C VAL D 2 -17.52 -21.82 81.49
N GLN D 3 -17.24 -22.44 82.63
CA GLN D 3 -17.42 -21.79 83.92
C GLN D 3 -16.22 -22.11 84.81
N LEU D 4 -15.60 -21.05 85.34
CA LEU D 4 -14.35 -21.13 86.08
C LEU D 4 -14.53 -20.49 87.45
N VAL D 5 -14.33 -21.29 88.50
CA VAL D 5 -14.64 -20.88 89.88
C VAL D 5 -13.37 -21.05 90.71
N GLU D 6 -12.98 -20.01 91.44
CA GLU D 6 -11.85 -20.09 92.35
C GLU D 6 -12.32 -20.54 93.73
N SER D 7 -11.47 -21.26 94.45
CA SER D 7 -11.75 -21.71 95.81
C SER D 7 -10.45 -21.81 96.62
N GLY D 8 -10.62 -21.88 97.95
CA GLY D 8 -9.51 -22.24 98.81
C GLY D 8 -8.76 -21.10 99.47
N GLY D 9 -9.27 -19.86 99.39
CA GLY D 9 -8.56 -18.72 99.93
C GLY D 9 -8.59 -18.63 101.45
N GLY D 10 -7.62 -17.91 101.99
CA GLY D 10 -7.53 -17.72 103.42
C GLY D 10 -6.40 -16.80 103.79
N LEU D 11 -6.27 -16.54 105.09
CA LEU D 11 -5.26 -15.64 105.63
C LEU D 11 -4.22 -16.42 106.40
N VAL D 12 -2.95 -16.23 106.02
CA VAL D 12 -1.83 -16.87 106.70
C VAL D 12 -0.85 -15.78 107.13
N GLN D 13 0.14 -16.17 107.91
CA GLN D 13 1.19 -15.27 108.36
C GLN D 13 2.39 -15.33 107.43
N ALA D 14 3.41 -14.51 107.73
CA ALA D 14 4.64 -14.49 106.95
C ALA D 14 5.46 -15.76 107.16
N GLY D 15 5.82 -16.41 106.06
CA GLY D 15 6.51 -17.68 106.10
C GLY D 15 5.60 -18.89 106.04
N GLY D 16 4.29 -18.68 105.90
CA GLY D 16 3.34 -19.76 105.84
C GLY D 16 3.14 -20.29 104.43
N SER D 17 2.14 -21.17 104.31
CA SER D 17 1.85 -21.82 103.04
C SER D 17 0.34 -21.83 102.81
N LEU D 18 -0.03 -21.95 101.54
CA LEU D 18 -1.43 -21.97 101.13
C LEU D 18 -1.51 -22.73 99.81
N ARG D 19 -2.71 -23.18 99.47
CA ARG D 19 -2.95 -23.89 98.22
C ARG D 19 -4.39 -23.64 97.78
N LEU D 20 -4.56 -23.02 96.62
CA LEU D 20 -5.88 -22.72 96.11
C LEU D 20 -6.28 -23.73 95.04
N SER D 21 -7.52 -23.62 94.58
CA SER D 21 -8.03 -24.43 93.48
C SER D 21 -8.87 -23.56 92.54
N CYS D 22 -8.75 -23.84 91.24
CA CYS D 22 -9.54 -23.16 90.22
C CYS D 22 -10.27 -24.25 89.44
N ALA D 23 -11.54 -24.48 89.80
CA ALA D 23 -12.33 -25.54 89.20
C ALA D 23 -12.71 -25.16 87.77
N ALA D 24 -12.54 -26.10 86.84
CA ALA D 24 -12.69 -25.85 85.42
C ALA D 24 -13.82 -26.68 84.84
N SER D 25 -14.62 -26.06 83.99
CA SER D 25 -15.71 -26.74 83.31
C SER D 25 -15.88 -26.17 81.92
N GLY D 26 -16.48 -26.98 81.03
CA GLY D 26 -16.74 -26.58 79.67
C GLY D 26 -15.61 -26.81 78.69
N PHE D 27 -14.43 -27.20 79.17
CA PHE D 27 -13.25 -27.34 78.33
C PHE D 27 -12.29 -28.32 79.00
N PRO D 28 -11.51 -29.07 78.21
CA PRO D 28 -10.39 -29.83 78.78
C PRO D 28 -9.13 -28.99 78.89
N VAL D 29 -8.35 -29.26 79.94
CA VAL D 29 -7.12 -28.52 80.18
C VAL D 29 -5.92 -29.09 79.44
N LYS D 30 -6.11 -30.11 78.61
CA LYS D 30 -5.02 -30.77 77.89
C LYS D 30 -4.73 -30.12 76.54
N ASN D 31 -5.51 -29.11 76.13
CA ASN D 31 -5.35 -28.50 74.82
C ASN D 31 -5.34 -26.97 74.83
N PHE D 32 -5.39 -26.33 76.00
CA PHE D 32 -5.31 -24.88 76.08
C PHE D 32 -4.36 -24.50 77.20
N GLU D 33 -3.87 -23.26 77.13
CA GLU D 33 -2.92 -22.79 78.13
C GLU D 33 -3.64 -22.21 79.34
N MET D 34 -3.28 -22.74 80.51
CA MET D 34 -3.91 -22.42 81.79
C MET D 34 -2.94 -21.60 82.64
N GLU D 35 -3.40 -20.45 83.11
CA GLU D 35 -2.54 -19.48 83.75
C GLU D 35 -3.32 -18.59 84.71
N TRP D 36 -2.56 -17.95 85.60
CA TRP D 36 -3.08 -17.16 86.70
C TRP D 36 -2.82 -15.69 86.48
N TYR D 37 -3.70 -14.84 87.01
CA TYR D 37 -3.43 -13.42 87.19
C TYR D 37 -3.70 -13.05 88.64
N ARG D 38 -3.28 -11.85 89.03
CA ARG D 38 -3.59 -11.35 90.36
C ARG D 38 -3.81 -9.86 90.32
N LYS D 39 -4.57 -9.36 91.29
CA LYS D 39 -4.85 -7.94 91.44
C LYS D 39 -4.60 -7.53 92.90
N ALA D 40 -3.51 -6.84 93.12
CA ALA D 40 -3.39 -6.18 94.40
C ALA D 40 -4.29 -4.96 94.45
N PRO D 41 -4.81 -4.58 95.61
CA PRO D 41 -5.52 -3.30 95.72
C PRO D 41 -4.55 -2.14 95.59
N GLY D 42 -4.84 -1.27 94.61
CA GLY D 42 -3.96 -0.15 94.32
C GLY D 42 -2.89 -0.40 93.28
N LYS D 43 -2.81 -1.61 92.73
CA LYS D 43 -1.87 -1.96 91.69
C LYS D 43 -2.61 -2.48 90.47
N GLU D 44 -1.86 -2.68 89.38
CA GLU D 44 -2.43 -3.20 88.16
C GLU D 44 -2.53 -4.73 88.21
N ARG D 45 -3.21 -5.29 87.22
CA ARG D 45 -3.36 -6.75 87.15
C ARG D 45 -2.14 -7.37 86.48
N GLU D 46 -1.51 -8.31 87.19
CA GLU D 46 -0.23 -8.87 86.76
C GLU D 46 -0.26 -10.39 86.74
N TRP D 47 0.59 -10.96 85.88
CA TRP D 47 0.69 -12.40 85.67
C TRP D 47 1.45 -13.07 86.81
N VAL D 48 1.04 -14.29 87.15
CA VAL D 48 1.62 -15.05 88.26
C VAL D 48 2.40 -16.27 87.78
N ALA D 49 1.70 -17.22 87.15
CA ALA D 49 2.30 -18.50 86.78
C ALA D 49 1.46 -19.13 85.67
N ALA D 50 2.00 -20.20 85.07
CA ALA D 50 1.35 -20.83 83.93
C ALA D 50 1.81 -22.28 83.79
N ILE D 51 0.93 -23.11 83.23
CA ILE D 51 1.27 -24.42 82.69
C ILE D 51 0.85 -24.42 81.23
N GLN D 52 1.71 -24.98 80.37
CA GLN D 52 1.34 -25.20 78.97
C GLN D 52 0.32 -26.34 78.86
N SER D 53 -0.24 -26.47 77.65
CA SER D 53 -1.29 -27.46 77.43
C SER D 53 -0.73 -28.88 77.37
N GLY D 54 0.56 -29.02 77.08
CA GLY D 54 1.17 -30.34 77.10
C GLY D 54 1.44 -30.86 78.49
N GLY D 55 1.73 -29.96 79.44
CA GLY D 55 2.05 -30.36 80.80
C GLY D 55 3.50 -30.66 81.07
N VAL D 56 4.41 -30.24 80.18
CA VAL D 56 5.83 -30.49 80.37
C VAL D 56 6.58 -29.29 80.95
N GLU D 57 6.28 -28.08 80.49
CA GLU D 57 7.02 -26.89 80.88
C GLU D 57 6.15 -26.01 81.77
N THR D 58 6.74 -25.51 82.85
CA THR D 58 6.05 -24.64 83.79
C THR D 58 6.81 -23.33 83.92
N TYR D 59 6.07 -22.23 84.03
CA TYR D 59 6.64 -20.90 84.06
C TYR D 59 6.10 -20.14 85.26
N TYR D 60 6.92 -19.21 85.76
CA TYR D 60 6.56 -18.36 86.89
C TYR D 60 7.05 -16.95 86.62
N ALA D 61 6.56 -16.00 87.41
CA ALA D 61 7.00 -14.62 87.28
C ALA D 61 8.36 -14.43 87.96
N ASP D 62 8.90 -13.21 87.82
CA ASP D 62 10.27 -12.92 88.24
C ASP D 62 10.41 -12.91 89.76
N SER D 63 9.41 -12.37 90.46
CA SER D 63 9.47 -12.28 91.91
C SER D 63 9.13 -13.58 92.61
N VAL D 64 8.58 -14.57 91.90
CA VAL D 64 8.02 -15.74 92.56
C VAL D 64 8.67 -17.05 92.08
N LYS D 65 9.78 -16.95 91.36
CA LYS D 65 10.51 -18.17 91.01
C LYS D 65 11.30 -18.71 92.21
N GLY D 66 11.24 -20.02 92.42
CA GLY D 66 11.93 -20.64 93.53
C GLY D 66 11.06 -20.83 94.76
N ARG D 67 9.88 -20.20 94.75
CA ARG D 67 8.98 -20.27 95.88
C ARG D 67 7.57 -20.73 95.53
N PHE D 68 7.07 -20.46 94.32
CA PHE D 68 5.76 -20.95 93.92
C PHE D 68 5.89 -22.27 93.18
N THR D 69 4.87 -23.11 93.31
CA THR D 69 4.82 -24.41 92.64
C THR D 69 3.43 -24.57 92.03
N ILE D 70 3.38 -24.84 90.73
CA ILE D 70 2.10 -24.95 90.03
C ILE D 70 1.94 -26.40 89.55
N SER D 71 0.70 -26.89 89.59
CA SER D 71 0.40 -28.28 89.26
C SER D 71 -1.03 -28.37 88.76
N ARG D 72 -1.33 -29.43 88.01
CA ARG D 72 -2.68 -29.63 87.51
C ARG D 72 -3.10 -31.07 87.75
N ASP D 73 -4.41 -31.26 87.86
CA ASP D 73 -5.03 -32.57 87.94
C ASP D 73 -6.03 -32.68 86.80
N ASN D 74 -5.68 -33.49 85.79
CA ASN D 74 -6.52 -33.59 84.59
C ASN D 74 -7.75 -34.46 84.85
N ALA D 75 -7.70 -35.31 85.88
CA ALA D 75 -8.82 -36.21 86.16
C ALA D 75 -10.01 -35.47 86.78
N LYS D 76 -9.76 -34.61 87.77
CA LYS D 76 -10.81 -33.86 88.43
C LYS D 76 -11.03 -32.48 87.83
N ASN D 77 -10.28 -32.15 86.76
CA ASN D 77 -10.31 -30.88 86.02
C ASN D 77 -10.07 -29.67 86.93
N THR D 78 -9.04 -29.77 87.75
CA THR D 78 -8.67 -28.69 88.67
C THR D 78 -7.17 -28.46 88.62
N VAL D 79 -6.79 -27.20 88.42
CA VAL D 79 -5.39 -26.79 88.32
C VAL D 79 -5.02 -26.01 89.56
N TYR D 80 -3.94 -26.44 90.21
CA TYR D 80 -3.60 -25.98 91.55
C TYR D 80 -2.35 -25.12 91.54
N LEU D 81 -2.07 -24.51 92.70
CA LEU D 81 -0.91 -23.65 92.89
C LEU D 81 -0.48 -23.73 94.34
N GLN D 82 0.80 -24.01 94.58
CA GLN D 82 1.32 -24.23 95.92
C GLN D 82 2.20 -23.05 96.31
N MET D 83 1.97 -22.50 97.51
CA MET D 83 2.67 -21.31 97.98
C MET D 83 3.73 -21.70 99.01
N ASN D 84 4.91 -21.12 98.88
CA ASN D 84 5.95 -21.27 99.90
C ASN D 84 6.65 -19.92 100.07
N SER D 85 7.13 -19.69 101.32
CA SER D 85 7.89 -18.50 101.75
C SER D 85 7.11 -17.21 101.49
N LEU D 86 5.89 -17.13 102.02
CA LEU D 86 4.97 -16.07 101.65
C LEU D 86 5.34 -14.75 102.32
N LYS D 87 5.33 -13.69 101.53
CA LYS D 87 5.65 -12.33 101.88
C LYS D 87 4.38 -11.49 101.93
N PRO D 88 4.38 -10.35 102.64
CA PRO D 88 3.18 -9.47 102.62
C PRO D 88 2.93 -8.77 101.29
N GLU D 89 3.84 -8.84 100.32
CA GLU D 89 3.63 -8.25 98.99
C GLU D 89 2.63 -9.04 98.15
N ASP D 90 2.28 -10.27 98.52
CA ASP D 90 1.31 -11.08 97.80
C ASP D 90 -0.11 -10.93 98.34
N THR D 91 -0.43 -9.80 98.98
CA THR D 91 -1.80 -9.56 99.42
C THR D 91 -2.64 -9.12 98.23
N ALA D 92 -3.39 -10.07 97.65
CA ALA D 92 -4.10 -9.80 96.41
C ALA D 92 -5.31 -10.70 96.23
N VAL D 93 -6.18 -10.35 95.27
CA VAL D 93 -7.25 -11.22 94.80
C VAL D 93 -6.72 -11.97 93.59
N TYR D 94 -6.91 -13.30 93.58
CA TYR D 94 -6.25 -14.15 92.60
C TYR D 94 -7.27 -14.60 91.57
N TYR D 95 -6.98 -14.36 90.29
CA TYR D 95 -7.86 -14.75 89.19
C TYR D 95 -7.17 -15.74 88.27
N CYS D 96 -7.87 -16.82 87.94
CA CYS D 96 -7.39 -17.74 86.93
C CYS D 96 -8.07 -17.45 85.60
N PHE D 97 -7.27 -17.53 84.53
CA PHE D 97 -7.71 -17.23 83.18
C PHE D 97 -7.47 -18.43 82.29
N VAL D 98 -8.29 -18.53 81.24
CA VAL D 98 -8.05 -19.44 80.14
C VAL D 98 -8.66 -18.78 78.89
N TYR D 99 -8.06 -19.04 77.74
CA TYR D 99 -8.54 -18.49 76.47
C TYR D 99 -9.09 -19.63 75.63
N VAL D 100 -10.35 -19.99 75.85
CA VAL D 100 -11.06 -20.98 75.04
C VAL D 100 -12.18 -20.21 74.33
N GLY D 101 -11.89 -19.70 73.14
CA GLY D 101 -12.84 -18.90 72.40
C GLY D 101 -12.92 -17.49 72.93
N ARG D 102 -13.60 -17.32 74.06
CA ARG D 102 -13.62 -16.08 74.80
C ARG D 102 -13.00 -16.28 76.18
N SER D 103 -12.33 -15.25 76.66
CA SER D 103 -11.71 -15.31 77.97
C SER D 103 -12.76 -15.14 79.05
N TYR D 104 -12.85 -16.13 79.93
CA TYR D 104 -13.79 -16.09 81.04
C TYR D 104 -13.03 -15.73 82.32
N ILE D 105 -13.56 -14.74 83.04
CA ILE D 105 -12.93 -14.24 84.24
C ILE D 105 -13.72 -14.75 85.44
N GLY D 106 -12.99 -15.36 86.38
CA GLY D 106 -13.57 -15.86 87.61
C GLY D 106 -13.91 -14.74 88.57
N GLN D 107 -14.60 -15.11 89.65
CA GLN D 107 -15.03 -14.12 90.63
C GLN D 107 -13.91 -13.74 91.60
N GLY D 108 -12.84 -14.52 91.63
CA GLY D 108 -11.70 -14.21 92.47
C GLY D 108 -11.85 -14.75 93.88
N THR D 109 -10.71 -14.95 94.53
CA THR D 109 -10.65 -15.39 95.91
C THR D 109 -9.58 -14.58 96.61
N GLN D 110 -9.68 -14.51 97.94
CA GLN D 110 -8.83 -13.60 98.69
C GLN D 110 -7.65 -14.33 99.32
N VAL D 111 -6.45 -13.83 99.03
CA VAL D 111 -5.23 -14.30 99.68
C VAL D 111 -4.62 -13.09 100.39
N THR D 112 -4.48 -13.17 101.71
CA THR D 112 -3.98 -12.09 102.53
C THR D 112 -2.84 -12.59 103.40
N VAL D 113 -1.69 -11.93 103.34
CA VAL D 113 -0.52 -12.26 104.13
C VAL D 113 -0.27 -11.08 105.06
N SER D 114 -0.17 -11.35 106.36
CA SER D 114 0.11 -10.31 107.35
C SER D 114 1.09 -10.81 108.41
N GLN E 1 -64.85 -4.49 40.72
CA GLN E 1 -64.23 -4.32 42.04
C GLN E 1 -64.66 -3.00 42.68
N VAL E 2 -64.96 -2.01 41.85
CA VAL E 2 -65.55 -0.76 42.34
C VAL E 2 -67.07 -0.93 42.38
N GLN E 3 -67.64 -0.75 43.56
CA GLN E 3 -69.09 -0.84 43.71
C GLN E 3 -69.60 0.48 44.27
N LEU E 4 -70.52 1.10 43.54
CA LEU E 4 -71.11 2.37 43.93
C LEU E 4 -72.59 2.17 44.19
N VAL E 5 -73.07 2.70 45.31
CA VAL E 5 -74.48 2.66 45.67
C VAL E 5 -74.88 4.06 46.09
N GLU E 6 -76.18 4.37 46.00
CA GLU E 6 -76.69 5.69 46.35
C GLU E 6 -77.79 5.57 47.40
N SER E 7 -77.75 6.47 48.38
CA SER E 7 -78.68 6.46 49.51
C SER E 7 -79.12 7.88 49.83
N GLY E 8 -80.09 8.00 50.72
CA GLY E 8 -80.52 9.29 51.20
C GLY E 8 -81.62 9.97 50.40
N GLY E 9 -82.38 9.22 49.61
CA GLY E 9 -83.43 9.81 48.81
C GLY E 9 -84.74 9.98 49.56
N GLY E 10 -85.64 10.73 48.96
CA GLY E 10 -86.95 10.96 49.56
C GLY E 10 -87.78 11.91 48.72
N LEU E 11 -88.96 12.25 49.24
CA LEU E 11 -89.87 13.17 48.58
C LEU E 11 -89.91 14.48 49.37
N VAL E 12 -89.75 15.59 48.64
CA VAL E 12 -89.82 16.93 49.21
C VAL E 12 -90.84 17.73 48.42
N GLN E 13 -91.23 18.87 48.96
CA GLN E 13 -92.07 19.84 48.26
C GLN E 13 -91.24 21.04 47.84
N ALA E 14 -91.92 22.06 47.30
CA ALA E 14 -91.27 23.31 46.93
C ALA E 14 -90.86 24.10 48.17
N GLY E 15 -89.56 24.31 48.32
CA GLY E 15 -89.00 24.92 49.50
C GLY E 15 -88.36 23.95 50.48
N GLY E 16 -88.15 22.71 50.07
CA GLY E 16 -87.57 21.70 50.93
C GLY E 16 -86.06 21.60 50.83
N SER E 17 -85.54 20.55 51.46
CA SER E 17 -84.11 20.26 51.47
C SER E 17 -83.91 18.77 51.61
N LEU E 18 -82.78 18.27 51.11
CA LEU E 18 -82.49 16.85 51.11
C LEU E 18 -80.98 16.66 51.11
N ARG E 19 -80.55 15.41 51.27
CA ARG E 19 -79.14 15.09 51.42
C ARG E 19 -78.87 13.70 50.87
N LEU E 20 -78.11 13.64 49.78
CA LEU E 20 -77.78 12.38 49.12
C LEU E 20 -76.34 11.98 49.41
N SER E 21 -76.02 10.72 49.13
CA SER E 21 -74.69 10.18 49.38
C SER E 21 -74.33 9.13 48.34
N CYS E 22 -73.03 8.81 48.27
CA CYS E 22 -72.54 7.77 47.35
C CYS E 22 -71.42 7.03 48.06
N ALA E 23 -71.75 5.91 48.70
CA ALA E 23 -70.76 5.05 49.34
C ALA E 23 -69.97 4.31 48.28
N ALA E 24 -68.66 4.16 48.51
CA ALA E 24 -67.74 3.64 47.51
C ALA E 24 -66.88 2.54 48.10
N SER E 25 -66.36 1.69 47.21
CA SER E 25 -65.44 0.62 47.59
C SER E 25 -64.41 0.43 46.48
N GLY E 26 -63.19 0.07 46.90
CA GLY E 26 -62.15 -0.33 45.96
C GLY E 26 -61.28 0.77 45.39
N PHE E 27 -61.61 2.03 45.61
CA PHE E 27 -60.79 3.13 45.12
C PHE E 27 -60.88 4.26 46.14
N PRO E 28 -59.84 5.11 46.22
CA PRO E 28 -59.96 6.34 47.01
C PRO E 28 -60.54 7.49 46.19
N VAL E 29 -61.40 8.28 46.86
CA VAL E 29 -61.97 9.46 46.22
C VAL E 29 -61.05 10.67 46.29
N LYS E 30 -59.95 10.57 47.03
CA LYS E 30 -58.96 11.64 47.08
C LYS E 30 -57.90 11.50 46.00
N ASN E 31 -58.02 10.48 45.15
CA ASN E 31 -57.14 10.29 44.01
C ASN E 31 -57.88 10.33 42.68
N PHE E 32 -59.21 10.42 42.71
CA PHE E 32 -60.01 10.43 41.49
C PHE E 32 -61.14 11.45 41.64
N GLU E 33 -61.65 11.92 40.51
CA GLU E 33 -62.70 12.93 40.53
C GLU E 33 -64.08 12.28 40.63
N MET E 34 -64.87 12.76 41.59
CA MET E 34 -66.24 12.29 41.80
C MET E 34 -67.21 13.22 41.10
N GLU E 35 -68.14 12.66 40.32
CA GLU E 35 -69.14 13.43 39.59
C GLU E 35 -70.54 12.92 39.93
N TRP E 36 -71.53 13.76 39.66
CA TRP E 36 -72.93 13.43 39.86
C TRP E 36 -73.74 13.81 38.63
N TYR E 37 -74.63 12.91 38.21
CA TYR E 37 -75.50 13.16 37.08
C TYR E 37 -76.95 12.91 37.50
N ARG E 38 -77.88 13.59 36.83
CA ARG E 38 -79.30 13.41 37.13
C ARG E 38 -80.05 13.06 35.86
N LYS E 39 -81.27 12.55 36.02
CA LYS E 39 -82.09 12.10 34.90
C LYS E 39 -83.56 12.39 35.22
N ALA E 40 -84.08 13.52 34.66
CA ALA E 40 -85.47 13.98 34.73
C ALA E 40 -86.34 13.24 33.71
N PRO E 41 -87.64 13.07 33.99
CA PRO E 41 -88.53 12.47 32.98
C PRO E 41 -88.76 13.38 31.79
N GLY E 42 -88.64 12.83 30.58
CA GLY E 42 -88.73 13.60 29.38
C GLY E 42 -87.46 14.33 28.98
N LYS E 43 -86.38 14.15 29.73
CA LYS E 43 -85.11 14.84 29.52
C LYS E 43 -83.98 13.82 29.43
N GLU E 44 -82.80 14.31 29.05
CA GLU E 44 -81.62 13.45 28.99
C GLU E 44 -80.77 13.62 30.24
N ARG E 45 -79.67 12.86 30.30
CA ARG E 45 -78.79 12.87 31.47
C ARG E 45 -77.90 14.11 31.43
N GLU E 46 -77.81 14.80 32.58
CA GLU E 46 -77.02 16.01 32.69
C GLU E 46 -76.34 16.10 34.05
N TRP E 47 -75.18 16.76 34.06
CA TRP E 47 -74.31 16.82 35.22
C TRP E 47 -74.81 17.82 36.24
N VAL E 48 -74.69 17.48 37.52
CA VAL E 48 -75.14 18.32 38.62
C VAL E 48 -73.98 18.99 39.34
N ALA E 49 -73.08 18.21 39.93
CA ALA E 49 -72.03 18.74 40.76
C ALA E 49 -70.85 17.78 40.74
N ALA E 50 -69.67 18.30 41.06
CA ALA E 50 -68.48 17.47 41.11
C ALA E 50 -67.47 18.05 42.08
N ILE E 51 -66.57 17.19 42.54
CA ILE E 51 -65.38 17.57 43.29
C ILE E 51 -64.18 17.06 42.50
N GLN E 52 -63.16 17.91 42.36
CA GLN E 52 -61.91 17.48 41.75
C GLN E 52 -61.15 16.53 42.69
N SER E 53 -60.14 15.87 42.12
CA SER E 53 -59.41 14.83 42.85
C SER E 53 -58.50 15.44 43.93
N GLY E 54 -58.07 16.69 43.73
CA GLY E 54 -57.31 17.36 44.77
C GLY E 54 -58.17 17.79 45.94
N GLY E 55 -59.48 17.92 45.73
CA GLY E 55 -60.40 18.31 46.78
C GLY E 55 -60.54 19.79 47.02
N VAL E 56 -59.84 20.62 46.24
CA VAL E 56 -59.85 22.07 46.46
C VAL E 56 -61.04 22.76 45.81
N GLU E 57 -61.29 22.52 44.53
CA GLU E 57 -62.30 23.26 43.79
C GLU E 57 -63.48 22.37 43.48
N THR E 58 -64.67 22.86 43.83
CA THR E 58 -65.93 22.21 43.53
C THR E 58 -66.66 23.04 42.50
N TYR E 59 -67.42 22.37 41.63
CA TYR E 59 -68.06 23.04 40.51
C TYR E 59 -69.51 22.60 40.38
N TYR E 60 -70.34 23.52 39.87
CA TYR E 60 -71.76 23.30 39.65
C TYR E 60 -72.14 23.86 38.28
N ALA E 61 -73.17 23.28 37.67
CA ALA E 61 -73.61 23.69 36.35
C ALA E 61 -74.46 24.95 36.40
N ASP E 62 -74.96 25.36 35.23
CA ASP E 62 -75.48 26.71 35.01
C ASP E 62 -76.79 26.96 35.76
N SER E 63 -77.67 25.97 35.79
CA SER E 63 -78.95 26.15 36.47
C SER E 63 -78.90 25.76 37.94
N VAL E 64 -77.78 25.25 38.44
CA VAL E 64 -77.72 24.70 39.79
C VAL E 64 -76.61 25.35 40.62
N LYS E 65 -76.04 26.46 40.15
CA LYS E 65 -75.07 27.19 40.96
C LYS E 65 -75.73 28.02 42.06
N GLY E 66 -75.05 28.13 43.20
CA GLY E 66 -75.47 29.04 44.26
C GLY E 66 -76.42 28.45 45.27
N ARG E 67 -76.93 27.26 44.98
CA ARG E 67 -77.91 26.58 45.80
C ARG E 67 -77.50 25.18 46.23
N PHE E 68 -76.87 24.41 45.35
CA PHE E 68 -76.41 23.06 45.67
C PHE E 68 -74.96 23.07 46.13
N THR E 69 -74.61 22.05 46.92
CA THR E 69 -73.29 21.94 47.53
C THR E 69 -72.93 20.46 47.61
N ILE E 70 -71.77 20.11 47.08
CA ILE E 70 -71.26 18.74 47.14
C ILE E 70 -70.07 18.72 48.11
N SER E 71 -70.02 17.69 48.96
CA SER E 71 -68.97 17.57 49.97
C SER E 71 -68.56 16.12 50.10
N ARG E 72 -67.32 15.89 50.57
CA ARG E 72 -66.79 14.54 50.62
C ARG E 72 -66.21 14.25 51.99
N ASP E 73 -66.18 12.97 52.33
CA ASP E 73 -65.56 12.46 53.56
C ASP E 73 -64.56 11.39 53.15
N ASN E 74 -63.28 11.63 53.44
CA ASN E 74 -62.23 10.72 52.98
C ASN E 74 -62.15 9.45 53.83
N ALA E 75 -62.51 9.55 55.12
CA ALA E 75 -62.36 8.40 56.02
C ALA E 75 -63.44 7.36 55.79
N LYS E 76 -64.66 7.78 55.50
CA LYS E 76 -65.77 6.86 55.23
C LYS E 76 -65.87 6.51 53.75
N ASN E 77 -65.07 7.18 52.91
CA ASN E 77 -65.00 7.02 51.45
C ASN E 77 -66.39 7.22 50.81
N THR E 78 -67.10 8.23 51.30
CA THR E 78 -68.45 8.55 50.89
C THR E 78 -68.55 10.05 50.63
N VAL E 79 -69.15 10.40 49.48
CA VAL E 79 -69.31 11.78 49.03
C VAL E 79 -70.75 12.20 49.22
N TYR E 80 -70.97 13.34 49.87
CA TYR E 80 -72.30 13.76 50.28
C TYR E 80 -72.81 14.82 49.28
N LEU E 81 -74.11 14.78 48.99
CA LEU E 81 -74.71 15.72 48.05
C LEU E 81 -75.90 16.40 48.71
N GLN E 82 -75.81 17.72 48.88
CA GLN E 82 -76.77 18.48 49.67
C GLN E 82 -77.79 19.12 48.72
N MET E 83 -79.07 19.05 49.08
CA MET E 83 -80.13 19.75 48.36
C MET E 83 -80.60 20.94 49.17
N ASN E 84 -80.63 22.10 48.51
CA ASN E 84 -81.24 23.30 49.05
C ASN E 84 -81.98 24.04 47.95
N SER E 85 -83.07 24.74 48.36
CA SER E 85 -83.88 25.64 47.54
C SER E 85 -84.46 24.94 46.31
N LEU E 86 -85.10 23.79 46.54
CA LEU E 86 -85.49 22.91 45.45
C LEU E 86 -86.73 23.42 44.73
N LYS E 87 -86.67 23.35 43.42
CA LYS E 87 -87.69 23.68 42.43
C LYS E 87 -88.18 22.40 41.74
N PRO E 88 -89.39 22.40 41.16
CA PRO E 88 -89.85 21.18 40.48
C PRO E 88 -89.14 20.83 39.18
N GLU E 89 -88.22 21.67 38.68
CA GLU E 89 -87.31 21.30 37.60
C GLU E 89 -86.26 20.27 38.02
N ASP E 90 -86.02 20.09 39.31
CA ASP E 90 -85.00 19.18 39.81
C ASP E 90 -85.55 17.78 40.09
N THR E 91 -86.76 17.48 39.63
CA THR E 91 -87.35 16.16 39.79
C THR E 91 -86.64 15.17 38.86
N ALA E 92 -85.76 14.35 39.43
CA ALA E 92 -84.86 13.54 38.61
C ALA E 92 -84.37 12.30 39.34
N VAL E 93 -83.65 11.44 38.62
CA VAL E 93 -83.02 10.24 39.18
C VAL E 93 -81.51 10.46 39.19
N TYR E 94 -80.91 10.40 40.38
CA TYR E 94 -79.56 10.90 40.61
C TYR E 94 -78.58 9.73 40.68
N TYR E 95 -77.43 9.87 40.00
CA TYR E 95 -76.40 8.85 39.97
C TYR E 95 -75.03 9.48 40.23
N CYS E 96 -74.11 8.69 40.81
CA CYS E 96 -72.74 9.13 40.99
C CYS E 96 -71.80 8.39 40.04
N PHE E 97 -70.75 9.09 39.61
CA PHE E 97 -69.93 8.62 38.50
C PHE E 97 -68.46 8.76 38.86
N VAL E 98 -67.66 7.78 38.44
CA VAL E 98 -66.20 7.85 38.57
C VAL E 98 -65.60 6.99 37.45
N TYR E 99 -64.41 7.35 37.02
CA TYR E 99 -63.65 6.62 36.00
C TYR E 99 -62.40 6.05 36.65
N VAL E 100 -62.54 4.85 37.24
CA VAL E 100 -61.41 4.16 37.87
C VAL E 100 -61.13 2.94 36.99
N GLY E 101 -60.24 3.10 36.01
CA GLY E 101 -60.01 2.06 35.03
C GLY E 101 -61.10 2.07 33.98
N ARG E 102 -62.27 1.55 34.34
CA ARG E 102 -63.49 1.70 33.58
C ARG E 102 -64.51 2.49 34.39
N SER E 103 -65.63 2.82 33.75
CA SER E 103 -66.67 3.59 34.41
C SER E 103 -67.58 2.66 35.20
N TYR E 104 -68.03 3.13 36.36
CA TYR E 104 -68.93 2.35 37.19
C TYR E 104 -70.18 3.17 37.51
N ILE E 105 -71.33 2.61 37.20
CA ILE E 105 -72.62 3.26 37.39
C ILE E 105 -73.39 2.48 38.45
N GLY E 106 -73.93 3.22 39.42
CA GLY E 106 -74.62 2.62 40.54
C GLY E 106 -76.06 2.23 40.21
N GLN E 107 -76.85 2.08 41.28
CA GLN E 107 -78.27 1.80 41.13
C GLN E 107 -79.11 3.06 41.18
N GLY E 108 -78.58 4.15 41.69
CA GLY E 108 -79.25 5.43 41.65
C GLY E 108 -80.13 5.67 42.87
N THR E 109 -80.60 6.91 42.98
CA THR E 109 -81.58 7.28 43.98
C THR E 109 -82.66 8.11 43.30
N GLN E 110 -83.85 8.12 43.90
CA GLN E 110 -84.98 8.84 43.34
C GLN E 110 -85.31 10.05 44.18
N VAL E 111 -85.30 11.23 43.55
CA VAL E 111 -85.65 12.47 44.23
C VAL E 111 -86.79 13.11 43.45
N THR E 112 -87.94 13.26 44.09
CA THR E 112 -89.13 13.82 43.45
C THR E 112 -89.49 15.12 44.15
N VAL E 113 -89.50 16.22 43.40
CA VAL E 113 -89.81 17.54 43.89
C VAL E 113 -91.12 17.97 43.23
N SER E 114 -92.11 18.30 44.04
CA SER E 114 -93.40 18.75 43.52
C SER E 114 -94.09 19.71 44.49
N GLN F 1 -6.08 -9.95 38.93
CA GLN F 1 -6.98 -8.85 38.55
C GLN F 1 -8.37 -9.08 39.10
N VAL F 2 -8.85 -10.31 39.02
CA VAL F 2 -10.20 -10.64 39.45
C VAL F 2 -10.14 -11.47 40.72
N GLN F 3 -10.79 -10.98 41.77
CA GLN F 3 -10.83 -11.69 43.04
C GLN F 3 -12.22 -11.53 43.63
N LEU F 4 -12.76 -12.63 44.15
CA LEU F 4 -14.05 -12.67 44.82
C LEU F 4 -13.83 -12.93 46.30
N VAL F 5 -14.33 -12.02 47.14
CA VAL F 5 -14.11 -12.06 48.58
C VAL F 5 -15.45 -12.32 49.25
N GLU F 6 -15.62 -13.52 49.78
CA GLU F 6 -16.85 -13.89 50.47
C GLU F 6 -16.77 -13.49 51.94
N SER F 7 -17.90 -13.04 52.49
CA SER F 7 -18.06 -12.76 53.90
C SER F 7 -19.51 -13.00 54.31
N GLY F 8 -19.83 -12.61 55.54
CA GLY F 8 -21.21 -12.59 55.99
C GLY F 8 -21.78 -13.89 56.46
N GLY F 9 -20.98 -14.96 56.51
CA GLY F 9 -21.46 -16.23 57.02
C GLY F 9 -21.46 -16.27 58.54
N GLY F 10 -22.06 -17.32 59.08
CA GLY F 10 -22.08 -17.46 60.52
C GLY F 10 -22.86 -18.67 60.99
N LEU F 11 -23.04 -18.76 62.30
CA LEU F 11 -23.72 -19.86 62.95
C LEU F 11 -25.10 -19.42 63.39
N VAL F 12 -26.13 -20.09 62.83
CA VAL F 12 -27.52 -19.82 63.18
C VAL F 12 -28.16 -21.14 63.56
N GLN F 13 -29.41 -21.06 64.00
CA GLN F 13 -30.23 -22.25 64.23
C GLN F 13 -31.28 -22.38 63.13
N ALA F 14 -32.15 -23.38 63.29
CA ALA F 14 -33.22 -23.63 62.34
C ALA F 14 -34.28 -22.52 62.39
N GLY F 15 -34.62 -21.99 61.22
CA GLY F 15 -35.48 -20.84 61.12
C GLY F 15 -34.76 -19.52 61.22
N GLY F 16 -33.45 -19.51 61.08
CA GLY F 16 -32.66 -18.30 61.19
C GLY F 16 -32.60 -17.53 59.88
N SER F 17 -31.82 -16.46 59.90
CA SER F 17 -31.64 -15.60 58.74
C SER F 17 -30.25 -15.01 58.77
N LEU F 18 -29.75 -14.66 57.59
CA LEU F 18 -28.39 -14.16 57.44
C LEU F 18 -28.31 -13.36 56.16
N ARG F 19 -27.23 -12.59 56.02
CA ARG F 19 -26.98 -11.80 54.81
C ARG F 19 -25.52 -12.00 54.42
N LEU F 20 -25.30 -12.71 53.32
CA LEU F 20 -23.95 -12.94 52.84
C LEU F 20 -23.51 -11.79 51.93
N SER F 21 -22.21 -11.79 51.61
CA SER F 21 -21.63 -10.84 50.67
C SER F 21 -20.56 -11.53 49.83
N CYS F 22 -20.37 -11.01 48.63
CA CYS F 22 -19.27 -11.43 47.76
C CYS F 22 -18.61 -10.17 47.22
N ALA F 23 -17.56 -9.72 47.90
CA ALA F 23 -16.84 -8.53 47.46
C ALA F 23 -15.97 -8.88 46.25
N ALA F 24 -16.10 -8.09 45.19
CA ALA F 24 -15.49 -8.41 43.91
C ALA F 24 -14.56 -7.30 43.48
N SER F 25 -13.53 -7.66 42.71
CA SER F 25 -12.56 -6.71 42.21
C SER F 25 -12.27 -7.00 40.75
N GLY F 26 -11.97 -5.94 40.00
CA GLY F 26 -11.47 -6.07 38.65
C GLY F 26 -12.51 -6.02 37.54
N PHE F 27 -13.79 -5.97 37.86
CA PHE F 27 -14.83 -5.96 36.83
C PHE F 27 -16.06 -5.26 37.40
N PRO F 28 -16.74 -4.44 36.59
CA PRO F 28 -18.11 -4.04 36.92
C PRO F 28 -19.05 -5.24 36.88
N VAL F 29 -20.08 -5.24 37.73
CA VAL F 29 -21.03 -6.35 37.74
C VAL F 29 -22.13 -6.19 36.71
N LYS F 30 -22.13 -5.10 35.95
CA LYS F 30 -23.18 -4.80 34.98
C LYS F 30 -22.93 -5.47 33.64
N ASN F 31 -21.77 -6.09 33.48
CA ASN F 31 -21.33 -6.58 32.20
C ASN F 31 -21.33 -8.10 32.09
N PHE F 32 -21.41 -8.81 33.22
CA PHE F 32 -21.22 -10.25 33.22
C PHE F 32 -22.29 -10.90 34.09
N GLU F 33 -22.36 -12.22 34.02
CA GLU F 33 -23.29 -12.96 34.86
C GLU F 33 -22.57 -13.52 36.08
N MET F 34 -23.18 -13.34 37.25
CA MET F 34 -22.63 -13.83 38.49
C MET F 34 -23.47 -15.02 38.94
N GLU F 35 -22.84 -15.92 39.70
CA GLU F 35 -23.53 -17.08 40.25
C GLU F 35 -23.10 -17.31 41.69
N TRP F 36 -23.93 -18.03 42.42
CA TRP F 36 -23.62 -18.50 43.77
C TRP F 36 -23.58 -20.01 43.76
N TYR F 37 -22.55 -20.58 44.40
CA TYR F 37 -22.43 -22.02 44.57
C TYR F 37 -22.23 -22.31 46.03
N ARG F 38 -22.57 -23.53 46.44
CA ARG F 38 -22.29 -23.96 47.79
C ARG F 38 -21.77 -25.39 47.77
N LYS F 39 -21.03 -25.74 48.82
CA LYS F 39 -20.51 -27.09 49.00
C LYS F 39 -20.80 -27.52 50.43
N ALA F 40 -21.70 -28.46 50.58
CA ALA F 40 -21.95 -29.00 51.90
C ALA F 40 -20.82 -29.96 52.28
N PRO F 41 -20.54 -30.13 53.58
CA PRO F 41 -19.61 -31.18 54.01
C PRO F 41 -20.18 -32.57 53.74
N GLY F 42 -19.39 -33.38 53.03
CA GLY F 42 -19.85 -34.70 52.62
C GLY F 42 -20.63 -34.72 51.32
N LYS F 43 -20.92 -33.56 50.73
CA LYS F 43 -21.66 -33.45 49.49
C LYS F 43 -20.82 -32.68 48.48
N GLU F 44 -21.14 -32.87 47.19
CA GLU F 44 -20.40 -32.17 46.15
C GLU F 44 -20.87 -30.73 46.04
N ARG F 45 -20.17 -29.95 45.20
CA ARG F 45 -20.50 -28.55 45.04
C ARG F 45 -21.75 -28.38 44.18
N GLU F 46 -22.69 -27.58 44.68
CA GLU F 46 -23.99 -27.42 44.04
C GLU F 46 -24.25 -25.95 43.77
N TRP F 47 -24.99 -25.68 42.69
CA TRP F 47 -25.35 -24.32 42.31
C TRP F 47 -26.44 -23.79 43.23
N VAL F 48 -26.38 -22.50 43.53
CA VAL F 48 -27.39 -21.84 44.33
C VAL F 48 -28.21 -20.86 43.50
N ALA F 49 -27.57 -19.84 42.93
CA ALA F 49 -28.32 -18.76 42.33
C ALA F 49 -27.57 -18.16 41.16
N ALA F 50 -28.20 -17.17 40.53
CA ALA F 50 -27.60 -16.39 39.46
C ALA F 50 -28.36 -15.07 39.31
N ILE F 51 -27.65 -14.03 38.86
CA ILE F 51 -28.25 -12.83 38.28
C ILE F 51 -27.62 -12.62 36.92
N GLN F 52 -28.44 -12.40 35.90
CA GLN F 52 -27.97 -12.23 34.55
C GLN F 52 -27.30 -10.87 34.35
N SER F 53 -26.71 -10.69 33.16
CA SER F 53 -25.90 -9.50 32.90
C SER F 53 -26.76 -8.26 32.72
N GLY F 54 -28.01 -8.43 32.28
CA GLY F 54 -28.91 -7.31 32.17
C GLY F 54 -29.48 -6.86 33.50
N GLY F 55 -29.38 -7.71 34.53
CA GLY F 55 -29.88 -7.37 35.85
C GLY F 55 -31.36 -7.57 36.04
N VAL F 56 -32.01 -8.36 35.18
CA VAL F 56 -33.46 -8.50 35.24
C VAL F 56 -33.92 -9.82 35.84
N GLU F 57 -33.37 -10.95 35.39
CA GLU F 57 -33.90 -12.26 35.71
C GLU F 57 -32.92 -13.06 36.56
N THR F 58 -33.43 -13.62 37.66
CA THR F 58 -32.66 -14.44 38.57
C THR F 58 -33.19 -15.86 38.56
N TYR F 59 -32.36 -16.80 38.99
CA TYR F 59 -32.74 -18.21 39.06
C TYR F 59 -32.20 -18.83 40.34
N TYR F 60 -32.72 -20.01 40.64
CA TYR F 60 -32.39 -20.75 41.84
C TYR F 60 -32.56 -22.24 41.54
N ALA F 61 -31.90 -23.08 42.34
CA ALA F 61 -32.14 -24.52 42.25
C ALA F 61 -33.45 -24.88 42.94
N ASP F 62 -33.87 -26.15 42.78
CA ASP F 62 -35.21 -26.58 43.18
C ASP F 62 -35.38 -26.61 44.70
N SER F 63 -34.30 -26.77 45.45
CA SER F 63 -34.41 -26.68 46.89
C SER F 63 -34.50 -25.25 47.38
N VAL F 64 -34.10 -24.26 46.57
CA VAL F 64 -33.94 -22.89 47.05
C VAL F 64 -34.70 -21.89 46.21
N LYS F 65 -35.74 -22.33 45.49
CA LYS F 65 -36.57 -21.36 44.78
C LYS F 65 -37.59 -20.72 45.72
N GLY F 66 -37.59 -19.40 45.79
CA GLY F 66 -38.60 -18.66 46.52
C GLY F 66 -38.26 -18.33 47.96
N ARG F 67 -37.31 -19.04 48.55
CA ARG F 67 -36.96 -18.83 49.94
C ARG F 67 -35.81 -17.85 50.14
N PHE F 68 -34.93 -17.72 49.17
CA PHE F 68 -33.78 -16.82 49.26
C PHE F 68 -33.95 -15.67 48.28
N THR F 69 -33.19 -14.60 48.49
CA THR F 69 -33.23 -13.43 47.63
C THR F 69 -31.80 -12.99 47.33
N ILE F 70 -31.43 -13.03 46.06
CA ILE F 70 -30.11 -12.58 45.62
C ILE F 70 -30.24 -11.18 45.05
N SER F 71 -29.31 -10.30 45.41
CA SER F 71 -29.34 -8.93 44.93
C SER F 71 -27.93 -8.49 44.57
N ARG F 72 -27.85 -7.46 43.72
CA ARG F 72 -26.58 -6.89 43.32
C ARG F 72 -26.50 -5.47 43.85
N ASP F 73 -25.28 -5.03 44.14
CA ASP F 73 -25.00 -3.65 44.48
C ASP F 73 -23.96 -3.15 43.49
N ASN F 74 -24.37 -2.23 42.62
CA ASN F 74 -23.56 -1.86 41.47
C ASN F 74 -22.40 -0.95 41.87
N ALA F 75 -22.64 0.03 42.73
CA ALA F 75 -21.60 0.98 43.09
C ALA F 75 -20.59 0.37 44.05
N LYS F 76 -21.00 -0.60 44.85
CA LYS F 76 -20.15 -1.23 45.84
C LYS F 76 -19.26 -2.31 45.21
N ASN F 77 -19.64 -2.80 44.01
CA ASN F 77 -19.03 -3.93 43.29
C ASN F 77 -18.99 -5.18 44.20
N THR F 78 -20.15 -5.45 44.81
CA THR F 78 -20.34 -6.56 45.73
C THR F 78 -21.73 -7.16 45.49
N VAL F 79 -21.78 -8.48 45.42
CA VAL F 79 -23.05 -9.19 45.20
C VAL F 79 -23.43 -9.92 46.47
N TYR F 80 -24.62 -9.59 46.99
CA TYR F 80 -25.12 -10.19 48.21
C TYR F 80 -26.11 -11.30 47.86
N LEU F 81 -26.48 -12.07 48.87
CA LEU F 81 -27.65 -12.94 48.80
C LEU F 81 -28.22 -13.01 50.21
N GLN F 82 -29.54 -13.02 50.31
CA GLN F 82 -30.23 -13.00 51.58
C GLN F 82 -30.67 -14.41 51.97
N MET F 83 -30.29 -14.83 53.19
CA MET F 83 -30.77 -16.07 53.78
C MET F 83 -32.04 -15.79 54.57
N ASN F 84 -33.10 -16.55 54.26
CA ASN F 84 -34.28 -16.59 55.12
C ASN F 84 -34.80 -18.02 55.15
N SER F 85 -35.44 -18.35 56.30
CA SER F 85 -35.98 -19.67 56.63
C SER F 85 -34.92 -20.76 56.52
N LEU F 86 -33.89 -20.66 57.36
CA LEU F 86 -32.72 -21.51 57.22
C LEU F 86 -32.96 -22.89 57.79
N LYS F 87 -33.06 -23.85 56.90
CA LYS F 87 -33.06 -25.26 57.22
C LYS F 87 -31.63 -25.72 57.50
N PRO F 88 -31.44 -26.81 58.24
CA PRO F 88 -30.08 -27.34 58.44
C PRO F 88 -29.46 -27.97 57.19
N GLU F 89 -30.22 -28.15 56.11
CA GLU F 89 -29.68 -28.55 54.81
C GLU F 89 -28.77 -27.49 54.19
N ASP F 90 -28.89 -26.22 54.59
CA ASP F 90 -28.08 -25.12 54.06
C ASP F 90 -26.71 -24.99 54.73
N THR F 91 -26.30 -26.00 55.51
CA THR F 91 -24.98 -26.01 56.13
C THR F 91 -23.92 -26.29 55.08
N ALA F 92 -23.27 -25.24 54.59
CA ALA F 92 -22.34 -25.35 53.47
C ALA F 92 -21.33 -24.22 53.45
N VAL F 93 -20.26 -24.38 52.69
CA VAL F 93 -19.35 -23.29 52.36
C VAL F 93 -19.82 -22.67 51.06
N TYR F 94 -20.14 -21.38 51.09
CA TYR F 94 -20.84 -20.70 50.01
C TYR F 94 -19.85 -19.93 49.15
N TYR F 95 -19.79 -20.27 47.86
CA TYR F 95 -18.86 -19.65 46.92
C TYR F 95 -19.64 -18.84 45.90
N CYS F 96 -19.29 -17.57 45.76
CA CYS F 96 -19.80 -16.81 44.64
C CYS F 96 -18.94 -17.07 43.42
N PHE F 97 -19.56 -16.98 42.25
CA PHE F 97 -18.94 -17.51 41.04
C PHE F 97 -19.25 -16.53 39.92
N VAL F 98 -18.25 -16.22 39.09
CA VAL F 98 -18.43 -15.28 38.00
C VAL F 98 -17.61 -15.75 36.81
N TYR F 99 -18.11 -15.44 35.61
CA TYR F 99 -17.41 -15.69 34.35
C TYR F 99 -16.98 -14.35 33.78
N VAL F 100 -15.75 -13.93 34.09
CA VAL F 100 -15.12 -12.76 33.48
C VAL F 100 -13.84 -13.27 32.82
N GLY F 101 -13.93 -13.65 31.54
CA GLY F 101 -12.78 -14.13 30.80
C GLY F 101 -12.42 -15.57 31.18
N ARG F 102 -11.83 -15.72 32.35
CA ARG F 102 -11.71 -17.00 33.02
C ARG F 102 -12.66 -17.03 34.21
N SER F 103 -13.29 -18.17 34.42
CA SER F 103 -14.18 -18.34 35.56
C SER F 103 -13.36 -18.50 36.83
N TYR F 104 -13.78 -17.84 37.91
CA TYR F 104 -12.94 -17.73 39.09
C TYR F 104 -13.70 -18.10 40.37
N ILE F 105 -12.97 -18.70 41.31
CA ILE F 105 -13.50 -19.28 42.54
C ILE F 105 -12.94 -18.53 43.75
N GLY F 106 -13.84 -18.09 44.62
CA GLY F 106 -13.46 -17.53 45.91
C GLY F 106 -13.23 -18.61 46.97
N GLN F 107 -12.67 -18.19 48.10
CA GLN F 107 -12.41 -19.13 49.17
C GLN F 107 -13.64 -19.43 50.02
N GLY F 108 -14.70 -18.63 49.89
CA GLY F 108 -15.97 -18.97 50.50
C GLY F 108 -16.08 -18.51 51.95
N THR F 109 -17.30 -18.58 52.46
CA THR F 109 -17.59 -18.31 53.87
C THR F 109 -18.44 -19.45 54.41
N GLN F 110 -18.48 -19.58 55.73
CA GLN F 110 -19.14 -20.72 56.36
C GLN F 110 -20.48 -20.32 56.95
N VAL F 111 -21.51 -21.07 56.57
CA VAL F 111 -22.83 -20.96 57.19
C VAL F 111 -23.18 -22.30 57.82
N THR F 112 -23.39 -22.30 59.13
CA THR F 112 -23.83 -23.50 59.84
C THR F 112 -25.20 -23.24 60.43
N VAL F 113 -26.15 -24.11 60.11
CA VAL F 113 -27.50 -24.04 60.64
C VAL F 113 -27.66 -25.23 61.58
N SER F 114 -27.84 -24.94 62.86
CA SER F 114 -28.02 -25.99 63.86
C SER F 114 -28.85 -25.49 65.04
#